data_8BLL
#
_entry.id   8BLL
#
_cell.length_a   69.456
_cell.length_b   108.609
_cell.length_c   124.341
_cell.angle_alpha   85.66
_cell.angle_beta   83.22
_cell.angle_gamma   74.34
#
_symmetry.space_group_name_H-M   'P 1'
#
loop_
_entity.id
_entity.type
_entity.pdbx_description
1 polymer 'Ureidoacrylate amidohydrolase RutB'
2 non-polymer 'ACETATE ION'
3 water water
#
_entity_poly.entity_id   1
_entity_poly.type   'polypeptide(L)'
_entity_poly.pdbx_seq_one_letter_code
;MTTLTARPEAITFDPQQSALIVVDMQNAYATPGGYLDLAGFDVSTTRPVIANIQTAVTAARAAGMLIIWFQNGWDEQYVE
AGGPGSPNFHKSNALKTMRKQPQLQGKLLAKGSWDYQLVDELVPQPGDIVLPKPRYSGFFNTPLDSILRSRGIRHLVFTG
IATNVSVESTLRDGFFLEYFGVVLEDATHQAGPKFAQKAALFNIETFFGWVSDVETFCDALSPTSFAHIA
;
_entity_poly.pdbx_strand_id   A,B,C,D,E,F,G,H,I,J,K,L,M,N,O,P
#
loop_
_chem_comp.id
_chem_comp.type
_chem_comp.name
_chem_comp.formula
ACT non-polymer 'ACETATE ION' 'C2 H3 O2 -1'
#
# COMPACT_ATOMS: atom_id res chain seq x y z
N THR A 2 12.64 4.21 5.99
CA THR A 2 12.96 3.58 7.26
C THR A 2 12.74 2.06 7.18
N THR A 3 13.72 1.28 7.63
CA THR A 3 13.55 -0.15 7.82
C THR A 3 13.48 -0.39 9.32
N LEU A 4 12.39 -1.02 9.75
CA LEU A 4 12.13 -1.27 11.16
C LEU A 4 12.25 -2.76 11.42
N THR A 5 13.17 -3.13 12.30
CA THR A 5 13.26 -4.49 12.81
C THR A 5 11.97 -4.87 13.53
N ALA A 6 11.44 -6.04 13.19
CA ALA A 6 10.11 -6.43 13.64
C ALA A 6 9.94 -7.92 13.44
N ARG A 7 8.94 -8.47 14.11
CA ARG A 7 8.47 -9.83 13.92
C ARG A 7 7.22 -9.81 13.05
N PRO A 8 7.03 -10.76 12.12
CA PRO A 8 7.94 -11.89 11.89
C PRO A 8 9.14 -11.59 10.98
N GLU A 9 9.17 -10.40 10.38
CA GLU A 9 10.38 -9.92 9.71
C GLU A 9 10.39 -8.41 9.72
N ALA A 10 11.56 -7.84 9.41
CA ALA A 10 11.68 -6.39 9.32
C ALA A 10 10.79 -5.88 8.22
N ILE A 11 10.25 -4.68 8.41
CA ILE A 11 9.44 -4.02 7.41
C ILE A 11 10.10 -2.69 7.02
N THR A 12 9.54 -2.07 5.99
CA THR A 12 9.96 -0.76 5.53
C THR A 12 8.77 0.18 5.52
N PHE A 13 9.01 1.43 5.90
CA PHE A 13 7.97 2.44 5.79
C PHE A 13 8.61 3.83 5.71
N ASP A 14 7.92 4.73 5.04
CA ASP A 14 8.31 6.14 4.97
C ASP A 14 7.57 6.89 6.07
N PRO A 15 8.28 7.47 7.05
CA PRO A 15 7.59 8.13 8.18
C PRO A 15 6.65 9.23 7.74
N GLN A 16 7.00 9.95 6.70
CA GLN A 16 6.11 11.01 6.22
C GLN A 16 4.88 10.50 5.49
N GLN A 17 4.74 9.20 5.26
CA GLN A 17 3.46 8.66 4.82
C GLN A 17 2.97 7.56 5.79
N SER A 18 3.24 7.76 7.07
CA SER A 18 2.84 6.82 8.11
C SER A 18 2.24 7.61 9.25
N ALA A 19 1.53 6.93 10.13
CA ALA A 19 0.96 7.56 11.32
C ALA A 19 1.24 6.71 12.55
N LEU A 20 1.42 7.40 13.68
CA LEU A 20 1.44 6.80 15.00
C LEU A 20 0.05 7.01 15.58
N ILE A 21 -0.63 5.91 15.90
CA ILE A 21 -1.93 5.99 16.54
C ILE A 21 -1.74 5.61 18.00
N VAL A 22 -2.17 6.51 18.89
CA VAL A 22 -2.21 6.29 20.33
C VAL A 22 -3.66 5.97 20.69
N VAL A 23 -3.91 4.71 21.00
CA VAL A 23 -5.27 4.21 21.24
C VAL A 23 -5.65 4.41 22.70
N ASP A 24 -6.60 5.31 22.92
CA ASP A 24 -7.40 5.40 24.15
C ASP A 24 -6.55 5.51 25.42
N MET A 25 -5.54 6.36 25.42
CA MET A 25 -4.72 6.56 26.62
C MET A 25 -5.41 7.54 27.58
N GLN A 26 -6.56 7.10 28.05
CA GLN A 26 -7.50 7.87 28.87
C GLN A 26 -7.46 7.30 30.26
N ASN A 27 -7.90 8.11 31.24
CA ASN A 27 -7.92 7.60 32.60
C ASN A 27 -8.75 6.34 32.69
N ALA A 28 -9.80 6.23 31.86
CA ALA A 28 -10.64 5.03 31.84
C ALA A 28 -9.84 3.74 31.63
N TYR A 29 -8.81 3.82 30.80
CA TYR A 29 -8.08 2.62 30.39
C TYR A 29 -6.73 2.45 31.09
N ALA A 30 -6.23 3.49 31.75
CA ALA A 30 -4.87 3.42 32.27
C ALA A 30 -4.69 3.77 33.74
N THR A 31 -5.69 4.29 34.44
CA THR A 31 -5.49 4.95 35.71
C THR A 31 -6.27 4.28 36.82
N PRO A 32 -5.67 4.04 37.98
CA PRO A 32 -6.46 3.55 39.12
C PRO A 32 -7.67 4.44 39.32
N GLY A 33 -8.82 3.80 39.54
CA GLY A 33 -10.07 4.49 39.77
C GLY A 33 -10.86 4.78 38.52
N GLY A 34 -10.29 4.48 37.36
CA GLY A 34 -10.98 4.66 36.12
C GLY A 34 -11.81 3.44 35.81
N TYR A 35 -12.53 3.54 34.69
CA TYR A 35 -13.47 2.50 34.27
C TYR A 35 -12.85 1.10 34.36
N LEU A 36 -11.71 0.84 33.69
CA LEU A 36 -11.25 -0.55 33.66
C LEU A 36 -10.97 -1.08 35.06
N ASP A 37 -10.34 -0.25 35.90
CA ASP A 37 -10.10 -0.65 37.28
C ASP A 37 -11.40 -0.97 37.99
N LEU A 38 -12.41 -0.10 37.85
CA LEU A 38 -13.69 -0.32 38.53
C LEU A 38 -14.37 -1.59 38.03
N ALA A 39 -14.14 -1.93 36.77
CA ALA A 39 -14.74 -3.10 36.15
C ALA A 39 -13.99 -4.41 36.42
N GLY A 40 -12.93 -4.38 37.20
CA GLY A 40 -12.24 -5.58 37.60
C GLY A 40 -10.97 -5.90 36.84
N PHE A 41 -10.56 -5.08 35.90
CA PHE A 41 -9.32 -5.28 35.18
C PHE A 41 -8.14 -4.64 35.92
N ASP A 42 -6.95 -5.15 35.62
CA ASP A 42 -5.74 -4.70 36.31
C ASP A 42 -5.08 -3.59 35.50
N VAL A 43 -5.03 -2.37 36.05
CA VAL A 43 -4.32 -1.29 35.39
C VAL A 43 -3.09 -0.86 36.18
N SER A 44 -2.69 -1.66 37.16
CA SER A 44 -1.64 -1.27 38.09
C SER A 44 -0.27 -1.17 37.42
N THR A 45 -0.11 -1.68 36.19
CA THR A 45 1.20 -1.71 35.56
C THR A 45 1.31 -0.83 34.33
N THR A 46 0.52 0.24 34.23
CA THR A 46 0.52 1.04 33.01
C THR A 46 1.50 2.20 33.04
N ARG A 47 2.10 2.52 34.18
CA ARG A 47 3.15 3.54 34.23
C ARG A 47 4.13 3.40 33.08
N PRO A 48 4.76 2.25 32.86
CA PRO A 48 5.76 2.16 31.77
C PRO A 48 5.17 2.34 30.40
N VAL A 49 3.92 1.91 30.21
CA VAL A 49 3.26 2.07 28.91
C VAL A 49 3.10 3.55 28.62
N ILE A 50 2.71 4.34 29.63
CA ILE A 50 2.54 5.77 29.44
C ILE A 50 3.88 6.40 29.05
N ALA A 51 4.94 6.07 29.77
CA ALA A 51 6.25 6.65 29.49
C ALA A 51 6.74 6.26 28.10
N ASN A 52 6.55 4.99 27.73
CA ASN A 52 7.00 4.50 26.44
C ASN A 52 6.23 5.17 25.31
N ILE A 53 4.95 5.47 25.53
CA ILE A 53 4.19 6.18 24.51
C ILE A 53 4.70 7.60 24.36
N GLN A 54 4.98 8.27 25.47
CA GLN A 54 5.50 9.62 25.36
C GLN A 54 6.82 9.62 24.59
N THR A 55 7.70 8.65 24.87
CA THR A 55 8.92 8.51 24.10
C THR A 55 8.67 8.25 22.61
N ALA A 56 7.71 7.36 22.30
CA ALA A 56 7.44 7.05 20.89
C ALA A 56 6.83 8.24 20.16
N VAL A 57 5.96 9.00 20.83
CA VAL A 57 5.40 10.19 20.21
C VAL A 57 6.51 11.21 19.89
N THR A 58 7.42 11.44 20.83
CA THR A 58 8.50 12.37 20.55
C THR A 58 9.24 12.01 19.26
N ALA A 59 9.62 10.74 19.15
CA ALA A 59 10.37 10.28 18.00
C ALA A 59 9.55 10.38 16.73
N ALA A 60 8.33 9.85 16.76
CA ALA A 60 7.45 9.88 15.60
C ALA A 60 7.24 11.30 15.12
N ARG A 61 6.92 12.23 16.03
CA ARG A 61 6.68 13.58 15.56
C ARG A 61 7.94 14.20 14.96
N ALA A 62 9.11 13.95 15.57
CA ALA A 62 10.32 14.55 15.05
C ALA A 62 10.65 14.02 13.65
N ALA A 63 10.12 12.86 13.29
CA ALA A 63 10.35 12.26 11.97
C ALA A 63 9.28 12.63 10.96
N GLY A 64 8.31 13.47 11.32
CA GLY A 64 7.26 13.83 10.41
C GLY A 64 6.11 12.84 10.32
N MET A 65 5.98 11.93 11.27
CA MET A 65 4.82 11.04 11.27
C MET A 65 3.63 11.76 11.89
N LEU A 66 2.47 11.63 11.24
CA LEU A 66 1.19 12.11 11.78
C LEU A 66 0.89 11.39 13.08
N ILE A 67 0.62 12.16 14.15
CA ILE A 67 0.16 11.62 15.44
C ILE A 67 -1.37 11.65 15.49
N ILE A 68 -1.99 10.49 15.68
CA ILE A 68 -3.45 10.40 15.85
C ILE A 68 -3.74 9.84 17.23
N TRP A 69 -4.58 10.56 18.00
CA TRP A 69 -5.00 10.19 19.35
C TRP A 69 -6.45 9.79 19.28
N PHE A 70 -6.77 8.61 19.79
CA PHE A 70 -8.17 8.26 19.97
C PHE A 70 -8.61 8.42 21.41
N GLN A 71 -9.82 8.91 21.58
CA GLN A 71 -10.53 8.89 22.85
C GLN A 71 -11.83 8.14 22.64
N ASN A 72 -11.99 7.02 23.35
CA ASN A 72 -13.19 6.20 23.27
C ASN A 72 -14.24 6.69 24.26
N GLY A 73 -15.46 6.94 23.79
CA GLY A 73 -16.56 7.19 24.70
C GLY A 73 -17.70 7.94 24.03
N TRP A 74 -18.60 8.47 24.89
CA TRP A 74 -19.93 8.85 24.46
C TRP A 74 -20.41 10.09 25.21
N ASP A 75 -21.53 10.63 24.71
CA ASP A 75 -22.28 11.60 25.50
C ASP A 75 -22.68 11.02 26.85
N GLU A 76 -22.85 11.92 27.82
CA GLU A 76 -23.11 11.47 29.17
C GLU A 76 -24.46 10.80 29.34
N GLN A 77 -25.40 10.95 28.37
CA GLN A 77 -26.63 10.17 28.37
C GLN A 77 -26.49 8.82 27.64
N TYR A 78 -25.32 8.59 27.04
CA TYR A 78 -24.97 7.33 26.38
C TYR A 78 -25.86 7.02 25.19
N VAL A 79 -26.46 8.06 24.60
CA VAL A 79 -27.13 7.92 23.31
C VAL A 79 -26.20 7.24 22.31
N GLU A 80 -24.95 7.71 22.29
CA GLU A 80 -24.01 7.23 21.29
C GLU A 80 -23.50 5.82 21.55
N ALA A 81 -23.81 5.26 22.71
CA ALA A 81 -23.41 3.90 23.05
C ALA A 81 -24.36 2.87 22.46
N GLY A 82 -25.55 3.30 22.02
CA GLY A 82 -26.59 2.38 21.57
C GLY A 82 -27.47 1.99 22.73
N GLY A 83 -28.77 1.96 22.51
CA GLY A 83 -29.66 1.41 23.50
C GLY A 83 -29.75 -0.11 23.41
N PRO A 84 -30.79 -0.66 24.00
CA PRO A 84 -30.92 -2.11 24.03
C PRO A 84 -30.90 -2.81 22.68
N GLY A 85 -31.10 -2.08 21.58
CA GLY A 85 -31.03 -2.71 20.27
C GLY A 85 -29.64 -2.87 19.71
N SER A 86 -28.64 -2.33 20.40
CA SER A 86 -27.24 -2.48 20.02
C SER A 86 -26.54 -3.55 20.86
N PRO A 87 -25.77 -4.46 20.27
CA PRO A 87 -24.97 -5.34 21.12
C PRO A 87 -24.02 -4.59 22.05
N ASN A 88 -23.58 -3.39 21.68
CA ASN A 88 -22.68 -2.63 22.55
C ASN A 88 -23.32 -2.29 23.89
N PHE A 89 -24.61 -2.00 23.89
CA PHE A 89 -25.33 -1.76 25.14
C PHE A 89 -25.19 -2.97 26.06
N HIS A 90 -25.18 -4.17 25.48
CA HIS A 90 -25.16 -5.38 26.28
C HIS A 90 -23.76 -5.85 26.59
N LYS A 91 -22.78 -5.51 25.75
CA LYS A 91 -21.42 -5.97 25.99
C LYS A 91 -20.58 -4.97 26.76
N SER A 92 -20.91 -3.68 26.71
CA SER A 92 -20.05 -2.66 27.30
C SER A 92 -19.86 -2.93 28.77
N ASN A 93 -18.61 -3.19 29.16
CA ASN A 93 -18.29 -3.33 30.57
C ASN A 93 -18.44 -2.02 31.34
N ALA A 94 -18.28 -0.87 30.68
CA ALA A 94 -18.54 0.41 31.36
C ALA A 94 -20.02 0.55 31.69
N LEU A 95 -20.90 0.26 30.72
CA LEU A 95 -22.35 0.33 30.95
C LEU A 95 -22.77 -0.67 32.00
N LYS A 96 -22.19 -1.89 31.98
CA LYS A 96 -22.51 -2.86 33.02
C LYS A 96 -22.15 -2.33 34.39
N THR A 97 -21.02 -1.64 34.50
CA THR A 97 -20.53 -1.16 35.78
C THR A 97 -21.44 -0.09 36.34
N MET A 98 -21.88 0.83 35.49
CA MET A 98 -22.81 1.86 35.92
C MET A 98 -24.21 1.29 36.22
N ARG A 99 -24.65 0.24 35.51
CA ARG A 99 -25.91 -0.39 35.86
C ARG A 99 -25.84 -1.03 37.23
N LYS A 100 -24.67 -1.56 37.61
CA LYS A 100 -24.50 -2.09 38.97
C LYS A 100 -24.20 -0.99 40.00
N GLN A 101 -23.57 0.11 39.57
CA GLN A 101 -23.13 1.16 40.48
C GLN A 101 -23.74 2.49 40.05
N PRO A 102 -24.99 2.75 40.41
CA PRO A 102 -25.66 3.97 39.90
C PRO A 102 -24.98 5.26 40.29
N GLN A 103 -24.19 5.26 41.37
CA GLN A 103 -23.41 6.45 41.67
C GLN A 103 -22.53 6.85 40.50
N LEU A 104 -22.05 5.87 39.71
CA LEU A 104 -21.17 6.17 38.59
C LEU A 104 -21.92 6.53 37.31
N GLN A 105 -23.24 6.42 37.29
CA GLN A 105 -23.99 6.67 36.07
C GLN A 105 -23.66 8.05 35.49
N GLY A 106 -23.29 8.07 34.22
CA GLY A 106 -22.97 9.29 33.54
C GLY A 106 -21.52 9.71 33.64
N LYS A 107 -20.70 8.96 34.35
CA LYS A 107 -19.30 9.33 34.47
C LYS A 107 -18.37 8.45 33.64
N LEU A 108 -18.63 7.16 33.49
CA LEU A 108 -17.66 6.32 32.79
C LEU A 108 -17.73 6.58 31.29
N LEU A 109 -16.55 6.69 30.67
CA LEU A 109 -16.38 6.95 29.25
C LEU A 109 -17.24 8.12 28.76
N ALA A 110 -17.49 9.11 29.61
CA ALA A 110 -18.37 10.21 29.25
C ALA A 110 -17.57 11.42 28.80
N LYS A 111 -17.91 11.92 27.63
CA LYS A 111 -17.22 13.08 27.08
C LYS A 111 -17.29 14.25 28.05
N GLY A 112 -16.12 14.83 28.30
CA GLY A 112 -15.97 15.94 29.20
C GLY A 112 -15.58 15.58 30.61
N SER A 113 -15.53 14.28 30.93
CA SER A 113 -15.33 13.80 32.29
C SER A 113 -13.88 13.40 32.53
N TRP A 114 -13.58 13.17 33.81
CA TRP A 114 -12.23 12.70 34.18
C TRP A 114 -11.91 11.36 33.51
N ASP A 115 -12.88 10.44 33.49
CA ASP A 115 -12.65 9.10 32.95
C ASP A 115 -12.24 9.17 31.49
N TYR A 116 -12.82 10.12 30.76
CA TYR A 116 -12.64 10.25 29.33
C TYR A 116 -11.39 10.99 28.96
N GLN A 117 -10.88 11.80 29.88
CA GLN A 117 -9.66 12.59 29.66
C GLN A 117 -8.45 11.70 29.39
N LEU A 118 -7.60 12.19 28.50
CA LEU A 118 -6.27 11.60 28.34
C LEU A 118 -5.47 11.74 29.63
N VAL A 119 -4.64 10.73 29.90
CA VAL A 119 -3.84 10.74 31.12
C VAL A 119 -2.98 12.00 31.14
N ASP A 120 -2.67 12.49 32.34
CA ASP A 120 -2.01 13.78 32.49
C ASP A 120 -0.70 13.87 31.70
N GLU A 121 0.00 12.74 31.55
CA GLU A 121 1.32 12.78 30.93
C GLU A 121 1.29 12.98 29.43
N LEU A 122 0.16 12.65 28.77
CA LEU A 122 0.07 12.61 27.32
C LEU A 122 -0.81 13.76 26.85
N VAL A 123 -0.20 14.75 26.20
CA VAL A 123 -0.86 15.97 25.79
C VAL A 123 -0.68 16.17 24.29
N PRO A 124 -1.75 16.05 23.50
CA PRO A 124 -1.64 16.30 22.06
C PRO A 124 -1.17 17.72 21.80
N GLN A 125 -0.44 17.87 20.69
CA GLN A 125 0.09 19.15 20.23
C GLN A 125 -0.68 19.63 19.02
N PRO A 126 -0.56 20.91 18.68
CA PRO A 126 -1.20 21.43 17.46
C PRO A 126 -0.71 20.67 16.23
N GLY A 127 -1.64 20.39 15.32
CA GLY A 127 -1.33 19.57 14.17
C GLY A 127 -1.60 18.09 14.36
N ASP A 128 -1.66 17.61 15.59
CA ASP A 128 -2.08 16.25 15.82
C ASP A 128 -3.57 16.12 15.54
N ILE A 129 -4.01 14.89 15.30
CA ILE A 129 -5.43 14.60 15.13
C ILE A 129 -5.91 13.90 16.38
N VAL A 130 -7.01 14.39 16.95
CA VAL A 130 -7.66 13.81 18.10
C VAL A 130 -9.04 13.38 17.62
N LEU A 131 -9.28 12.07 17.62
CA LEU A 131 -10.52 11.49 17.11
C LEU A 131 -11.29 10.82 18.23
N PRO A 132 -12.53 11.19 18.48
CA PRO A 132 -13.39 10.38 19.33
C PRO A 132 -13.83 9.13 18.58
N LYS A 133 -14.08 8.07 19.33
CA LYS A 133 -14.67 6.93 18.64
C LYS A 133 -15.70 6.31 19.55
N PRO A 134 -16.77 5.73 18.97
CA PRO A 134 -17.87 5.21 19.80
C PRO A 134 -17.85 3.72 20.05
N ARG A 135 -16.98 3.02 19.32
CA ARG A 135 -16.84 1.57 19.43
C ARG A 135 -15.36 1.21 19.46
N TYR A 136 -15.08 -0.06 19.74
CA TYR A 136 -13.70 -0.48 19.95
C TYR A 136 -12.81 -0.15 18.75
N SER A 137 -13.24 -0.49 17.54
CA SER A 137 -12.40 -0.25 16.37
C SER A 137 -12.48 1.21 15.94
N GLY A 138 -11.33 1.85 15.79
CA GLY A 138 -11.28 3.22 15.26
C GLY A 138 -11.65 3.36 13.80
N PHE A 139 -11.84 2.26 13.06
CA PHE A 139 -12.20 2.32 11.64
C PHE A 139 -13.71 2.19 11.38
N PHE A 140 -14.51 1.96 12.41
CA PHE A 140 -15.95 2.00 12.21
C PHE A 140 -16.50 3.29 12.79
N ASN A 141 -17.40 3.92 12.03
CA ASN A 141 -18.18 5.08 12.44
C ASN A 141 -17.37 6.34 12.65
N THR A 142 -16.20 6.41 12.02
CA THR A 142 -15.33 7.56 12.14
C THR A 142 -14.76 7.97 10.80
N PRO A 143 -14.10 9.12 10.74
CA PRO A 143 -13.40 9.50 9.50
C PRO A 143 -11.96 9.03 9.43
N LEU A 144 -11.57 8.06 10.27
CA LEU A 144 -10.16 7.65 10.30
C LEU A 144 -9.63 7.25 8.93
N ASP A 145 -10.37 6.37 8.21
CA ASP A 145 -9.89 5.91 6.91
C ASP A 145 -9.75 7.09 5.94
N SER A 146 -10.72 7.99 5.96
CA SER A 146 -10.68 9.18 5.12
C SER A 146 -9.45 10.04 5.41
N ILE A 147 -9.25 10.34 6.68
CA ILE A 147 -8.07 11.11 7.12
C ILE A 147 -6.79 10.51 6.56
N LEU A 148 -6.62 9.19 6.72
CA LEU A 148 -5.39 8.54 6.34
C LEU A 148 -5.23 8.51 4.83
N ARG A 149 -6.30 8.16 4.12
CA ARG A 149 -6.27 8.12 2.66
C ARG A 149 -5.96 9.47 2.08
N SER A 150 -6.52 10.54 2.68
CA SER A 150 -6.31 11.90 2.19
C SER A 150 -4.85 12.31 2.26
N ARG A 151 -4.05 11.64 3.09
CA ARG A 151 -2.63 11.95 3.21
C ARG A 151 -1.74 10.86 2.62
N GLY A 152 -2.34 9.87 1.96
CA GLY A 152 -1.60 8.80 1.33
C GLY A 152 -0.94 7.86 2.29
N ILE A 153 -1.47 7.75 3.50
CA ILE A 153 -0.82 6.98 4.55
C ILE A 153 -1.27 5.52 4.42
N ARG A 154 -0.29 4.61 4.38
CA ARG A 154 -0.56 3.18 4.28
C ARG A 154 0.00 2.39 5.46
N HIS A 155 0.83 3.01 6.29
CA HIS A 155 1.50 2.31 7.38
C HIS A 155 1.07 2.96 8.68
N LEU A 156 0.65 2.12 9.63
CA LEU A 156 0.10 2.54 10.91
C LEU A 156 0.89 1.88 12.00
N VAL A 157 1.39 2.70 12.93
CA VAL A 157 2.13 2.19 14.08
C VAL A 157 1.23 2.38 15.30
N PHE A 158 0.91 1.28 15.95
CA PHE A 158 -0.10 1.24 16.99
C PHE A 158 0.50 1.16 18.39
N THR A 159 -0.09 1.94 19.29
CA THR A 159 0.22 1.97 20.70
C THR A 159 -1.12 2.13 21.41
N GLY A 160 -1.12 1.82 22.70
CA GLY A 160 -2.26 2.10 23.53
C GLY A 160 -2.88 0.90 24.24
N ILE A 161 -4.14 1.09 24.66
CA ILE A 161 -4.86 0.19 25.54
C ILE A 161 -6.32 0.09 25.04
N ALA A 162 -6.88 -1.12 24.97
CA ALA A 162 -6.26 -2.39 25.28
C ALA A 162 -5.73 -3.14 24.03
N THR A 163 -4.60 -3.81 24.20
CA THR A 163 -3.93 -4.51 23.10
C THR A 163 -4.87 -5.42 22.35
N ASN A 164 -5.67 -6.16 23.09
CA ASN A 164 -6.56 -7.19 22.54
C ASN A 164 -7.94 -6.68 22.13
N VAL A 165 -8.34 -5.46 22.48
CA VAL A 165 -9.69 -4.99 22.16
C VAL A 165 -9.60 -3.81 21.19
N SER A 166 -9.40 -2.59 21.67
CA SER A 166 -9.43 -1.44 20.76
C SER A 166 -8.20 -1.40 19.86
N VAL A 167 -7.04 -1.78 20.40
CA VAL A 167 -5.85 -1.78 19.57
C VAL A 167 -5.99 -2.83 18.48
N GLU A 168 -6.11 -4.12 18.88
CA GLU A 168 -6.17 -5.18 17.89
C GLU A 168 -7.35 -5.04 16.94
N SER A 169 -8.54 -4.69 17.45
CA SER A 169 -9.68 -4.48 16.53
C SER A 169 -9.36 -3.44 15.45
N THR A 170 -8.70 -2.34 15.84
CA THR A 170 -8.38 -1.32 14.85
C THR A 170 -7.32 -1.81 13.88
N LEU A 171 -6.35 -2.57 14.38
CA LEU A 171 -5.30 -3.06 13.52
C LEU A 171 -5.85 -4.08 12.53
N ARG A 172 -6.71 -4.98 13.02
CA ARG A 172 -7.33 -5.96 12.14
C ARG A 172 -8.19 -5.28 11.07
N ASP A 173 -9.01 -4.31 11.45
CA ASP A 173 -9.80 -3.61 10.44
C ASP A 173 -8.92 -2.87 9.46
N GLY A 174 -7.79 -2.30 9.94
CA GLY A 174 -6.84 -1.68 9.04
C GLY A 174 -6.33 -2.65 7.99
N PHE A 175 -5.98 -3.86 8.42
CA PHE A 175 -5.55 -4.88 7.48
C PHE A 175 -6.62 -5.14 6.44
N PHE A 176 -7.90 -5.16 6.83
CA PHE A 176 -8.94 -5.40 5.84
C PHE A 176 -9.14 -4.19 4.92
N LEU A 177 -8.70 -3.00 5.35
CA LEU A 177 -8.68 -1.81 4.52
C LEU A 177 -7.31 -1.58 3.87
N GLU A 178 -6.51 -2.64 3.78
CA GLU A 178 -5.23 -2.66 3.07
C GLU A 178 -4.16 -1.75 3.70
N TYR A 179 -4.26 -1.51 5.01
CA TYR A 179 -3.18 -0.84 5.75
C TYR A 179 -2.17 -1.85 6.31
N PHE A 180 -0.91 -1.43 6.36
CA PHE A 180 0.15 -2.20 7.00
C PHE A 180 0.28 -1.76 8.45
N GLY A 181 -0.05 -2.63 9.40
CA GLY A 181 -0.11 -2.27 10.80
C GLY A 181 1.01 -2.89 11.60
N VAL A 182 1.70 -2.05 12.40
CA VAL A 182 2.75 -2.47 13.31
C VAL A 182 2.30 -2.08 14.72
N VAL A 183 2.53 -2.94 15.70
CA VAL A 183 2.23 -2.63 17.10
C VAL A 183 3.56 -2.58 17.85
N LEU A 184 3.76 -1.56 18.68
CA LEU A 184 4.89 -1.52 19.60
C LEU A 184 4.48 -2.18 20.91
N GLU A 185 4.96 -3.43 21.13
CA GLU A 185 4.41 -4.23 22.23
C GLU A 185 4.58 -3.57 23.59
N ASP A 186 5.72 -2.92 23.85
CA ASP A 186 5.92 -2.34 25.16
C ASP A 186 5.26 -0.97 25.33
N ALA A 187 4.49 -0.53 24.33
CA ALA A 187 3.62 0.62 24.48
C ALA A 187 2.16 0.20 24.41
N THR A 188 1.86 -1.04 24.81
CA THR A 188 0.48 -1.52 24.89
C THR A 188 0.28 -2.20 26.23
N HIS A 189 -0.99 -2.37 26.59
CA HIS A 189 -1.38 -3.17 27.74
C HIS A 189 -2.75 -3.75 27.47
N GLN A 190 -2.92 -5.00 27.90
CA GLN A 190 -4.13 -5.73 27.60
C GLN A 190 -5.21 -5.47 28.66
N ALA A 191 -6.43 -5.86 28.31
CA ALA A 191 -7.56 -5.86 29.24
C ALA A 191 -7.92 -7.34 29.44
N GLY A 192 -7.52 -7.87 30.59
CA GLY A 192 -7.69 -9.27 30.87
C GLY A 192 -6.41 -9.88 31.39
N PRO A 193 -6.40 -11.20 31.52
CA PRO A 193 -5.18 -11.88 32.02
C PRO A 193 -4.02 -11.75 31.05
N LYS A 194 -2.83 -12.12 31.53
CA LYS A 194 -1.64 -11.89 30.72
C LYS A 194 -1.72 -12.64 29.39
N PHE A 195 -2.47 -13.74 29.31
CA PHE A 195 -2.53 -14.45 28.02
C PHE A 195 -3.20 -13.62 26.92
N ALA A 196 -3.97 -12.61 27.30
CA ALA A 196 -4.63 -11.78 26.31
C ALA A 196 -3.63 -10.88 25.59
N GLN A 197 -2.62 -10.38 26.31
CA GLN A 197 -1.51 -9.69 25.67
C GLN A 197 -0.76 -10.60 24.73
N LYS A 198 -0.34 -11.77 25.24
CA LYS A 198 0.40 -12.72 24.43
C LYS A 198 -0.40 -13.11 23.18
N ALA A 199 -1.68 -13.44 23.35
CA ALA A 199 -2.47 -13.90 22.23
C ALA A 199 -2.71 -12.79 21.20
N ALA A 200 -2.86 -11.55 21.66
CA ALA A 200 -3.07 -10.43 20.74
C ALA A 200 -1.84 -10.24 19.87
N LEU A 201 -0.65 -10.19 20.50
CA LEU A 201 0.59 -10.04 19.74
C LEU A 201 0.82 -11.24 18.81
N PHE A 202 0.46 -12.45 19.26
CA PHE A 202 0.54 -13.63 18.40
C PHE A 202 -0.37 -13.52 17.18
N ASN A 203 -1.65 -13.18 17.39
CA ASN A 203 -2.55 -13.00 16.27
C ASN A 203 -2.04 -11.95 15.30
N ILE A 204 -1.52 -10.84 15.82
CA ILE A 204 -1.06 -9.76 14.97
C ILE A 204 0.13 -10.24 14.15
N GLU A 205 1.15 -10.79 14.83
CA GLU A 205 2.39 -11.19 14.16
C GLU A 205 2.12 -12.27 13.13
N THR A 206 1.23 -13.20 13.46
CA THR A 206 1.06 -14.39 12.63
C THR A 206 0.13 -14.13 11.45
N PHE A 207 -0.85 -13.24 11.60
CA PHE A 207 -1.91 -13.12 10.60
C PHE A 207 -2.15 -11.72 10.07
N PHE A 208 -1.92 -10.68 10.88
CA PHE A 208 -2.43 -9.35 10.53
C PHE A 208 -1.39 -8.27 10.28
N GLY A 209 -0.26 -8.29 10.98
CA GLY A 209 0.68 -7.19 10.91
C GLY A 209 2.05 -7.55 11.47
N TRP A 210 2.67 -6.58 12.15
CA TRP A 210 4.04 -6.67 12.61
C TRP A 210 4.12 -6.19 14.06
N VAL A 211 5.06 -6.78 14.80
CA VAL A 211 5.35 -6.41 16.18
C VAL A 211 6.78 -5.91 16.27
N SER A 212 6.93 -4.77 16.95
CA SER A 212 8.24 -4.22 17.27
C SER A 212 8.13 -3.63 18.68
N ASP A 213 9.04 -2.73 19.03
CA ASP A 213 9.03 -2.13 20.34
C ASP A 213 9.53 -0.69 20.23
N VAL A 214 9.40 0.04 21.33
CA VAL A 214 9.64 1.48 21.28
C VAL A 214 11.11 1.77 20.98
N GLU A 215 12.03 1.10 21.66
CA GLU A 215 13.43 1.41 21.45
C GLU A 215 13.81 1.22 19.99
N THR A 216 13.41 0.08 19.40
CA THR A 216 13.69 -0.20 17.99
C THR A 216 13.10 0.89 17.10
N PHE A 217 11.82 1.22 17.33
CA PHE A 217 11.12 2.26 16.56
C PHE A 217 11.88 3.59 16.59
N CYS A 218 12.28 4.04 17.80
CA CYS A 218 12.97 5.33 17.91
C CYS A 218 14.33 5.30 17.23
N ASP A 219 15.07 4.18 17.37
CA ASP A 219 16.36 4.08 16.69
C ASP A 219 16.21 4.08 15.19
N ALA A 220 15.19 3.38 14.66
CA ALA A 220 15.02 3.37 13.21
C ALA A 220 14.67 4.75 12.69
N LEU A 221 13.99 5.56 13.49
CA LEU A 221 13.53 6.83 12.99
C LEU A 221 14.62 7.90 12.99
N SER A 222 15.73 7.68 13.67
CA SER A 222 16.66 8.78 13.92
C SER A 222 17.20 9.39 12.63
N PRO A 223 17.51 8.64 11.56
CA PRO A 223 17.93 9.37 10.35
C PRO A 223 16.82 10.11 9.61
N THR B 2 63.99 11.53 -13.22
CA THR B 2 64.30 11.08 -11.87
C THR B 2 63.83 9.65 -11.68
N THR B 3 64.58 8.87 -10.92
CA THR B 3 64.18 7.53 -10.52
C THR B 3 63.75 7.54 -9.06
N LEU B 4 62.63 6.88 -8.77
CA LEU B 4 62.17 6.70 -7.40
C LEU B 4 62.18 5.20 -7.09
N THR B 5 63.03 4.81 -6.14
CA THR B 5 62.96 3.46 -5.62
C THR B 5 61.60 3.20 -4.98
N ALA B 6 60.94 2.13 -5.42
CA ALA B 6 59.61 1.82 -4.94
C ALA B 6 59.35 0.33 -5.09
N ARG B 7 58.27 -0.10 -4.45
CA ARG B 7 57.73 -1.42 -4.63
C ARG B 7 56.53 -1.35 -5.55
N PRO B 8 56.35 -2.31 -6.46
CA PRO B 8 57.14 -3.53 -6.61
C PRO B 8 58.48 -3.34 -7.33
N GLU B 9 58.63 -2.23 -8.03
CA GLU B 9 59.90 -1.90 -8.66
C GLU B 9 59.98 -0.38 -8.81
N ALA B 10 61.19 0.09 -9.11
CA ALA B 10 61.39 1.52 -9.28
C ALA B 10 60.62 2.07 -10.47
N ILE B 11 60.30 3.37 -10.36
CA ILE B 11 59.67 4.08 -11.46
C ILE B 11 60.51 5.30 -11.78
N THR B 12 60.26 5.86 -12.96
CA THR B 12 60.85 7.12 -13.36
C THR B 12 59.73 8.14 -13.57
N PHE B 13 60.06 9.40 -13.30
CA PHE B 13 59.07 10.47 -13.37
C PHE B 13 59.81 11.79 -13.39
N ASP B 14 59.15 12.81 -13.90
CA ASP B 14 59.68 14.16 -13.84
C ASP B 14 59.01 14.88 -12.71
N PRO B 15 59.72 15.29 -11.66
CA PRO B 15 59.03 15.97 -10.54
C PRO B 15 58.28 17.22 -10.98
N GLN B 16 58.80 17.96 -11.97
CA GLN B 16 58.08 19.14 -12.42
C GLN B 16 56.80 18.78 -13.17
N GLN B 17 56.63 17.52 -13.52
CA GLN B 17 55.39 17.04 -14.13
C GLN B 17 54.64 16.13 -13.17
N SER B 18 54.74 16.39 -11.87
CA SER B 18 54.15 15.54 -10.85
C SER B 18 53.49 16.38 -9.79
N ALA B 19 52.64 15.74 -8.99
CA ALA B 19 52.00 16.42 -7.87
C ALA B 19 52.10 15.56 -6.62
N LEU B 20 52.31 16.24 -5.50
CA LEU B 20 52.23 15.64 -4.17
C LEU B 20 50.86 16.00 -3.62
N ILE B 21 50.06 14.98 -3.29
CA ILE B 21 48.69 15.18 -2.83
C ILE B 21 48.65 14.89 -1.34
N VAL B 22 48.24 15.87 -0.55
CA VAL B 22 48.10 15.70 0.88
C VAL B 22 46.61 15.52 1.18
N VAL B 23 46.20 14.28 1.44
CA VAL B 23 44.79 13.91 1.53
C VAL B 23 44.29 14.19 2.96
N ASP B 24 43.48 15.23 3.10
CA ASP B 24 42.56 15.37 4.25
C ASP B 24 43.30 15.38 5.61
N MET B 25 44.43 16.09 5.69
CA MET B 25 45.15 16.21 6.96
C MET B 25 44.49 17.29 7.81
N GLN B 26 43.24 17.01 8.15
CA GLN B 26 42.37 17.85 8.97
C GLN B 26 42.25 17.27 10.36
N ASN B 27 41.85 18.10 11.32
CA ASN B 27 41.60 17.60 12.67
C ASN B 27 40.62 16.43 12.67
N ALA B 28 39.60 16.46 11.81
CA ALA B 28 38.68 15.33 11.68
C ALA B 28 39.41 14.00 11.57
N TYR B 29 40.47 13.96 10.77
CA TYR B 29 41.13 12.71 10.44
C TYR B 29 42.40 12.41 11.24
N ALA B 30 42.99 13.43 11.92
CA ALA B 30 44.29 13.23 12.54
C ALA B 30 44.38 13.57 14.02
N THR B 31 43.40 14.26 14.57
CA THR B 31 43.57 14.90 15.87
C THR B 31 42.62 14.28 16.88
N PRO B 32 43.11 13.95 18.08
CA PRO B 32 42.18 13.51 19.14
C PRO B 32 41.07 14.53 19.37
N GLY B 33 39.87 13.98 19.61
CA GLY B 33 38.63 14.72 19.69
C GLY B 33 38.01 15.08 18.36
N GLY B 34 38.68 14.78 17.24
CA GLY B 34 38.09 15.02 15.94
C GLY B 34 37.15 13.89 15.57
N TYR B 35 36.46 14.08 14.43
CA TYR B 35 35.50 13.09 13.93
C TYR B 35 36.01 11.65 14.05
N LEU B 36 37.12 11.30 13.41
CA LEU B 36 37.49 9.90 13.40
C LEU B 36 37.63 9.35 14.81
N ASP B 37 38.28 10.12 15.71
CA ASP B 37 38.41 9.72 17.10
C ASP B 37 37.04 9.50 17.72
N LEU B 38 36.11 10.44 17.48
CA LEU B 38 34.79 10.33 18.10
C LEU B 38 33.99 9.16 17.53
N ALA B 39 34.23 8.82 16.27
CA ALA B 39 33.59 7.68 15.61
C ALA B 39 34.24 6.34 15.99
N GLY B 40 35.22 6.34 16.87
CA GLY B 40 35.78 5.10 17.39
C GLY B 40 37.02 4.60 16.70
N PHE B 41 37.59 5.36 15.78
CA PHE B 41 38.82 5.00 15.09
C PHE B 41 40.01 5.48 15.89
N ASP B 42 41.12 4.74 15.79
CA ASP B 42 42.32 5.09 16.51
C ASP B 42 43.08 6.15 15.72
N VAL B 43 43.33 7.30 16.34
CA VAL B 43 44.17 8.33 15.73
C VAL B 43 45.34 8.68 16.63
N SER B 44 45.63 7.86 17.64
CA SER B 44 46.60 8.24 18.64
C SER B 44 48.00 8.27 18.08
N THR B 45 48.21 7.74 16.87
CA THR B 45 49.56 7.54 16.33
C THR B 45 49.87 8.42 15.13
N THR B 46 49.17 9.53 14.95
CA THR B 46 49.35 10.32 13.75
C THR B 46 50.43 11.40 13.85
N ARG B 47 51.08 11.61 15.00
CA ARG B 47 52.07 12.68 15.03
C ARG B 47 53.21 12.42 14.07
N PRO B 48 53.80 11.21 14.00
CA PRO B 48 54.87 10.99 12.99
C PRO B 48 54.37 11.16 11.58
N VAL B 49 53.11 10.84 11.31
CA VAL B 49 52.57 11.00 9.96
C VAL B 49 52.61 12.47 9.57
N ILE B 50 52.21 13.34 10.52
CA ILE B 50 52.17 14.77 10.23
C ILE B 50 53.57 15.28 9.96
N ALA B 51 54.52 14.90 10.81
CA ALA B 51 55.88 15.35 10.60
C ALA B 51 56.46 14.79 9.29
N ASN B 52 56.14 13.53 8.96
CA ASN B 52 56.63 12.97 7.70
C ASN B 52 56.01 13.68 6.51
N ILE B 53 54.73 14.07 6.60
CA ILE B 53 54.13 14.88 5.55
C ILE B 53 54.85 16.22 5.43
N GLN B 54 55.13 16.88 6.56
CA GLN B 54 55.91 18.11 6.50
C GLN B 54 57.19 17.92 5.69
N THR B 55 57.95 16.87 6.01
CA THR B 55 59.22 16.60 5.35
C THR B 55 59.03 16.37 3.84
N ALA B 56 58.09 15.52 3.46
CA ALA B 56 57.90 15.28 2.04
C ALA B 56 57.44 16.53 1.30
N VAL B 57 56.61 17.35 1.95
CA VAL B 57 56.10 18.56 1.31
C VAL B 57 57.26 19.53 1.04
N THR B 58 58.15 19.71 2.01
CA THR B 58 59.28 20.59 1.79
C THR B 58 60.11 20.12 0.60
N ALA B 59 60.37 18.81 0.52
CA ALA B 59 61.17 18.27 -0.57
C ALA B 59 60.45 18.42 -1.89
N ALA B 60 59.15 18.14 -1.90
CA ALA B 60 58.37 18.22 -3.13
C ALA B 60 58.33 19.64 -3.65
N ARG B 61 58.04 20.61 -2.77
CA ARG B 61 57.98 21.97 -3.27
C ARG B 61 59.33 22.41 -3.79
N ALA B 62 60.41 22.10 -3.05
CA ALA B 62 61.75 22.50 -3.47
C ALA B 62 62.13 21.90 -4.82
N ALA B 63 61.55 20.75 -5.17
CA ALA B 63 61.83 20.14 -6.47
C ALA B 63 60.95 20.65 -7.60
N GLY B 64 60.02 21.57 -7.34
CA GLY B 64 59.11 22.05 -8.35
C GLY B 64 57.84 21.24 -8.52
N MET B 65 57.51 20.37 -7.57
CA MET B 65 56.30 19.57 -7.64
C MET B 65 55.12 20.38 -7.11
N LEU B 66 54.01 20.35 -7.85
CA LEU B 66 52.75 20.93 -7.38
C LEU B 66 52.30 20.26 -6.09
N ILE B 67 51.90 21.07 -5.11
CA ILE B 67 51.35 20.60 -3.84
C ILE B 67 49.84 20.80 -3.87
N ILE B 68 49.09 19.73 -3.64
CA ILE B 68 47.64 19.80 -3.60
C ILE B 68 47.17 19.28 -2.24
N TRP B 69 46.42 20.12 -1.54
CA TRP B 69 45.86 19.79 -0.23
C TRP B 69 44.37 19.54 -0.43
N PHE B 70 43.91 18.40 0.01
CA PHE B 70 42.48 18.17 0.05
C PHE B 70 41.89 18.44 1.43
N GLN B 71 40.70 19.04 1.43
CA GLN B 71 39.87 19.08 2.63
C GLN B 71 38.53 18.41 2.32
N ASN B 72 38.23 17.38 3.05
CA ASN B 72 36.96 16.68 2.89
C ASN B 72 35.91 17.26 3.83
N GLY B 73 34.72 17.54 3.28
CA GLY B 73 33.60 17.93 4.13
C GLY B 73 32.60 18.78 3.37
N TRP B 74 31.70 19.40 4.14
CA TRP B 74 30.42 19.88 3.60
C TRP B 74 29.98 21.14 4.33
N ASP B 75 28.94 21.77 3.78
CA ASP B 75 28.26 22.86 4.47
C ASP B 75 27.72 22.33 5.79
N GLU B 76 27.59 23.22 6.79
CA GLU B 76 27.21 22.78 8.12
C GLU B 76 25.79 22.20 8.18
N GLN B 77 24.94 22.46 7.18
CA GLN B 77 23.64 21.81 7.12
C GLN B 77 23.69 20.48 6.34
N TYR B 78 24.86 20.15 5.78
CA TYR B 78 25.15 18.87 5.13
C TYR B 78 24.34 18.64 3.86
N VAL B 79 23.90 19.72 3.22
CA VAL B 79 23.27 19.58 1.91
C VAL B 79 24.20 18.86 0.96
N GLU B 80 25.48 19.16 1.05
CA GLU B 80 26.50 18.67 0.14
C GLU B 80 26.86 17.24 0.42
N ALA B 81 26.45 16.67 1.56
CA ALA B 81 26.65 15.27 1.87
C ALA B 81 25.66 14.37 1.16
N GLY B 82 24.63 14.93 0.53
CA GLY B 82 23.54 14.13 -0.03
C GLY B 82 22.47 13.95 1.05
N GLY B 83 21.23 13.96 0.64
CA GLY B 83 20.18 13.61 1.58
C GLY B 83 19.99 12.13 1.60
N PRO B 84 18.83 11.69 2.10
CA PRO B 84 18.59 10.24 2.22
C PRO B 84 18.63 9.48 0.91
N GLY B 85 18.57 10.16 -0.22
CA GLY B 85 18.64 9.48 -1.50
C GLY B 85 20.05 9.12 -1.93
N SER B 86 21.06 9.54 -1.18
CA SER B 86 22.45 9.28 -1.49
C SER B 86 23.00 8.22 -0.55
N PRO B 87 23.74 7.24 -1.07
CA PRO B 87 24.38 6.29 -0.14
C PRO B 87 25.33 6.96 0.85
N ASN B 88 25.89 8.13 0.51
CA ASN B 88 26.78 8.80 1.43
C ASN B 88 26.05 9.18 2.70
N PHE B 89 24.82 9.65 2.57
CA PHE B 89 24.01 9.96 3.76
C PHE B 89 23.96 8.77 4.70
N HIS B 90 23.93 7.56 4.15
CA HIS B 90 23.70 6.35 4.91
C HIS B 90 24.99 5.66 5.34
N LYS B 91 26.10 5.91 4.65
CA LYS B 91 27.38 5.31 5.02
C LYS B 91 28.26 6.21 5.88
N SER B 92 28.08 7.52 5.79
CA SER B 92 28.96 8.47 6.46
C SER B 92 29.03 8.20 7.95
N ASN B 93 30.22 7.85 8.42
CA ASN B 93 30.41 7.72 9.86
C ASN B 93 30.34 9.06 10.59
N ALA B 94 30.69 10.16 9.93
CA ALA B 94 30.53 11.48 10.54
C ALA B 94 29.05 11.77 10.78
N LEU B 95 28.20 11.57 9.76
CA LEU B 95 26.77 11.78 9.95
C LEU B 95 26.20 10.85 11.01
N LYS B 96 26.59 9.56 10.97
CA LYS B 96 26.13 8.61 11.99
C LYS B 96 26.47 9.10 13.40
N THR B 97 27.69 9.57 13.57
CA THR B 97 28.16 10.02 14.87
C THR B 97 27.33 11.18 15.38
N MET B 98 26.98 12.12 14.50
CA MET B 98 26.16 13.26 14.90
C MET B 98 24.69 12.89 15.11
N ARG B 99 24.20 11.86 14.41
CA ARG B 99 22.85 11.37 14.68
C ARG B 99 22.76 10.77 16.08
N LYS B 100 23.79 10.03 16.52
CA LYS B 100 23.80 9.48 17.85
C LYS B 100 24.23 10.48 18.91
N GLN B 101 25.00 11.49 18.52
CA GLN B 101 25.47 12.52 19.46
C GLN B 101 25.01 13.88 18.97
N PRO B 102 23.74 14.24 19.15
CA PRO B 102 23.25 15.51 18.57
C PRO B 102 23.98 16.75 19.04
N GLN B 103 24.67 16.68 20.18
CA GLN B 103 25.52 17.77 20.60
C GLN B 103 26.52 18.15 19.53
N LEU B 104 26.95 17.18 18.74
CA LEU B 104 27.95 17.40 17.70
C LEU B 104 27.35 17.80 16.34
N GLN B 105 26.03 17.81 16.21
CA GLN B 105 25.39 18.12 14.93
C GLN B 105 25.85 19.46 14.39
N GLY B 106 26.29 19.43 13.13
CA GLY B 106 26.79 20.61 12.47
C GLY B 106 28.27 20.92 12.69
N LYS B 107 28.98 20.13 13.46
CA LYS B 107 30.41 20.37 13.68
C LYS B 107 31.33 19.41 12.92
N LEU B 108 30.95 18.15 12.75
CA LEU B 108 31.88 17.24 12.10
C LEU B 108 31.92 17.51 10.60
N LEU B 109 33.13 17.70 10.07
CA LEU B 109 33.37 17.82 8.65
C LEU B 109 32.63 19.00 8.08
N ALA B 110 32.39 20.01 8.92
CA ALA B 110 31.68 21.22 8.55
C ALA B 110 32.63 22.32 8.13
N LYS B 111 32.47 22.78 6.90
CA LYS B 111 33.26 23.89 6.41
C LYS B 111 33.21 25.05 7.39
N GLY B 112 34.39 25.58 7.71
CA GLY B 112 34.52 26.67 8.62
C GLY B 112 34.81 26.27 10.05
N SER B 113 34.71 24.99 10.37
CA SER B 113 34.77 24.48 11.73
C SER B 113 36.17 23.99 12.05
N TRP B 114 36.37 23.73 13.33
CA TRP B 114 37.63 23.16 13.82
C TRP B 114 37.88 21.80 13.20
N ASP B 115 36.85 20.93 13.20
CA ASP B 115 37.00 19.58 12.66
C ASP B 115 37.54 19.62 11.23
N TYR B 116 37.12 20.62 10.45
CA TYR B 116 37.40 20.70 9.03
C TYR B 116 38.77 21.32 8.76
N GLN B 117 39.30 22.08 9.71
CA GLN B 117 40.58 22.74 9.51
C GLN B 117 41.70 21.75 9.34
N LEU B 118 42.66 22.09 8.48
CA LEU B 118 43.95 21.41 8.48
C LEU B 118 44.60 21.52 9.86
N VAL B 119 45.28 20.45 10.25
CA VAL B 119 46.01 20.44 11.52
C VAL B 119 46.99 21.59 11.54
N ASP B 120 47.27 22.09 12.75
CA ASP B 120 48.03 23.32 12.92
C ASP B 120 49.39 23.26 12.23
N GLU B 121 50.02 22.09 12.21
CA GLU B 121 51.40 21.95 11.74
C GLU B 121 51.51 22.19 10.23
N LEU B 122 50.43 21.97 9.48
CA LEU B 122 50.46 21.90 8.03
C LEU B 122 49.81 23.15 7.47
N VAL B 123 50.63 24.00 6.84
CA VAL B 123 50.18 25.31 6.37
C VAL B 123 50.39 25.40 4.87
N PRO B 124 49.32 25.43 4.08
CA PRO B 124 49.47 25.64 2.64
C PRO B 124 50.18 26.96 2.34
N GLN B 125 51.01 26.93 1.31
CA GLN B 125 51.81 28.06 0.88
C GLN B 125 51.33 28.60 -0.46
N PRO B 126 51.70 29.84 -0.79
CA PRO B 126 51.29 30.40 -2.07
C PRO B 126 51.80 29.53 -3.22
N GLY B 127 50.90 29.25 -4.17
CA GLY B 127 51.21 28.39 -5.27
C GLY B 127 50.74 26.96 -5.10
N ASP B 128 50.45 26.57 -3.86
CA ASP B 128 49.76 25.31 -3.63
C ASP B 128 48.29 25.43 -4.00
N ILE B 129 47.65 24.29 -4.22
CA ILE B 129 46.21 24.25 -4.48
C ILE B 129 45.53 23.58 -3.28
N VAL B 130 44.49 24.22 -2.76
CA VAL B 130 43.66 23.64 -1.69
C VAL B 130 42.31 23.34 -2.29
N LEU B 131 41.96 22.04 -2.35
CA LEU B 131 40.74 21.57 -2.99
C LEU B 131 39.79 21.03 -1.94
N PRO B 132 38.56 21.53 -1.85
CA PRO B 132 37.54 20.79 -1.09
C PRO B 132 37.06 19.58 -1.88
N LYS B 133 36.60 18.55 -1.16
CA LYS B 133 35.92 17.46 -1.82
C LYS B 133 34.76 16.93 -1.00
N PRO B 134 33.66 16.55 -1.66
CA PRO B 134 32.47 16.08 -0.93
C PRO B 134 32.39 14.58 -0.70
N ARG B 135 33.26 13.80 -1.36
CA ARG B 135 33.23 12.35 -1.20
C ARG B 135 34.67 11.86 -1.07
N TYR B 136 34.80 10.58 -0.72
CA TYR B 136 36.13 10.04 -0.42
C TYR B 136 37.11 10.28 -1.55
N SER B 137 36.75 9.93 -2.77
CA SER B 137 37.67 10.08 -3.89
C SER B 137 37.75 11.52 -4.34
N GLY B 138 38.98 12.04 -4.40
CA GLY B 138 39.24 13.38 -4.90
C GLY B 138 38.93 13.54 -6.35
N PHE B 139 38.76 12.45 -7.09
CA PHE B 139 38.47 12.62 -8.50
C PHE B 139 36.99 12.88 -8.77
N PHE B 140 36.08 12.35 -7.97
CA PHE B 140 34.68 12.59 -8.25
C PHE B 140 34.17 13.93 -7.73
N ASN B 141 33.43 14.62 -8.59
CA ASN B 141 32.67 15.84 -8.30
C ASN B 141 33.55 17.05 -8.07
N THR B 142 34.78 17.04 -8.62
CA THR B 142 35.76 18.08 -8.39
C THR B 142 36.55 18.39 -9.65
N PRO B 143 37.30 19.49 -9.66
CA PRO B 143 38.14 19.81 -10.81
C PRO B 143 39.54 19.19 -10.76
N LEU B 144 39.75 18.15 -9.94
CA LEU B 144 41.11 17.60 -9.78
C LEU B 144 41.69 17.12 -11.11
N ASP B 145 40.94 16.31 -11.85
CA ASP B 145 41.45 15.80 -13.12
C ASP B 145 41.79 16.95 -14.07
N SER B 146 40.91 17.93 -14.15
CA SER B 146 41.15 19.08 -15.01
C SER B 146 42.39 19.84 -14.57
N ILE B 147 42.55 20.06 -13.26
CA ILE B 147 43.74 20.73 -12.73
C ILE B 147 45.00 20.00 -13.20
N LEU B 148 45.00 18.67 -13.08
CA LEU B 148 46.21 17.90 -13.36
C LEU B 148 46.49 17.87 -14.85
N ARG B 149 45.45 17.65 -15.67
CA ARG B 149 45.65 17.57 -17.12
C ARG B 149 46.14 18.91 -17.66
N SER B 150 45.62 19.99 -17.09
CA SER B 150 45.96 21.31 -17.55
C SER B 150 47.43 21.60 -17.31
N ARG B 151 48.06 20.87 -16.40
CA ARG B 151 49.48 21.06 -16.14
C ARG B 151 50.33 19.92 -16.68
N GLY B 152 49.75 19.01 -17.46
CA GLY B 152 50.55 17.93 -18.00
C GLY B 152 51.04 16.94 -16.96
N ILE B 153 50.38 16.87 -15.83
CA ILE B 153 50.83 16.01 -14.73
C ILE B 153 50.35 14.58 -14.93
N ARG B 154 51.28 13.62 -14.87
CA ARG B 154 50.90 12.21 -14.98
C ARG B 154 51.27 11.38 -13.77
N HIS B 155 52.04 11.92 -12.84
CA HIS B 155 52.50 11.22 -11.66
C HIS B 155 51.98 11.89 -10.39
N LEU B 156 51.42 11.09 -9.53
CA LEU B 156 50.83 11.54 -8.28
C LEU B 156 51.48 10.80 -7.11
N VAL B 157 51.94 11.55 -6.13
CA VAL B 157 52.53 11.02 -4.91
C VAL B 157 51.56 11.33 -3.78
N PHE B 158 51.03 10.28 -3.15
CA PHE B 158 49.97 10.40 -2.17
C PHE B 158 50.48 10.29 -0.75
N THR B 159 49.95 11.14 0.12
CA THR B 159 50.11 11.09 1.57
C THR B 159 48.76 11.39 2.20
N GLY B 160 48.62 11.09 3.49
CA GLY B 160 47.41 11.52 4.19
C GLY B 160 46.58 10.41 4.80
N ILE B 161 45.32 10.72 5.17
CA ILE B 161 44.45 9.85 5.96
C ILE B 161 43.07 9.88 5.31
N ALA B 162 42.44 8.72 5.13
CA ALA B 162 42.91 7.40 5.56
C ALA B 162 43.44 6.60 4.39
N THR B 163 44.49 5.85 4.65
CA THR B 163 45.17 5.08 3.60
C THR B 163 44.17 4.27 2.78
N ASN B 164 43.23 3.61 3.48
CA ASN B 164 42.31 2.66 2.87
C ASN B 164 41.03 3.28 2.33
N VAL B 165 40.76 4.56 2.61
CA VAL B 165 39.49 5.18 2.19
C VAL B 165 39.77 6.33 1.22
N SER B 166 40.00 7.54 1.73
CA SER B 166 40.15 8.68 0.82
C SER B 166 41.45 8.57 0.02
N VAL B 167 42.52 8.09 0.64
CA VAL B 167 43.78 7.98 -0.08
C VAL B 167 43.65 6.92 -1.17
N GLU B 168 43.37 5.69 -0.77
CA GLU B 168 43.28 4.61 -1.74
C GLU B 168 42.21 4.86 -2.81
N SER B 169 41.05 5.43 -2.42
CA SER B 169 40.02 5.62 -3.42
C SER B 169 40.49 6.59 -4.49
N THR B 170 41.15 7.68 -4.06
CA THR B 170 41.67 8.64 -5.01
C THR B 170 42.76 8.01 -5.88
N LEU B 171 43.64 7.20 -5.28
CA LEU B 171 44.70 6.56 -6.06
C LEU B 171 44.10 5.57 -7.07
N ARG B 172 43.11 4.79 -6.69
CA ARG B 172 42.51 3.85 -7.62
C ARG B 172 41.85 4.57 -8.81
N ASP B 173 41.05 5.60 -8.53
CA ASP B 173 40.44 6.39 -9.59
C ASP B 173 41.50 7.09 -10.45
N GLY B 174 42.59 7.53 -9.84
CA GLY B 174 43.68 8.06 -10.64
C GLY B 174 44.19 7.04 -11.63
N PHE B 175 44.41 5.79 -11.17
CA PHE B 175 44.81 4.72 -12.06
C PHE B 175 43.81 4.55 -13.21
N PHE B 176 42.51 4.63 -12.92
CA PHE B 176 41.50 4.47 -13.98
C PHE B 176 41.52 5.65 -14.94
N LEU B 177 42.03 6.79 -14.50
CA LEU B 177 42.23 7.97 -15.33
C LEU B 177 43.66 8.07 -15.86
N GLU B 178 44.41 6.95 -15.85
CA GLU B 178 45.72 6.82 -16.47
C GLU B 178 46.81 7.66 -15.78
N TYR B 179 46.64 7.96 -14.48
CA TYR B 179 47.67 8.55 -13.63
C TYR B 179 48.50 7.43 -13.00
N PHE B 180 49.81 7.66 -12.91
CA PHE B 180 50.74 6.84 -12.15
C PHE B 180 50.80 7.29 -10.69
N GLY B 181 50.34 6.44 -9.77
CA GLY B 181 50.15 6.81 -8.38
C GLY B 181 51.16 6.08 -7.48
N VAL B 182 51.82 6.86 -6.64
CA VAL B 182 52.72 6.35 -5.61
C VAL B 182 52.16 6.75 -4.24
N VAL B 183 52.28 5.88 -3.23
CA VAL B 183 51.89 6.23 -1.87
C VAL B 183 53.13 6.16 -1.00
N LEU B 184 53.33 7.17 -0.16
CA LEU B 184 54.45 7.18 0.77
C LEU B 184 53.93 6.58 2.07
N GLU B 185 54.32 5.32 2.32
CA GLU B 185 53.64 4.53 3.35
C GLU B 185 53.70 5.17 4.73
N ASP B 186 54.83 5.78 5.09
CA ASP B 186 54.99 6.35 6.43
C ASP B 186 54.44 7.76 6.55
N ALA B 187 53.81 8.27 5.48
CA ALA B 187 53.10 9.54 5.52
C ALA B 187 51.61 9.31 5.31
N THR B 188 51.12 8.13 5.70
CA THR B 188 49.69 7.80 5.66
C THR B 188 49.31 7.15 6.98
N HIS B 189 48.01 7.08 7.25
CA HIS B 189 47.46 6.33 8.37
C HIS B 189 46.06 5.83 8.03
N GLN B 190 45.74 4.62 8.49
CA GLN B 190 44.48 3.98 8.15
C GLN B 190 43.36 4.40 9.11
N ALA B 191 42.13 4.11 8.66
CA ALA B 191 40.92 4.22 9.50
C ALA B 191 40.43 2.80 9.64
N GLY B 192 40.75 2.18 10.78
CA GLY B 192 40.34 0.84 11.06
C GLY B 192 41.47 0.14 11.79
N PRO B 193 41.37 -1.17 11.93
CA PRO B 193 42.47 -1.93 12.52
C PRO B 193 43.73 -1.87 11.66
N LYS B 194 44.83 -2.29 12.27
CA LYS B 194 46.13 -2.22 11.59
C LYS B 194 46.14 -2.97 10.26
N PHE B 195 45.47 -4.12 10.18
CA PHE B 195 45.49 -4.87 8.93
C PHE B 195 44.94 -4.04 7.77
N ALA B 196 44.19 -2.96 8.06
CA ALA B 196 43.67 -2.17 6.97
C ALA B 196 44.74 -1.29 6.34
N GLN B 197 45.76 -0.92 7.11
CA GLN B 197 46.92 -0.24 6.55
C GLN B 197 47.67 -1.15 5.60
N LYS B 198 48.06 -2.32 6.09
CA LYS B 198 48.80 -3.28 5.28
C LYS B 198 48.00 -3.73 4.06
N ALA B 199 46.69 -3.90 4.21
CA ALA B 199 45.91 -4.38 3.06
C ALA B 199 45.78 -3.30 1.99
N ALA B 200 45.66 -2.03 2.40
CA ALA B 200 45.63 -0.93 1.44
C ALA B 200 46.95 -0.82 0.68
N LEU B 201 48.08 -0.87 1.39
CA LEU B 201 49.37 -0.89 0.72
C LEU B 201 49.54 -2.11 -0.17
N PHE B 202 49.03 -3.28 0.25
CA PHE B 202 49.12 -4.47 -0.60
C PHE B 202 48.31 -4.28 -1.88
N ASN B 203 47.10 -3.74 -1.76
CA ASN B 203 46.28 -3.50 -2.95
C ASN B 203 46.95 -2.50 -3.90
N ILE B 204 47.51 -1.41 -3.36
CA ILE B 204 48.16 -0.43 -4.21
C ILE B 204 49.37 -1.05 -4.91
N GLU B 205 50.27 -1.68 -4.14
CA GLU B 205 51.52 -2.21 -4.68
C GLU B 205 51.25 -3.27 -5.72
N THR B 206 50.26 -4.12 -5.49
CA THR B 206 50.05 -5.27 -6.35
C THR B 206 49.22 -4.96 -7.60
N PHE B 207 48.28 -4.01 -7.51
CA PHE B 207 47.34 -3.80 -8.59
C PHE B 207 47.25 -2.38 -9.13
N PHE B 208 47.48 -1.36 -8.31
CA PHE B 208 47.09 -0.02 -8.73
C PHE B 208 48.23 0.99 -8.86
N GLY B 209 49.35 0.79 -8.17
CA GLY B 209 50.36 1.81 -8.13
C GLY B 209 51.65 1.34 -7.50
N TRP B 210 52.30 2.25 -6.78
CA TRP B 210 53.62 2.01 -6.22
C TRP B 210 53.65 2.48 -4.78
N VAL B 211 54.45 1.78 -3.99
CA VAL B 211 54.64 2.13 -2.59
C VAL B 211 56.09 2.52 -2.36
N SER B 212 56.29 3.68 -1.74
CA SER B 212 57.61 4.13 -1.32
C SER B 212 57.49 4.71 0.09
N ASP B 213 58.46 5.54 0.48
CA ASP B 213 58.52 6.10 1.82
C ASP B 213 59.18 7.48 1.72
N VAL B 214 59.00 8.28 2.77
CA VAL B 214 59.37 9.70 2.70
C VAL B 214 60.89 9.87 2.53
N GLU B 215 61.69 9.08 3.26
CA GLU B 215 63.14 9.19 3.14
C GLU B 215 63.59 8.88 1.72
N THR B 216 63.09 7.78 1.14
CA THR B 216 63.47 7.46 -0.23
C THR B 216 63.05 8.56 -1.18
N PHE B 217 61.83 9.09 -0.97
CA PHE B 217 61.27 10.12 -1.84
C PHE B 217 62.12 11.39 -1.79
N CYS B 218 62.46 11.86 -0.59
CA CYS B 218 63.27 13.06 -0.46
C CYS B 218 64.66 12.87 -1.04
N ASP B 219 65.25 11.69 -0.80
CA ASP B 219 66.56 11.41 -1.36
C ASP B 219 66.53 11.41 -2.89
N ALA B 220 65.46 10.86 -3.47
CA ALA B 220 65.34 10.87 -4.93
C ALA B 220 65.25 12.29 -5.46
N LEU B 221 64.64 13.21 -4.71
CA LEU B 221 64.45 14.55 -5.25
C LEU B 221 65.67 15.44 -5.13
N SER B 222 66.66 15.09 -4.29
CA SER B 222 67.69 16.07 -3.95
C SER B 222 68.47 16.59 -5.16
N PRO B 223 68.74 15.80 -6.23
CA PRO B 223 69.39 16.45 -7.39
C PRO B 223 68.60 17.60 -8.03
N THR C 2 -36.87 -17.18 22.01
CA THR C 2 -36.07 -18.28 22.52
C THR C 2 -34.91 -17.78 23.39
N THR C 3 -34.59 -18.54 24.44
CA THR C 3 -33.45 -18.26 25.30
C THR C 3 -32.28 -19.16 24.94
N LEU C 4 -31.09 -18.59 24.84
CA LEU C 4 -29.85 -19.37 24.69
C LEU C 4 -28.98 -19.15 25.91
N THR C 5 -28.76 -20.20 26.68
CA THR C 5 -27.81 -20.13 27.76
C THR C 5 -26.42 -19.92 27.17
N ALA C 6 -25.72 -18.93 27.71
CA ALA C 6 -24.44 -18.53 27.14
C ALA C 6 -23.63 -17.82 28.22
N ARG C 7 -22.34 -17.68 27.94
CA ARG C 7 -21.47 -16.78 28.69
C ARG C 7 -21.31 -15.46 27.94
N PRO C 8 -21.28 -14.33 28.65
CA PRO C 8 -21.34 -14.24 30.12
C PRO C 8 -22.74 -14.30 30.74
N GLU C 9 -23.80 -14.15 29.94
CA GLU C 9 -25.15 -14.41 30.40
C GLU C 9 -25.98 -14.93 29.23
N ALA C 10 -27.14 -15.48 29.56
CA ALA C 10 -28.04 -15.97 28.52
C ALA C 10 -28.53 -14.80 27.67
N ILE C 11 -28.87 -15.10 26.42
CA ILE C 11 -29.48 -14.13 25.53
C ILE C 11 -30.82 -14.66 25.03
N THR C 12 -31.61 -13.77 24.43
CA THR C 12 -32.85 -14.13 23.75
C THR C 12 -32.71 -13.78 22.27
N PHE C 13 -33.30 -14.62 21.42
CA PHE C 13 -33.19 -14.48 19.98
C PHE C 13 -34.37 -15.20 19.34
N ASP C 14 -34.70 -14.82 18.10
CA ASP C 14 -35.66 -15.54 17.29
C ASP C 14 -34.87 -16.31 16.27
N PRO C 15 -34.87 -17.66 16.27
CA PRO C 15 -34.08 -18.37 15.25
C PRO C 15 -34.46 -18.00 13.83
N GLN C 16 -35.70 -17.59 13.58
CA GLN C 16 -36.06 -17.29 12.21
C GLN C 16 -35.54 -15.93 11.74
N GLN C 17 -35.04 -15.11 12.67
CA GLN C 17 -34.35 -13.87 12.38
C GLN C 17 -32.88 -13.96 12.75
N SER C 18 -32.34 -15.17 12.64
CA SER C 18 -30.97 -15.48 12.96
C SER C 18 -30.33 -16.30 11.84
N ALA C 19 -29.01 -16.34 11.84
CA ALA C 19 -28.24 -17.09 10.86
C ALA C 19 -27.18 -17.90 11.57
N LEU C 20 -26.96 -19.11 11.10
CA LEU C 20 -25.83 -19.93 11.52
C LEU C 20 -24.76 -19.79 10.44
N ILE C 21 -23.58 -19.33 10.82
CA ILE C 21 -22.48 -19.10 9.88
C ILE C 21 -21.44 -20.18 10.11
N VAL C 22 -21.09 -20.90 9.04
CA VAL C 22 -20.09 -21.95 9.09
C VAL C 22 -18.85 -21.42 8.38
N VAL C 23 -17.84 -21.05 9.18
CA VAL C 23 -16.69 -20.33 8.65
C VAL C 23 -15.66 -21.32 8.12
N ASP C 24 -15.52 -21.37 6.80
CA ASP C 24 -14.30 -21.89 6.17
C ASP C 24 -14.00 -23.34 6.54
N MET C 25 -15.02 -24.17 6.54
CA MET C 25 -14.83 -25.60 6.83
C MET C 25 -14.38 -26.35 5.58
N GLN C 26 -13.21 -25.92 5.10
CA GLN C 26 -12.54 -26.40 3.92
C GLN C 26 -11.38 -27.31 4.29
N ASN C 27 -10.94 -28.13 3.31
CA ASN C 27 -9.77 -28.97 3.61
C ASN C 27 -8.59 -28.12 4.05
N ALA C 28 -8.45 -26.92 3.49
CA ALA C 28 -7.39 -26.01 3.90
C ALA C 28 -7.29 -25.88 5.41
N TYR C 29 -8.44 -25.82 6.07
CA TYR C 29 -8.46 -25.42 7.47
C TYR C 29 -8.73 -26.58 8.40
N ALA C 30 -9.25 -27.70 7.90
CA ALA C 30 -9.69 -28.78 8.76
C ALA C 30 -9.03 -30.12 8.52
N THR C 31 -8.40 -30.32 7.39
CA THR C 31 -8.06 -31.66 6.98
C THR C 31 -6.56 -31.86 6.93
N PRO C 32 -6.07 -33.00 7.40
CA PRO C 32 -4.66 -33.33 7.19
C PRO C 32 -4.26 -33.21 5.72
N GLY C 33 -3.08 -32.64 5.51
CA GLY C 33 -2.59 -32.33 4.18
C GLY C 33 -3.15 -31.06 3.57
N GLY C 34 -4.05 -30.37 4.26
CA GLY C 34 -4.47 -29.07 3.79
C GLY C 34 -3.49 -27.98 4.18
N TYR C 35 -3.76 -26.77 3.67
CA TYR C 35 -2.94 -25.58 3.95
C TYR C 35 -2.48 -25.50 5.41
N LEU C 36 -3.40 -25.44 6.36
CA LEU C 36 -2.96 -25.19 7.74
C LEU C 36 -2.01 -26.27 8.22
N ASP C 37 -2.33 -27.53 7.95
CA ASP C 37 -1.42 -28.63 8.28
C ASP C 37 -0.07 -28.42 7.61
N LEU C 38 -0.07 -28.14 6.31
CA LEU C 38 1.19 -27.93 5.60
C LEU C 38 1.97 -26.73 6.14
N ALA C 39 1.26 -25.72 6.64
CA ALA C 39 1.88 -24.52 7.19
C ALA C 39 2.38 -24.71 8.63
N GLY C 40 2.19 -25.88 9.22
CA GLY C 40 2.69 -26.16 10.54
C GLY C 40 1.70 -25.98 11.67
N PHE C 41 0.45 -25.63 11.37
CA PHE C 41 -0.56 -25.56 12.41
C PHE C 41 -1.10 -26.96 12.66
N ASP C 42 -1.60 -27.17 13.87
CA ASP C 42 -2.11 -28.48 14.28
C ASP C 42 -3.59 -28.59 13.91
N VAL C 43 -3.92 -29.56 13.06
CA VAL C 43 -5.32 -29.84 12.75
C VAL C 43 -5.71 -31.25 13.21
N SER C 44 -4.90 -31.83 14.09
CA SER C 44 -5.08 -33.21 14.54
C SER C 44 -6.44 -33.46 15.20
N THR C 45 -7.12 -32.42 15.69
CA THR C 45 -8.26 -32.61 16.57
C THR C 45 -9.56 -32.08 15.97
N THR C 46 -9.61 -31.90 14.65
CA THR C 46 -10.77 -31.24 14.07
C THR C 46 -11.92 -32.17 13.74
N ARG C 47 -11.76 -33.49 13.84
CA ARG C 47 -12.87 -34.39 13.50
C ARG C 47 -14.10 -34.18 14.40
N PRO C 48 -13.97 -34.01 15.72
CA PRO C 48 -15.16 -33.69 16.51
C PRO C 48 -15.76 -32.35 16.15
N VAL C 49 -14.94 -31.39 15.69
CA VAL C 49 -15.47 -30.09 15.29
C VAL C 49 -16.39 -30.24 14.08
N ILE C 50 -15.97 -31.05 13.09
CA ILE C 50 -16.82 -31.35 11.94
C ILE C 50 -18.13 -31.99 12.38
N ALA C 51 -18.03 -33.03 13.20
CA ALA C 51 -19.24 -33.68 13.68
C ALA C 51 -20.16 -32.69 14.42
N ASN C 52 -19.57 -31.84 15.25
CA ASN C 52 -20.38 -30.90 16.01
C ASN C 52 -21.03 -29.85 15.11
N ILE C 53 -20.33 -29.43 14.05
CA ILE C 53 -20.95 -28.52 13.08
C ILE C 53 -22.11 -29.21 12.36
N GLN C 54 -21.95 -30.48 12.03
CA GLN C 54 -23.07 -31.21 11.42
C GLN C 54 -24.32 -31.16 12.31
N THR C 55 -24.16 -31.49 13.58
CA THR C 55 -25.26 -31.43 14.54
C THR C 55 -25.87 -30.03 14.63
N ALA C 56 -25.04 -29.00 14.67
CA ALA C 56 -25.57 -27.65 14.80
C ALA C 56 -26.31 -27.23 13.54
N VAL C 57 -25.79 -27.58 12.37
CA VAL C 57 -26.46 -27.26 11.11
C VAL C 57 -27.81 -27.94 11.02
N THR C 58 -27.88 -29.22 11.39
CA THR C 58 -29.16 -29.92 11.36
C THR C 58 -30.19 -29.23 12.25
N ALA C 59 -29.78 -28.83 13.46
CA ALA C 59 -30.71 -28.17 14.37
C ALA C 59 -31.14 -26.80 13.85
N ALA C 60 -30.18 -26.05 13.29
CA ALA C 60 -30.51 -24.71 12.81
C ALA C 60 -31.49 -24.78 11.65
N ARG C 61 -31.25 -25.69 10.70
CA ARG C 61 -32.13 -25.72 9.54
C ARG C 61 -33.54 -26.09 9.95
N ALA C 62 -33.68 -27.07 10.85
CA ALA C 62 -35.00 -27.47 11.31
C ALA C 62 -35.71 -26.34 12.05
N ALA C 63 -34.97 -25.44 12.68
CA ALA C 63 -35.58 -24.31 13.37
C ALA C 63 -35.85 -23.12 12.46
N GLY C 64 -35.49 -23.21 11.18
CA GLY C 64 -35.69 -22.11 10.25
C GLY C 64 -34.60 -21.07 10.24
N MET C 65 -33.44 -21.38 10.80
CA MET C 65 -32.29 -20.48 10.76
C MET C 65 -31.61 -20.63 9.42
N LEU C 66 -31.33 -19.51 8.77
CA LEU C 66 -30.51 -19.49 7.58
C LEU C 66 -29.12 -20.03 7.87
N ILE C 67 -28.61 -20.84 6.96
CA ILE C 67 -27.25 -21.38 7.04
C ILE C 67 -26.41 -20.68 5.98
N ILE C 68 -25.31 -20.08 6.42
CA ILE C 68 -24.38 -19.43 5.52
C ILE C 68 -23.04 -20.14 5.65
N TRP C 69 -22.53 -20.66 4.53
CA TRP C 69 -21.20 -21.28 4.48
C TRP C 69 -20.21 -20.33 3.82
N PHE C 70 -19.08 -20.10 4.46
CA PHE C 70 -18.01 -19.35 3.83
C PHE C 70 -16.94 -20.29 3.27
N GLN C 71 -16.41 -19.93 2.11
CA GLN C 71 -15.19 -20.50 1.57
C GLN C 71 -14.19 -19.37 1.42
N ASN C 72 -13.06 -19.49 2.07
CA ASN C 72 -12.01 -18.49 1.96
C ASN C 72 -11.07 -18.88 0.84
N GLY C 73 -10.81 -17.98 -0.09
CA GLY C 73 -9.75 -18.22 -1.03
C GLY C 73 -9.87 -17.36 -2.28
N TRP C 74 -9.06 -17.76 -3.29
CA TRP C 74 -8.77 -16.90 -4.42
C TRP C 74 -8.67 -17.68 -5.71
N ASP C 75 -8.63 -16.93 -6.81
CA ASP C 75 -8.24 -17.49 -8.10
C ASP C 75 -6.87 -18.17 -7.97
N GLU C 76 -6.63 -19.17 -8.83
CA GLU C 76 -5.40 -19.94 -8.69
C GLU C 76 -4.15 -19.16 -9.13
N GLN C 77 -4.31 -18.00 -9.77
CA GLN C 77 -3.18 -17.11 -9.97
C GLN C 77 -3.03 -16.10 -8.82
N TYR C 78 -3.97 -16.09 -7.88
CA TYR C 78 -3.90 -15.31 -6.65
C TYR C 78 -3.98 -13.80 -6.88
N VAL C 79 -4.59 -13.39 -7.99
CA VAL C 79 -4.88 -11.98 -8.19
C VAL C 79 -5.70 -11.43 -7.02
N GLU C 80 -6.67 -12.21 -6.56
CA GLU C 80 -7.62 -11.80 -5.54
C GLU C 80 -7.04 -11.77 -4.15
N ALA C 81 -5.85 -12.36 -3.95
CA ALA C 81 -5.15 -12.24 -2.69
C ALA C 81 -4.43 -10.90 -2.54
N GLY C 82 -4.37 -10.11 -3.60
CA GLY C 82 -3.64 -8.85 -3.55
C GLY C 82 -2.19 -9.10 -3.91
N GLY C 83 -1.61 -8.16 -4.62
CA GLY C 83 -0.22 -8.28 -4.96
C GLY C 83 0.60 -7.67 -3.85
N PRO C 84 1.83 -7.32 -4.17
CA PRO C 84 2.74 -6.73 -3.16
C PRO C 84 2.24 -5.45 -2.50
N GLY C 85 1.31 -4.69 -3.11
CA GLY C 85 0.75 -3.53 -2.46
C GLY C 85 -0.23 -3.83 -1.33
N SER C 86 -0.55 -5.10 -1.11
CA SER C 86 -1.54 -5.46 -0.10
C SER C 86 -0.87 -6.10 1.10
N PRO C 87 -1.26 -5.75 2.31
CA PRO C 87 -0.72 -6.52 3.45
C PRO C 87 -1.07 -7.99 3.39
N ASN C 88 -2.19 -8.38 2.80
CA ASN C 88 -2.50 -9.80 2.70
C ASN C 88 -1.40 -10.58 1.96
N PHE C 89 -0.79 -9.98 0.96
CA PHE C 89 0.27 -10.66 0.20
C PHE C 89 1.44 -11.00 1.10
N HIS C 90 1.71 -10.13 2.07
CA HIS C 90 2.85 -10.31 2.96
C HIS C 90 2.52 -11.09 4.21
N LYS C 91 1.26 -11.06 4.68
CA LYS C 91 0.89 -11.81 5.86
C LYS C 91 0.42 -13.23 5.58
N SER C 92 -0.13 -13.50 4.39
CA SER C 92 -0.78 -14.78 4.15
C SER C 92 0.15 -15.96 4.41
N ASN C 93 -0.26 -16.83 5.30
CA ASN C 93 0.54 -18.00 5.58
C ASN C 93 0.45 -19.06 4.47
N ALA C 94 -0.64 -19.05 3.67
CA ALA C 94 -0.70 -19.95 2.52
C ALA C 94 0.29 -19.52 1.46
N LEU C 95 0.36 -18.21 1.19
CA LEU C 95 1.33 -17.69 0.24
C LEU C 95 2.73 -17.96 0.74
N LYS C 96 3.00 -17.69 2.01
CA LYS C 96 4.32 -17.98 2.57
C LYS C 96 4.69 -19.46 2.36
N THR C 97 3.73 -20.36 2.55
CA THR C 97 4.01 -21.80 2.46
C THR C 97 4.32 -22.20 1.02
N MET C 98 3.61 -21.62 0.06
CA MET C 98 3.85 -21.90 -1.35
C MET C 98 5.13 -21.27 -1.86
N ARG C 99 5.58 -20.16 -1.25
CA ARG C 99 6.89 -19.62 -1.58
C ARG C 99 8.01 -20.56 -1.13
N LYS C 100 7.87 -21.12 0.07
CA LYS C 100 8.88 -22.03 0.60
C LYS C 100 8.83 -23.40 -0.08
N GLN C 101 7.65 -23.81 -0.57
CA GLN C 101 7.46 -25.12 -1.19
C GLN C 101 6.79 -24.92 -2.54
N PRO C 102 7.59 -24.68 -3.59
CA PRO C 102 7.00 -24.34 -4.90
C PRO C 102 6.09 -25.40 -5.47
N GLN C 103 6.23 -26.67 -5.06
CA GLN C 103 5.35 -27.72 -5.56
C GLN C 103 3.90 -27.53 -5.12
N LEU C 104 3.67 -26.62 -4.18
CA LEU C 104 2.34 -26.31 -3.70
C LEU C 104 1.75 -25.08 -4.38
N GLN C 105 2.46 -24.44 -5.29
CA GLN C 105 1.98 -23.19 -5.87
C GLN C 105 0.76 -23.46 -6.72
N GLY C 106 -0.27 -22.62 -6.55
CA GLY C 106 -1.56 -22.84 -7.17
C GLY C 106 -2.45 -23.84 -6.47
N LYS C 107 -1.94 -24.56 -5.46
CA LYS C 107 -2.70 -25.66 -4.87
C LYS C 107 -3.36 -25.27 -3.54
N LEU C 108 -2.95 -24.20 -2.89
CA LEU C 108 -3.55 -23.83 -1.62
C LEU C 108 -4.57 -22.71 -1.82
N LEU C 109 -5.72 -22.87 -1.16
CA LEU C 109 -6.75 -21.83 -1.12
C LEU C 109 -7.06 -21.33 -2.50
N ALA C 110 -7.00 -22.23 -3.49
CA ALA C 110 -7.26 -21.89 -4.88
C ALA C 110 -8.60 -22.45 -5.29
N LYS C 111 -9.44 -21.59 -5.89
CA LYS C 111 -10.72 -22.02 -6.40
C LYS C 111 -10.52 -23.14 -7.41
N GLY C 112 -11.35 -24.19 -7.30
CA GLY C 112 -11.16 -25.40 -8.06
C GLY C 112 -10.24 -26.43 -7.44
N SER C 113 -9.51 -26.07 -6.39
CA SER C 113 -8.59 -27.03 -5.78
C SER C 113 -9.26 -27.85 -4.69
N TRP C 114 -8.66 -29.01 -4.42
CA TRP C 114 -9.09 -29.81 -3.28
C TRP C 114 -9.00 -29.01 -1.99
N ASP C 115 -7.89 -28.29 -1.82
CA ASP C 115 -7.66 -27.50 -0.61
C ASP C 115 -8.83 -26.57 -0.35
N TYR C 116 -9.39 -26.01 -1.42
CA TYR C 116 -10.40 -24.98 -1.30
C TYR C 116 -11.79 -25.57 -1.04
N GLN C 117 -11.98 -26.85 -1.38
CA GLN C 117 -13.28 -27.50 -1.20
C GLN C 117 -13.67 -27.57 0.28
N LEU C 118 -14.98 -27.47 0.54
CA LEU C 118 -15.51 -27.84 1.83
C LEU C 118 -15.23 -29.31 2.08
N VAL C 119 -14.99 -29.65 3.34
CA VAL C 119 -14.69 -31.03 3.70
C VAL C 119 -15.83 -31.93 3.19
N ASP C 120 -15.49 -33.16 2.81
CA ASP C 120 -16.49 -34.06 2.25
C ASP C 120 -17.71 -34.20 3.14
N GLU C 121 -17.55 -34.13 4.46
CA GLU C 121 -18.66 -34.40 5.34
C GLU C 121 -19.71 -33.29 5.36
N LEU C 122 -19.38 -32.05 4.92
CA LEU C 122 -20.28 -30.91 5.05
C LEU C 122 -20.78 -30.54 3.66
N VAL C 123 -22.07 -30.74 3.45
CA VAL C 123 -22.64 -30.54 2.13
C VAL C 123 -23.75 -29.49 2.23
N PRO C 124 -23.55 -28.30 1.66
CA PRO C 124 -24.63 -27.31 1.61
C PRO C 124 -25.88 -27.87 0.95
N GLN C 125 -27.02 -27.47 1.47
CA GLN C 125 -28.33 -27.87 1.01
C GLN C 125 -29.05 -26.72 0.32
N PRO C 126 -30.00 -27.02 -0.56
CA PRO C 126 -30.80 -25.97 -1.18
C PRO C 126 -31.40 -25.04 -0.14
N GLY C 127 -31.32 -23.74 -0.41
CA GLY C 127 -31.75 -22.73 0.51
C GLY C 127 -30.63 -22.17 1.37
N ASP C 128 -29.54 -22.90 1.51
CA ASP C 128 -28.38 -22.32 2.17
C ASP C 128 -27.70 -21.32 1.23
N ILE C 129 -26.88 -20.45 1.82
CA ILE C 129 -26.04 -19.54 1.06
C ILE C 129 -24.59 -19.97 1.21
N VAL C 130 -23.88 -20.06 0.08
CA VAL C 130 -22.45 -20.31 0.06
C VAL C 130 -21.75 -19.07 -0.45
N LEU C 131 -20.94 -18.45 0.41
CA LEU C 131 -20.29 -17.20 0.06
C LEU C 131 -18.79 -17.39 -0.02
N PRO C 132 -18.11 -17.02 -1.11
CA PRO C 132 -16.66 -16.91 -1.07
C PRO C 132 -16.25 -15.63 -0.34
N LYS C 133 -15.04 -15.66 0.22
CA LYS C 133 -14.45 -14.44 0.76
C LYS C 133 -12.94 -14.41 0.55
N PRO C 134 -12.39 -13.20 0.31
CA PRO C 134 -10.97 -13.08 -0.03
C PRO C 134 -10.07 -12.70 1.14
N ARG C 135 -10.66 -12.40 2.29
CA ARG C 135 -9.90 -12.00 3.48
C ARG C 135 -10.52 -12.63 4.71
N TYR C 136 -9.83 -12.55 5.86
CA TYR C 136 -10.28 -13.28 7.05
C TYR C 136 -11.72 -12.92 7.43
N SER C 137 -12.05 -11.62 7.44
CA SER C 137 -13.38 -11.20 7.90
C SER C 137 -14.39 -11.38 6.80
N GLY C 138 -15.45 -12.14 7.10
CA GLY C 138 -16.54 -12.34 6.16
C GLY C 138 -17.29 -11.06 5.82
N PHE C 139 -17.12 -10.00 6.60
CA PHE C 139 -17.83 -8.76 6.31
C PHE C 139 -17.12 -7.82 5.36
N PHE C 140 -15.83 -7.96 5.14
CA PHE C 140 -15.18 -7.06 4.20
C PHE C 140 -15.18 -7.68 2.82
N ASN C 141 -15.48 -6.86 1.81
CA ASN C 141 -15.36 -7.19 0.40
C ASN C 141 -16.44 -8.16 -0.11
N THR C 142 -17.50 -8.34 0.66
CA THR C 142 -18.55 -9.30 0.31
C THR C 142 -19.93 -8.69 0.47
N PRO C 143 -20.94 -9.40 0.01
CA PRO C 143 -22.32 -9.01 0.30
C PRO C 143 -22.91 -9.50 1.61
N LEU C 144 -22.10 -9.92 2.58
CA LEU C 144 -22.65 -10.59 3.75
C LEU C 144 -23.61 -9.67 4.50
N ASP C 145 -23.18 -8.44 4.81
CA ASP C 145 -24.04 -7.53 5.54
C ASP C 145 -25.35 -7.30 4.81
N SER C 146 -25.30 -7.11 3.50
CA SER C 146 -26.51 -6.90 2.70
C SER C 146 -27.43 -8.11 2.77
N ILE C 147 -26.87 -9.32 2.66
CA ILE C 147 -27.66 -10.56 2.71
C ILE C 147 -28.45 -10.64 4.03
N LEU C 148 -27.75 -10.38 5.14
CA LEU C 148 -28.36 -10.46 6.45
C LEU C 148 -29.40 -9.35 6.66
N ARG C 149 -29.07 -8.12 6.29
CA ARG C 149 -30.01 -7.00 6.47
C ARG C 149 -31.26 -7.21 5.64
N SER C 150 -31.12 -7.69 4.41
CA SER C 150 -32.26 -7.94 3.56
C SER C 150 -33.25 -8.92 4.20
N ARG C 151 -32.81 -9.71 5.17
CA ARG C 151 -33.71 -10.69 5.79
C ARG C 151 -33.98 -10.33 7.25
N GLY C 152 -33.57 -9.13 7.68
CA GLY C 152 -33.84 -8.69 9.04
C GLY C 152 -33.14 -9.50 10.11
N ILE C 153 -31.98 -10.04 9.78
CA ILE C 153 -31.23 -10.88 10.70
C ILE C 153 -30.34 -10.01 11.57
N ARG C 154 -30.46 -10.16 12.88
CA ARG C 154 -29.63 -9.47 13.86
C ARG C 154 -28.78 -10.39 14.72
N HIS C 155 -28.98 -11.70 14.68
CA HIS C 155 -28.27 -12.64 15.54
C HIS C 155 -27.54 -13.63 14.66
N LEU C 156 -26.25 -13.80 14.94
CA LEU C 156 -25.36 -14.63 14.17
C LEU C 156 -24.73 -15.65 15.11
N VAL C 157 -24.85 -16.92 14.76
CA VAL C 157 -24.24 -18.00 15.53
C VAL C 157 -23.08 -18.54 14.69
N PHE C 158 -21.90 -18.49 15.26
CA PHE C 158 -20.67 -18.74 14.52
C PHE C 158 -20.10 -20.11 14.88
N THR C 159 -19.61 -20.80 13.84
CA THR C 159 -18.86 -22.04 13.97
C THR C 159 -17.75 -21.99 12.94
N GLY C 160 -16.74 -22.86 13.08
CA GLY C 160 -15.76 -23.02 12.02
C GLY C 160 -14.34 -22.71 12.49
N ILE C 161 -13.45 -22.52 11.50
CA ILE C 161 -12.02 -22.42 11.70
C ILE C 161 -11.53 -21.24 10.87
N ALA C 162 -10.63 -20.40 11.43
CA ALA C 162 -10.05 -20.51 12.77
C ALA C 162 -10.75 -19.61 13.81
N THR C 163 -10.92 -20.13 15.03
CA THR C 163 -11.61 -19.34 16.06
C THR C 163 -11.06 -17.93 16.15
N ASN C 164 -9.74 -17.80 16.17
CA ASN C 164 -9.04 -16.56 16.48
C ASN C 164 -8.79 -15.69 15.26
N VAL C 165 -9.04 -16.18 14.04
CA VAL C 165 -8.74 -15.42 12.81
C VAL C 165 -10.03 -15.13 12.05
N SER C 166 -10.43 -16.00 11.12
CA SER C 166 -11.62 -15.71 10.32
C SER C 166 -12.90 -15.70 11.17
N VAL C 167 -13.02 -16.58 12.17
CA VAL C 167 -14.19 -16.58 13.03
C VAL C 167 -14.25 -15.29 13.82
N GLU C 168 -13.27 -15.09 14.71
CA GLU C 168 -13.31 -13.91 15.57
C GLU C 168 -13.34 -12.63 14.76
N SER C 169 -12.61 -12.57 13.64
CA SER C 169 -12.64 -11.34 12.85
C SER C 169 -14.03 -11.03 12.35
N THR C 170 -14.74 -12.07 11.90
CA THR C 170 -16.07 -11.85 11.36
C THR C 170 -17.03 -11.46 12.49
N LEU C 171 -16.86 -12.07 13.65
CA LEU C 171 -17.70 -11.75 14.79
C LEU C 171 -17.41 -10.35 15.30
N ARG C 172 -16.14 -9.96 15.39
CA ARG C 172 -15.84 -8.60 15.84
C ARG C 172 -16.44 -7.58 14.86
N ASP C 173 -16.26 -7.81 13.54
CA ASP C 173 -16.82 -6.86 12.59
C ASP C 173 -18.34 -6.86 12.64
N GLY C 174 -18.95 -8.02 12.87
CA GLY C 174 -20.38 -8.07 13.06
C GLY C 174 -20.84 -7.17 14.21
N PHE C 175 -20.12 -7.22 15.32
CA PHE C 175 -20.43 -6.35 16.45
C PHE C 175 -20.38 -4.88 16.04
N PHE C 176 -19.35 -4.49 15.27
CA PHE C 176 -19.27 -3.12 14.80
C PHE C 176 -20.37 -2.79 13.81
N LEU C 177 -21.03 -3.79 13.21
CA LEU C 177 -22.20 -3.56 12.37
C LEU C 177 -23.53 -3.86 13.10
N GLU C 178 -23.48 -3.91 14.44
CA GLU C 178 -24.65 -3.98 15.33
C GLU C 178 -25.33 -5.36 15.28
N TYR C 179 -24.55 -6.41 14.97
CA TYR C 179 -24.99 -7.80 15.06
C TYR C 179 -24.64 -8.38 16.43
N PHE C 180 -25.54 -9.20 16.96
CA PHE C 180 -25.35 -9.96 18.19
C PHE C 180 -24.73 -11.30 17.79
N GLY C 181 -23.50 -11.54 18.21
CA GLY C 181 -22.76 -12.71 17.76
C GLY C 181 -22.51 -13.69 18.91
N VAL C 182 -22.75 -14.94 18.60
CA VAL C 182 -22.55 -16.08 19.50
C VAL C 182 -21.59 -17.03 18.80
N VAL C 183 -20.63 -17.58 19.56
CA VAL C 183 -19.76 -18.60 19.02
C VAL C 183 -20.06 -19.89 19.77
N LEU C 184 -20.20 -20.98 19.03
CA LEU C 184 -20.32 -22.31 19.61
C LEU C 184 -18.94 -22.92 19.77
N GLU C 185 -18.45 -22.95 21.01
CA GLU C 185 -17.03 -23.13 21.23
C GLU C 185 -16.55 -24.53 20.83
N ASP C 186 -17.36 -25.55 21.06
CA ASP C 186 -16.94 -26.89 20.64
C ASP C 186 -17.18 -27.13 19.14
N ALA C 187 -17.61 -26.11 18.42
CA ALA C 187 -17.77 -26.15 16.97
C ALA C 187 -16.76 -25.23 16.29
N THR C 188 -15.64 -24.97 16.96
CA THR C 188 -14.57 -24.14 16.44
C THR C 188 -13.24 -24.80 16.73
N HIS C 189 -12.20 -24.34 16.03
CA HIS C 189 -10.81 -24.70 16.30
C HIS C 189 -9.89 -23.56 15.90
N GLN C 190 -8.85 -23.37 16.72
CA GLN C 190 -7.94 -22.25 16.53
C GLN C 190 -6.86 -22.61 15.54
N ALA C 191 -6.23 -21.59 14.97
CA ALA C 191 -4.96 -21.71 14.23
C ALA C 191 -3.89 -21.11 15.13
N GLY C 192 -3.07 -21.97 15.74
CA GLY C 192 -2.05 -21.56 16.64
C GLY C 192 -2.05 -22.44 17.88
N PRO C 193 -1.30 -22.03 18.90
CA PRO C 193 -1.29 -22.79 20.15
C PRO C 193 -2.66 -22.79 20.79
N LYS C 194 -2.86 -23.72 21.72
CA LYS C 194 -4.13 -23.79 22.44
C LYS C 194 -4.51 -22.46 23.09
N PHE C 195 -3.54 -21.62 23.50
CA PHE C 195 -3.92 -20.39 24.18
C PHE C 195 -4.72 -19.49 23.24
N ALA C 196 -4.51 -19.65 21.93
CA ALA C 196 -5.22 -18.84 20.95
C ALA C 196 -6.71 -19.15 20.96
N GLN C 197 -7.08 -20.38 21.33
CA GLN C 197 -8.49 -20.72 21.45
C GLN C 197 -9.10 -20.05 22.69
N LYS C 198 -8.49 -20.27 23.84
CA LYS C 198 -8.97 -19.67 25.06
C LYS C 198 -9.03 -18.15 24.95
N ALA C 199 -8.01 -17.53 24.29
CA ALA C 199 -7.97 -16.06 24.23
C ALA C 199 -9.07 -15.52 23.32
N ALA C 200 -9.34 -16.19 22.20
CA ALA C 200 -10.42 -15.75 21.33
C ALA C 200 -11.77 -15.82 22.06
N LEU C 201 -11.99 -16.92 22.79
CA LEU C 201 -13.25 -17.05 23.51
C LEU C 201 -13.35 -16.04 24.63
N PHE C 202 -12.25 -15.80 25.34
CA PHE C 202 -12.27 -14.76 26.37
C PHE C 202 -12.58 -13.40 25.76
N ASN C 203 -11.93 -13.06 24.64
CA ASN C 203 -12.19 -11.77 24.02
C ASN C 203 -13.63 -11.69 23.57
N ILE C 204 -14.18 -12.78 23.03
CA ILE C 204 -15.56 -12.75 22.57
C ILE C 204 -16.51 -12.59 23.75
N GLU C 205 -16.39 -13.45 24.75
CA GLU C 205 -17.25 -13.39 25.93
C GLU C 205 -17.17 -12.05 26.63
N THR C 206 -15.97 -11.47 26.71
CA THR C 206 -15.80 -10.31 27.57
C THR C 206 -16.16 -9.01 26.85
N PHE C 207 -15.93 -8.91 25.54
CA PHE C 207 -16.06 -7.63 24.85
C PHE C 207 -17.00 -7.60 23.65
N PHE C 208 -17.17 -8.70 22.91
CA PHE C 208 -17.78 -8.64 21.58
C PHE C 208 -19.07 -9.44 21.44
N GLY C 209 -19.25 -10.49 22.20
CA GLY C 209 -20.41 -11.34 22.00
C GLY C 209 -20.60 -12.40 23.06
N TRP C 210 -21.09 -13.57 22.66
CA TRP C 210 -21.50 -14.62 23.59
C TRP C 210 -20.86 -15.94 23.17
N VAL C 211 -20.61 -16.78 24.17
CA VAL C 211 -20.06 -18.11 23.95
C VAL C 211 -21.07 -19.10 24.46
N SER C 212 -21.42 -20.07 23.62
CA SER C 212 -22.25 -21.21 24.00
C SER C 212 -21.60 -22.47 23.43
N ASP C 213 -22.37 -23.54 23.27
CA ASP C 213 -21.87 -24.80 22.75
C ASP C 213 -22.99 -25.49 22.01
N VAL C 214 -22.66 -26.57 21.29
CA VAL C 214 -23.60 -27.16 20.36
C VAL C 214 -24.78 -27.79 21.10
N GLU C 215 -24.52 -28.53 22.16
CA GLU C 215 -25.62 -29.13 22.91
C GLU C 215 -26.59 -28.08 23.42
N THR C 216 -26.06 -27.03 24.05
CA THR C 216 -26.93 -25.98 24.55
C THR C 216 -27.72 -25.35 23.41
N PHE C 217 -27.07 -25.15 22.26
CA PHE C 217 -27.71 -24.54 21.10
C PHE C 217 -28.86 -25.40 20.57
N CYS C 218 -28.62 -26.70 20.39
CA CYS C 218 -29.66 -27.56 19.84
C CYS C 218 -30.83 -27.69 20.80
N ASP C 219 -30.54 -27.85 22.09
CA ASP C 219 -31.60 -27.91 23.10
C ASP C 219 -32.43 -26.63 23.09
N ALA C 220 -31.78 -25.48 22.93
CA ALA C 220 -32.51 -24.22 22.88
C ALA C 220 -33.48 -24.19 21.71
N LEU C 221 -33.08 -24.77 20.58
CA LEU C 221 -33.88 -24.73 19.35
C LEU C 221 -35.01 -25.77 19.33
N SER C 222 -34.99 -26.76 20.21
CA SER C 222 -35.93 -27.87 20.06
C SER C 222 -37.40 -27.52 20.19
N PRO C 223 -37.80 -26.51 21.00
CA PRO C 223 -39.28 -26.28 21.00
C PRO C 223 -39.89 -25.62 19.75
N THR D 2 54.34 20.76 -35.72
CA THR D 2 53.57 21.23 -36.87
C THR D 2 52.79 22.48 -36.48
N THR D 3 52.78 23.49 -37.35
CA THR D 3 51.95 24.66 -37.18
C THR D 3 50.85 24.58 -38.22
N LEU D 4 49.60 24.61 -37.76
CA LEU D 4 48.43 24.45 -38.62
C LEU D 4 47.68 25.78 -38.66
N THR D 5 47.72 26.45 -39.81
CA THR D 5 46.83 27.57 -40.05
C THR D 5 45.38 27.17 -39.76
N ALA D 6 44.67 28.06 -39.09
CA ALA D 6 43.37 27.72 -38.53
C ALA D 6 42.68 28.98 -38.04
N ARG D 7 41.37 28.89 -37.91
CA ARG D 7 40.61 29.92 -37.23
C ARG D 7 40.34 29.50 -35.79
N PRO D 8 40.36 30.43 -34.81
CA PRO D 8 40.58 31.88 -35.02
C PRO D 8 42.06 32.28 -35.11
N GLU D 9 42.98 31.37 -34.78
CA GLU D 9 44.39 31.55 -35.11
C GLU D 9 45.07 30.20 -35.35
N ALA D 10 46.32 30.24 -35.81
CA ALA D 10 47.04 28.99 -36.05
C ALA D 10 47.28 28.24 -34.75
N ILE D 11 47.32 26.91 -34.86
CA ILE D 11 47.53 25.98 -33.75
C ILE D 11 48.77 25.14 -34.00
N THR D 12 49.51 24.87 -32.93
CA THR D 12 50.70 24.02 -32.97
C THR D 12 50.37 22.65 -32.40
N PHE D 13 50.83 21.61 -33.08
CA PHE D 13 50.72 20.28 -32.52
C PHE D 13 51.83 19.40 -33.06
N ASP D 14 52.10 18.34 -32.31
CA ASP D 14 53.01 17.28 -32.72
C ASP D 14 52.18 16.14 -33.25
N PRO D 15 52.27 15.81 -34.55
CA PRO D 15 51.42 14.75 -35.10
C PRO D 15 51.57 13.43 -34.36
N GLN D 16 52.73 13.14 -33.81
CA GLN D 16 52.87 11.87 -33.13
C GLN D 16 52.29 11.86 -31.73
N GLN D 17 51.88 13.02 -31.21
CA GLN D 17 51.08 13.09 -29.99
C GLN D 17 49.67 13.59 -30.31
N SER D 18 49.15 13.25 -31.49
CA SER D 18 47.85 13.73 -31.94
C SER D 18 47.11 12.57 -32.59
N ALA D 19 45.80 12.74 -32.73
CA ALA D 19 44.96 11.75 -33.39
C ALA D 19 44.04 12.42 -34.40
N LEU D 20 43.79 11.71 -35.48
CA LEU D 20 42.74 12.07 -36.41
C LEU D 20 41.55 11.17 -36.09
N ILE D 21 40.40 11.78 -35.83
CA ILE D 21 39.19 11.04 -35.49
C ILE D 21 38.24 11.18 -36.66
N VAL D 22 37.77 10.05 -37.15
CA VAL D 22 36.80 10.00 -38.25
C VAL D 22 35.48 9.58 -37.63
N VAL D 23 34.56 10.53 -37.53
CA VAL D 23 33.33 10.31 -36.76
C VAL D 23 32.29 9.72 -37.70
N ASP D 24 31.97 8.48 -37.44
CA ASP D 24 30.71 7.88 -37.92
C ASP D 24 30.55 7.93 -39.43
N MET D 25 31.63 7.64 -40.19
CA MET D 25 31.51 7.63 -41.65
C MET D 25 30.92 6.30 -42.13
N GLN D 26 29.68 6.08 -41.71
CA GLN D 26 28.90 4.88 -41.97
C GLN D 26 27.81 5.17 -42.97
N ASN D 27 27.24 4.12 -43.58
CA ASN D 27 26.19 4.33 -44.56
C ASN D 27 25.01 5.07 -43.94
N ALA D 28 24.72 4.78 -42.67
CA ALA D 28 23.66 5.46 -41.96
C ALA D 28 23.77 6.98 -42.11
N TYR D 29 25.01 7.54 -42.03
CA TYR D 29 25.18 8.99 -41.97
C TYR D 29 25.58 9.61 -43.30
N ALA D 30 25.99 8.81 -44.28
CA ALA D 30 26.57 9.36 -45.48
C ALA D 30 25.91 8.88 -46.78
N THR D 31 25.13 7.82 -46.75
CA THR D 31 24.79 7.12 -47.99
C THR D 31 23.29 7.18 -48.24
N PRO D 32 22.87 7.52 -49.45
CA PRO D 32 21.43 7.44 -49.76
C PRO D 32 20.89 6.08 -49.36
N GLY D 33 19.69 6.09 -48.81
CA GLY D 33 19.07 4.86 -48.35
C GLY D 33 19.44 4.46 -46.94
N GLY D 34 20.40 5.16 -46.33
CA GLY D 34 20.74 4.93 -44.95
C GLY D 34 19.85 5.72 -44.00
N TYR D 35 20.10 5.49 -42.71
CA TYR D 35 19.31 6.09 -41.64
C TYR D 35 19.04 7.58 -41.86
N LEU D 36 20.08 8.41 -41.97
CA LEU D 36 19.80 9.84 -42.03
C LEU D 36 18.90 10.19 -43.20
N ASP D 37 19.16 9.62 -44.38
CA ASP D 37 18.31 9.84 -45.55
C ASP D 37 16.85 9.46 -45.28
N LEU D 38 16.65 8.29 -44.69
CA LEU D 38 15.31 7.80 -44.40
C LEU D 38 14.61 8.65 -43.36
N ALA D 39 15.35 9.26 -42.46
CA ALA D 39 14.80 10.17 -41.46
C ALA D 39 14.57 11.59 -41.98
N GLY D 40 14.80 11.85 -43.26
CA GLY D 40 14.49 13.14 -43.85
C GLY D 40 15.65 14.12 -43.92
N PHE D 41 16.86 13.71 -43.54
CA PHE D 41 18.01 14.60 -43.68
C PHE D 41 18.61 14.44 -45.09
N ASP D 42 19.36 15.45 -45.51
CA ASP D 42 19.96 15.49 -46.84
C ASP D 42 21.37 14.93 -46.80
N VAL D 43 21.58 13.82 -47.51
CA VAL D 43 22.91 13.26 -47.64
C VAL D 43 23.42 13.33 -49.06
N SER D 44 22.75 14.09 -49.93
CA SER D 44 23.08 14.05 -51.35
C SER D 44 24.45 14.62 -51.66
N THR D 45 25.11 15.31 -50.72
CA THR D 45 26.34 16.03 -51.02
C THR D 45 27.52 15.52 -50.19
N THR D 46 27.49 14.26 -49.78
CA THR D 46 28.55 13.75 -48.92
C THR D 46 29.75 13.16 -49.67
N ARG D 47 29.68 12.94 -50.97
CA ARG D 47 30.85 12.31 -51.57
C ARG D 47 32.09 13.17 -51.43
N PRO D 48 32.06 14.53 -51.68
CA PRO D 48 33.29 15.27 -51.47
C PRO D 48 33.80 15.10 -50.04
N VAL D 49 32.90 14.93 -49.06
CA VAL D 49 33.33 14.72 -47.68
C VAL D 49 34.07 13.40 -47.56
N ILE D 50 33.57 12.34 -48.22
CA ILE D 50 34.23 11.05 -48.16
C ILE D 50 35.62 11.14 -48.78
N ALA D 51 35.70 11.79 -49.94
CA ALA D 51 36.99 11.96 -50.62
C ALA D 51 37.98 12.71 -49.75
N ASN D 52 37.55 13.82 -49.16
CA ASN D 52 38.44 14.64 -48.35
C ASN D 52 38.92 13.89 -47.13
N ILE D 53 38.04 13.07 -46.51
CA ILE D 53 38.47 12.27 -45.37
C ILE D 53 39.54 11.28 -45.80
N GLN D 54 39.33 10.62 -46.92
CA GLN D 54 40.33 9.67 -47.40
C GLN D 54 41.68 10.36 -47.54
N THR D 55 41.66 11.58 -48.06
CA THR D 55 42.88 12.35 -48.25
C THR D 55 43.51 12.70 -46.91
N ALA D 56 42.69 13.18 -45.95
CA ALA D 56 43.24 13.53 -44.64
C ALA D 56 43.81 12.33 -43.92
N VAL D 57 43.16 11.17 -44.03
CA VAL D 57 43.67 9.95 -43.40
C VAL D 57 45.03 9.56 -43.98
N THR D 58 45.15 9.59 -45.31
CA THR D 58 46.46 9.28 -45.91
C THR D 58 47.54 10.16 -45.33
N ALA D 59 47.28 11.47 -45.29
CA ALA D 59 48.27 12.41 -44.78
C ALA D 59 48.57 12.18 -43.32
N ALA D 60 47.52 12.04 -42.50
CA ALA D 60 47.73 11.86 -41.06
C ALA D 60 48.49 10.57 -40.77
N ARG D 61 48.11 9.48 -41.44
CA ARG D 61 48.81 8.22 -41.25
C ARG D 61 50.30 8.33 -41.62
N ALA D 62 50.58 9.01 -42.73
CA ALA D 62 51.98 9.17 -43.15
C ALA D 62 52.77 9.96 -42.12
N ALA D 63 52.12 10.88 -41.39
CA ALA D 63 52.79 11.68 -40.37
C ALA D 63 52.86 10.99 -39.01
N GLY D 64 52.33 9.78 -38.87
CA GLY D 64 52.40 9.11 -37.60
C GLY D 64 51.30 9.48 -36.61
N MET D 65 50.25 10.16 -37.07
CA MET D 65 49.09 10.40 -36.21
C MET D 65 48.28 9.12 -36.09
N LEU D 66 47.82 8.83 -34.88
CA LEU D 66 46.85 7.76 -34.65
C LEU D 66 45.52 8.06 -35.35
N ILE D 67 45.01 7.09 -36.11
CA ILE D 67 43.70 7.18 -36.74
C ILE D 67 42.68 6.42 -35.90
N ILE D 68 41.60 7.11 -35.52
CA ILE D 68 40.51 6.55 -34.74
C ILE D 68 39.23 6.69 -35.54
N TRP D 69 38.58 5.56 -35.79
CA TRP D 69 37.31 5.50 -36.48
C TRP D 69 36.22 5.21 -35.46
N PHE D 70 35.19 6.00 -35.48
CA PHE D 70 34.01 5.70 -34.69
C PHE D 70 32.91 5.11 -35.54
N GLN D 71 32.22 4.15 -34.97
CA GLN D 71 30.97 3.64 -35.53
C GLN D 71 29.90 3.74 -34.45
N ASN D 72 28.88 4.50 -34.74
CA ASN D 72 27.80 4.73 -33.81
C ASN D 72 26.76 3.65 -34.04
N GLY D 73 26.30 3.01 -32.98
CA GLY D 73 25.18 2.12 -33.10
C GLY D 73 25.17 1.08 -32.00
N TRP D 74 24.27 0.11 -32.17
CA TRP D 74 23.78 -0.74 -31.11
C TRP D 74 23.59 -2.17 -31.62
N ASP D 75 23.46 -3.10 -30.67
CA ASP D 75 22.91 -4.41 -30.97
C ASP D 75 21.54 -4.30 -31.65
N GLU D 76 21.23 -5.36 -32.39
CA GLU D 76 20.03 -5.50 -33.21
C GLU D 76 18.74 -5.34 -32.41
N GLN D 77 18.77 -5.68 -31.12
CA GLN D 77 17.62 -5.56 -30.23
C GLN D 77 17.57 -4.18 -29.57
N TYR D 78 18.57 -3.33 -29.82
CA TYR D 78 18.67 -1.98 -29.27
C TYR D 78 18.65 -1.93 -27.76
N VAL D 79 19.12 -3.00 -27.13
CA VAL D 79 19.36 -2.97 -25.68
C VAL D 79 20.29 -1.80 -25.36
N GLU D 80 21.34 -1.64 -26.16
CA GLU D 80 22.37 -0.63 -25.91
C GLU D 80 21.90 0.79 -26.17
N ALA D 81 20.76 0.95 -26.83
CA ALA D 81 20.23 2.27 -27.09
C ALA D 81 19.48 2.81 -25.89
N GLY D 82 19.18 1.97 -24.91
CA GLY D 82 18.36 2.39 -23.79
C GLY D 82 16.88 2.13 -24.05
N GLY D 83 16.18 1.77 -23.00
CA GLY D 83 14.75 1.61 -23.12
C GLY D 83 14.07 2.93 -22.82
N PRO D 84 12.76 2.91 -22.57
CA PRO D 84 12.03 4.17 -22.34
C PRO D 84 12.54 4.97 -21.17
N GLY D 85 13.39 4.40 -20.31
CA GLY D 85 13.97 5.18 -19.26
C GLY D 85 15.14 6.05 -19.69
N SER D 86 15.58 5.92 -20.88
CA SER D 86 16.66 6.72 -21.42
C SER D 86 16.12 7.82 -22.33
N PRO D 87 16.60 9.06 -22.22
CA PRO D 87 16.22 10.06 -23.23
C PRO D 87 16.63 9.67 -24.64
N ASN D 88 17.66 8.81 -24.79
CA ASN D 88 18.06 8.40 -26.13
C ASN D 88 16.95 7.63 -26.81
N PHE D 89 16.21 6.84 -26.05
CA PHE D 89 15.08 6.11 -26.61
C PHE D 89 14.08 7.08 -27.23
N HIS D 90 13.92 8.26 -26.62
CA HIS D 90 12.89 9.20 -27.07
C HIS D 90 13.42 10.19 -28.09
N LYS D 91 14.72 10.47 -28.07
CA LYS D 91 15.31 11.41 -29.01
C LYS D 91 15.83 10.76 -30.30
N SER D 92 16.24 9.50 -30.25
CA SER D 92 16.90 8.87 -31.40
C SER D 92 16.00 8.92 -32.64
N ASN D 93 16.46 9.63 -33.66
CA ASN D 93 15.72 9.68 -34.92
C ASN D 93 15.74 8.33 -35.66
N ALA D 94 16.76 7.50 -35.44
CA ALA D 94 16.78 6.16 -36.01
C ALA D 94 15.71 5.29 -35.36
N LEU D 95 15.59 5.37 -34.03
CA LEU D 95 14.54 4.64 -33.32
C LEU D 95 13.17 5.15 -33.71
N LYS D 96 13.04 6.47 -33.84
CA LYS D 96 11.77 7.03 -34.29
C LYS D 96 11.40 6.50 -35.67
N THR D 97 12.36 6.42 -36.58
CA THR D 97 12.08 5.97 -37.94
C THR D 97 11.62 4.51 -37.94
N MET D 98 12.23 3.66 -37.13
CA MET D 98 11.83 2.25 -37.14
C MET D 98 10.48 2.02 -36.45
N ARG D 99 10.16 2.81 -35.42
CA ARG D 99 8.82 2.74 -34.84
C ARG D 99 7.78 3.11 -35.88
N LYS D 100 8.07 4.05 -36.76
CA LYS D 100 7.13 4.42 -37.82
C LYS D 100 7.19 3.49 -39.02
N GLN D 101 8.30 2.80 -39.23
CA GLN D 101 8.50 1.90 -40.39
C GLN D 101 9.01 0.56 -39.90
N PRO D 102 8.11 -0.30 -39.42
CA PRO D 102 8.54 -1.55 -38.77
C PRO D 102 9.33 -2.47 -39.69
N GLN D 103 9.19 -2.32 -41.00
CA GLN D 103 10.03 -3.08 -41.92
C GLN D 103 11.50 -2.84 -41.64
N LEU D 104 11.86 -1.64 -41.17
CA LEU D 104 13.25 -1.34 -40.90
C LEU D 104 13.69 -1.74 -39.50
N GLN D 105 12.78 -2.25 -38.68
CA GLN D 105 13.13 -2.60 -37.33
C GLN D 105 14.31 -3.56 -37.27
N GLY D 106 15.36 -3.17 -36.54
CA GLY D 106 16.53 -4.00 -36.37
C GLY D 106 17.61 -3.76 -37.38
N LYS D 107 17.40 -2.85 -38.32
CA LYS D 107 18.41 -2.56 -39.32
C LYS D 107 19.12 -1.23 -39.13
N LEU D 108 18.45 -0.19 -38.64
CA LEU D 108 19.14 1.09 -38.55
C LEU D 108 20.12 1.06 -37.40
N LEU D 109 21.34 1.53 -37.68
CA LEU D 109 22.41 1.62 -36.66
C LEU D 109 22.63 0.30 -35.94
N ALA D 110 22.40 -0.81 -36.62
CA ALA D 110 22.50 -2.14 -36.02
C ALA D 110 23.88 -2.73 -36.31
N LYS D 111 24.61 -3.07 -35.26
CA LYS D 111 25.90 -3.73 -35.44
C LYS D 111 25.77 -4.93 -36.37
N GLY D 112 26.70 -5.04 -37.31
CA GLY D 112 26.72 -6.09 -38.32
C GLY D 112 25.93 -5.81 -39.58
N SER D 113 25.22 -4.69 -39.65
CA SER D 113 24.32 -4.40 -40.74
C SER D 113 24.97 -3.45 -41.74
N TRP D 114 24.29 -3.29 -42.89
CA TRP D 114 24.74 -2.35 -43.90
C TRP D 114 24.72 -0.90 -43.40
N ASP D 115 23.66 -0.52 -42.67
CA ASP D 115 23.55 0.86 -42.20
C ASP D 115 24.73 1.19 -41.28
N TYR D 116 25.14 0.25 -40.46
CA TYR D 116 26.24 0.44 -39.51
C TYR D 116 27.61 0.42 -40.15
N GLN D 117 27.76 -0.25 -41.31
CA GLN D 117 29.04 -0.37 -42.01
C GLN D 117 29.64 0.98 -42.38
N LEU D 118 30.96 1.06 -42.26
CA LEU D 118 31.68 2.19 -42.83
C LEU D 118 31.48 2.20 -44.35
N VAL D 119 31.45 3.40 -44.91
CA VAL D 119 31.22 3.54 -46.34
C VAL D 119 32.34 2.83 -47.09
N ASP D 120 32.00 2.34 -48.28
CA ASP D 120 32.89 1.50 -49.06
C ASP D 120 34.28 2.10 -49.22
N GLU D 121 34.37 3.42 -49.40
CA GLU D 121 35.65 4.07 -49.74
C GLU D 121 36.61 4.14 -48.56
N LEU D 122 36.12 3.99 -47.35
CA LEU D 122 36.91 4.24 -46.15
C LEU D 122 37.14 2.93 -45.41
N VAL D 123 38.37 2.43 -45.47
CA VAL D 123 38.70 1.14 -44.88
C VAL D 123 39.82 1.33 -43.86
N PRO D 124 39.54 1.09 -42.58
CA PRO D 124 40.61 1.16 -41.57
C PRO D 124 41.74 0.20 -41.88
N GLN D 125 42.93 0.58 -41.50
CA GLN D 125 44.12 -0.26 -41.65
C GLN D 125 44.56 -0.82 -40.31
N PRO D 126 45.40 -1.85 -40.34
CA PRO D 126 45.93 -2.41 -39.08
C PRO D 126 46.70 -1.34 -38.33
N GLY D 127 46.49 -1.29 -37.03
CA GLY D 127 47.05 -0.23 -36.22
C GLY D 127 46.11 0.94 -35.99
N ASP D 128 45.11 1.14 -36.84
CA ASP D 128 44.09 2.11 -36.49
C ASP D 128 43.24 1.57 -35.33
N ILE D 129 42.54 2.48 -34.67
CA ILE D 129 41.57 2.10 -33.65
C ILE D 129 40.16 2.28 -34.20
N VAL D 130 39.34 1.25 -34.06
CA VAL D 130 37.95 1.29 -34.46
C VAL D 130 37.10 1.16 -33.20
N LEU D 131 36.35 2.22 -32.87
CA LEU D 131 35.62 2.34 -31.61
C LEU D 131 34.13 2.33 -31.87
N PRO D 132 33.37 1.41 -31.31
CA PRO D 132 31.91 1.55 -31.31
C PRO D 132 31.52 2.59 -30.28
N LYS D 133 30.47 3.34 -30.57
CA LYS D 133 29.97 4.18 -29.50
C LYS D 133 28.45 4.12 -29.46
N PRO D 134 27.85 4.24 -28.27
CA PRO D 134 26.40 4.11 -28.17
C PRO D 134 25.62 5.41 -28.11
N ARG D 135 26.30 6.55 -27.96
CA ARG D 135 25.64 7.84 -27.93
C ARG D 135 26.45 8.82 -28.77
N TYR D 136 25.94 10.04 -28.92
CA TYR D 136 26.53 10.95 -29.90
C TYR D 136 28.01 11.26 -29.58
N SER D 137 28.31 11.58 -28.32
CA SER D 137 29.67 11.96 -27.95
C SER D 137 30.52 10.72 -27.81
N GLY D 138 31.64 10.68 -28.50
CA GLY D 138 32.54 9.55 -28.35
C GLY D 138 33.26 9.46 -27.01
N PHE D 139 33.15 10.50 -26.15
CA PHE D 139 33.78 10.48 -24.85
C PHE D 139 32.93 9.81 -23.78
N PHE D 140 31.61 9.73 -23.93
CA PHE D 140 30.81 9.03 -22.94
C PHE D 140 30.66 7.55 -23.24
N ASN D 141 30.83 6.73 -22.21
CA ASN D 141 30.53 5.29 -22.22
C ASN D 141 31.54 4.45 -23.00
N THR D 142 32.70 4.99 -23.32
CA THR D 142 33.70 4.36 -24.17
C THR D 142 35.08 4.48 -23.53
N PRO D 143 36.07 3.79 -24.08
CA PRO D 143 37.45 3.99 -23.62
C PRO D 143 38.25 5.05 -24.36
N LEU D 144 37.58 5.96 -25.08
CA LEU D 144 38.29 6.96 -25.87
C LEU D 144 39.28 7.78 -25.04
N ASP D 145 38.85 8.31 -23.90
CA ASP D 145 39.74 9.11 -23.08
C ASP D 145 40.95 8.29 -22.62
N SER D 146 40.70 7.06 -22.17
CA SER D 146 41.78 6.18 -21.74
C SER D 146 42.78 5.96 -22.89
N ILE D 147 42.26 5.69 -24.10
CA ILE D 147 43.10 5.39 -25.26
C ILE D 147 44.02 6.56 -25.54
N LEU D 148 43.46 7.77 -25.52
CA LEU D 148 44.23 8.97 -25.83
C LEU D 148 45.24 9.27 -24.73
N ARG D 149 44.82 9.20 -23.48
CA ARG D 149 45.73 9.47 -22.37
C ARG D 149 46.89 8.48 -22.34
N SER D 150 46.59 7.21 -22.63
CA SER D 150 47.56 6.14 -22.63
C SER D 150 48.66 6.41 -23.62
N ARG D 151 48.41 7.25 -24.63
CA ARG D 151 49.39 7.60 -25.65
C ARG D 151 49.84 9.05 -25.56
N GLY D 152 49.48 9.76 -24.48
CA GLY D 152 49.87 11.14 -24.25
C GLY D 152 49.30 12.09 -25.27
N ILE D 153 48.20 11.73 -25.90
CA ILE D 153 47.64 12.53 -26.96
C ILE D 153 46.79 13.65 -26.33
N ARG D 154 47.04 14.90 -26.76
CA ARG D 154 46.29 16.05 -26.30
C ARG D 154 45.63 16.83 -27.43
N HIS D 155 45.94 16.52 -28.69
CA HIS D 155 45.39 17.23 -29.83
C HIS D 155 44.60 16.28 -30.70
N LEU D 156 43.37 16.67 -31.02
CA LEU D 156 42.41 15.86 -31.74
C LEU D 156 41.98 16.61 -32.98
N VAL D 157 42.10 15.98 -34.14
CA VAL D 157 41.65 16.58 -35.39
C VAL D 157 40.42 15.81 -35.82
N PHE D 158 39.30 16.52 -35.96
CA PHE D 158 38.00 15.92 -36.17
C PHE D 158 37.56 16.02 -37.62
N THR D 159 37.04 14.90 -38.12
CA THR D 159 36.33 14.83 -39.38
C THR D 159 35.06 13.99 -39.17
N GLY D 160 34.17 14.04 -40.14
CA GLY D 160 32.99 13.17 -40.16
C GLY D 160 31.63 13.83 -40.03
N ILE D 161 30.64 13.04 -39.58
CA ILE D 161 29.22 13.38 -39.68
C ILE D 161 28.53 12.90 -38.40
N ALA D 162 27.63 13.72 -37.82
CA ALA D 162 27.29 15.09 -38.24
C ALA D 162 28.08 16.19 -37.49
N THR D 163 28.43 17.25 -38.22
CA THR D 163 29.24 18.35 -37.68
C THR D 163 28.65 18.82 -36.36
N ASN D 164 27.34 19.01 -36.33
CA ASN D 164 26.63 19.64 -35.22
C ASN D 164 26.20 18.66 -34.14
N VAL D 165 26.33 17.35 -34.36
CA VAL D 165 25.82 16.39 -33.38
C VAL D 165 26.98 15.56 -32.85
N SER D 166 27.30 14.45 -33.51
CA SER D 166 28.35 13.58 -32.97
C SER D 166 29.72 14.22 -33.04
N VAL D 167 29.98 15.00 -34.10
CA VAL D 167 31.29 15.64 -34.19
C VAL D 167 31.43 16.69 -33.11
N GLU D 168 30.53 17.68 -33.09
CA GLU D 168 30.63 18.76 -32.13
C GLU D 168 30.45 18.29 -30.69
N SER D 169 29.56 17.33 -30.44
CA SER D 169 29.44 16.80 -29.07
C SER D 169 30.76 16.21 -28.60
N THR D 170 31.43 15.44 -29.47
CA THR D 170 32.70 14.82 -29.07
C THR D 170 33.76 15.89 -28.87
N LEU D 171 33.81 16.89 -29.75
CA LEU D 171 34.80 17.93 -29.61
C LEU D 171 34.54 18.79 -28.38
N ARG D 172 33.27 19.09 -28.10
CA ARG D 172 32.96 19.84 -26.88
C ARG D 172 33.39 19.07 -25.62
N ASP D 173 33.00 17.79 -25.51
CA ASP D 173 33.45 17.01 -24.36
C ASP D 173 34.98 16.88 -24.32
N GLY D 174 35.64 16.82 -25.47
CA GLY D 174 37.11 16.86 -25.43
C GLY D 174 37.64 18.11 -24.75
N PHE D 175 37.05 19.27 -25.07
CA PHE D 175 37.45 20.52 -24.45
C PHE D 175 37.30 20.45 -22.93
N PHE D 176 36.20 19.87 -22.45
CA PHE D 176 36.02 19.74 -21.01
C PHE D 176 36.99 18.72 -20.40
N LEU D 177 37.53 17.80 -21.20
CA LEU D 177 38.58 16.89 -20.76
C LEU D 177 40.00 17.41 -21.10
N GLU D 178 40.12 18.70 -21.35
CA GLU D 178 41.38 19.42 -21.59
C GLU D 178 42.08 19.00 -22.89
N TYR D 179 41.32 18.55 -23.89
CA TYR D 179 41.90 18.31 -25.20
C TYR D 179 41.77 19.53 -26.09
N PHE D 180 42.73 19.67 -27.00
CA PHE D 180 42.74 20.70 -28.03
C PHE D 180 42.16 20.15 -29.33
N GLY D 181 40.98 20.64 -29.69
CA GLY D 181 40.20 20.07 -30.77
C GLY D 181 40.17 20.99 -31.99
N VAL D 182 40.51 20.40 -33.14
CA VAL D 182 40.47 21.06 -34.45
C VAL D 182 39.47 20.31 -35.30
N VAL D 183 38.66 21.04 -36.07
CA VAL D 183 37.75 20.42 -37.04
C VAL D 183 38.18 20.84 -38.44
N LEU D 184 38.23 19.86 -39.36
CA LEU D 184 38.52 20.16 -40.76
C LEU D 184 37.18 20.32 -41.47
N GLU D 185 36.81 21.58 -41.73
CA GLU D 185 35.41 21.88 -42.07
C GLU D 185 34.96 21.18 -43.35
N ASP D 186 35.83 21.07 -44.36
CA ASP D 186 35.43 20.42 -45.61
C ASP D 186 35.50 18.90 -45.56
N ALA D 187 35.79 18.33 -44.39
CA ALA D 187 35.69 16.91 -44.13
C ALA D 187 34.59 16.63 -43.13
N THR D 188 33.59 17.52 -43.05
CA THR D 188 32.43 17.33 -42.19
C THR D 188 31.16 17.61 -43.01
N HIS D 189 30.04 17.07 -42.51
CA HIS D 189 28.73 17.41 -43.06
C HIS D 189 27.70 17.40 -41.93
N GLN D 190 26.79 18.37 -41.97
CA GLN D 190 25.82 18.57 -40.90
C GLN D 190 24.59 17.68 -41.13
N ALA D 191 23.81 17.55 -40.05
CA ALA D 191 22.51 16.91 -40.04
C ALA D 191 21.52 18.03 -39.76
N GLY D 192 20.81 18.47 -40.82
CA GLY D 192 19.89 19.58 -40.75
C GLY D 192 20.16 20.60 -41.84
N PRO D 193 19.53 21.77 -41.74
CA PRO D 193 19.76 22.82 -42.74
C PRO D 193 21.19 23.34 -42.72
N LYS D 194 21.56 24.03 -43.79
CA LYS D 194 22.89 24.58 -43.93
C LYS D 194 23.32 25.36 -42.69
N PHE D 195 22.37 26.03 -42.01
CA PHE D 195 22.74 26.86 -40.87
C PHE D 195 23.30 26.04 -39.72
N ALA D 196 23.02 24.75 -39.70
CA ALA D 196 23.58 23.91 -38.65
C ALA D 196 25.06 23.68 -38.88
N GLN D 197 25.48 23.59 -40.13
CA GLN D 197 26.92 23.55 -40.39
C GLN D 197 27.57 24.84 -39.94
N LYS D 198 27.06 25.98 -40.43
CA LYS D 198 27.64 27.28 -40.06
C LYS D 198 27.68 27.47 -38.55
N ALA D 199 26.61 27.12 -37.85
CA ALA D 199 26.58 27.40 -36.42
C ALA D 199 27.55 26.51 -35.64
N ALA D 200 27.69 25.25 -36.07
CA ALA D 200 28.61 24.33 -35.40
C ALA D 200 30.05 24.83 -35.51
N LEU D 201 30.43 25.25 -36.72
CA LEU D 201 31.76 25.80 -36.93
C LEU D 201 31.96 27.13 -36.18
N PHE D 202 30.91 27.95 -36.10
CA PHE D 202 30.97 29.18 -35.32
C PHE D 202 31.18 28.87 -33.85
N ASN D 203 30.40 27.93 -33.30
CA ASN D 203 30.53 27.60 -31.89
C ASN D 203 31.91 27.01 -31.59
N ILE D 204 32.42 26.17 -32.48
CA ILE D 204 33.74 25.58 -32.27
C ILE D 204 34.81 26.68 -32.29
N GLU D 205 34.84 27.47 -33.36
CA GLU D 205 35.87 28.48 -33.52
C GLU D 205 35.85 29.49 -32.37
N THR D 206 34.66 29.87 -31.94
CA THR D 206 34.49 30.97 -31.01
C THR D 206 34.71 30.51 -29.57
N PHE D 207 34.34 29.27 -29.25
CA PHE D 207 34.29 28.85 -27.83
C PHE D 207 35.07 27.59 -27.50
N PHE D 208 35.24 26.64 -28.44
CA PHE D 208 35.71 25.31 -28.03
C PHE D 208 37.03 24.86 -28.63
N GLY D 209 37.36 25.32 -29.83
CA GLY D 209 38.46 24.78 -30.56
C GLY D 209 38.86 25.62 -31.75
N TRP D 210 39.32 24.94 -32.80
CA TRP D 210 39.90 25.53 -33.98
C TRP D 210 39.28 24.90 -35.22
N VAL D 211 39.21 25.69 -36.27
CA VAL D 211 38.71 25.22 -37.55
C VAL D 211 39.81 25.38 -38.61
N SER D 212 40.04 24.32 -39.38
CA SER D 212 40.95 24.36 -40.53
C SER D 212 40.29 23.58 -41.68
N ASP D 213 41.08 23.16 -42.67
CA ASP D 213 40.54 22.36 -43.76
C ASP D 213 41.58 21.33 -44.21
N VAL D 214 41.15 20.43 -45.09
CA VAL D 214 41.98 19.28 -45.45
C VAL D 214 43.26 19.72 -46.16
N GLU D 215 43.16 20.62 -47.13
CA GLU D 215 44.36 21.03 -47.86
C GLU D 215 45.40 21.63 -46.91
N THR D 216 44.97 22.61 -46.09
CA THR D 216 45.89 23.21 -45.13
C THR D 216 46.50 22.13 -44.23
N PHE D 217 45.69 21.15 -43.83
CA PHE D 217 46.16 20.09 -42.95
C PHE D 217 47.22 19.23 -43.62
N CYS D 218 46.96 18.75 -44.84
CA CYS D 218 47.94 17.91 -45.52
C CYS D 218 49.25 18.66 -45.75
N ASP D 219 49.16 19.93 -46.14
CA ASP D 219 50.38 20.74 -46.33
C ASP D 219 51.18 20.89 -45.04
N ALA D 220 50.49 21.08 -43.91
CA ALA D 220 51.22 21.31 -42.67
C ALA D 220 51.97 20.06 -42.24
N LEU D 221 51.46 18.88 -42.60
CA LEU D 221 52.04 17.62 -42.17
C LEU D 221 53.22 17.18 -43.03
N SER D 222 53.43 17.80 -44.19
CA SER D 222 54.40 17.29 -45.13
C SER D 222 55.82 17.19 -44.58
N PRO D 223 56.31 18.09 -43.71
CA PRO D 223 57.65 17.85 -43.17
C PRO D 223 57.78 16.66 -42.20
N THR E 2 2.49 15.14 -15.04
CA THR E 2 2.22 16.37 -15.75
C THR E 2 2.68 16.27 -17.19
N THR E 3 1.92 16.84 -18.10
CA THR E 3 2.35 16.93 -19.49
C THR E 3 2.81 18.35 -19.76
N LEU E 4 3.94 18.47 -20.48
CA LEU E 4 4.48 19.73 -20.92
C LEU E 4 4.45 19.73 -22.44
N THR E 5 3.70 20.66 -23.02
CA THR E 5 3.73 20.82 -24.46
C THR E 5 5.12 21.29 -24.87
N ALA E 6 5.67 20.66 -25.90
CA ALA E 6 7.04 20.93 -26.30
C ALA E 6 7.25 20.50 -27.74
N ARG E 7 8.34 21.00 -28.33
CA ARG E 7 8.85 20.44 -29.57
C ARG E 7 9.99 19.47 -29.25
N PRO E 8 10.11 18.35 -29.97
CA PRO E 8 9.24 18.04 -31.12
C PRO E 8 7.93 17.37 -30.77
N GLU E 9 7.74 16.99 -29.51
CA GLU E 9 6.47 16.49 -29.04
C GLU E 9 6.38 16.75 -27.54
N ALA E 10 5.19 16.57 -26.99
CA ALA E 10 4.99 16.75 -25.57
C ALA E 10 5.75 15.70 -24.78
N ILE E 11 6.14 16.06 -23.55
CA ILE E 11 6.70 15.11 -22.61
C ILE E 11 5.89 15.10 -21.32
N THR E 12 6.05 14.03 -20.57
CA THR E 12 5.46 13.89 -19.26
C THR E 12 6.58 13.88 -18.22
N PHE E 13 6.32 14.51 -17.09
CA PHE E 13 7.34 14.57 -16.04
C PHE E 13 6.64 14.83 -14.72
N ASP E 14 7.38 14.62 -13.66
CA ASP E 14 6.87 14.92 -12.34
C ASP E 14 7.65 16.12 -11.81
N PRO E 15 7.04 17.28 -11.65
CA PRO E 15 7.83 18.45 -11.20
C PRO E 15 8.60 18.23 -9.91
N GLN E 16 8.10 17.43 -8.99
CA GLN E 16 8.84 17.27 -7.75
C GLN E 16 10.03 16.34 -7.89
N GLN E 17 10.15 15.63 -9.02
CA GLN E 17 11.38 14.93 -9.36
C GLN E 17 12.13 15.59 -10.49
N SER E 18 12.02 16.93 -10.59
CA SER E 18 12.61 17.71 -11.66
C SER E 18 13.38 18.87 -11.03
N ALA E 19 14.23 19.50 -11.84
CA ALA E 19 14.92 20.71 -11.42
C ALA E 19 14.84 21.76 -12.52
N LEU E 20 14.76 23.01 -12.08
CA LEU E 20 14.91 24.17 -12.96
C LEU E 20 16.32 24.68 -12.78
N ILE E 21 17.10 24.72 -13.85
CA ILE E 21 18.49 25.18 -13.83
C ILE E 21 18.52 26.57 -14.45
N VAL E 22 19.09 27.52 -13.72
CA VAL E 22 19.26 28.89 -14.21
C VAL E 22 20.75 29.07 -14.47
N VAL E 23 21.13 29.02 -15.74
CA VAL E 23 22.52 28.99 -16.16
C VAL E 23 23.05 30.41 -16.25
N ASP E 24 23.95 30.76 -15.33
CA ASP E 24 24.88 31.87 -15.55
C ASP E 24 24.18 33.21 -15.78
N MET E 25 23.13 33.49 -15.01
CA MET E 25 22.45 34.77 -15.12
C MET E 25 23.20 35.82 -14.30
N GLN E 26 24.45 36.05 -14.73
CA GLN E 26 25.37 36.99 -14.11
C GLN E 26 25.45 38.26 -14.94
N ASN E 27 25.97 39.33 -14.32
CA ASN E 27 26.18 40.54 -15.10
C ASN E 27 27.08 40.28 -16.31
N ALA E 28 28.05 39.36 -16.16
CA ALA E 28 28.93 38.99 -17.27
C ALA E 28 28.15 38.62 -18.52
N TYR E 29 27.04 37.88 -18.35
CA TYR E 29 26.36 37.30 -19.49
C TYR E 29 25.09 38.06 -19.87
N ALA E 30 24.62 38.99 -19.04
CA ALA E 30 23.33 39.61 -19.29
C ALA E 30 23.33 41.13 -19.22
N THR E 31 24.31 41.73 -18.63
CA THR E 31 24.21 43.14 -18.30
C THR E 31 25.14 43.97 -19.15
N PRO E 32 24.72 45.15 -19.57
CA PRO E 32 25.66 46.06 -20.23
C PRO E 32 26.87 46.34 -19.35
N GLY E 33 28.02 46.39 -20.01
CA GLY E 33 29.29 46.53 -19.36
C GLY E 33 29.82 45.26 -18.76
N GLY E 34 29.07 44.15 -18.88
CA GLY E 34 29.58 42.86 -18.45
C GLY E 34 30.52 42.29 -19.47
N TYR E 35 31.17 41.19 -19.08
CA TYR E 35 32.08 40.47 -19.97
C TYR E 35 31.56 40.34 -21.41
N LEU E 36 30.38 39.75 -21.62
CA LEU E 36 29.95 39.48 -22.98
C LEU E 36 29.87 40.77 -23.78
N ASP E 37 29.26 41.81 -23.18
CA ASP E 37 29.14 43.12 -23.82
C ASP E 37 30.50 43.68 -24.19
N LEU E 38 31.42 43.66 -23.22
CA LEU E 38 32.76 44.18 -23.44
C LEU E 38 33.48 43.39 -24.53
N ALA E 39 33.16 42.11 -24.67
CA ALA E 39 33.78 41.25 -25.68
C ALA E 39 33.15 41.39 -27.06
N GLY E 40 32.08 42.16 -27.19
CA GLY E 40 31.49 42.42 -28.47
C GLY E 40 30.23 41.66 -28.79
N PHE E 41 29.74 40.83 -27.85
CA PHE E 41 28.49 40.13 -28.02
C PHE E 41 27.34 41.08 -27.68
N ASP E 42 26.21 40.86 -28.32
CA ASP E 42 25.03 41.70 -28.13
C ASP E 42 24.27 41.17 -26.92
N VAL E 43 24.16 42.00 -25.89
CA VAL E 43 23.33 41.69 -24.71
C VAL E 43 22.15 42.64 -24.58
N SER E 44 21.83 43.39 -25.64
CA SER E 44 20.85 44.47 -25.56
C SER E 44 19.42 43.97 -25.38
N THR E 45 19.18 42.67 -25.47
CA THR E 45 17.81 42.15 -25.48
C THR E 45 17.55 41.22 -24.29
N THR E 46 18.36 41.29 -23.24
CA THR E 46 18.24 40.35 -22.15
C THR E 46 17.17 40.74 -21.14
N ARG E 47 16.66 41.97 -21.20
CA ARG E 47 15.64 42.42 -20.25
C ARG E 47 14.44 41.46 -20.18
N PRO E 48 13.83 41.08 -21.27
CA PRO E 48 12.71 40.11 -21.17
C PRO E 48 13.16 38.74 -20.74
N VAL E 49 14.41 38.40 -21.03
CA VAL E 49 14.91 37.08 -20.60
C VAL E 49 14.95 37.03 -19.09
N ILE E 50 15.46 38.09 -18.45
CA ILE E 50 15.49 38.12 -16.98
C ILE E 50 14.08 37.98 -16.45
N ALA E 51 13.15 38.76 -17.00
CA ALA E 51 11.76 38.73 -16.53
C ALA E 51 11.15 37.35 -16.70
N ASN E 52 11.40 36.71 -17.84
CA ASN E 52 10.82 35.41 -18.07
C ASN E 52 11.43 34.37 -17.14
N ILE E 53 12.69 34.54 -16.77
CA ILE E 53 13.29 33.60 -15.82
C ILE E 53 12.69 33.81 -14.44
N GLN E 54 12.46 35.05 -14.04
CA GLN E 54 11.73 35.27 -12.79
C GLN E 54 10.39 34.53 -12.81
N THR E 55 9.63 34.67 -13.90
CA THR E 55 8.35 33.99 -14.02
C THR E 55 8.51 32.47 -13.91
N ALA E 56 9.45 31.91 -14.67
CA ALA E 56 9.68 30.46 -14.61
C ALA E 56 10.13 30.01 -13.22
N VAL E 57 10.97 30.79 -12.54
CA VAL E 57 11.42 30.40 -11.20
C VAL E 57 10.26 30.42 -10.20
N THR E 58 9.37 31.41 -10.32
CA THR E 58 8.22 31.50 -9.41
C THR E 58 7.32 30.28 -9.57
N ALA E 59 7.01 29.92 -10.82
CA ALA E 59 6.18 28.76 -11.06
C ALA E 59 6.86 27.49 -10.56
N ALA E 60 8.15 27.33 -10.88
CA ALA E 60 8.83 26.08 -10.55
C ALA E 60 8.85 25.85 -9.04
N ARG E 61 9.21 26.88 -8.27
CA ARG E 61 9.30 26.71 -6.83
C ARG E 61 7.94 26.38 -6.25
N ALA E 62 6.89 27.03 -6.75
CA ALA E 62 5.55 26.75 -6.23
C ALA E 62 5.15 25.30 -6.48
N ALA E 63 5.72 24.68 -7.50
CA ALA E 63 5.39 23.31 -7.85
C ALA E 63 6.32 22.30 -7.19
N GLY E 64 7.23 22.73 -6.33
CA GLY E 64 8.15 21.82 -5.68
C GLY E 64 9.36 21.43 -6.50
N MET E 65 9.64 22.14 -7.59
CA MET E 65 10.85 21.92 -8.35
C MET E 65 12.04 22.56 -7.66
N LEU E 66 13.10 21.79 -7.48
CA LEU E 66 14.38 22.34 -7.06
C LEU E 66 14.88 23.36 -8.09
N ILE E 67 15.38 24.49 -7.57
CA ILE E 67 16.02 25.54 -8.35
C ILE E 67 17.52 25.43 -8.14
N ILE E 68 18.28 25.33 -9.23
CA ILE E 68 19.74 25.32 -9.19
C ILE E 68 20.23 26.52 -10.00
N TRP E 69 21.06 27.34 -9.39
CA TRP E 69 21.63 28.51 -10.03
C TRP E 69 23.10 28.24 -10.29
N PHE E 70 23.57 28.47 -11.51
CA PHE E 70 24.98 28.37 -11.80
C PHE E 70 25.61 29.76 -11.85
N GLN E 71 26.83 29.87 -11.34
CA GLN E 71 27.71 31.02 -11.58
C GLN E 71 29.00 30.53 -12.22
N ASN E 72 29.30 30.99 -13.42
CA ASN E 72 30.50 30.58 -14.12
C ASN E 72 31.63 31.54 -13.77
N GLY E 73 32.78 31.00 -13.42
CA GLY E 73 33.94 31.84 -13.22
C GLY E 73 34.95 31.25 -12.26
N TRP E 74 35.90 32.10 -11.88
CA TRP E 74 37.16 31.65 -11.34
C TRP E 74 37.66 32.58 -10.24
N ASP E 75 38.70 32.11 -9.56
CA ASP E 75 39.51 32.97 -8.70
C ASP E 75 40.04 34.14 -9.49
N GLU E 76 40.29 35.24 -8.78
CA GLU E 76 40.72 36.48 -9.42
C GLU E 76 42.08 36.39 -10.10
N GLN E 77 42.96 35.47 -9.69
CA GLN E 77 44.21 35.23 -10.42
C GLN E 77 44.01 34.22 -11.54
N TYR E 78 42.81 33.65 -11.67
CA TYR E 78 42.42 32.80 -12.79
C TYR E 78 43.17 31.46 -12.83
N VAL E 79 43.71 31.02 -11.69
CA VAL E 79 44.25 29.67 -11.63
C VAL E 79 43.22 28.66 -12.12
N GLU E 80 41.98 28.80 -11.68
CA GLU E 80 40.94 27.84 -12.01
C GLU E 80 40.55 27.86 -13.47
N ALA E 81 40.98 28.86 -14.24
CA ALA E 81 40.68 28.90 -15.65
C ALA E 81 41.60 27.98 -16.44
N GLY E 82 42.64 27.43 -15.79
CA GLY E 82 43.64 26.64 -16.47
C GLY E 82 44.72 27.53 -17.08
N GLY E 83 45.97 27.12 -17.00
CA GLY E 83 47.02 27.89 -17.60
C GLY E 83 47.17 27.53 -19.06
N PRO E 84 48.36 27.77 -19.62
CA PRO E 84 48.56 27.51 -21.06
C PRO E 84 48.40 26.06 -21.47
N GLY E 85 48.47 25.10 -20.54
CA GLY E 85 48.20 23.72 -20.87
C GLY E 85 46.73 23.38 -21.05
N SER E 86 45.82 24.28 -20.71
CA SER E 86 44.39 24.05 -20.90
C SER E 86 43.87 24.73 -22.16
N PRO E 87 43.02 24.07 -22.93
CA PRO E 87 42.37 24.79 -24.05
C PRO E 87 41.52 25.95 -23.59
N ASN E 88 40.99 25.89 -22.37
CA ASN E 88 40.18 26.99 -21.86
C ASN E 88 40.99 28.30 -21.82
N PHE E 89 42.26 28.20 -21.44
CA PHE E 89 43.15 29.36 -21.44
C PHE E 89 43.17 30.05 -22.80
N HIS E 90 43.18 29.24 -23.87
CA HIS E 90 43.31 29.72 -25.24
C HIS E 90 41.99 30.07 -25.90
N LYS E 91 40.90 29.50 -25.43
CA LYS E 91 39.60 29.79 -26.01
C LYS E 91 38.81 30.84 -25.24
N SER E 92 39.04 31.01 -23.94
CA SER E 92 38.15 31.87 -23.16
C SER E 92 38.10 33.29 -23.73
N ASN E 93 36.91 33.74 -24.09
CA ASN E 93 36.81 35.09 -24.59
C ASN E 93 36.98 36.15 -23.48
N ALA E 94 36.66 35.79 -22.23
CA ALA E 94 36.92 36.72 -21.13
C ALA E 94 38.41 36.96 -20.98
N LEU E 95 39.20 35.87 -21.00
CA LEU E 95 40.66 35.99 -20.95
C LEU E 95 41.18 36.78 -22.15
N LYS E 96 40.68 36.47 -23.35
CA LYS E 96 41.09 37.25 -24.53
C LYS E 96 40.80 38.73 -24.31
N THR E 97 39.60 39.05 -23.80
CA THR E 97 39.21 40.44 -23.63
C THR E 97 40.12 41.16 -22.65
N MET E 98 40.54 40.46 -21.59
CA MET E 98 41.40 41.07 -20.60
C MET E 98 42.85 41.22 -21.06
N ARG E 99 43.35 40.28 -21.85
CA ARG E 99 44.67 40.46 -22.47
C ARG E 99 44.70 41.69 -23.36
N LYS E 100 43.62 41.95 -24.10
CA LYS E 100 43.56 43.06 -25.02
C LYS E 100 43.27 44.39 -24.32
N GLN E 101 42.53 44.36 -23.21
CA GLN E 101 42.24 45.56 -22.42
C GLN E 101 42.73 45.32 -21.00
N PRO E 102 44.00 45.64 -20.70
CA PRO E 102 44.56 45.26 -19.39
C PRO E 102 43.89 45.93 -18.22
N GLN E 103 43.18 47.04 -18.43
CA GLN E 103 42.41 47.66 -17.36
C GLN E 103 41.39 46.68 -16.77
N LEU E 104 40.92 45.74 -17.58
CA LEU E 104 39.90 44.80 -17.15
C LEU E 104 40.50 43.56 -16.48
N GLN E 105 41.83 43.47 -16.34
CA GLN E 105 42.44 42.27 -15.81
C GLN E 105 41.99 42.03 -14.39
N GLY E 106 41.47 40.82 -14.13
CA GLY E 106 40.94 40.47 -12.84
C GLY E 106 39.52 40.91 -12.58
N LYS E 107 38.88 41.56 -13.54
CA LYS E 107 37.54 42.06 -13.32
C LYS E 107 36.46 41.19 -13.96
N LEU E 108 36.81 40.37 -14.94
CA LEU E 108 35.83 39.56 -15.66
C LEU E 108 35.81 38.14 -15.11
N LEU E 109 34.61 37.67 -14.83
CA LEU E 109 34.34 36.33 -14.34
C LEU E 109 35.20 35.98 -13.16
N ALA E 110 35.45 36.96 -12.28
CA ALA E 110 36.21 36.74 -11.06
C ALA E 110 35.28 36.65 -9.86
N LYS E 111 35.43 35.59 -9.07
CA LYS E 111 34.72 35.51 -7.80
C LYS E 111 34.93 36.81 -7.01
N GLY E 112 33.82 37.38 -6.53
CA GLY E 112 33.87 38.60 -5.74
C GLY E 112 33.70 39.87 -6.55
N SER E 113 33.73 39.78 -7.87
CA SER E 113 33.54 40.93 -8.75
C SER E 113 32.07 41.18 -9.06
N TRP E 114 31.77 42.41 -9.49
CA TRP E 114 30.44 42.71 -10.01
C TRP E 114 30.08 41.83 -11.20
N ASP E 115 31.04 41.61 -12.11
CA ASP E 115 30.80 40.81 -13.30
C ASP E 115 30.25 39.43 -12.96
N TYR E 116 30.80 38.81 -11.91
CA TYR E 116 30.47 37.44 -11.54
C TYR E 116 29.14 37.33 -10.81
N GLN E 117 28.69 38.43 -10.21
CA GLN E 117 27.45 38.40 -9.44
C GLN E 117 26.24 38.06 -10.33
N LEU E 118 25.28 37.38 -9.73
CA LEU E 118 23.97 37.27 -10.36
C LEU E 118 23.36 38.66 -10.55
N VAL E 119 22.61 38.80 -11.65
CA VAL E 119 21.99 40.10 -11.91
C VAL E 119 21.11 40.49 -10.72
N ASP E 120 21.01 41.80 -10.47
CA ASP E 120 20.31 42.27 -9.27
C ASP E 120 18.89 41.72 -9.19
N GLU E 121 18.28 41.42 -10.32
CA GLU E 121 16.86 41.03 -10.35
C GLU E 121 16.61 39.60 -9.86
N LEU E 122 17.63 38.75 -9.82
CA LEU E 122 17.48 37.33 -9.58
C LEU E 122 18.19 36.99 -8.29
N VAL E 123 17.43 36.63 -7.29
CA VAL E 123 17.92 36.44 -5.94
C VAL E 123 17.58 35.02 -5.49
N PRO E 124 18.59 34.16 -5.38
CA PRO E 124 18.34 32.81 -4.85
C PRO E 124 17.67 32.88 -3.50
N GLN E 125 16.81 31.89 -3.26
CA GLN E 125 16.02 31.75 -2.04
C GLN E 125 16.51 30.56 -1.25
N PRO E 126 16.25 30.54 0.07
CA PRO E 126 16.54 29.34 0.86
C PRO E 126 15.94 28.09 0.24
N GLY E 127 16.73 27.05 0.20
CA GLY E 127 16.34 25.81 -0.42
C GLY E 127 16.86 25.68 -1.84
N ASP E 128 17.13 26.79 -2.51
CA ASP E 128 17.80 26.67 -3.78
C ASP E 128 19.26 26.22 -3.58
N ILE E 129 19.85 25.70 -4.65
CA ILE E 129 21.28 25.41 -4.70
C ILE E 129 21.94 26.43 -5.63
N VAL E 130 23.04 27.00 -5.17
CA VAL E 130 23.87 27.86 -6.01
C VAL E 130 25.21 27.17 -6.24
N LEU E 131 25.50 26.85 -7.51
CA LEU E 131 26.73 26.11 -7.81
C LEU E 131 27.68 26.95 -8.64
N PRO E 132 28.97 27.03 -8.29
CA PRO E 132 29.95 27.58 -9.22
C PRO E 132 30.40 26.51 -10.21
N LYS E 133 30.82 26.96 -11.40
CA LYS E 133 31.41 26.04 -12.36
C LYS E 133 32.57 26.72 -13.08
N PRO E 134 33.62 25.96 -13.40
CA PRO E 134 34.80 26.53 -14.06
C PRO E 134 34.85 26.45 -15.59
N ARG E 135 33.91 25.74 -16.19
CA ARG E 135 33.85 25.54 -17.63
C ARG E 135 32.40 25.62 -18.08
N TYR E 136 32.20 25.63 -19.40
CA TYR E 136 30.86 25.87 -19.95
C TYR E 136 29.85 24.85 -19.42
N SER E 137 30.19 23.56 -19.45
CA SER E 137 29.21 22.55 -19.05
C SER E 137 29.18 22.42 -17.54
N GLY E 138 27.99 22.53 -16.98
CA GLY E 138 27.81 22.40 -15.54
C GLY E 138 28.05 21.03 -15.01
N PHE E 139 28.16 20.03 -15.89
CA PHE E 139 28.36 18.65 -15.49
C PHE E 139 29.82 18.24 -15.39
N PHE E 140 30.75 19.01 -15.92
CA PHE E 140 32.15 18.71 -15.72
C PHE E 140 32.71 19.50 -14.54
N ASN E 141 33.46 18.78 -13.70
CA ASN E 141 34.26 19.34 -12.62
C ASN E 141 33.44 19.84 -11.43
N THR E 142 32.19 19.39 -11.31
CA THR E 142 31.29 19.86 -10.27
C THR E 142 30.54 18.70 -9.66
N PRO E 143 29.81 18.96 -8.57
CA PRO E 143 28.90 17.94 -8.04
C PRO E 143 27.51 17.92 -8.64
N LEU E 144 27.28 18.53 -9.80
CA LEU E 144 25.92 18.63 -10.32
C LEU E 144 25.24 17.27 -10.44
N ASP E 145 25.90 16.30 -11.09
CA ASP E 145 25.34 14.98 -11.31
C ASP E 145 25.00 14.30 -9.99
N SER E 146 25.91 14.40 -9.01
CA SER E 146 25.69 13.80 -7.69
C SER E 146 24.47 14.42 -6.99
N ILE E 147 24.36 15.75 -7.05
CA ILE E 147 23.23 16.46 -6.43
C ILE E 147 21.90 15.95 -7.00
N LEU E 148 21.80 15.93 -8.31
CA LEU E 148 20.59 15.46 -8.97
C LEU E 148 20.30 13.98 -8.66
N ARG E 149 21.33 13.13 -8.74
CA ARG E 149 21.11 11.71 -8.49
C ARG E 149 20.64 11.47 -7.07
N SER E 150 21.24 12.18 -6.11
CA SER E 150 20.88 12.04 -4.70
C SER E 150 19.42 12.41 -4.44
N ARG E 151 18.82 13.19 -5.31
CA ARG E 151 17.43 13.61 -5.16
C ARG E 151 16.50 12.92 -6.15
N GLY E 152 17.01 11.98 -6.93
CA GLY E 152 16.21 11.20 -7.85
C GLY E 152 15.66 11.99 -9.01
N ILE E 153 16.35 13.05 -9.40
CA ILE E 153 15.89 13.96 -10.43
C ILE E 153 16.38 13.44 -11.77
N ARG E 154 15.45 13.29 -12.72
CA ARG E 154 15.77 12.88 -14.08
C ARG E 154 15.37 13.89 -15.13
N HIS E 155 14.58 14.90 -14.77
CA HIS E 155 14.12 15.93 -15.70
C HIS E 155 14.73 17.27 -15.30
N LEU E 156 15.31 17.95 -16.30
CA LEU E 156 16.01 19.20 -16.11
C LEU E 156 15.39 20.22 -17.06
N VAL E 157 14.95 21.36 -16.50
CA VAL E 157 14.38 22.46 -17.28
C VAL E 157 15.38 23.60 -17.30
N PHE E 158 15.89 23.93 -18.50
CA PHE E 158 16.99 24.87 -18.63
C PHE E 158 16.55 26.28 -19.06
N THR E 159 17.22 27.27 -18.47
CA THR E 159 17.06 28.70 -18.76
C THR E 159 18.44 29.31 -18.65
N GLY E 160 18.62 30.52 -19.18
CA GLY E 160 19.81 31.28 -18.96
C GLY E 160 20.64 31.48 -20.21
N ILE E 161 21.90 31.84 -20.02
CA ILE E 161 22.79 32.35 -21.05
C ILE E 161 24.16 31.66 -20.96
N ALA E 162 24.76 31.29 -22.10
CA ALA E 162 24.26 31.50 -23.46
C ALA E 162 23.63 30.18 -23.97
N THR E 163 22.58 30.32 -24.77
CA THR E 163 21.83 29.18 -25.29
C THR E 163 22.73 28.15 -25.94
N ASN E 164 23.68 28.61 -26.76
CA ASN E 164 24.53 27.76 -27.60
C ASN E 164 25.81 27.29 -26.91
N VAL E 165 26.11 27.78 -25.71
CA VAL E 165 27.41 27.51 -25.09
C VAL E 165 27.15 26.82 -23.76
N SER E 166 27.10 27.58 -22.64
CA SER E 166 26.91 26.93 -21.34
C SER E 166 25.55 26.22 -21.23
N VAL E 167 24.50 26.77 -21.80
CA VAL E 167 23.20 26.08 -21.70
C VAL E 167 23.23 24.79 -22.53
N GLU E 168 23.44 24.91 -23.84
CA GLU E 168 23.44 23.72 -24.70
C GLU E 168 24.49 22.70 -24.25
N SER E 169 25.63 23.15 -23.77
CA SER E 169 26.66 22.19 -23.37
C SER E 169 26.20 21.39 -22.17
N THR E 170 25.58 22.06 -21.21
CA THR E 170 25.10 21.36 -20.01
C THR E 170 23.95 20.42 -20.35
N LEU E 171 23.07 20.83 -21.27
CA LEU E 171 21.97 19.98 -21.71
C LEU E 171 22.48 18.77 -22.48
N ARG E 172 23.42 18.97 -23.39
CA ARG E 172 23.96 17.85 -24.13
C ARG E 172 24.59 16.84 -23.18
N ASP E 173 25.38 17.32 -22.21
CA ASP E 173 26.04 16.41 -21.27
C ASP E 173 25.02 15.73 -20.35
N GLY E 174 23.97 16.47 -19.94
CA GLY E 174 22.86 15.85 -19.26
C GLY E 174 22.30 14.67 -20.03
N PHE E 175 22.01 14.85 -21.32
CA PHE E 175 21.58 13.74 -22.17
C PHE E 175 22.53 12.54 -22.08
N PHE E 176 23.84 12.78 -22.18
CA PHE E 176 24.81 11.69 -22.09
C PHE E 176 24.82 11.06 -20.72
N LEU E 177 24.31 11.75 -19.68
CA LEU E 177 24.17 11.19 -18.35
C LEU E 177 22.73 10.71 -18.07
N GLU E 178 21.93 10.57 -19.11
CA GLU E 178 20.59 9.97 -19.09
C GLU E 178 19.57 10.89 -18.41
N TYR E 179 19.77 12.20 -18.52
CA TYR E 179 18.78 13.17 -18.07
C TYR E 179 17.93 13.64 -19.25
N PHE E 180 16.63 13.85 -18.98
CA PHE E 180 15.68 14.44 -19.92
C PHE E 180 15.74 15.96 -19.79
N GLY E 181 16.21 16.66 -20.82
CA GLY E 181 16.45 18.10 -20.79
C GLY E 181 15.49 18.88 -21.66
N VAL E 182 14.88 19.89 -21.05
CA VAL E 182 13.97 20.81 -21.72
C VAL E 182 14.56 22.23 -21.62
N VAL E 183 14.50 22.98 -22.72
CA VAL E 183 14.94 24.38 -22.70
C VAL E 183 13.74 25.28 -22.95
N LEU E 184 13.61 26.33 -22.13
CA LEU E 184 12.52 27.29 -22.28
C LEU E 184 13.06 28.42 -23.14
N GLU E 185 12.68 28.43 -24.42
CA GLU E 185 13.42 29.23 -25.40
C GLU E 185 13.35 30.71 -25.08
N ASP E 186 12.21 31.22 -24.58
CA ASP E 186 12.15 32.66 -24.33
C ASP E 186 12.75 33.06 -22.97
N ALA E 187 13.39 32.11 -22.28
CA ALA E 187 14.19 32.35 -21.09
C ALA E 187 15.67 32.04 -21.33
N THR E 188 16.10 32.10 -22.58
CA THR E 188 17.51 31.98 -22.97
C THR E 188 17.90 33.13 -23.89
N HIS E 189 19.21 33.29 -24.05
CA HIS E 189 19.79 34.20 -25.01
C HIS E 189 21.13 33.64 -25.45
N GLN E 190 21.40 33.75 -26.74
CA GLN E 190 22.63 33.21 -27.32
C GLN E 190 23.78 34.19 -27.17
N ALA E 191 25.01 33.66 -27.35
CA ALA E 191 26.25 34.43 -27.49
C ALA E 191 26.70 34.30 -28.94
N GLY E 192 26.46 35.33 -29.73
CA GLY E 192 26.76 35.30 -31.14
C GLY E 192 25.61 35.85 -31.96
N PRO E 193 25.70 35.67 -33.27
CA PRO E 193 24.61 36.09 -34.14
C PRO E 193 23.28 35.44 -33.77
N LYS E 194 22.22 36.05 -34.25
CA LYS E 194 20.89 35.51 -33.99
C LYS E 194 20.77 34.07 -34.48
N PHE E 195 21.49 33.69 -35.55
CA PHE E 195 21.33 32.32 -36.06
C PHE E 195 21.82 31.27 -35.05
N ALA E 196 22.67 31.68 -34.11
CA ALA E 196 23.14 30.76 -33.08
C ALA E 196 22.04 30.39 -32.13
N GLN E 197 21.09 31.30 -31.88
CA GLN E 197 19.93 30.94 -31.08
C GLN E 197 19.13 29.84 -31.79
N LYS E 198 18.70 30.14 -33.02
CA LYS E 198 17.94 29.18 -33.82
C LYS E 198 18.65 27.84 -33.94
N ALA E 199 19.96 27.84 -34.11
CA ALA E 199 20.65 26.59 -34.37
C ALA E 199 20.74 25.77 -33.10
N ALA E 200 20.92 26.42 -31.96
CA ALA E 200 20.98 25.68 -30.70
C ALA E 200 19.63 25.03 -30.41
N LEU E 201 18.54 25.77 -30.61
CA LEU E 201 17.23 25.21 -30.35
C LEU E 201 16.92 24.06 -31.31
N PHE E 202 17.36 24.20 -32.57
CA PHE E 202 17.20 23.12 -33.52
C PHE E 202 17.95 21.86 -33.08
N ASN E 203 19.21 22.04 -32.65
CA ASN E 203 20.01 20.91 -32.18
C ASN E 203 19.35 20.25 -30.98
N ILE E 204 18.83 21.04 -30.04
CA ILE E 204 18.24 20.48 -28.84
C ILE E 204 16.97 19.71 -29.20
N GLU E 205 16.02 20.36 -29.89
CA GLU E 205 14.78 19.72 -30.31
C GLU E 205 15.05 18.46 -31.13
N THR E 206 16.02 18.52 -32.06
CA THR E 206 16.11 17.42 -33.02
C THR E 206 16.90 16.24 -32.46
N PHE E 207 17.86 16.50 -31.55
CA PHE E 207 18.75 15.41 -31.15
C PHE E 207 18.85 15.17 -29.65
N PHE E 208 18.72 16.22 -28.83
CA PHE E 208 19.18 16.13 -27.45
C PHE E 208 18.09 16.25 -26.40
N GLY E 209 17.04 17.00 -26.65
CA GLY E 209 15.98 17.18 -25.65
C GLY E 209 14.78 17.88 -26.25
N TRP E 210 14.18 18.78 -25.46
CA TRP E 210 12.89 19.38 -25.80
C TRP E 210 12.94 20.89 -25.64
N VAL E 211 12.13 21.55 -26.46
CA VAL E 211 12.00 23.00 -26.45
C VAL E 211 10.56 23.37 -26.08
N SER E 212 10.42 24.18 -25.05
CA SER E 212 9.14 24.78 -24.68
C SER E 212 9.38 26.27 -24.40
N ASP E 213 8.45 26.91 -23.71
CA ASP E 213 8.53 28.35 -23.43
C ASP E 213 7.96 28.55 -22.04
N VAL E 214 8.15 29.76 -21.50
CA VAL E 214 7.87 29.97 -20.09
C VAL E 214 6.36 29.89 -19.80
N GLU E 215 5.52 30.49 -20.62
CA GLU E 215 4.09 30.47 -20.26
C GLU E 215 3.48 29.08 -20.47
N THR E 216 3.96 28.31 -21.47
CA THR E 216 3.52 26.92 -21.59
C THR E 216 3.91 26.15 -20.34
N PHE E 217 5.13 26.38 -19.84
CA PHE E 217 5.64 25.74 -18.62
C PHE E 217 4.80 26.14 -17.41
N CYS E 218 4.48 27.43 -17.29
CA CYS E 218 3.65 27.86 -16.16
C CYS E 218 2.27 27.21 -16.21
N ASP E 219 1.66 27.13 -17.40
CA ASP E 219 0.36 26.49 -17.52
C ASP E 219 0.43 25.02 -17.14
N ALA E 220 1.51 24.33 -17.54
CA ALA E 220 1.65 22.90 -17.27
C ALA E 220 1.73 22.64 -15.77
N LEU E 221 2.38 23.54 -15.03
CA LEU E 221 2.52 23.36 -13.59
C LEU E 221 1.32 23.83 -12.78
N SER E 222 0.38 24.57 -13.38
CA SER E 222 -0.59 25.29 -12.53
C SER E 222 -1.53 24.39 -11.74
N PRO E 223 -1.78 23.14 -12.17
CA PRO E 223 -2.56 22.30 -11.24
C PRO E 223 -1.80 21.85 -9.99
N THR F 2 11.89 -5.39 -0.88
CA THR F 2 12.72 -6.28 -0.07
C THR F 2 13.53 -5.55 1.01
N THR F 3 13.56 -6.13 2.21
CA THR F 3 14.52 -5.75 3.24
C THR F 3 15.51 -6.89 3.38
N LEU F 4 16.78 -6.56 3.28
CA LEU F 4 17.86 -7.53 3.30
C LEU F 4 18.68 -7.34 4.57
N THR F 5 18.73 -8.38 5.40
CA THR F 5 19.65 -8.39 6.52
C THR F 5 21.07 -8.23 6.01
N ALA F 6 21.82 -7.35 6.64
CA ALA F 6 23.11 -7.00 6.10
C ALA F 6 23.89 -6.29 7.19
N ARG F 7 25.21 -6.24 7.00
CA ARG F 7 26.08 -5.40 7.83
C ARG F 7 26.37 -4.09 7.11
N PRO F 8 26.39 -2.95 7.81
CA PRO F 8 26.23 -2.85 9.27
C PRO F 8 24.79 -2.77 9.75
N GLU F 9 23.84 -2.63 8.83
CA GLU F 9 22.43 -2.69 9.15
C GLU F 9 21.68 -3.19 7.92
N ALA F 10 20.47 -3.69 8.16
CA ALA F 10 19.60 -4.12 7.07
C ALA F 10 19.36 -2.97 6.10
N ILE F 11 19.08 -3.33 4.84
CA ILE F 11 18.81 -2.34 3.79
C ILE F 11 17.67 -2.81 2.92
N THR F 12 16.93 -1.83 2.40
CA THR F 12 15.74 -2.05 1.60
C THR F 12 16.03 -1.74 0.14
N PHE F 13 15.53 -2.60 -0.74
CA PHE F 13 15.66 -2.33 -2.16
C PHE F 13 14.53 -3.01 -2.91
N ASP F 14 14.18 -2.46 -4.07
CA ASP F 14 13.25 -3.12 -4.97
C ASP F 14 14.01 -3.96 -5.99
N PRO F 15 13.86 -5.29 -5.98
CA PRO F 15 14.54 -6.12 -6.98
C PRO F 15 14.39 -5.65 -8.42
N GLN F 16 13.25 -5.10 -8.79
CA GLN F 16 13.04 -4.70 -10.18
C GLN F 16 13.68 -3.37 -10.54
N GLN F 17 14.26 -2.70 -9.55
CA GLN F 17 15.11 -1.52 -9.75
C GLN F 17 16.52 -1.80 -9.25
N SER F 18 16.95 -3.07 -9.29
CA SER F 18 18.23 -3.51 -8.78
C SER F 18 18.91 -4.40 -9.82
N ALA F 19 20.21 -4.55 -9.69
CA ALA F 19 21.00 -5.38 -10.58
C ALA F 19 21.90 -6.30 -9.76
N LEU F 20 22.07 -7.51 -10.25
CA LEU F 20 23.06 -8.43 -9.74
C LEU F 20 24.22 -8.39 -10.70
N ILE F 21 25.40 -8.02 -10.21
CA ILE F 21 26.60 -7.92 -11.03
C ILE F 21 27.50 -9.10 -10.68
N VAL F 22 27.84 -9.90 -11.69
CA VAL F 22 28.76 -11.01 -11.54
C VAL F 22 30.09 -10.58 -12.14
N VAL F 23 31.07 -10.29 -11.27
CA VAL F 23 32.31 -9.66 -11.69
C VAL F 23 33.32 -10.73 -12.10
N ASP F 24 33.58 -10.84 -13.40
CA ASP F 24 34.80 -11.46 -13.93
C ASP F 24 34.92 -12.95 -13.53
N MET F 25 33.82 -13.68 -13.65
CA MET F 25 33.83 -15.10 -13.31
C MET F 25 34.28 -15.90 -14.53
N GLN F 26 35.50 -15.52 -14.95
CA GLN F 26 36.23 -16.10 -16.06
C GLN F 26 37.25 -17.12 -15.57
N ASN F 27 37.70 -17.98 -16.48
CA ASN F 27 38.72 -18.95 -16.07
C ASN F 27 39.97 -18.24 -15.52
N ALA F 28 40.32 -17.11 -16.11
CA ALA F 28 41.45 -16.32 -15.61
C ALA F 28 41.44 -16.11 -14.09
N TYR F 29 40.26 -15.89 -13.52
CA TYR F 29 40.17 -15.52 -12.12
C TYR F 29 39.70 -16.63 -11.20
N ALA F 30 39.10 -17.68 -11.75
CA ALA F 30 38.41 -18.68 -10.96
C ALA F 30 38.93 -20.09 -11.17
N THR F 31 39.70 -20.33 -12.22
CA THR F 31 39.94 -21.70 -12.59
C THR F 31 41.42 -22.05 -12.53
N PRO F 32 41.77 -23.21 -11.99
CA PRO F 32 43.20 -23.60 -11.98
C PRO F 32 43.77 -23.55 -13.38
N GLY F 33 45.00 -23.05 -13.49
CA GLY F 33 45.62 -22.84 -14.77
C GLY F 33 45.23 -21.57 -15.47
N GLY F 34 44.37 -20.77 -14.89
CA GLY F 34 44.08 -19.47 -15.43
C GLY F 34 45.12 -18.48 -15.02
N TYR F 35 44.98 -17.26 -15.57
CA TYR F 35 45.90 -16.16 -15.27
C TYR F 35 46.26 -16.05 -13.79
N LEU F 36 45.27 -15.95 -12.90
CA LEU F 36 45.62 -15.69 -11.50
C LEU F 36 46.45 -16.82 -10.91
N ASP F 37 46.03 -18.06 -11.16
CA ASP F 37 46.79 -19.22 -10.70
C ASP F 37 48.20 -19.19 -11.26
N LEU F 38 48.34 -18.91 -12.56
CA LEU F 38 49.65 -18.88 -13.20
C LEU F 38 50.54 -17.74 -12.67
N ALA F 39 49.92 -16.66 -12.22
CA ALA F 39 50.64 -15.50 -11.68
C ALA F 39 51.01 -15.67 -10.22
N GLY F 40 50.63 -16.80 -9.62
CA GLY F 40 51.01 -17.11 -8.27
C GLY F 40 49.96 -16.87 -7.21
N PHE F 41 48.73 -16.56 -7.60
CA PHE F 41 47.64 -16.41 -6.62
C PHE F 41 46.95 -17.75 -6.38
N ASP F 42 46.38 -17.90 -5.19
CA ASP F 42 45.76 -19.18 -4.78
C ASP F 42 44.31 -19.19 -5.21
N VAL F 43 44.00 -19.97 -6.25
CA VAL F 43 42.61 -20.11 -6.70
C VAL F 43 42.00 -21.41 -6.20
N SER F 44 42.67 -22.10 -5.27
CA SER F 44 42.30 -23.43 -4.83
C SER F 44 40.91 -23.48 -4.20
N THR F 45 40.40 -22.35 -3.72
CA THR F 45 39.23 -22.36 -2.86
C THR F 45 38.04 -21.64 -3.49
N THR F 46 38.03 -21.46 -4.80
CA THR F 46 36.96 -20.70 -5.45
C THR F 46 35.76 -21.55 -5.84
N ARG F 47 35.80 -22.88 -5.65
CA ARG F 47 34.69 -23.70 -6.10
C ARG F 47 33.38 -23.36 -5.41
N PRO F 48 33.34 -23.10 -4.10
CA PRO F 48 32.07 -22.70 -3.47
C PRO F 48 31.60 -21.33 -3.94
N VAL F 49 32.51 -20.48 -4.42
CA VAL F 49 32.09 -19.19 -4.95
C VAL F 49 31.28 -19.38 -6.22
N ILE F 50 31.77 -20.24 -7.13
CA ILE F 50 31.03 -20.52 -8.34
C ILE F 50 29.64 -21.06 -8.01
N ALA F 51 29.58 -22.05 -7.12
CA ALA F 51 28.28 -22.59 -6.72
C ALA F 51 27.39 -21.51 -6.14
N ASN F 52 27.94 -20.69 -5.24
CA ASN F 52 27.09 -19.70 -4.57
C ASN F 52 26.64 -18.61 -5.54
N ILE F 53 27.45 -18.31 -6.55
CA ILE F 53 27.01 -17.37 -7.57
C ILE F 53 25.86 -17.95 -8.40
N GLN F 54 25.95 -19.22 -8.74
CA GLN F 54 24.86 -19.82 -9.49
C GLN F 54 23.56 -19.72 -8.70
N THR F 55 23.63 -19.94 -7.39
CA THR F 55 22.45 -19.86 -6.55
C THR F 55 21.89 -18.44 -6.47
N ALA F 56 22.77 -17.46 -6.31
CA ALA F 56 22.32 -16.07 -6.28
C ALA F 56 21.74 -15.62 -7.61
N VAL F 57 22.35 -16.07 -8.71
CA VAL F 57 21.85 -15.65 -10.01
C VAL F 57 20.44 -16.15 -10.23
N THR F 58 20.19 -17.42 -9.86
CA THR F 58 18.88 -18.02 -10.06
C THR F 58 17.80 -17.26 -9.29
N ALA F 59 18.11 -16.84 -8.06
CA ALA F 59 17.11 -16.14 -7.27
C ALA F 59 16.95 -14.70 -7.76
N ALA F 60 18.06 -14.07 -8.13
CA ALA F 60 17.99 -12.71 -8.65
C ALA F 60 17.13 -12.65 -9.91
N ARG F 61 17.38 -13.55 -10.85
CA ARG F 61 16.62 -13.51 -12.09
C ARG F 61 15.13 -13.75 -11.82
N ALA F 62 14.83 -14.73 -10.97
CA ALA F 62 13.44 -15.04 -10.66
C ALA F 62 12.73 -13.84 -10.06
N ALA F 63 13.45 -12.96 -9.37
CA ALA F 63 12.84 -11.82 -8.71
C ALA F 63 12.81 -10.56 -9.58
N GLY F 64 13.12 -10.68 -10.87
CA GLY F 64 13.10 -9.54 -11.76
C GLY F 64 14.35 -8.69 -11.76
N MET F 65 15.43 -9.15 -11.15
CA MET F 65 16.65 -8.38 -11.09
C MET F 65 17.46 -8.56 -12.37
N LEU F 66 17.90 -7.45 -12.95
CA LEU F 66 18.83 -7.49 -14.07
C LEU F 66 20.13 -8.16 -13.67
N ILE F 67 20.58 -9.11 -14.48
CA ILE F 67 21.84 -9.77 -14.24
C ILE F 67 22.86 -9.23 -15.24
N ILE F 68 23.98 -8.72 -14.73
CA ILE F 68 25.06 -8.18 -15.54
C ILE F 68 26.31 -9.00 -15.27
N TRP F 69 26.91 -9.55 -16.35
CA TRP F 69 28.15 -10.31 -16.28
C TRP F 69 29.29 -9.51 -16.86
N PHE F 70 30.32 -9.31 -16.08
CA PHE F 70 31.52 -8.71 -16.62
C PHE F 70 32.52 -9.76 -17.08
N GLN F 71 33.19 -9.44 -18.18
CA GLN F 71 34.40 -10.14 -18.64
C GLN F 71 35.51 -9.11 -18.78
N ASN F 72 36.55 -9.26 -17.99
CA ASN F 72 37.70 -8.39 -18.03
C ASN F 72 38.71 -8.89 -19.04
N GLY F 73 39.16 -8.01 -19.91
CA GLY F 73 40.31 -8.33 -20.74
C GLY F 73 40.30 -7.51 -22.02
N TRP F 74 41.10 -7.99 -22.98
CA TRP F 74 41.58 -7.17 -24.09
C TRP F 74 41.66 -7.97 -25.37
N ASP F 75 41.88 -7.25 -26.48
CA ASP F 75 42.32 -7.86 -27.73
C ASP F 75 43.59 -8.67 -27.49
N GLU F 76 43.77 -9.72 -28.30
CA GLU F 76 44.92 -10.61 -28.18
C GLU F 76 46.27 -9.90 -28.35
N GLN F 77 46.35 -8.76 -29.03
CA GLN F 77 47.57 -7.98 -29.10
C GLN F 77 47.66 -6.92 -28.02
N TYR F 78 46.66 -6.84 -27.12
CA TYR F 78 46.71 -6.03 -25.90
C TYR F 78 46.81 -4.53 -26.18
N VAL F 79 46.32 -4.08 -27.34
CA VAL F 79 46.17 -2.65 -27.58
C VAL F 79 45.30 -2.03 -26.49
N GLU F 80 44.23 -2.71 -26.13
CA GLU F 80 43.25 -2.22 -25.18
C GLU F 80 43.77 -2.19 -23.76
N ALA F 81 44.90 -2.83 -23.48
CA ALA F 81 45.45 -2.81 -22.16
C ALA F 81 46.25 -1.56 -21.91
N GLY F 82 46.46 -0.75 -22.93
CA GLY F 82 47.36 0.38 -22.86
C GLY F 82 48.81 -0.05 -23.09
N GLY F 83 49.58 0.79 -23.75
CA GLY F 83 50.99 0.56 -23.83
C GLY F 83 51.72 1.19 -22.67
N PRO F 84 53.01 1.45 -22.85
CA PRO F 84 53.82 1.94 -21.73
C PRO F 84 53.41 3.30 -21.19
N GLY F 85 52.63 4.09 -21.94
CA GLY F 85 52.13 5.34 -21.40
C GLY F 85 50.95 5.19 -20.45
N SER F 86 50.46 3.95 -20.23
CA SER F 86 49.37 3.68 -19.29
C SER F 86 49.89 2.98 -18.04
N PRO F 87 49.46 3.40 -16.85
CA PRO F 87 49.86 2.61 -15.67
C PRO F 87 49.42 1.16 -15.74
N ASN F 88 48.33 0.86 -16.44
CA ASN F 88 47.88 -0.52 -16.54
C ASN F 88 48.94 -1.41 -17.17
N PHE F 89 49.66 -0.88 -18.16
CA PHE F 89 50.73 -1.65 -18.80
C PHE F 89 51.77 -2.12 -17.77
N HIS F 90 52.04 -1.28 -16.79
CA HIS F 90 53.06 -1.55 -15.80
C HIS F 90 52.52 -2.27 -14.59
N LYS F 91 51.22 -2.17 -14.31
CA LYS F 91 50.66 -2.81 -13.14
C LYS F 91 50.06 -4.18 -13.41
N SER F 92 49.59 -4.43 -14.65
CA SER F 92 48.88 -5.67 -14.96
C SER F 92 49.70 -6.92 -14.65
N ASN F 93 49.23 -7.67 -13.66
CA ASN F 93 49.92 -8.91 -13.34
C ASN F 93 49.81 -9.91 -14.46
N ALA F 94 48.75 -9.88 -15.27
CA ALA F 94 48.71 -10.76 -16.45
C ALA F 94 49.79 -10.38 -17.46
N LEU F 95 49.98 -9.09 -17.70
CA LEU F 95 51.03 -8.67 -18.62
C LEU F 95 52.40 -9.04 -18.07
N LYS F 96 52.60 -8.87 -16.76
CA LYS F 96 53.84 -9.27 -16.10
C LYS F 96 54.13 -10.76 -16.28
N THR F 97 53.10 -11.59 -16.13
CA THR F 97 53.27 -13.03 -16.25
C THR F 97 53.62 -13.42 -17.69
N MET F 98 53.06 -12.71 -18.68
CA MET F 98 53.39 -13.02 -20.06
C MET F 98 54.77 -12.48 -20.46
N ARG F 99 55.25 -11.41 -19.82
CA ARG F 99 56.62 -10.96 -20.06
C ARG F 99 57.61 -11.95 -19.47
N LYS F 100 57.27 -12.56 -18.34
CA LYS F 100 58.13 -13.55 -17.71
C LYS F 100 58.04 -14.93 -18.38
N GLN F 101 56.89 -15.30 -18.92
CA GLN F 101 56.67 -16.59 -19.57
C GLN F 101 56.13 -16.33 -20.97
N PRO F 102 57.00 -16.01 -21.92
CA PRO F 102 56.54 -15.67 -23.28
C PRO F 102 55.73 -16.75 -23.97
N GLN F 103 55.80 -18.01 -23.55
CA GLN F 103 54.90 -18.99 -24.13
C GLN F 103 53.44 -18.65 -23.81
N LEU F 104 53.18 -17.84 -22.79
CA LEU F 104 51.81 -17.46 -22.44
C LEU F 104 51.34 -16.25 -23.23
N GLN F 105 52.21 -15.64 -24.04
CA GLN F 105 51.88 -14.41 -24.75
C GLN F 105 50.63 -14.56 -25.62
N GLY F 106 49.67 -13.66 -25.40
CA GLY F 106 48.45 -13.68 -26.16
C GLY F 106 47.39 -14.60 -25.60
N LYS F 107 47.71 -15.36 -24.56
CA LYS F 107 46.81 -16.35 -24.00
C LYS F 107 46.07 -15.87 -22.76
N LEU F 108 46.54 -14.82 -22.10
CA LEU F 108 45.93 -14.37 -20.85
C LEU F 108 45.01 -13.19 -21.11
N LEU F 109 43.81 -13.28 -20.57
CA LEU F 109 42.81 -12.23 -20.62
C LEU F 109 42.62 -11.70 -22.04
N ALA F 110 42.67 -12.59 -23.02
CA ALA F 110 42.53 -12.21 -24.41
C ALA F 110 41.17 -12.64 -24.96
N LYS F 111 40.49 -11.71 -25.60
CA LYS F 111 39.23 -12.02 -26.25
C LYS F 111 39.45 -13.19 -27.19
N GLY F 112 38.62 -14.23 -27.04
CA GLY F 112 38.73 -15.42 -27.83
C GLY F 112 39.47 -16.57 -27.18
N SER F 113 40.16 -16.34 -26.07
CA SER F 113 40.94 -17.37 -25.41
C SER F 113 40.12 -18.07 -24.35
N TRP F 114 40.58 -19.27 -23.96
CA TRP F 114 39.99 -19.99 -22.84
C TRP F 114 40.08 -19.16 -21.55
N ASP F 115 41.24 -18.55 -21.29
CA ASP F 115 41.44 -17.75 -20.09
C ASP F 115 40.35 -16.69 -19.94
N TYR F 116 39.92 -16.10 -21.04
CA TYR F 116 38.95 -15.01 -21.00
C TYR F 116 37.52 -15.48 -20.87
N GLN F 117 37.22 -16.73 -21.23
CA GLN F 117 35.86 -17.23 -21.15
C GLN F 117 35.33 -17.24 -19.71
N LEU F 118 34.02 -17.02 -19.59
CA LEU F 118 33.32 -17.34 -18.34
C LEU F 118 33.46 -18.82 -18.07
N VAL F 119 33.59 -19.17 -16.79
CA VAL F 119 33.75 -20.56 -16.41
C VAL F 119 32.57 -21.38 -16.93
N ASP F 120 32.85 -22.65 -17.24
CA ASP F 120 31.85 -23.47 -17.91
C ASP F 120 30.55 -23.56 -17.13
N GLU F 121 30.59 -23.45 -15.80
CA GLU F 121 29.41 -23.63 -14.98
C GLU F 121 28.45 -22.44 -15.03
N LEU F 122 28.91 -21.29 -15.52
CA LEU F 122 28.15 -20.05 -15.43
C LEU F 122 27.77 -19.59 -16.82
N VAL F 123 26.49 -19.69 -17.15
CA VAL F 123 26.03 -19.48 -18.52
C VAL F 123 25.04 -18.33 -18.57
N PRO F 124 25.40 -17.18 -19.13
CA PRO F 124 24.41 -16.09 -19.25
C PRO F 124 23.17 -16.53 -20.01
N GLN F 125 22.02 -16.04 -19.57
CA GLN F 125 20.75 -16.35 -20.17
C GLN F 125 20.21 -15.18 -20.96
N PRO F 126 19.25 -15.41 -21.84
CA PRO F 126 18.68 -14.29 -22.61
C PRO F 126 18.07 -13.25 -21.69
N GLY F 127 18.34 -11.99 -22.01
CA GLY F 127 17.93 -10.88 -21.19
C GLY F 127 18.96 -10.42 -20.19
N ASP F 128 19.93 -11.27 -19.87
CA ASP F 128 21.12 -10.82 -19.16
C ASP F 128 21.90 -9.87 -20.06
N ILE F 129 22.74 -9.04 -19.44
CA ILE F 129 23.72 -8.22 -20.15
C ILE F 129 25.13 -8.76 -19.86
N VAL F 130 25.91 -8.96 -20.91
CA VAL F 130 27.32 -9.36 -20.80
C VAL F 130 28.18 -8.19 -21.27
N LEU F 131 28.99 -7.64 -20.37
CA LEU F 131 29.79 -6.46 -20.61
C LEU F 131 31.29 -6.76 -20.57
N PRO F 132 32.04 -6.36 -21.59
CA PRO F 132 33.50 -6.38 -21.47
C PRO F 132 33.98 -5.14 -20.70
N LYS F 133 35.09 -5.28 -19.99
CA LYS F 133 35.70 -4.10 -19.41
C LYS F 133 37.21 -4.16 -19.54
N PRO F 134 37.86 -3.03 -19.76
CA PRO F 134 39.33 -3.04 -19.95
C PRO F 134 40.18 -2.71 -18.74
N ARG F 135 39.55 -2.41 -17.60
CA ARG F 135 40.25 -2.07 -16.38
C ARG F 135 39.45 -2.63 -15.22
N TYR F 136 40.05 -2.58 -14.04
CA TYR F 136 39.43 -3.25 -12.90
C TYR F 136 38.01 -2.73 -12.64
N SER F 137 37.80 -1.41 -12.67
CA SER F 137 36.49 -0.87 -12.34
C SER F 137 35.55 -1.00 -13.53
N GLY F 138 34.40 -1.62 -13.31
CA GLY F 138 33.39 -1.70 -14.34
C GLY F 138 32.75 -0.37 -14.71
N PHE F 139 32.96 0.70 -13.92
CA PHE F 139 32.35 2.00 -14.22
C PHE F 139 33.26 2.93 -15.03
N PHE F 140 34.52 2.58 -15.29
CA PHE F 140 35.35 3.39 -16.17
C PHE F 140 35.42 2.72 -17.53
N ASN F 141 35.21 3.53 -18.59
CA ASN F 141 35.43 3.17 -19.99
C ASN F 141 34.38 2.23 -20.55
N THR F 142 33.21 2.17 -19.91
CA THR F 142 32.12 1.27 -20.28
C THR F 142 30.80 2.03 -20.28
N PRO F 143 29.76 1.44 -20.80
CA PRO F 143 28.39 1.97 -20.62
C PRO F 143 27.66 1.54 -19.34
N LEU F 144 28.36 0.99 -18.35
CA LEU F 144 27.63 0.43 -17.21
C LEU F 144 26.73 1.44 -16.52
N ASP F 145 27.27 2.63 -16.22
CA ASP F 145 26.45 3.67 -15.59
C ASP F 145 25.21 4.01 -16.44
N SER F 146 25.40 4.18 -17.76
CA SER F 146 24.29 4.49 -18.65
C SER F 146 23.26 3.38 -18.64
N ILE F 147 23.71 2.13 -18.67
CA ILE F 147 22.81 0.98 -18.64
C ILE F 147 21.93 1.04 -17.40
N LEU F 148 22.54 1.24 -16.23
CA LEU F 148 21.80 1.23 -14.98
C LEU F 148 20.82 2.42 -14.89
N ARG F 149 21.29 3.62 -15.22
CA ARG F 149 20.43 4.80 -15.16
C ARG F 149 19.25 4.67 -16.09
N SER F 150 19.48 4.07 -17.29
CA SER F 150 18.42 3.91 -18.26
C SER F 150 17.28 3.04 -17.74
N ARG F 151 17.53 2.20 -16.73
CA ARG F 151 16.49 1.40 -16.12
C ARG F 151 16.15 1.85 -14.70
N GLY F 152 16.56 3.06 -14.32
CA GLY F 152 16.32 3.58 -12.98
C GLY F 152 16.83 2.71 -11.85
N ILE F 153 17.93 2.01 -12.07
CA ILE F 153 18.50 1.09 -11.07
C ILE F 153 19.41 1.90 -10.15
N ARG F 154 19.24 1.71 -8.84
CA ARG F 154 20.04 2.38 -7.84
C ARG F 154 20.70 1.44 -6.85
N HIS F 155 20.33 0.16 -6.81
CA HIS F 155 20.92 -0.81 -5.91
C HIS F 155 21.62 -1.87 -6.74
N LEU F 156 22.83 -2.19 -6.32
CA LEU F 156 23.68 -3.12 -7.04
C LEU F 156 24.12 -4.21 -6.09
N VAL F 157 23.89 -5.46 -6.48
CA VAL F 157 24.37 -6.58 -5.67
C VAL F 157 25.57 -7.18 -6.36
N PHE F 158 26.70 -7.21 -5.65
CA PHE F 158 27.98 -7.63 -6.21
C PHE F 158 28.35 -9.05 -5.79
N THR F 159 28.86 -9.79 -6.77
CA THR F 159 29.50 -11.08 -6.61
C THR F 159 30.73 -11.11 -7.51
N GLY F 160 31.60 -12.09 -7.30
CA GLY F 160 32.68 -12.38 -8.24
C GLY F 160 34.09 -12.19 -7.70
N ILE F 161 35.09 -12.03 -8.56
CA ILE F 161 36.50 -12.09 -8.20
C ILE F 161 37.21 -10.97 -8.96
N ALA F 162 38.18 -10.29 -8.32
CA ALA F 162 38.61 -10.41 -6.91
C ALA F 162 37.91 -9.40 -6.03
N THR F 163 37.53 -9.85 -4.82
CA THR F 163 36.80 -9.01 -3.86
C THR F 163 37.48 -7.67 -3.67
N ASN F 164 38.82 -7.66 -3.61
CA ASN F 164 39.59 -6.48 -3.27
C ASN F 164 39.99 -5.64 -4.48
N VAL F 165 39.76 -6.12 -5.70
CA VAL F 165 40.24 -5.41 -6.89
C VAL F 165 39.06 -5.01 -7.79
N SER F 166 38.68 -5.87 -8.74
CA SER F 166 37.58 -5.50 -9.64
C SER F 166 36.26 -5.34 -8.88
N VAL F 167 36.03 -6.16 -7.86
CA VAL F 167 34.75 -6.08 -7.14
C VAL F 167 34.68 -4.80 -6.34
N GLU F 168 35.62 -4.60 -5.42
CA GLU F 168 35.62 -3.40 -4.57
C GLU F 168 35.77 -2.13 -5.38
N SER F 169 36.63 -2.15 -6.42
CA SER F 169 36.76 -0.96 -7.25
C SER F 169 35.45 -0.58 -7.89
N THR F 170 34.69 -1.57 -8.41
CA THR F 170 33.44 -1.24 -9.05
C THR F 170 32.42 -0.73 -8.03
N LEU F 171 32.44 -1.31 -6.82
CA LEU F 171 31.51 -0.89 -5.79
C LEU F 171 31.84 0.49 -5.26
N ARG F 172 33.13 0.77 -5.03
CA ARG F 172 33.52 2.10 -4.59
C ARG F 172 33.09 3.15 -5.62
N ASP F 173 33.39 2.91 -6.90
CA ASP F 173 33.00 3.89 -7.90
C ASP F 173 31.48 4.03 -7.96
N GLY F 174 30.79 2.90 -7.81
CA GLY F 174 29.34 2.95 -7.74
C GLY F 174 28.87 3.90 -6.64
N PHE F 175 29.48 3.79 -5.46
CA PHE F 175 29.20 4.73 -4.37
C PHE F 175 29.42 6.17 -4.80
N PHE F 176 30.52 6.44 -5.52
CA PHE F 176 30.74 7.80 -5.97
C PHE F 176 29.75 8.24 -7.05
N LEU F 177 29.09 7.30 -7.71
CA LEU F 177 28.02 7.59 -8.67
C LEU F 177 26.62 7.47 -8.03
N GLU F 178 26.54 7.44 -6.70
CA GLU F 178 25.30 7.45 -5.92
C GLU F 178 24.49 6.16 -6.05
N TYR F 179 25.17 5.02 -6.30
CA TYR F 179 24.59 3.70 -6.18
C TYR F 179 24.78 3.13 -4.78
N PHE F 180 23.78 2.36 -4.34
CA PHE F 180 23.82 1.60 -3.10
C PHE F 180 24.29 0.19 -3.42
N GLY F 181 25.49 -0.16 -2.95
CA GLY F 181 26.13 -1.42 -3.30
C GLY F 181 26.18 -2.39 -2.13
N VAL F 182 25.78 -3.63 -2.41
CA VAL F 182 25.82 -4.75 -1.47
C VAL F 182 26.73 -5.80 -2.04
N VAL F 183 27.63 -6.35 -1.22
CA VAL F 183 28.44 -7.48 -1.63
C VAL F 183 27.96 -8.72 -0.88
N LEU F 184 27.80 -9.82 -1.60
CA LEU F 184 27.48 -11.13 -1.01
C LEU F 184 28.79 -11.84 -0.73
N GLU F 185 29.20 -11.85 0.54
CA GLU F 185 30.59 -12.15 0.85
C GLU F 185 30.99 -13.58 0.49
N ASP F 186 30.08 -14.55 0.60
CA ASP F 186 30.42 -15.92 0.25
C ASP F 186 30.26 -16.20 -1.24
N ALA F 187 29.99 -15.18 -2.04
CA ALA F 187 30.02 -15.25 -3.50
C ALA F 187 31.17 -14.42 -4.08
N THR F 188 32.22 -14.22 -3.30
CA THR F 188 33.42 -13.49 -3.73
C THR F 188 34.66 -14.25 -3.29
N HIS F 189 35.80 -13.91 -3.90
CA HIS F 189 37.09 -14.41 -3.44
C HIS F 189 38.14 -13.35 -3.74
N GLN F 190 39.05 -13.13 -2.79
CA GLN F 190 40.10 -12.13 -2.94
C GLN F 190 41.22 -12.64 -3.85
N ALA F 191 42.08 -11.72 -4.26
CA ALA F 191 43.36 -12.03 -4.89
C ALA F 191 44.40 -11.48 -3.93
N GLY F 192 45.10 -12.37 -3.22
CA GLY F 192 45.99 -11.96 -2.16
C GLY F 192 45.82 -12.81 -0.92
N PRO F 193 46.50 -12.43 0.15
CA PRO F 193 46.39 -13.15 1.43
C PRO F 193 45.01 -13.01 2.01
N LYS F 194 44.77 -13.69 3.13
CA LYS F 194 43.46 -13.64 3.75
C LYS F 194 43.10 -12.23 4.22
N PHE F 195 44.08 -11.38 4.57
CA PHE F 195 43.71 -10.03 4.97
C PHE F 195 43.10 -9.27 3.80
N ALA F 196 43.29 -9.73 2.57
CA ALA F 196 42.74 -8.95 1.46
C ALA F 196 41.24 -9.13 1.35
N GLN F 197 40.73 -10.30 1.73
CA GLN F 197 39.29 -10.47 1.84
C GLN F 197 38.73 -9.73 3.04
N LYS F 198 39.30 -9.96 4.23
CA LYS F 198 38.83 -9.32 5.45
C LYS F 198 38.80 -7.81 5.27
N ALA F 199 39.85 -7.26 4.66
CA ALA F 199 39.93 -5.81 4.57
C ALA F 199 38.94 -5.27 3.55
N ALA F 200 38.76 -5.96 2.42
CA ALA F 200 37.77 -5.51 1.43
C ALA F 200 36.38 -5.45 2.05
N LEU F 201 36.01 -6.51 2.77
CA LEU F 201 34.68 -6.52 3.40
C LEU F 201 34.58 -5.46 4.49
N PHE F 202 35.66 -5.28 5.27
CA PHE F 202 35.67 -4.24 6.29
C PHE F 202 35.50 -2.87 5.67
N ASN F 203 36.24 -2.57 4.59
CA ASN F 203 36.12 -1.27 3.98
C ASN F 203 34.74 -1.05 3.38
N ILE F 204 34.18 -2.10 2.77
CA ILE F 204 32.84 -1.95 2.20
C ILE F 204 31.81 -1.71 3.30
N GLU F 205 31.79 -2.58 4.32
CA GLU F 205 30.84 -2.41 5.42
C GLU F 205 30.96 -1.04 6.08
N THR F 206 32.17 -0.57 6.29
CA THR F 206 32.38 0.59 7.13
C THR F 206 32.19 1.87 6.36
N PHE F 207 32.57 1.90 5.08
CA PHE F 207 32.62 3.17 4.35
C PHE F 207 31.78 3.24 3.08
N PHE F 208 31.54 2.13 2.39
CA PHE F 208 31.07 2.22 1.01
C PHE F 208 29.74 1.54 0.74
N GLY F 209 29.39 0.47 1.44
CA GLY F 209 28.16 -0.24 1.11
C GLY F 209 27.75 -1.19 2.21
N TRP F 210 27.19 -2.32 1.81
CA TRP F 210 26.63 -3.31 2.72
C TRP F 210 27.18 -4.69 2.39
N VAL F 211 27.24 -5.54 3.41
CA VAL F 211 27.70 -6.91 3.27
C VAL F 211 26.58 -7.85 3.70
N SER F 212 26.21 -8.76 2.80
CA SER F 212 25.28 -9.84 3.12
C SER F 212 25.88 -11.15 2.63
N ASP F 213 25.04 -12.18 2.47
CA ASP F 213 25.49 -13.46 1.96
C ASP F 213 24.38 -14.07 1.12
N VAL F 214 24.73 -15.14 0.38
CA VAL F 214 23.84 -15.66 -0.64
C VAL F 214 22.55 -16.20 -0.03
N GLU F 215 22.66 -16.86 1.13
CA GLU F 215 21.46 -17.42 1.72
C GLU F 215 20.49 -16.32 2.14
N THR F 216 20.98 -15.33 2.89
CA THR F 216 20.13 -14.23 3.31
C THR F 216 19.50 -13.55 2.09
N PHE F 217 20.30 -13.37 1.03
CA PHE F 217 19.84 -12.76 -0.22
C PHE F 217 18.72 -13.60 -0.85
N CYS F 218 18.90 -14.91 -0.91
CA CYS F 218 17.88 -15.75 -1.55
C CYS F 218 16.60 -15.79 -0.72
N ASP F 219 16.73 -15.82 0.61
CA ASP F 219 15.55 -15.79 1.49
C ASP F 219 14.81 -14.46 1.38
N ALA F 220 15.54 -13.37 1.19
CA ALA F 220 14.92 -12.04 1.11
C ALA F 220 14.15 -11.86 -0.19
N LEU F 221 14.54 -12.55 -1.25
CA LEU F 221 13.92 -12.36 -2.56
C LEU F 221 12.73 -13.28 -2.81
N SER F 222 12.51 -14.29 -1.98
CA SER F 222 11.44 -15.24 -2.28
C SER F 222 10.13 -14.54 -2.60
N PRO F 223 9.60 -13.60 -1.76
CA PRO F 223 8.36 -12.97 -2.20
C PRO F 223 8.49 -12.10 -3.47
N THR G 2 0.96 12.78 -16.05
CA THR G 2 0.15 13.15 -17.21
C THR G 2 -0.94 14.16 -16.88
N THR G 3 -1.27 15.03 -17.81
CA THR G 3 -2.34 16.01 -17.63
C THR G 3 -3.52 15.64 -18.52
N LEU G 4 -4.73 15.73 -17.97
CA LEU G 4 -5.96 15.46 -18.72
C LEU G 4 -6.83 16.69 -18.70
N THR G 5 -7.09 17.25 -19.90
CA THR G 5 -8.07 18.32 -20.05
C THR G 5 -9.43 17.79 -19.62
N ALA G 6 -10.07 18.53 -18.72
CA ALA G 6 -11.35 18.13 -18.18
C ALA G 6 -12.09 19.37 -17.69
N ARG G 7 -13.38 19.18 -17.43
CA ARG G 7 -14.23 20.14 -16.72
C ARG G 7 -14.35 19.72 -15.27
N PRO G 8 -14.37 20.67 -14.31
CA PRO G 8 -14.25 22.11 -14.49
C PRO G 8 -12.83 22.58 -14.78
N GLU G 9 -11.81 21.73 -14.57
CA GLU G 9 -10.45 22.11 -14.93
C GLU G 9 -9.65 20.84 -15.15
N ALA G 10 -8.45 21.02 -15.71
CA ALA G 10 -7.58 19.90 -16.00
C ALA G 10 -7.05 19.32 -14.69
N ILE G 11 -6.76 18.01 -14.73
CA ILE G 11 -6.20 17.32 -13.58
C ILE G 11 -4.92 16.62 -14.01
N THR G 12 -4.10 16.26 -13.03
CA THR G 12 -2.96 15.41 -13.30
C THR G 12 -3.18 14.05 -12.65
N PHE G 13 -2.64 13.02 -13.29
CA PHE G 13 -2.76 11.65 -12.81
C PHE G 13 -1.58 10.87 -13.39
N ASP G 14 -1.25 9.75 -12.76
CA ASP G 14 -0.33 8.79 -13.35
C ASP G 14 -1.13 7.62 -13.90
N PRO G 15 -1.07 7.36 -15.21
CA PRO G 15 -1.89 6.25 -15.76
C PRO G 15 -1.58 4.90 -15.15
N GLN G 16 -0.32 4.62 -14.83
CA GLN G 16 0.00 3.35 -14.19
C GLN G 16 -0.54 3.26 -12.77
N GLN G 17 -1.05 4.37 -12.22
CA GLN G 17 -1.67 4.41 -10.89
C GLN G 17 -3.17 4.74 -11.01
N SER G 18 -3.75 4.39 -12.16
CA SER G 18 -5.13 4.74 -12.50
C SER G 18 -5.83 3.50 -13.05
N ALA G 19 -7.14 3.51 -13.01
CA ALA G 19 -7.93 2.41 -13.56
C ALA G 19 -9.04 2.97 -14.44
N LEU G 20 -9.25 2.28 -15.56
CA LEU G 20 -10.42 2.51 -16.42
C LEU G 20 -11.51 1.53 -16.00
N ILE G 21 -12.67 2.06 -15.64
CA ILE G 21 -13.80 1.22 -15.22
C ILE G 21 -14.85 1.26 -16.31
N VAL G 22 -15.19 0.08 -16.82
CA VAL G 22 -16.24 -0.09 -17.81
C VAL G 22 -17.46 -0.62 -17.05
N VAL G 23 -18.44 0.25 -16.81
CA VAL G 23 -19.58 -0.08 -15.96
C VAL G 23 -20.65 -0.78 -16.83
N ASP G 24 -20.86 -2.06 -16.59
CA ASP G 24 -22.11 -2.73 -16.97
C ASP G 24 -22.43 -2.65 -18.46
N MET G 25 -21.42 -2.89 -19.31
CA MET G 25 -21.64 -2.79 -20.75
C MET G 25 -22.15 -4.13 -21.28
N GLN G 26 -23.31 -4.50 -20.73
CA GLN G 26 -24.03 -5.74 -20.95
C GLN G 26 -25.24 -5.53 -21.86
N ASN G 27 -25.72 -6.62 -22.45
CA ASN G 27 -26.91 -6.52 -23.31
C ASN G 27 -28.07 -5.91 -22.55
N ALA G 28 -28.17 -6.24 -21.26
CA ALA G 28 -29.16 -5.65 -20.38
C ALA G 28 -29.23 -4.13 -20.51
N TYR G 29 -28.06 -3.48 -20.59
CA TYR G 29 -28.01 -2.02 -20.52
C TYR G 29 -27.76 -1.34 -21.86
N ALA G 30 -27.25 -2.04 -22.87
CA ALA G 30 -26.90 -1.41 -24.12
C ALA G 30 -27.62 -1.92 -25.36
N THR G 31 -28.30 -3.05 -25.28
CA THR G 31 -28.71 -3.72 -26.49
C THR G 31 -30.23 -3.76 -26.63
N PRO G 32 -30.78 -3.39 -27.78
CA PRO G 32 -32.22 -3.57 -27.99
C PRO G 32 -32.64 -4.99 -27.65
N GLY G 33 -33.81 -5.11 -27.01
CA GLY G 33 -34.28 -6.38 -26.54
C GLY G 33 -33.79 -6.76 -25.16
N GLY G 34 -32.81 -6.02 -24.62
CA GLY G 34 -32.33 -6.26 -23.28
C GLY G 34 -33.19 -5.59 -22.23
N TYR G 35 -32.82 -5.85 -20.97
CA TYR G 35 -33.57 -5.35 -19.81
C TYR G 35 -33.98 -3.88 -19.98
N LEU G 36 -33.02 -2.97 -20.15
CA LEU G 36 -33.42 -1.57 -20.12
C LEU G 36 -34.43 -1.26 -21.22
N ASP G 37 -34.22 -1.83 -22.41
CA ASP G 37 -35.17 -1.66 -23.51
C ASP G 37 -36.56 -2.15 -23.10
N LEU G 38 -36.62 -3.35 -22.50
CA LEU G 38 -37.91 -3.93 -22.13
C LEU G 38 -38.60 -3.16 -21.02
N ALA G 39 -37.82 -2.53 -20.13
CA ALA G 39 -38.36 -1.74 -19.03
C ALA G 39 -38.78 -0.34 -19.46
N GLY G 40 -38.58 0.02 -20.72
CA GLY G 40 -39.08 1.27 -21.25
C GLY G 40 -38.07 2.38 -21.44
N PHE G 41 -36.79 2.12 -21.18
CA PHE G 41 -35.74 3.08 -21.45
C PHE G 41 -35.29 2.98 -22.91
N ASP G 42 -34.75 4.09 -23.41
CA ASP G 42 -34.24 4.15 -24.78
C ASP G 42 -32.77 3.76 -24.80
N VAL G 43 -32.48 2.67 -25.49
CA VAL G 43 -31.11 2.21 -25.72
C VAL G 43 -30.73 2.30 -27.17
N SER G 44 -31.51 3.03 -27.98
CA SER G 44 -31.33 2.97 -29.43
C SER G 44 -30.10 3.72 -29.89
N THR G 45 -29.42 4.44 -29.01
CA THR G 45 -28.29 5.31 -29.30
C THR G 45 -26.98 4.80 -28.76
N THR G 46 -26.89 3.53 -28.39
CA THR G 46 -25.72 3.05 -27.68
C THR G 46 -24.58 2.61 -28.60
N ARG G 47 -24.79 2.56 -29.90
CA ARG G 47 -23.74 2.10 -30.81
C ARG G 47 -22.48 2.94 -30.61
N PRO G 48 -22.54 4.28 -30.71
CA PRO G 48 -21.30 5.06 -30.55
C PRO G 48 -20.66 4.90 -29.18
N VAL G 49 -21.47 4.65 -28.14
CA VAL G 49 -20.92 4.46 -26.81
C VAL G 49 -20.05 3.21 -26.77
N ILE G 50 -20.52 2.11 -27.39
CA ILE G 50 -19.72 0.88 -27.42
C ILE G 50 -18.41 1.13 -28.14
N ALA G 51 -18.48 1.80 -29.29
CA ALA G 51 -17.28 2.03 -30.08
C ALA G 51 -16.31 2.93 -29.31
N ASN G 52 -16.85 3.95 -28.64
CA ASN G 52 -16.00 4.87 -27.88
C ASN G 52 -15.36 4.19 -26.68
N ILE G 53 -16.03 3.21 -26.07
CA ILE G 53 -15.40 2.44 -24.99
C ILE G 53 -14.27 1.57 -25.54
N GLN G 54 -14.48 0.91 -26.68
CA GLN G 54 -13.41 0.17 -27.33
C GLN G 54 -12.18 1.05 -27.52
N THR G 55 -12.37 2.28 -28.00
CA THR G 55 -11.25 3.19 -28.19
C THR G 55 -10.58 3.52 -26.86
N ALA G 56 -11.36 3.83 -25.84
CA ALA G 56 -10.79 4.19 -24.54
C ALA G 56 -10.02 3.02 -23.92
N VAL G 57 -10.57 1.80 -24.01
CA VAL G 57 -9.91 0.63 -23.41
C VAL G 57 -8.58 0.36 -24.11
N THR G 58 -8.57 0.37 -25.44
CA THR G 58 -7.32 0.15 -26.17
C THR G 58 -6.24 1.11 -25.71
N ALA G 59 -6.58 2.40 -25.65
CA ALA G 59 -5.65 3.42 -25.18
C ALA G 59 -5.22 3.15 -23.74
N ALA G 60 -6.19 2.90 -22.85
CA ALA G 60 -5.86 2.71 -21.45
C ALA G 60 -4.94 1.51 -21.25
N ARG G 61 -5.21 0.41 -21.93
CA ARG G 61 -4.37 -0.77 -21.73
C ARG G 61 -2.95 -0.49 -22.17
N ALA G 62 -2.77 0.15 -23.33
CA ALA G 62 -1.44 0.43 -23.85
C ALA G 62 -0.68 1.40 -22.96
N ALA G 63 -1.37 2.16 -22.12
CA ALA G 63 -0.69 3.06 -21.19
C ALA G 63 -0.40 2.42 -19.85
N GLY G 64 -0.77 1.15 -19.68
CA GLY G 64 -0.57 0.49 -18.41
C GLY G 64 -1.64 0.76 -17.36
N MET G 65 -2.78 1.30 -17.74
CA MET G 65 -3.89 1.46 -16.81
C MET G 65 -4.60 0.12 -16.62
N LEU G 66 -5.04 -0.13 -15.39
CA LEU G 66 -5.86 -1.30 -15.11
C LEU G 66 -7.25 -1.12 -15.73
N ILE G 67 -7.73 -2.16 -16.44
CA ILE G 67 -9.09 -2.18 -16.98
C ILE G 67 -9.94 -3.01 -16.03
N ILE G 68 -11.02 -2.45 -15.50
CA ILE G 68 -11.98 -3.19 -14.70
C ILE G 68 -13.33 -3.17 -15.39
N TRP G 69 -13.90 -4.36 -15.60
CA TRP G 69 -15.20 -4.53 -16.21
C TRP G 69 -16.19 -4.94 -15.13
N PHE G 70 -17.28 -4.21 -15.03
CA PHE G 70 -18.34 -4.61 -14.13
C PHE G 70 -19.45 -5.26 -14.92
N GLN G 71 -19.96 -6.35 -14.37
CA GLN G 71 -21.24 -6.94 -14.76
C GLN G 71 -22.19 -6.89 -13.58
N ASN G 72 -23.34 -6.26 -13.78
CA ASN G 72 -24.36 -6.17 -12.76
C ASN G 72 -25.35 -7.31 -12.94
N GLY G 73 -25.63 -8.02 -11.85
CA GLY G 73 -26.70 -9.00 -11.89
C GLY G 73 -26.56 -10.04 -10.80
N TRP G 74 -27.37 -11.09 -10.94
CA TRP G 74 -27.74 -11.97 -9.84
C TRP G 74 -27.87 -13.42 -10.33
N ASP G 75 -27.88 -14.35 -9.38
CA ASP G 75 -28.32 -15.73 -9.69
C ASP G 75 -29.71 -15.69 -10.34
N GLU G 76 -30.03 -16.73 -11.15
CA GLU G 76 -31.29 -16.69 -11.87
C GLU G 76 -32.50 -16.84 -10.95
N GLN G 77 -32.31 -17.28 -9.69
CA GLN G 77 -33.40 -17.28 -8.71
C GLN G 77 -33.51 -15.93 -7.99
N TYR G 78 -32.56 -15.03 -8.21
CA TYR G 78 -32.55 -13.67 -7.68
C TYR G 78 -32.44 -13.61 -6.16
N VAL G 79 -31.88 -14.67 -5.55
CA VAL G 79 -31.51 -14.61 -4.13
C VAL G 79 -30.64 -13.39 -3.87
N GLU G 80 -29.70 -13.13 -4.77
CA GLU G 80 -28.73 -12.07 -4.59
C GLU G 80 -29.30 -10.66 -4.81
N ALA G 81 -30.50 -10.54 -5.35
CA ALA G 81 -31.16 -9.26 -5.49
C ALA G 81 -31.81 -8.78 -4.18
N GLY G 82 -31.87 -9.63 -3.17
CA GLY G 82 -32.62 -9.37 -1.95
C GLY G 82 -34.07 -9.82 -2.08
N GLY G 83 -34.63 -10.25 -0.97
CA GLY G 83 -36.04 -10.59 -0.96
C GLY G 83 -36.83 -9.36 -0.61
N PRO G 84 -38.09 -9.55 -0.20
CA PRO G 84 -38.95 -8.40 0.10
C PRO G 84 -38.43 -7.52 1.22
N GLY G 85 -37.48 -8.00 2.02
CA GLY G 85 -36.91 -7.13 3.02
C GLY G 85 -35.82 -6.19 2.53
N SER G 86 -35.46 -6.27 1.26
CA SER G 86 -34.52 -5.33 0.67
C SER G 86 -35.20 -4.28 -0.19
N PRO G 87 -34.80 -3.01 -0.09
CA PRO G 87 -35.33 -2.01 -1.04
C PRO G 87 -35.04 -2.38 -2.49
N ASN G 88 -33.95 -3.11 -2.75
CA ASN G 88 -33.64 -3.47 -4.14
C ASN G 88 -34.74 -4.31 -4.75
N PHE G 89 -35.31 -5.21 -3.95
CA PHE G 89 -36.43 -6.03 -4.41
C PHE G 89 -37.58 -5.16 -4.89
N HIS G 90 -37.81 -4.03 -4.21
CA HIS G 90 -38.92 -3.12 -4.51
C HIS G 90 -38.58 -2.05 -5.52
N LYS G 91 -37.29 -1.73 -5.73
CA LYS G 91 -36.95 -0.69 -6.70
C LYS G 91 -36.48 -1.22 -8.04
N SER G 92 -35.98 -2.45 -8.08
CA SER G 92 -35.40 -2.97 -9.30
C SER G 92 -36.39 -2.96 -10.46
N ASN G 93 -36.05 -2.21 -11.51
CA ASN G 93 -36.88 -2.22 -12.70
C ASN G 93 -36.79 -3.55 -13.46
N ALA G 94 -35.70 -4.32 -13.27
CA ALA G 94 -35.64 -5.64 -13.88
C ALA G 94 -36.66 -6.57 -13.24
N LEU G 95 -36.71 -6.60 -11.90
CA LEU G 95 -37.70 -7.43 -11.20
C LEU G 95 -39.11 -6.99 -11.54
N LYS G 96 -39.37 -5.67 -11.54
CA LYS G 96 -40.70 -5.16 -11.93
C LYS G 96 -41.09 -5.66 -13.33
N THR G 97 -40.15 -5.62 -14.27
CA THR G 97 -40.42 -6.06 -15.62
C THR G 97 -40.78 -7.54 -15.67
N MET G 98 -40.04 -8.38 -14.95
CA MET G 98 -40.32 -9.82 -14.97
C MET G 98 -41.61 -10.15 -14.23
N ARG G 99 -41.94 -9.36 -13.20
CA ARG G 99 -43.21 -9.57 -12.51
C ARG G 99 -44.38 -9.29 -13.46
N LYS G 100 -44.25 -8.27 -14.30
CA LYS G 100 -45.27 -7.99 -15.29
C LYS G 100 -45.21 -8.93 -16.48
N GLN G 101 -44.03 -9.44 -16.83
CA GLN G 101 -43.86 -10.33 -17.98
C GLN G 101 -43.22 -11.64 -17.52
N PRO G 102 -44.03 -12.58 -17.01
CA PRO G 102 -43.46 -13.82 -16.44
C PRO G 102 -42.70 -14.67 -17.46
N GLN G 103 -42.94 -14.47 -18.78
CA GLN G 103 -42.11 -15.12 -19.80
C GLN G 103 -40.63 -14.78 -19.64
N LEU G 104 -40.34 -13.59 -19.12
CA LEU G 104 -38.97 -13.15 -18.91
C LEU G 104 -38.39 -13.59 -17.57
N GLN G 105 -39.20 -14.19 -16.69
CA GLN G 105 -38.72 -14.51 -15.36
C GLN G 105 -37.46 -15.37 -15.41
N GLY G 106 -36.41 -14.94 -14.71
CA GLY G 106 -35.16 -15.68 -14.69
C GLY G 106 -34.19 -15.35 -15.80
N LYS G 107 -34.53 -14.46 -16.72
CA LYS G 107 -33.59 -14.07 -17.76
C LYS G 107 -33.01 -12.67 -17.58
N LEU G 108 -33.71 -11.71 -16.98
CA LEU G 108 -33.12 -10.37 -16.89
C LEU G 108 -32.04 -10.36 -15.81
N LEU G 109 -30.84 -9.90 -16.20
CA LEU G 109 -29.73 -9.67 -15.27
C LEU G 109 -29.34 -10.95 -14.56
N ALA G 110 -29.58 -12.09 -15.18
CA ALA G 110 -29.30 -13.39 -14.61
C ALA G 110 -27.92 -13.87 -15.05
N LYS G 111 -27.07 -14.18 -14.08
CA LYS G 111 -25.76 -14.74 -14.42
C LYS G 111 -25.91 -15.92 -15.37
N GLY G 112 -25.05 -15.95 -16.38
CA GLY G 112 -25.07 -17.02 -17.36
C GLY G 112 -26.01 -16.79 -18.51
N SER G 113 -26.79 -15.73 -18.51
CA SER G 113 -27.73 -15.46 -19.57
C SER G 113 -27.23 -14.41 -20.56
N TRP G 114 -27.97 -14.32 -21.67
CA TRP G 114 -27.66 -13.33 -22.70
C TRP G 114 -27.77 -11.89 -22.17
N ASP G 115 -28.81 -11.62 -21.37
CA ASP G 115 -28.99 -10.27 -20.83
C ASP G 115 -27.77 -9.85 -20.03
N TYR G 116 -27.17 -10.78 -19.29
CA TYR G 116 -26.06 -10.51 -18.40
C TYR G 116 -24.73 -10.40 -19.13
N GLN G 117 -24.63 -10.97 -20.35
CA GLN G 117 -23.38 -11.02 -21.09
C GLN G 117 -22.91 -9.62 -21.46
N LEU G 118 -21.61 -9.42 -21.44
CA LEU G 118 -21.05 -8.24 -22.09
C LEU G 118 -21.46 -8.21 -23.56
N VAL G 119 -21.67 -7.01 -24.09
CA VAL G 119 -22.03 -6.90 -25.50
C VAL G 119 -20.91 -7.52 -26.36
N ASP G 120 -21.29 -8.04 -27.51
CA ASP G 120 -20.38 -8.81 -28.36
C ASP G 120 -19.08 -8.08 -28.64
N GLU G 121 -19.16 -6.76 -28.82
CA GLU G 121 -18.00 -5.98 -29.25
C GLU G 121 -16.92 -5.85 -28.19
N LEU G 122 -17.25 -6.03 -26.91
CA LEU G 122 -16.38 -5.67 -25.79
C LEU G 122 -15.88 -6.96 -25.16
N VAL G 123 -14.59 -7.24 -25.35
CA VAL G 123 -14.01 -8.51 -24.94
C VAL G 123 -12.91 -8.27 -23.92
N PRO G 124 -13.13 -8.62 -22.64
CA PRO G 124 -12.04 -8.47 -21.65
C PRO G 124 -10.83 -9.32 -22.04
N GLN G 125 -9.65 -8.75 -21.76
CA GLN G 125 -8.37 -9.33 -22.15
C GLN G 125 -7.59 -9.80 -20.93
N PRO G 126 -6.63 -10.72 -21.13
CA PRO G 126 -5.80 -11.15 -19.98
C PRO G 126 -5.19 -9.94 -19.30
N GLY G 127 -5.27 -9.94 -17.98
CA GLY G 127 -4.80 -8.85 -17.18
C GLY G 127 -5.86 -7.87 -16.76
N ASP G 128 -6.99 -7.86 -17.46
CA ASP G 128 -8.15 -7.12 -17.00
C ASP G 128 -8.78 -7.85 -15.81
N ILE G 129 -9.59 -7.11 -15.04
CA ILE G 129 -10.39 -7.66 -13.96
C ILE G 129 -11.85 -7.56 -14.35
N VAL G 130 -12.58 -8.66 -14.20
CA VAL G 130 -14.00 -8.70 -14.43
C VAL G 130 -14.69 -8.95 -13.10
N LEU G 131 -15.47 -7.95 -12.61
CA LEU G 131 -16.13 -8.01 -11.30
C LEU G 131 -17.64 -8.09 -11.44
N PRO G 132 -18.31 -9.05 -10.83
CA PRO G 132 -19.77 -8.97 -10.68
C PRO G 132 -20.14 -7.97 -9.61
N LYS G 133 -21.34 -7.37 -9.73
CA LYS G 133 -21.84 -6.58 -8.60
C LYS G 133 -23.35 -6.76 -8.43
N PRO G 134 -23.83 -6.80 -7.18
CA PRO G 134 -25.26 -7.02 -6.95
C PRO G 134 -26.11 -5.77 -6.82
N ARG G 135 -25.49 -4.58 -6.73
CA ARG G 135 -26.27 -3.34 -6.65
C ARG G 135 -25.64 -2.28 -7.52
N TYR G 136 -26.29 -1.13 -7.62
CA TYR G 136 -25.84 -0.13 -8.59
C TYR G 136 -24.39 0.27 -8.36
N SER G 137 -24.04 0.63 -7.13
CA SER G 137 -22.68 1.09 -6.87
C SER G 137 -21.69 -0.05 -6.81
N GLY G 138 -20.63 0.03 -7.61
CA GLY G 138 -19.58 -0.96 -7.58
C GLY G 138 -18.80 -0.99 -6.30
N PHE G 139 -18.94 0.01 -5.45
CA PHE G 139 -18.16 -0.01 -4.23
C PHE G 139 -18.82 -0.77 -3.10
N PHE G 140 -20.11 -1.04 -3.16
CA PHE G 140 -20.78 -1.78 -2.10
C PHE G 140 -20.86 -3.27 -2.42
N ASN G 141 -20.54 -4.10 -1.42
CA ASN G 141 -20.69 -5.55 -1.45
C ASN G 141 -19.69 -6.24 -2.35
N THR G 142 -18.60 -5.57 -2.69
CA THR G 142 -17.60 -6.10 -3.61
C THR G 142 -16.19 -5.86 -3.08
N PRO G 143 -15.18 -6.46 -3.74
CA PRO G 143 -13.78 -6.18 -3.41
C PRO G 143 -13.14 -5.02 -4.16
N LEU G 144 -13.93 -4.15 -4.78
CA LEU G 144 -13.39 -3.12 -5.66
C LEU G 144 -12.42 -2.21 -4.92
N ASP G 145 -12.83 -1.74 -3.75
CA ASP G 145 -11.97 -0.85 -3.00
C ASP G 145 -10.64 -1.54 -2.64
N SER G 146 -10.72 -2.78 -2.19
CA SER G 146 -9.53 -3.55 -1.88
C SER G 146 -8.64 -3.72 -3.11
N ILE G 147 -9.25 -4.04 -4.26
CA ILE G 147 -8.48 -4.21 -5.49
C ILE G 147 -7.70 -2.95 -5.79
N LEU G 148 -8.37 -1.81 -5.71
CA LEU G 148 -7.76 -0.54 -6.07
C LEU G 148 -6.65 -0.16 -5.10
N ARG G 149 -6.92 -0.28 -3.81
CA ARG G 149 -5.94 0.14 -2.80
C ARG G 149 -4.72 -0.73 -2.84
N SER G 150 -4.91 -2.02 -3.16
CA SER G 150 -3.81 -2.97 -3.24
C SER G 150 -2.83 -2.58 -4.33
N ARG G 151 -3.29 -1.79 -5.30
CA ARG G 151 -2.46 -1.35 -6.42
C ARG G 151 -2.08 0.12 -6.33
N GLY G 152 -2.39 0.76 -5.20
CA GLY G 152 -2.13 2.18 -5.04
C GLY G 152 -2.84 3.06 -6.03
N ILE G 153 -4.04 2.68 -6.44
CA ILE G 153 -4.74 3.43 -7.46
C ILE G 153 -5.58 4.50 -6.80
N ARG G 154 -5.40 5.75 -7.24
CA ARG G 154 -6.20 6.85 -6.71
C ARG G 154 -7.05 7.52 -7.77
N HIS G 155 -6.85 7.23 -9.05
CA HIS G 155 -7.62 7.88 -10.10
C HIS G 155 -8.43 6.87 -10.88
N LEU G 156 -9.70 7.17 -11.05
CA LEU G 156 -10.65 6.28 -11.68
C LEU G 156 -11.26 7.01 -12.85
N VAL G 157 -11.21 6.37 -14.02
CA VAL G 157 -11.81 6.90 -15.23
C VAL G 157 -13.00 6.01 -15.56
N PHE G 158 -14.19 6.64 -15.61
CA PHE G 158 -15.43 5.91 -15.74
C PHE G 158 -16.03 5.99 -17.14
N THR G 159 -16.52 4.86 -17.61
CA THR G 159 -17.34 4.73 -18.80
C THR G 159 -18.48 3.78 -18.47
N GLY G 160 -19.51 3.81 -19.30
CA GLY G 160 -20.56 2.82 -19.18
C GLY G 160 -21.97 3.33 -18.98
N ILE G 161 -22.86 2.46 -18.53
CA ILE G 161 -24.29 2.71 -18.48
C ILE G 161 -24.82 2.18 -17.15
N ALA G 162 -25.75 2.88 -16.53
CA ALA G 162 -26.29 4.18 -16.89
C ALA G 162 -25.49 5.32 -16.20
N THR G 163 -25.29 6.43 -16.91
CA THR G 163 -24.49 7.55 -16.38
C THR G 163 -24.99 7.96 -15.01
N ASN G 164 -26.30 8.06 -14.86
CA ASN G 164 -26.94 8.60 -13.68
C ASN G 164 -27.21 7.57 -12.60
N VAL G 165 -26.99 6.27 -12.85
CA VAL G 165 -27.30 5.25 -11.84
C VAL G 165 -26.03 4.50 -11.46
N SER G 166 -25.72 3.39 -12.13
CA SER G 166 -24.53 2.62 -11.73
C SER G 166 -23.27 3.45 -11.89
N VAL G 167 -23.20 4.29 -12.94
CA VAL G 167 -21.96 5.02 -13.17
C VAL G 167 -21.79 6.09 -12.09
N GLU G 168 -22.76 7.00 -11.99
CA GLU G 168 -22.68 8.08 -11.01
C GLU G 168 -22.62 7.57 -9.57
N SER G 169 -23.41 6.53 -9.23
CA SER G 169 -23.35 5.95 -7.91
C SER G 169 -21.95 5.48 -7.56
N THR G 170 -21.29 4.78 -8.49
CA THR G 170 -19.95 4.29 -8.21
C THR G 170 -18.97 5.46 -8.09
N LEU G 171 -19.15 6.51 -8.89
CA LEU G 171 -18.24 7.64 -8.83
C LEU G 171 -18.42 8.43 -7.55
N ARG G 172 -19.68 8.62 -7.12
CA ARG G 172 -19.90 9.33 -5.86
C ARG G 172 -19.28 8.57 -4.70
N ASP G 173 -19.49 7.25 -4.66
CA ASP G 173 -18.94 6.45 -3.58
C ASP G 173 -17.42 6.46 -3.65
N GLY G 174 -16.86 6.41 -4.85
CA GLY G 174 -15.43 6.57 -4.98
C GLY G 174 -14.96 7.86 -4.35
N PHE G 175 -15.67 8.97 -4.61
CA PHE G 175 -15.32 10.26 -4.01
C PHE G 175 -15.36 10.19 -2.49
N PHE G 176 -16.35 9.49 -1.92
CA PHE G 176 -16.39 9.39 -0.47
C PHE G 176 -15.29 8.46 0.06
N LEU G 177 -14.71 7.62 -0.78
CA LEU G 177 -13.55 6.79 -0.45
C LEU G 177 -12.21 7.44 -0.89
N GLU G 178 -12.26 8.75 -1.19
CA GLU G 178 -11.09 9.58 -1.49
C GLU G 178 -10.46 9.25 -2.84
N TYR G 179 -11.27 8.74 -3.79
CA TYR G 179 -10.81 8.53 -5.17
C TYR G 179 -11.11 9.75 -6.01
N PHE G 180 -10.20 10.06 -6.95
CA PHE G 180 -10.39 11.07 -7.99
C PHE G 180 -11.05 10.44 -9.20
N GLY G 181 -12.30 10.81 -9.47
CA GLY G 181 -13.09 10.18 -10.51
C GLY G 181 -13.35 11.14 -11.70
N VAL G 182 -13.13 10.60 -12.89
CA VAL G 182 -13.38 11.26 -14.16
C VAL G 182 -14.40 10.40 -14.92
N VAL G 183 -15.36 11.04 -15.58
CA VAL G 183 -16.29 10.36 -16.47
C VAL G 183 -15.99 10.83 -17.90
N LEU G 184 -15.93 9.88 -18.84
CA LEU G 184 -15.78 10.22 -20.25
C LEU G 184 -17.17 10.28 -20.85
N GLU G 185 -17.66 11.51 -21.07
CA GLU G 185 -19.08 11.73 -21.28
C GLU G 185 -19.60 11.02 -22.52
N ASP G 186 -18.81 10.99 -23.61
CA ASP G 186 -19.25 10.31 -24.83
C ASP G 186 -19.10 8.78 -24.77
N ALA G 187 -18.68 8.25 -23.63
CA ALA G 187 -18.61 6.80 -23.42
C ALA G 187 -19.60 6.36 -22.34
N THR G 188 -20.67 7.13 -22.15
CA THR G 188 -21.72 6.86 -21.18
C THR G 188 -23.07 7.06 -21.85
N HIS G 189 -24.10 6.47 -21.26
CA HIS G 189 -25.48 6.69 -21.70
C HIS G 189 -26.35 6.60 -20.46
N GLN G 190 -27.33 7.49 -20.38
CA GLN G 190 -28.23 7.58 -19.23
C GLN G 190 -29.37 6.60 -19.34
N ALA G 191 -30.02 6.38 -18.19
CA ALA G 191 -31.30 5.65 -18.14
C ALA G 191 -32.36 6.66 -17.73
N GLY G 192 -33.16 7.09 -18.70
CA GLY G 192 -34.10 8.16 -18.48
C GLY G 192 -34.08 9.13 -19.65
N PRO G 193 -34.85 10.20 -19.54
CA PRO G 193 -34.82 11.24 -20.58
C PRO G 193 -33.46 11.90 -20.61
N LYS G 194 -33.25 12.72 -21.63
CA LYS G 194 -31.92 13.26 -21.84
C LYS G 194 -31.47 14.15 -20.68
N PHE G 195 -32.39 14.80 -19.97
CA PHE G 195 -32.01 15.62 -18.81
C PHE G 195 -31.29 14.79 -17.75
N ALA G 196 -31.45 13.47 -17.76
CA ALA G 196 -30.75 12.65 -16.77
C ALA G 196 -29.28 12.55 -17.11
N GLN G 197 -28.95 12.51 -18.39
CA GLN G 197 -27.55 12.62 -18.80
C GLN G 197 -26.95 13.94 -18.36
N LYS G 198 -27.56 15.03 -18.81
CA LYS G 198 -27.14 16.39 -18.45
C LYS G 198 -26.99 16.57 -16.95
N ALA G 199 -27.94 16.07 -16.17
CA ALA G 199 -27.90 16.31 -14.73
C ALA G 199 -26.77 15.53 -14.06
N ALA G 200 -26.54 14.30 -14.50
CA ALA G 200 -25.51 13.46 -13.91
C ALA G 200 -24.14 14.04 -14.18
N LEU G 201 -23.91 14.53 -15.40
CA LEU G 201 -22.66 15.22 -15.72
C LEU G 201 -22.52 16.55 -14.97
N PHE G 202 -23.62 17.28 -14.79
CA PHE G 202 -23.55 18.51 -14.00
C PHE G 202 -23.20 18.21 -12.54
N ASN G 203 -23.81 17.18 -11.96
CA ASN G 203 -23.50 16.86 -10.57
C ASN G 203 -22.06 16.40 -10.41
N ILE G 204 -21.58 15.61 -11.36
CA ILE G 204 -20.21 15.13 -11.29
C ILE G 204 -19.24 16.30 -11.40
N GLU G 205 -19.44 17.15 -12.42
CA GLU G 205 -18.49 18.24 -12.67
C GLU G 205 -18.47 19.23 -11.53
N THR G 206 -19.63 19.47 -10.92
CA THR G 206 -19.78 20.54 -9.93
C THR G 206 -19.44 20.09 -8.52
N PHE G 207 -19.68 18.80 -8.17
CA PHE G 207 -19.53 18.37 -6.78
C PHE G 207 -18.61 17.16 -6.56
N PHE G 208 -18.51 16.25 -7.52
CA PHE G 208 -17.90 14.96 -7.20
C PHE G 208 -16.62 14.63 -7.98
N GLY G 209 -16.47 15.11 -9.20
CA GLY G 209 -15.33 14.69 -9.99
C GLY G 209 -15.12 15.52 -11.23
N TRP G 210 -14.70 14.86 -12.31
CA TRP G 210 -14.35 15.57 -13.53
C TRP G 210 -15.02 14.91 -14.72
N VAL G 211 -15.24 15.73 -15.76
CA VAL G 211 -15.80 15.27 -17.02
C VAL G 211 -14.80 15.53 -18.12
N SER G 212 -14.55 14.51 -18.92
CA SER G 212 -13.73 14.60 -20.10
C SER G 212 -14.39 13.80 -21.22
N ASP G 213 -13.59 13.39 -22.21
CA ASP G 213 -14.14 12.66 -23.35
C ASP G 213 -13.06 11.73 -23.88
N VAL G 214 -13.46 10.80 -24.76
CA VAL G 214 -12.57 9.69 -25.10
C VAL G 214 -11.38 10.17 -25.92
N GLU G 215 -11.62 11.03 -26.90
CA GLU G 215 -10.51 11.49 -27.71
C GLU G 215 -9.53 12.31 -26.89
N THR G 216 -10.05 13.21 -26.07
CA THR G 216 -9.19 13.94 -25.15
C THR G 216 -8.42 12.97 -24.26
N PHE G 217 -9.06 11.89 -23.84
CA PHE G 217 -8.41 10.92 -22.95
C PHE G 217 -7.33 10.13 -23.67
N CYS G 218 -7.60 9.68 -24.90
CA CYS G 218 -6.57 8.96 -25.65
C CYS G 218 -5.41 9.87 -26.02
N ASP G 219 -5.69 11.14 -26.32
CA ASP G 219 -4.60 12.06 -26.63
C ASP G 219 -3.70 12.26 -25.42
N ALA G 220 -4.27 12.33 -24.23
CA ALA G 220 -3.47 12.56 -23.04
C ALA G 220 -2.56 11.38 -22.74
N LEU G 221 -2.97 10.17 -23.14
CA LEU G 221 -2.17 8.99 -22.87
C LEU G 221 -1.06 8.76 -23.92
N SER G 222 -1.11 9.43 -25.06
CA SER G 222 -0.21 9.08 -26.17
C SER G 222 1.26 8.96 -25.77
N PRO G 223 1.85 9.88 -24.97
CA PRO G 223 3.26 9.72 -24.57
C PRO G 223 3.51 8.56 -23.61
N THR H 2 -48.06 2.60 9.24
CA THR H 2 -48.50 3.69 8.41
C THR H 2 -48.35 3.31 6.93
N THR H 3 -49.31 3.61 6.08
CA THR H 3 -49.12 3.54 4.64
C THR H 3 -49.11 4.96 4.09
N LEU H 4 -48.14 5.26 3.21
CA LEU H 4 -47.89 6.62 2.76
C LEU H 4 -47.96 6.66 1.24
N THR H 5 -48.90 7.44 0.73
CA THR H 5 -48.96 7.68 -0.70
C THR H 5 -47.64 8.28 -1.17
N ALA H 6 -47.11 7.76 -2.26
CA ALA H 6 -45.83 8.20 -2.78
C ALA H 6 -45.69 7.74 -4.22
N ARG H 7 -44.64 8.24 -4.86
CA ARG H 7 -44.22 7.75 -6.17
C ARG H 7 -43.00 6.86 -6.00
N PRO H 8 -42.93 5.74 -6.73
CA PRO H 8 -43.87 5.31 -7.80
C PRO H 8 -45.11 4.56 -7.30
N GLU H 9 -45.13 4.20 -6.03
CA GLU H 9 -46.27 3.57 -5.38
C GLU H 9 -46.18 3.85 -3.88
N ALA H 10 -47.28 3.62 -3.20
CA ALA H 10 -47.30 3.83 -1.76
C ALA H 10 -46.33 2.88 -1.07
N ILE H 11 -45.83 3.31 0.07
CA ILE H 11 -44.89 2.55 0.89
C ILE H 11 -45.42 2.50 2.31
N THR H 12 -45.26 1.35 2.95
CA THR H 12 -45.65 1.15 4.33
C THR H 12 -44.44 1.22 5.23
N PHE H 13 -44.59 1.86 6.39
CA PHE H 13 -43.51 1.93 7.36
C PHE H 13 -44.14 2.17 8.72
N ASP H 14 -43.43 1.73 9.76
CA ASP H 14 -43.90 2.02 11.10
C ASP H 14 -43.08 3.19 11.67
N PRO H 15 -43.72 4.31 11.95
CA PRO H 15 -42.98 5.48 12.47
C PRO H 15 -42.04 5.20 13.64
N GLN H 16 -42.33 4.20 14.47
CA GLN H 16 -41.44 3.94 15.58
C GLN H 16 -40.18 3.19 15.16
N GLN H 17 -40.11 2.73 13.91
CA GLN H 17 -38.89 2.12 13.36
C GLN H 17 -38.43 2.94 12.15
N SER H 18 -38.68 4.25 12.20
CA SER H 18 -38.33 5.15 11.11
C SER H 18 -37.62 6.37 11.70
N ALA H 19 -36.94 7.07 10.83
CA ALA H 19 -36.22 8.28 11.19
C ALA H 19 -36.52 9.37 10.19
N LEU H 20 -36.66 10.59 10.66
CA LEU H 20 -36.73 11.74 9.78
C LEU H 20 -35.36 12.40 9.81
N ILE H 21 -34.74 12.56 8.66
CA ILE H 21 -33.39 13.13 8.57
C ILE H 21 -33.52 14.51 7.95
N VAL H 22 -32.97 15.52 8.64
CA VAL H 22 -32.99 16.90 8.17
C VAL H 22 -31.57 17.23 7.72
N VAL H 23 -31.34 17.26 6.42
CA VAL H 23 -29.98 17.34 5.88
C VAL H 23 -29.55 18.82 5.78
N ASP H 24 -28.61 19.21 6.63
CA ASP H 24 -27.78 20.40 6.37
C ASP H 24 -28.60 21.68 6.27
N MET H 25 -29.58 21.82 7.15
CA MET H 25 -30.43 23.01 7.14
C MET H 25 -29.73 24.12 7.93
N GLN H 26 -28.55 24.48 7.40
CA GLN H 26 -27.66 25.50 7.97
C GLN H 26 -27.76 26.78 7.15
N ASN H 27 -27.29 27.88 7.73
CA ASN H 27 -27.24 29.13 6.97
C ASN H 27 -26.48 28.95 5.66
N ALA H 28 -25.41 28.17 5.69
CA ALA H 28 -24.59 27.95 4.50
C ALA H 28 -25.39 27.50 3.28
N TYR H 29 -26.45 26.71 3.50
CA TYR H 29 -27.19 26.08 2.42
C TYR H 29 -28.57 26.70 2.19
N ALA H 30 -29.11 27.47 3.15
CA ALA H 30 -30.50 27.93 3.09
C ALA H 30 -30.67 29.44 3.21
N THR H 31 -29.64 30.17 3.63
CA THR H 31 -29.78 31.56 4.02
C THR H 31 -29.01 32.48 3.10
N PRO H 32 -29.60 33.61 2.69
CA PRO H 32 -28.83 34.60 1.93
C PRO H 32 -27.57 34.97 2.70
N GLY H 33 -26.49 35.17 1.96
CA GLY H 33 -25.20 35.45 2.55
C GLY H 33 -24.44 34.23 3.00
N GLY H 34 -25.07 33.06 3.01
CA GLY H 34 -24.36 31.83 3.27
C GLY H 34 -23.59 31.31 2.07
N TYR H 35 -22.84 30.24 2.33
CA TYR H 35 -21.89 29.67 1.37
C TYR H 35 -22.53 29.52 0.00
N LEU H 36 -23.65 28.83 -0.10
CA LEU H 36 -24.17 28.53 -1.44
C LEU H 36 -24.50 29.82 -2.17
N ASP H 37 -25.18 30.75 -1.48
CA ASP H 37 -25.44 32.07 -2.07
C ASP H 37 -24.16 32.73 -2.54
N LEU H 38 -23.13 32.75 -1.69
CA LEU H 38 -21.87 33.40 -2.04
C LEU H 38 -21.11 32.68 -3.14
N ALA H 39 -21.37 31.39 -3.34
CA ALA H 39 -20.78 30.64 -4.45
C ALA H 39 -21.57 30.75 -5.76
N GLY H 40 -22.72 31.43 -5.74
CA GLY H 40 -23.44 31.72 -6.96
C GLY H 40 -24.68 30.90 -7.17
N PHE H 41 -25.07 30.08 -6.21
CA PHE H 41 -26.29 29.31 -6.28
C PHE H 41 -27.47 30.13 -5.76
N ASP H 42 -28.65 29.81 -6.26
CA ASP H 42 -29.86 30.54 -5.89
C ASP H 42 -30.48 29.90 -4.66
N VAL H 43 -30.42 30.61 -3.53
CA VAL H 43 -31.08 30.18 -2.30
C VAL H 43 -32.29 31.04 -1.99
N SER H 44 -32.76 31.85 -2.94
CA SER H 44 -33.82 32.82 -2.68
C SER H 44 -35.16 32.16 -2.38
N THR H 45 -35.30 30.85 -2.62
CA THR H 45 -36.57 30.17 -2.56
C THR H 45 -36.62 29.10 -1.46
N THR H 46 -35.84 29.29 -0.39
CA THR H 46 -35.75 28.28 0.66
C THR H 46 -36.63 28.58 1.87
N ARG H 47 -37.25 29.75 1.94
CA ARG H 47 -38.17 30.01 3.06
C ARG H 47 -39.30 28.99 3.12
N PRO H 48 -39.98 28.65 2.01
CA PRO H 48 -41.00 27.59 2.08
C PRO H 48 -40.43 26.26 2.53
N VAL H 49 -39.17 25.98 2.20
CA VAL H 49 -38.55 24.71 2.58
C VAL H 49 -38.36 24.64 4.08
N ILE H 50 -37.91 25.74 4.68
CA ILE H 50 -37.73 25.75 6.13
C ILE H 50 -39.07 25.52 6.82
N ALA H 51 -40.11 26.21 6.38
CA ALA H 51 -41.41 26.07 6.99
C ALA H 51 -41.92 24.64 6.91
N ASN H 52 -41.73 24.01 5.75
CA ASN H 52 -42.23 22.66 5.54
C ASN H 52 -41.48 21.65 6.38
N ILE H 53 -40.16 21.86 6.54
CA ILE H 53 -39.40 21.00 7.45
C ILE H 53 -39.90 21.17 8.87
N GLN H 54 -40.16 22.42 9.29
CA GLN H 54 -40.76 22.63 10.60
C GLN H 54 -42.01 21.78 10.75
N THR H 55 -42.87 21.83 9.74
CA THR H 55 -44.11 21.07 9.82
C THR H 55 -43.84 19.56 9.86
N ALA H 56 -42.90 19.09 9.03
CA ALA H 56 -42.62 17.66 8.97
C ALA H 56 -42.00 17.16 10.25
N VAL H 57 -41.18 18.00 10.89
CA VAL H 57 -40.52 17.58 12.12
C VAL H 57 -41.52 17.49 13.25
N THR H 58 -42.46 18.44 13.33
CA THR H 58 -43.49 18.40 14.36
C THR H 58 -44.26 17.10 14.29
N ALA H 59 -44.76 16.74 13.10
CA ALA H 59 -45.49 15.49 12.93
C ALA H 59 -44.62 14.28 13.23
N ALA H 60 -43.41 14.24 12.69
CA ALA H 60 -42.55 13.08 12.93
C ALA H 60 -42.35 12.87 14.42
N ARG H 61 -42.02 13.94 15.16
CA ARG H 61 -41.75 13.78 16.58
C ARG H 61 -43.01 13.35 17.32
N ALA H 62 -44.15 13.91 16.92
CA ALA H 62 -45.41 13.49 17.52
C ALA H 62 -45.65 12.00 17.31
N ALA H 63 -45.25 11.48 16.14
CA ALA H 63 -45.55 10.12 15.76
C ALA H 63 -44.48 9.13 16.24
N GLY H 64 -43.56 9.58 17.09
CA GLY H 64 -42.54 8.70 17.64
C GLY H 64 -41.36 8.43 16.72
N MET H 65 -41.14 9.25 15.69
CA MET H 65 -40.05 9.05 14.76
C MET H 65 -38.80 9.76 15.27
N LEU H 66 -37.66 9.08 15.19
CA LEU H 66 -36.38 9.71 15.50
C LEU H 66 -36.11 10.84 14.53
N ILE H 67 -35.65 11.97 15.07
CA ILE H 67 -35.28 13.13 14.27
C ILE H 67 -33.76 13.27 14.29
N ILE H 68 -33.14 13.23 13.12
CA ILE H 68 -31.70 13.40 12.99
C ILE H 68 -31.43 14.64 12.16
N TRP H 69 -30.64 15.56 12.72
CA TRP H 69 -30.20 16.77 12.05
C TRP H 69 -28.74 16.61 11.68
N PHE H 70 -28.42 16.84 10.41
CA PHE H 70 -27.03 16.90 9.99
C PHE H 70 -26.56 18.34 9.91
N GLN H 71 -25.29 18.57 10.33
CA GLN H 71 -24.56 19.79 10.03
C GLN H 71 -23.30 19.40 9.28
N ASN H 72 -23.17 19.88 8.03
CA ASN H 72 -22.01 19.57 7.20
C ASN H 72 -20.94 20.62 7.46
N GLY H 73 -19.73 20.18 7.72
CA GLY H 73 -18.65 21.13 7.83
C GLY H 73 -17.45 20.59 8.60
N TRP H 74 -16.56 21.53 8.92
CA TRP H 74 -15.20 21.20 9.31
C TRP H 74 -14.68 22.15 10.37
N ASP H 75 -13.55 21.77 10.98
CA ASP H 75 -12.76 22.69 11.79
C ASP H 75 -12.44 23.92 10.97
N GLU H 76 -12.26 25.06 11.66
CA GLU H 76 -12.05 26.32 10.98
C GLU H 76 -10.75 26.35 10.17
N GLN H 77 -9.78 25.48 10.48
CA GLN H 77 -8.57 25.37 9.67
C GLN H 77 -8.75 24.35 8.53
N TYR H 78 -9.89 23.67 8.48
CA TYR H 78 -10.28 22.76 7.41
C TYR H 78 -9.41 21.51 7.30
N VAL H 79 -8.74 21.13 8.39
CA VAL H 79 -8.07 19.84 8.40
C VAL H 79 -9.03 18.74 7.98
N GLU H 80 -10.27 18.80 8.47
CA GLU H 80 -11.28 17.77 8.25
C GLU H 80 -11.82 17.78 6.83
N ALA H 81 -11.59 18.83 6.04
CA ALA H 81 -12.00 18.82 4.66
C ALA H 81 -11.05 18.05 3.78
N GLY H 82 -9.89 17.67 4.32
CA GLY H 82 -8.88 17.04 3.51
C GLY H 82 -7.96 18.03 2.82
N GLY H 83 -6.71 17.65 2.68
CA GLY H 83 -5.78 18.47 1.95
C GLY H 83 -5.76 18.10 0.49
N PRO H 84 -4.70 18.50 -0.21
CA PRO H 84 -4.64 18.23 -1.66
C PRO H 84 -4.69 16.76 -2.04
N GLY H 85 -4.36 15.84 -1.14
CA GLY H 85 -4.52 14.43 -1.47
C GLY H 85 -5.96 13.93 -1.45
N SER H 86 -6.92 14.76 -1.00
CA SER H 86 -8.33 14.41 -1.01
C SER H 86 -9.05 15.06 -2.19
N PRO H 87 -9.88 14.34 -2.96
CA PRO H 87 -10.69 15.02 -3.97
C PRO H 87 -11.63 16.05 -3.39
N ASN H 88 -12.01 15.92 -2.12
CA ASN H 88 -12.85 16.94 -1.51
C ASN H 88 -12.17 18.31 -1.52
N PHE H 89 -10.86 18.35 -1.33
CA PHE H 89 -10.09 19.60 -1.43
C PHE H 89 -10.25 20.24 -2.80
N HIS H 90 -10.30 19.42 -3.84
CA HIS H 90 -10.37 19.94 -5.19
C HIS H 90 -11.79 20.21 -5.68
N LYS H 91 -12.77 19.52 -5.10
CA LYS H 91 -14.14 19.65 -5.52
C LYS H 91 -14.95 20.61 -4.67
N SER H 92 -14.58 20.84 -3.41
CA SER H 92 -15.45 21.60 -2.54
C SER H 92 -15.67 23.01 -3.07
N ASN H 93 -16.93 23.37 -3.31
CA ASN H 93 -17.19 24.73 -3.76
C ASN H 93 -16.99 25.76 -2.65
N ALA H 94 -17.12 25.38 -1.39
CA ALA H 94 -16.85 26.32 -0.30
C ALA H 94 -15.35 26.63 -0.22
N LEU H 95 -14.50 25.60 -0.35
CA LEU H 95 -13.06 25.83 -0.40
C LEU H 95 -12.69 26.71 -1.59
N LYS H 96 -13.25 26.39 -2.77
CA LYS H 96 -12.99 27.21 -3.95
C LYS H 96 -13.37 28.67 -3.70
N THR H 97 -14.54 28.89 -3.11
CA THR H 97 -15.00 30.25 -2.89
C THR H 97 -14.05 31.03 -1.97
N MET H 98 -13.51 30.36 -0.95
CA MET H 98 -12.61 31.04 -0.03
C MET H 98 -11.22 31.25 -0.64
N ARG H 99 -10.80 30.37 -1.53
CA ARG H 99 -9.58 30.63 -2.31
C ARG H 99 -9.78 31.83 -3.21
N LYS H 100 -10.97 32.00 -3.78
CA LYS H 100 -11.29 33.18 -4.58
C LYS H 100 -11.37 34.43 -3.73
N GLN H 101 -12.08 34.36 -2.59
CA GLN H 101 -12.40 35.51 -1.75
C GLN H 101 -11.74 35.29 -0.39
N PRO H 102 -10.43 35.57 -0.28
CA PRO H 102 -9.71 35.26 0.97
C PRO H 102 -10.24 35.97 2.20
N GLN H 103 -11.02 37.04 2.04
CA GLN H 103 -11.68 37.62 3.20
C GLN H 103 -12.69 36.65 3.80
N LEU H 104 -13.10 35.62 3.05
CA LEU H 104 -14.03 34.64 3.57
C LEU H 104 -13.32 33.44 4.18
N GLN H 105 -12.00 33.36 4.06
CA GLN H 105 -11.22 32.28 4.64
C GLN H 105 -11.62 32.02 6.08
N GLY H 106 -11.90 30.76 6.38
CA GLY H 106 -12.24 30.34 7.72
C GLY H 106 -13.66 30.58 8.13
N LYS H 107 -14.49 31.15 7.25
CA LYS H 107 -15.84 31.50 7.66
C LYS H 107 -16.92 30.66 7.00
N LEU H 108 -16.60 29.90 5.96
CA LEU H 108 -17.58 29.02 5.31
C LEU H 108 -17.49 27.61 5.90
N LEU H 109 -18.64 27.07 6.29
CA LEU H 109 -18.78 25.70 6.74
C LEU H 109 -17.80 25.37 7.86
N ALA H 110 -17.55 26.35 8.73
CA ALA H 110 -16.60 26.21 9.82
C ALA H 110 -17.35 26.04 11.14
N LYS H 111 -17.05 24.96 11.83
CA LYS H 111 -17.55 24.79 13.19
C LYS H 111 -17.30 26.07 14.00
N GLY H 112 -18.35 26.56 14.64
CA GLY H 112 -18.29 27.80 15.40
C GLY H 112 -18.70 29.04 14.62
N SER H 113 -18.92 28.90 13.31
CA SER H 113 -19.24 30.00 12.41
C SER H 113 -20.74 30.14 12.24
N TRP H 114 -21.16 31.35 11.84
CA TRP H 114 -22.55 31.58 11.50
C TRP H 114 -22.98 30.69 10.35
N ASP H 115 -22.14 30.62 9.31
CA ASP H 115 -22.43 29.81 8.12
C ASP H 115 -22.80 28.38 8.51
N TYR H 116 -22.09 27.82 9.49
CA TYR H 116 -22.27 26.44 9.89
C TYR H 116 -23.48 26.19 10.78
N GLN H 117 -23.99 27.23 11.45
CA GLN H 117 -25.14 27.04 12.31
C GLN H 117 -26.37 26.61 11.51
N LEU H 118 -27.19 25.77 12.15
CA LEU H 118 -28.58 25.61 11.72
C LEU H 118 -29.29 26.95 11.67
N VAL H 119 -30.15 27.12 10.65
CA VAL H 119 -30.90 28.37 10.53
C VAL H 119 -31.69 28.61 11.81
N ASP H 120 -31.94 29.89 12.11
CA ASP H 120 -32.56 30.25 13.38
C ASP H 120 -33.92 29.59 13.56
N GLU H 121 -34.66 29.35 12.47
CA GLU H 121 -36.01 28.82 12.56
C GLU H 121 -36.05 27.36 13.02
N LEU H 122 -34.96 26.60 12.86
CA LEU H 122 -34.98 25.16 13.13
C LEU H 122 -34.14 24.86 14.36
N VAL H 123 -34.79 24.47 15.45
CA VAL H 123 -34.12 24.30 16.73
C VAL H 123 -34.31 22.87 17.20
N PRO H 124 -33.25 22.06 17.23
CA PRO H 124 -33.39 20.68 17.71
C PRO H 124 -33.87 20.60 19.16
N GLN H 125 -34.65 19.58 19.43
CA GLN H 125 -35.23 19.34 20.74
C GLN H 125 -34.57 18.16 21.44
N PRO H 126 -34.65 18.12 22.77
CA PRO H 126 -34.07 16.98 23.50
C PRO H 126 -34.64 15.65 23.01
N GLY H 127 -33.76 14.67 22.88
CA GLY H 127 -34.11 13.39 22.30
C GLY H 127 -33.82 13.31 20.82
N ASP H 128 -33.73 14.44 20.14
CA ASP H 128 -33.24 14.44 18.77
C ASP H 128 -31.75 14.14 18.79
N ILE H 129 -31.22 13.73 17.63
CA ILE H 129 -29.79 13.52 17.43
C ILE H 129 -29.30 14.58 16.45
N VAL H 130 -28.23 15.27 16.82
CA VAL H 130 -27.58 16.23 15.93
C VAL H 130 -26.19 15.69 15.57
N LEU H 131 -25.96 15.46 14.28
CA LEU H 131 -24.75 14.79 13.80
C LEU H 131 -23.94 15.70 12.89
N PRO H 132 -22.63 15.86 13.13
CA PRO H 132 -21.79 16.48 12.12
C PRO H 132 -21.43 15.47 11.04
N LYS H 133 -21.15 15.99 9.85
CA LYS H 133 -20.57 15.16 8.79
C LYS H 133 -19.53 15.90 7.95
N PRO H 134 -18.45 15.22 7.53
CA PRO H 134 -17.40 15.92 6.77
C PRO H 134 -17.49 15.84 5.25
N ARG H 135 -18.43 15.04 4.71
CA ARG H 135 -18.59 14.89 3.27
C ARG H 135 -20.08 14.86 2.96
N TYR H 136 -20.40 14.87 1.67
CA TYR H 136 -21.81 15.03 1.29
C TYR H 136 -22.69 13.92 1.88
N SER H 137 -22.26 12.66 1.77
CA SER H 137 -23.11 11.58 2.27
C SER H 137 -22.99 11.46 3.78
N GLY H 138 -24.13 11.48 4.46
CA GLY H 138 -24.22 11.23 5.88
C GLY H 138 -23.82 9.83 6.29
N PHE H 139 -23.67 8.90 5.34
CA PHE H 139 -23.36 7.51 5.67
C PHE H 139 -21.89 7.15 5.58
N PHE H 140 -21.03 8.07 5.20
CA PHE H 140 -19.58 7.85 5.21
C PHE H 140 -18.98 8.69 6.33
N ASN H 141 -18.12 8.07 7.13
CA ASN H 141 -17.29 8.75 8.12
C ASN H 141 -18.05 9.14 9.38
N THR H 142 -19.22 8.59 9.59
CA THR H 142 -20.10 8.93 10.70
C THR H 142 -20.67 7.70 11.37
N PRO H 143 -21.30 7.87 12.54
CA PRO H 143 -22.08 6.77 13.14
C PRO H 143 -23.51 6.62 12.65
N LEU H 144 -23.90 7.26 11.55
CA LEU H 144 -25.30 7.25 11.17
C LEU H 144 -25.85 5.84 11.01
N ASP H 145 -25.14 4.96 10.29
CA ASP H 145 -25.61 3.58 10.11
C ASP H 145 -25.75 2.87 11.45
N SER H 146 -24.78 3.06 12.35
CA SER H 146 -24.81 2.46 13.68
C SER H 146 -26.00 2.97 14.51
N ILE H 147 -26.23 4.27 14.49
CA ILE H 147 -27.35 4.86 15.23
C ILE H 147 -28.67 4.24 14.78
N LEU H 148 -28.86 4.13 13.46
CA LEU H 148 -30.11 3.60 12.92
C LEU H 148 -30.25 2.11 13.26
N ARG H 149 -29.21 1.32 12.93
CA ARG H 149 -29.26 -0.11 13.24
C ARG H 149 -29.56 -0.36 14.71
N SER H 150 -28.97 0.45 15.59
CA SER H 150 -29.14 0.22 17.02
C SER H 150 -30.58 0.40 17.47
N ARG H 151 -31.41 1.05 16.65
CA ARG H 151 -32.81 1.27 16.96
C ARG H 151 -33.72 0.47 16.05
N GLY H 152 -33.14 -0.43 15.25
CA GLY H 152 -33.92 -1.26 14.34
C GLY H 152 -34.66 -0.48 13.28
N ILE H 153 -34.11 0.63 12.87
CA ILE H 153 -34.72 1.53 11.91
C ILE H 153 -34.38 1.06 10.50
N ARG H 154 -35.39 0.99 9.66
CA ARG H 154 -35.16 0.62 8.27
C ARG H 154 -35.74 1.58 7.25
N HIS H 155 -36.56 2.54 7.66
CA HIS H 155 -37.15 3.54 6.79
C HIS H 155 -36.64 4.91 7.20
N LEU H 156 -36.19 5.67 6.21
CA LEU H 156 -35.63 6.99 6.40
C LEU H 156 -36.48 7.95 5.59
N VAL H 157 -36.88 9.03 6.23
CA VAL H 157 -37.61 10.09 5.55
C VAL H 157 -36.69 11.30 5.46
N PHE H 158 -36.36 11.69 4.23
CA PHE H 158 -35.34 12.68 3.97
C PHE H 158 -35.92 14.07 3.68
N THR H 159 -35.28 15.07 4.26
CA THR H 159 -35.55 16.47 3.98
C THR H 159 -34.21 17.21 3.94
N GLY H 160 -34.19 18.36 3.29
CA GLY H 160 -33.08 19.28 3.42
C GLY H 160 -32.48 19.69 2.07
N ILE H 161 -31.22 20.12 2.13
CA ILE H 161 -30.49 20.76 1.03
C ILE H 161 -29.08 20.20 0.97
N ALA H 162 -28.54 19.92 -0.23
CA ALA H 162 -29.14 20.07 -1.56
C ALA H 162 -29.76 18.73 -1.97
N THR H 163 -30.94 18.77 -2.59
CA THR H 163 -31.62 17.55 -3.03
C THR H 163 -30.69 16.62 -3.80
N ASN H 164 -29.92 17.18 -4.71
CA ASN H 164 -29.10 16.43 -5.66
C ASN H 164 -27.71 16.07 -5.14
N VAL H 165 -27.30 16.56 -3.97
CA VAL H 165 -25.94 16.35 -3.50
C VAL H 165 -25.99 15.63 -2.15
N SER H 166 -25.99 16.35 -1.02
CA SER H 166 -26.01 15.69 0.29
C SER H 166 -27.27 14.85 0.49
N VAL H 167 -28.43 15.33 0.05
CA VAL H 167 -29.65 14.55 0.27
C VAL H 167 -29.62 13.28 -0.58
N GLU H 168 -29.45 13.44 -1.89
CA GLU H 168 -29.50 12.25 -2.75
C GLU H 168 -28.35 11.29 -2.45
N SER H 169 -27.14 11.82 -2.19
CA SER H 169 -26.01 10.94 -1.84
C SER H 169 -26.31 10.11 -0.61
N THR H 170 -26.87 10.74 0.42
CA THR H 170 -27.18 10.01 1.63
C THR H 170 -28.27 8.97 1.35
N LEU H 171 -29.24 9.33 0.53
CA LEU H 171 -30.32 8.38 0.22
C LEU H 171 -29.84 7.22 -0.63
N ARG H 172 -29.06 7.51 -1.67
CA ARG H 172 -28.46 6.43 -2.45
C ARG H 172 -27.63 5.50 -1.57
N ASP H 173 -26.80 6.05 -0.70
CA ASP H 173 -26.01 5.17 0.15
C ASP H 173 -26.89 4.42 1.14
N GLY H 174 -27.97 5.05 1.62
CA GLY H 174 -28.93 4.30 2.42
C GLY H 174 -29.45 3.08 1.68
N PHE H 175 -29.84 3.28 0.43
CA PHE H 175 -30.27 2.15 -0.39
C PHE H 175 -29.24 1.03 -0.41
N PHE H 176 -27.93 1.37 -0.62
CA PHE H 176 -26.92 0.30 -0.66
C PHE H 176 -26.73 -0.35 0.71
N LEU H 177 -27.14 0.30 1.79
CA LEU H 177 -27.10 -0.29 3.12
C LEU H 177 -28.44 -0.90 3.53
N GLU H 178 -29.35 -1.07 2.56
CA GLU H 178 -30.63 -1.77 2.70
C GLU H 178 -31.69 -0.96 3.48
N TYR H 179 -31.59 0.38 3.41
CA TYR H 179 -32.61 1.26 3.96
C TYR H 179 -33.59 1.64 2.87
N PHE H 180 -34.85 1.72 3.27
CA PHE H 180 -35.91 2.28 2.45
C PHE H 180 -35.99 3.78 2.65
N GLY H 181 -35.70 4.54 1.60
CA GLY H 181 -35.57 5.99 1.67
C GLY H 181 -36.72 6.68 0.93
N VAL H 182 -37.34 7.63 1.62
CA VAL H 182 -38.41 8.47 1.08
C VAL H 182 -37.94 9.92 1.16
N VAL H 183 -38.13 10.67 0.09
CA VAL H 183 -37.81 12.10 0.10
C VAL H 183 -39.11 12.89 0.03
N LEU H 184 -39.23 13.89 0.89
CA LEU H 184 -40.39 14.80 0.88
C LEU H 184 -40.00 15.97 -0.01
N GLU H 185 -40.51 15.95 -1.25
CA GLU H 185 -39.96 16.82 -2.28
C GLU H 185 -40.11 18.30 -1.93
N ASP H 186 -41.25 18.68 -1.33
CA ASP H 186 -41.41 20.10 -1.01
C ASP H 186 -40.64 20.51 0.24
N ALA H 187 -39.90 19.60 0.83
CA ALA H 187 -39.02 19.88 1.96
C ALA H 187 -37.57 19.74 1.55
N THR H 188 -37.27 19.95 0.26
CA THR H 188 -35.92 19.93 -0.27
C THR H 188 -35.71 21.10 -1.24
N HIS H 189 -34.44 21.41 -1.47
CA HIS H 189 -34.08 22.39 -2.49
C HIS H 189 -32.73 21.99 -3.07
N GLN H 190 -32.60 22.14 -4.39
CA GLN H 190 -31.39 21.70 -5.09
C GLN H 190 -30.30 22.76 -5.02
N ALA H 191 -29.08 22.35 -5.37
CA ALA H 191 -27.95 23.25 -5.62
C ALA H 191 -27.66 23.17 -7.12
N GLY H 192 -28.08 24.18 -7.87
CA GLY H 192 -27.94 24.20 -9.30
C GLY H 192 -29.21 24.67 -9.97
N PRO H 193 -29.31 24.44 -11.28
CA PRO H 193 -30.54 24.80 -12.00
C PRO H 193 -31.70 23.91 -11.60
N LYS H 194 -32.90 24.33 -12.00
CA LYS H 194 -34.09 23.59 -11.59
C LYS H 194 -34.08 22.18 -12.13
N PHE H 195 -33.39 21.92 -13.25
CA PHE H 195 -33.33 20.54 -13.71
C PHE H 195 -32.64 19.64 -12.69
N ALA H 196 -31.79 20.20 -11.82
CA ALA H 196 -31.11 19.37 -10.82
C ALA H 196 -32.11 18.84 -9.80
N GLN H 197 -33.15 19.60 -9.52
CA GLN H 197 -34.19 19.12 -8.63
C GLN H 197 -35.01 18.03 -9.30
N LYS H 198 -35.52 18.33 -10.48
CA LYS H 198 -36.25 17.33 -11.26
C LYS H 198 -35.43 16.04 -11.41
N ALA H 199 -34.16 16.16 -11.72
CA ALA H 199 -33.39 14.95 -12.03
C ALA H 199 -33.11 14.15 -10.77
N ALA H 200 -32.88 14.84 -9.65
CA ALA H 200 -32.70 14.13 -8.37
C ALA H 200 -33.95 13.34 -8.02
N LEU H 201 -35.12 13.97 -8.14
CA LEU H 201 -36.35 13.27 -7.78
C LEU H 201 -36.62 12.13 -8.74
N PHE H 202 -36.32 12.32 -10.04
CA PHE H 202 -36.47 11.23 -11.03
C PHE H 202 -35.57 10.04 -10.69
N ASN H 203 -34.31 10.29 -10.32
CA ASN H 203 -33.43 9.18 -9.98
C ASN H 203 -33.91 8.47 -8.72
N ILE H 204 -34.36 9.23 -7.73
CA ILE H 204 -34.84 8.62 -6.50
C ILE H 204 -36.07 7.76 -6.79
N GLU H 205 -37.07 8.37 -7.43
CA GLU H 205 -38.32 7.68 -7.72
C GLU H 205 -38.07 6.43 -8.56
N THR H 206 -37.17 6.51 -9.55
CA THR H 206 -37.05 5.46 -10.53
C THR H 206 -36.15 4.34 -10.07
N PHE H 207 -35.12 4.66 -9.26
CA PHE H 207 -34.08 3.66 -9.00
C PHE H 207 -33.80 3.40 -7.53
N PHE H 208 -33.99 4.40 -6.65
CA PHE H 208 -33.42 4.32 -5.31
C PHE H 208 -34.44 4.35 -4.19
N GLY H 209 -35.54 5.02 -4.36
CA GLY H 209 -36.45 5.14 -3.23
C GLY H 209 -37.80 5.65 -3.66
N TRP H 210 -38.43 6.45 -2.80
CA TRP H 210 -39.78 6.92 -2.99
C TRP H 210 -39.83 8.43 -2.78
N VAL H 211 -40.79 9.07 -3.42
CA VAL H 211 -41.00 10.51 -3.32
C VAL H 211 -42.43 10.80 -2.85
N SER H 212 -42.55 11.56 -1.78
CA SER H 212 -43.84 12.05 -1.28
C SER H 212 -43.70 13.52 -0.91
N ASP H 213 -44.62 14.03 -0.09
CA ASP H 213 -44.61 15.45 0.27
C ASP H 213 -45.06 15.61 1.73
N VAL H 214 -44.85 16.80 2.28
CA VAL H 214 -44.99 16.98 3.71
C VAL H 214 -46.46 16.83 4.15
N GLU H 215 -47.40 17.36 3.38
CA GLU H 215 -48.78 17.26 3.81
C GLU H 215 -49.25 15.81 3.77
N THR H 216 -48.98 15.12 2.67
CA THR H 216 -49.25 13.68 2.61
C THR H 216 -48.61 12.95 3.79
N PHE H 217 -47.32 13.25 4.05
CA PHE H 217 -46.58 12.68 5.16
C PHE H 217 -47.27 12.95 6.49
N CYS H 218 -47.69 14.19 6.69
CA CYS H 218 -48.31 14.57 7.96
C CYS H 218 -49.66 13.91 8.14
N ASP H 219 -50.47 13.89 7.08
CA ASP H 219 -51.74 13.18 7.15
C ASP H 219 -51.52 11.72 7.53
N ALA H 220 -50.49 11.10 6.94
CA ALA H 220 -50.30 9.67 7.11
C ALA H 220 -49.92 9.33 8.54
N LEU H 221 -49.26 10.25 9.23
CA LEU H 221 -48.79 10.03 10.59
C LEU H 221 -49.87 10.30 11.64
N SER H 222 -50.98 10.91 11.26
CA SER H 222 -51.97 11.37 12.23
C SER H 222 -52.44 10.30 13.22
N PRO H 223 -52.70 9.03 12.81
CA PRO H 223 -53.01 8.00 13.81
C PRO H 223 -51.77 7.51 14.60
N THR I 2 -13.25 -48.47 -32.55
CA THR I 2 -12.74 -49.44 -31.60
C THR I 2 -13.26 -50.84 -31.90
N THR I 3 -12.35 -51.82 -31.90
CA THR I 3 -12.73 -53.22 -32.08
C THR I 3 -12.69 -53.90 -30.73
N LEU I 4 -13.84 -54.42 -30.28
CA LEU I 4 -14.00 -54.99 -28.95
C LEU I 4 -14.08 -56.50 -29.07
N THR I 5 -13.19 -57.19 -28.35
CA THR I 5 -13.24 -58.64 -28.27
C THR I 5 -14.49 -59.08 -27.52
N ALA I 6 -15.23 -60.00 -28.13
CA ALA I 6 -16.51 -60.40 -27.59
C ALA I 6 -16.93 -61.76 -28.13
N ARG I 7 -17.94 -62.34 -27.46
CA ARG I 7 -18.64 -63.53 -27.93
C ARG I 7 -19.89 -63.11 -28.68
N PRO I 8 -20.19 -63.74 -29.84
CA PRO I 8 -19.42 -64.86 -30.40
C PRO I 8 -18.26 -64.43 -31.29
N GLU I 9 -18.13 -63.13 -31.57
CA GLU I 9 -16.98 -62.62 -32.29
C GLU I 9 -16.86 -61.13 -32.00
N ALA I 10 -15.69 -60.58 -32.33
CA ALA I 10 -15.40 -59.18 -32.05
C ALA I 10 -16.44 -58.28 -32.67
N ILE I 11 -16.76 -57.19 -31.98
CA ILE I 11 -17.70 -56.18 -32.46
C ILE I 11 -16.97 -54.85 -32.54
N THR I 12 -17.19 -54.11 -33.63
CA THR I 12 -16.57 -52.82 -33.83
C THR I 12 -17.60 -51.70 -33.81
N PHE I 13 -17.26 -50.61 -33.13
CA PHE I 13 -18.13 -49.47 -32.97
C PHE I 13 -17.26 -48.24 -32.78
N ASP I 14 -17.83 -47.08 -33.08
CA ASP I 14 -17.21 -45.81 -32.71
C ASP I 14 -17.75 -45.37 -31.36
N PRO I 15 -16.91 -45.25 -30.33
CA PRO I 15 -17.43 -44.87 -28.99
C PRO I 15 -18.21 -43.57 -29.01
N GLN I 16 -17.96 -42.68 -29.95
CA GLN I 16 -18.65 -41.40 -30.00
C GLN I 16 -20.00 -41.47 -30.68
N GLN I 17 -20.40 -42.62 -31.21
CA GLN I 17 -21.75 -42.85 -31.66
C GLN I 17 -22.30 -44.07 -30.96
N SER I 18 -21.93 -44.24 -29.69
CA SER I 18 -22.36 -45.37 -28.88
C SER I 18 -22.81 -44.84 -27.53
N ALA I 19 -23.56 -45.65 -26.81
CA ALA I 19 -24.03 -45.29 -25.48
C ALA I 19 -23.80 -46.46 -24.54
N LEU I 20 -23.46 -46.12 -23.31
CA LEU I 20 -23.38 -47.08 -22.22
C LEU I 20 -24.66 -46.89 -21.40
N ILE I 21 -25.41 -47.95 -21.24
CA ILE I 21 -26.68 -47.89 -20.54
C ILE I 21 -26.49 -48.62 -19.21
N VAL I 22 -26.85 -47.94 -18.13
CA VAL I 22 -26.76 -48.54 -16.80
C VAL I 22 -28.18 -48.79 -16.34
N VAL I 23 -28.59 -50.06 -16.36
CA VAL I 23 -29.97 -50.43 -16.15
C VAL I 23 -30.24 -50.55 -14.66
N ASP I 24 -31.07 -49.64 -14.14
CA ASP I 24 -31.77 -49.83 -12.86
C ASP I 24 -30.80 -50.15 -11.71
N MET I 25 -29.73 -49.39 -11.60
CA MET I 25 -28.78 -49.59 -10.52
C MET I 25 -29.24 -48.79 -9.29
N GLN I 26 -30.44 -49.20 -8.84
CA GLN I 26 -31.15 -48.62 -7.70
C GLN I 26 -31.05 -49.55 -6.50
N ASN I 27 -31.18 -48.99 -5.31
CA ASN I 27 -31.24 -49.86 -4.12
C ASN I 27 -32.26 -51.00 -4.30
N ALA I 28 -33.36 -50.77 -5.00
CA ALA I 28 -34.36 -51.83 -5.17
C ALA I 28 -33.75 -53.09 -5.76
N TYR I 29 -32.81 -52.93 -6.68
CA TYR I 29 -32.32 -54.06 -7.44
C TYR I 29 -30.95 -54.53 -6.97
N ALA I 30 -30.23 -53.71 -6.19
CA ALA I 30 -28.82 -53.90 -5.91
C ALA I 30 -28.45 -53.94 -4.43
N THR I 31 -29.36 -53.57 -3.53
CA THR I 31 -28.97 -53.31 -2.16
C THR I 31 -29.74 -54.18 -1.18
N PRO I 32 -29.08 -54.75 -0.16
CA PRO I 32 -29.82 -55.47 0.87
C PRO I 32 -30.90 -54.55 1.44
N GLY I 33 -32.09 -55.12 1.66
CA GLY I 33 -33.24 -54.37 2.13
C GLY I 33 -34.08 -53.75 1.04
N GLY I 34 -33.58 -53.67 -0.19
CA GLY I 34 -34.37 -53.20 -1.31
C GLY I 34 -35.38 -54.25 -1.76
N TYR I 35 -36.20 -53.86 -2.75
CA TYR I 35 -37.31 -54.67 -3.24
C TYR I 35 -36.89 -56.12 -3.57
N LEU I 36 -35.85 -56.30 -4.37
CA LEU I 36 -35.55 -57.66 -4.83
C LEU I 36 -35.24 -58.55 -3.64
N ASP I 37 -34.40 -58.05 -2.73
CA ASP I 37 -34.07 -58.77 -1.50
C ASP I 37 -35.31 -59.06 -0.67
N LEU I 38 -36.16 -58.05 -0.46
CA LEU I 38 -37.39 -58.27 0.31
C LEU I 38 -38.33 -59.25 -0.39
N ALA I 39 -38.28 -59.35 -1.72
CA ALA I 39 -39.14 -60.25 -2.45
C ALA I 39 -38.59 -61.67 -2.58
N GLY I 40 -37.42 -61.93 -2.02
CA GLY I 40 -36.88 -63.27 -1.96
C GLY I 40 -35.77 -63.55 -2.94
N PHE I 41 -35.33 -62.57 -3.72
CA PHE I 41 -34.16 -62.75 -4.58
C PHE I 41 -32.87 -62.49 -3.82
N ASP I 42 -31.80 -63.10 -4.31
CA ASP I 42 -30.47 -62.94 -3.71
C ASP I 42 -29.76 -61.76 -4.37
N VAL I 43 -29.47 -60.74 -3.58
CA VAL I 43 -28.68 -59.60 -4.02
C VAL I 43 -27.35 -59.54 -3.29
N SER I 44 -26.96 -60.62 -2.59
CA SER I 44 -25.79 -60.56 -1.74
C SER I 44 -24.48 -60.47 -2.50
N THR I 45 -24.47 -60.70 -3.82
CA THR I 45 -23.24 -60.67 -4.59
C THR I 45 -23.16 -59.49 -5.54
N THR I 46 -23.87 -58.40 -5.25
CA THR I 46 -23.90 -57.28 -6.19
C THR I 46 -22.80 -56.25 -5.97
N ARG I 47 -22.09 -56.28 -4.84
CA ARG I 47 -21.05 -55.27 -4.62
C ARG I 47 -20.01 -55.25 -5.73
N PRO I 48 -19.52 -56.39 -6.22
CA PRO I 48 -18.55 -56.34 -7.34
C PRO I 48 -19.15 -55.82 -8.62
N VAL I 49 -20.45 -56.04 -8.83
CA VAL I 49 -21.11 -55.49 -10.01
C VAL I 49 -21.12 -53.98 -9.95
N ILE I 50 -21.39 -53.41 -8.77
CA ILE I 50 -21.39 -51.96 -8.67
C ILE I 50 -20.02 -51.43 -9.01
N ALA I 51 -18.97 -52.04 -8.45
CA ALA I 51 -17.61 -51.59 -8.72
C ALA I 51 -17.29 -51.70 -10.20
N ASN I 52 -17.70 -52.80 -10.84
CA ASN I 52 -17.40 -53.00 -12.26
C ASN I 52 -18.12 -51.98 -13.13
N ILE I 53 -19.32 -51.56 -12.71
CA ILE I 53 -20.04 -50.53 -13.45
C ILE I 53 -19.37 -49.17 -13.28
N GLN I 54 -18.87 -48.85 -12.07
CA GLN I 54 -18.14 -47.60 -11.93
C GLN I 54 -16.94 -47.59 -12.87
N THR I 55 -16.20 -48.69 -12.94
CA THR I 55 -15.07 -48.77 -13.86
C THR I 55 -15.51 -48.55 -15.30
N ALA I 56 -16.62 -49.18 -15.70
CA ALA I 56 -17.02 -49.11 -17.10
C ALA I 56 -17.52 -47.73 -17.46
N VAL I 57 -18.25 -47.08 -16.54
CA VAL I 57 -18.78 -45.74 -16.79
C VAL I 57 -17.65 -44.75 -16.95
N THR I 58 -16.62 -44.86 -16.12
CA THR I 58 -15.46 -43.96 -16.22
C THR I 58 -14.82 -44.09 -17.59
N ALA I 59 -14.55 -45.32 -18.04
CA ALA I 59 -13.91 -45.54 -19.33
C ALA I 59 -14.81 -45.06 -20.48
N ALA I 60 -16.11 -45.39 -20.43
CA ALA I 60 -17.02 -44.94 -21.48
C ALA I 60 -17.07 -43.42 -21.56
N ARG I 61 -17.28 -42.76 -20.43
CA ARG I 61 -17.41 -41.31 -20.46
C ARG I 61 -16.15 -40.66 -21.03
N ALA I 62 -14.98 -41.15 -20.63
CA ALA I 62 -13.73 -40.58 -21.13
C ALA I 62 -13.57 -40.82 -22.62
N ALA I 63 -14.14 -41.92 -23.13
CA ALA I 63 -14.08 -42.28 -24.55
C ALA I 63 -15.11 -41.55 -25.39
N GLY I 64 -15.90 -40.64 -24.81
CA GLY I 64 -16.93 -39.93 -25.54
C GLY I 64 -18.26 -40.66 -25.68
N MET I 65 -18.47 -41.74 -24.93
CA MET I 65 -19.75 -42.45 -25.00
C MET I 65 -20.77 -41.77 -24.12
N LEU I 66 -21.99 -41.64 -24.64
CA LEU I 66 -23.11 -41.17 -23.84
C LEU I 66 -23.46 -42.17 -22.74
N ILE I 67 -23.62 -41.69 -21.51
CA ILE I 67 -24.07 -42.51 -20.39
C ILE I 67 -25.56 -42.26 -20.16
N ILE I 68 -26.35 -43.32 -20.23
CA ILE I 68 -27.76 -43.28 -19.91
C ILE I 68 -28.01 -44.15 -18.68
N TRP I 69 -28.59 -43.55 -17.62
CA TRP I 69 -28.95 -44.26 -16.41
C TRP I 69 -30.46 -44.47 -16.40
N PHE I 70 -30.89 -45.70 -16.21
CA PHE I 70 -32.30 -45.95 -16.04
C PHE I 70 -32.65 -46.06 -14.56
N GLN I 71 -33.81 -45.51 -14.20
CA GLN I 71 -34.48 -45.75 -12.92
C GLN I 71 -35.85 -46.30 -13.22
N ASN I 72 -36.11 -47.54 -12.78
CA ASN I 72 -37.39 -48.19 -12.99
C ASN I 72 -38.32 -47.92 -11.81
N GLY I 73 -39.54 -47.47 -12.10
CA GLY I 73 -40.49 -47.30 -11.02
C GLY I 73 -41.59 -46.31 -11.36
N TRP I 74 -42.34 -45.95 -10.33
CA TRP I 74 -43.65 -45.34 -10.51
C TRP I 74 -43.91 -44.32 -9.42
N ASP I 75 -45.02 -43.59 -9.60
CA ASP I 75 -45.56 -42.74 -8.54
C ASP I 75 -45.89 -43.57 -7.31
N GLU I 76 -45.86 -42.92 -6.13
CA GLU I 76 -46.07 -43.65 -4.89
C GLU I 76 -47.45 -44.31 -4.83
N GLN I 77 -48.44 -43.78 -5.56
CA GLN I 77 -49.74 -44.44 -5.61
C GLN I 77 -49.79 -45.56 -6.66
N TYR I 78 -48.75 -45.68 -7.49
CA TYR I 78 -48.63 -46.75 -8.49
C TYR I 78 -49.68 -46.67 -9.60
N VAL I 79 -50.18 -45.48 -9.90
CA VAL I 79 -50.99 -45.32 -11.11
C VAL I 79 -50.19 -45.76 -12.33
N GLU I 80 -48.91 -45.42 -12.36
CA GLU I 80 -48.07 -45.68 -13.51
C GLU I 80 -47.72 -47.16 -13.66
N ALA I 81 -47.95 -47.97 -12.63
CA ALA I 81 -47.69 -49.39 -12.73
C ALA I 81 -48.83 -50.11 -13.42
N GLY I 82 -49.93 -49.41 -13.68
CA GLY I 82 -51.13 -49.99 -14.23
C GLY I 82 -52.01 -50.62 -13.16
N GLY I 83 -53.30 -50.54 -13.36
CA GLY I 83 -54.22 -51.23 -12.50
C GLY I 83 -54.46 -52.65 -12.98
N PRO I 84 -55.51 -53.27 -12.45
CA PRO I 84 -55.76 -54.70 -12.77
C PRO I 84 -56.01 -55.00 -14.23
N GLY I 85 -56.29 -54.02 -15.08
CA GLY I 85 -56.33 -54.20 -16.51
C GLY I 85 -54.97 -54.32 -17.21
N SER I 86 -53.89 -54.14 -16.48
CA SER I 86 -52.53 -54.29 -16.99
C SER I 86 -51.94 -55.59 -16.51
N PRO I 87 -51.28 -56.37 -17.38
CA PRO I 87 -50.53 -57.51 -16.86
C PRO I 87 -49.45 -57.10 -15.87
N ASN I 88 -48.90 -55.90 -15.97
CA ASN I 88 -47.87 -55.50 -15.02
C ASN I 88 -48.40 -55.49 -13.58
N PHE I 89 -49.67 -55.16 -13.40
CA PHE I 89 -50.28 -55.18 -12.07
C PHE I 89 -50.21 -56.57 -11.48
N HIS I 90 -50.45 -57.60 -12.31
CA HIS I 90 -50.47 -59.00 -11.86
C HIS I 90 -49.10 -59.64 -11.81
N LYS I 91 -48.17 -59.18 -12.65
CA LYS I 91 -46.86 -59.79 -12.67
C LYS I 91 -45.86 -59.13 -11.73
N SER I 92 -46.00 -57.85 -11.46
CA SER I 92 -44.99 -57.13 -10.69
C SER I 92 -44.71 -57.79 -9.35
N ASN I 93 -43.45 -58.18 -9.16
CA ASN I 93 -43.08 -58.77 -7.89
C ASN I 93 -43.03 -57.72 -6.78
N ALA I 94 -42.76 -56.46 -7.12
CA ALA I 94 -42.84 -55.40 -6.12
C ALA I 94 -44.27 -55.22 -5.60
N LEU I 95 -45.22 -55.12 -6.52
CA LEU I 95 -46.62 -55.02 -6.10
C LEU I 95 -47.05 -56.25 -5.32
N LYS I 96 -46.68 -57.43 -5.78
CA LYS I 96 -46.99 -58.66 -5.04
C LYS I 96 -46.44 -58.59 -3.62
N THR I 97 -45.19 -58.15 -3.46
CA THR I 97 -44.57 -58.09 -2.14
C THR I 97 -45.31 -57.10 -1.22
N MET I 98 -45.75 -55.97 -1.77
CA MET I 98 -46.45 -54.98 -0.96
C MET I 98 -47.87 -55.42 -0.61
N ARG I 99 -48.52 -56.17 -1.51
CA ARG I 99 -49.83 -56.73 -1.17
C ARG I 99 -49.73 -57.71 -0.01
N LYS I 100 -48.62 -58.45 0.10
CA LYS I 100 -48.44 -59.39 1.22
C LYS I 100 -47.81 -58.76 2.45
N GLN I 101 -47.07 -57.65 2.30
CA GLN I 101 -46.46 -56.93 3.41
C GLN I 101 -46.96 -55.50 3.36
N PRO I 102 -48.22 -55.27 3.76
CA PRO I 102 -48.80 -53.91 3.63
C PRO I 102 -47.97 -52.83 4.33
N GLN I 103 -47.12 -53.22 5.28
CA GLN I 103 -46.21 -52.24 5.87
C GLN I 103 -45.32 -51.60 4.81
N LEU I 104 -45.03 -52.33 3.71
CA LEU I 104 -44.16 -51.85 2.65
C LEU I 104 -44.90 -51.03 1.60
N GLN I 105 -46.22 -50.89 1.72
CA GLN I 105 -47.01 -50.22 0.69
C GLN I 105 -46.55 -48.80 0.47
N GLY I 106 -46.25 -48.46 -0.77
CA GLY I 106 -45.73 -47.16 -1.12
C GLY I 106 -44.23 -46.99 -1.02
N LYS I 107 -43.50 -48.02 -0.58
CA LYS I 107 -42.07 -47.87 -0.33
C LYS I 107 -41.21 -48.55 -1.39
N LEU I 108 -41.76 -49.46 -2.17
CA LEU I 108 -41.00 -50.14 -3.21
C LEU I 108 -41.20 -49.44 -4.54
N LEU I 109 -40.09 -49.25 -5.24
CA LEU I 109 -40.07 -48.72 -6.60
C LEU I 109 -40.89 -47.46 -6.72
N ALA I 110 -40.86 -46.62 -5.69
CA ALA I 110 -41.69 -45.43 -5.66
C ALA I 110 -40.80 -44.21 -5.79
N LYS I 111 -41.10 -43.36 -6.77
CA LYS I 111 -40.38 -42.12 -6.92
C LYS I 111 -40.35 -41.38 -5.58
N GLY I 112 -39.14 -40.93 -5.21
CA GLY I 112 -38.92 -40.27 -3.94
C GLY I 112 -38.60 -41.18 -2.78
N SER I 113 -38.66 -42.50 -2.96
CA SER I 113 -38.30 -43.43 -1.91
C SER I 113 -36.81 -43.81 -2.03
N TRP I 114 -36.26 -44.29 -0.91
CA TRP I 114 -34.92 -44.85 -0.90
C TRP I 114 -34.80 -45.99 -1.91
N ASP I 115 -35.79 -46.89 -1.92
CA ASP I 115 -35.76 -48.04 -2.81
C ASP I 115 -35.51 -47.63 -4.26
N TYR I 116 -36.13 -46.52 -4.66
CA TYR I 116 -36.08 -46.03 -6.03
C TYR I 116 -34.78 -45.33 -6.38
N GLN I 117 -34.04 -44.85 -5.37
CA GLN I 117 -32.83 -44.10 -5.66
C GLN I 117 -31.76 -45.00 -6.27
N LEU I 118 -30.91 -44.40 -7.10
CA LEU I 118 -29.66 -45.04 -7.48
C LEU I 118 -28.81 -45.28 -6.24
N VAL I 119 -28.06 -46.39 -6.25
CA VAL I 119 -27.21 -46.70 -5.11
C VAL I 119 -26.21 -45.55 -4.90
N ASP I 120 -25.79 -45.38 -3.64
CA ASP I 120 -24.99 -44.21 -3.28
C ASP I 120 -23.68 -44.15 -4.06
N GLU I 121 -23.14 -45.32 -4.44
CA GLU I 121 -21.85 -45.37 -5.13
C GLU I 121 -21.92 -44.85 -6.55
N LEU I 122 -23.10 -44.84 -7.17
CA LEU I 122 -23.23 -44.50 -8.59
C LEU I 122 -23.91 -43.14 -8.75
N VAL I 123 -23.13 -42.16 -9.20
CA VAL I 123 -23.58 -40.79 -9.24
C VAL I 123 -23.53 -40.24 -10.66
N PRO I 124 -24.68 -40.01 -11.29
CA PRO I 124 -24.68 -39.46 -12.65
C PRO I 124 -24.02 -38.10 -12.69
N GLN I 125 -23.31 -37.84 -13.78
CA GLN I 125 -22.51 -36.66 -13.96
C GLN I 125 -23.12 -35.76 -15.03
N PRO I 126 -22.78 -34.48 -15.02
CA PRO I 126 -23.29 -33.57 -16.05
C PRO I 126 -23.04 -34.12 -17.45
N GLY I 127 -24.04 -33.99 -18.31
CA GLY I 127 -23.99 -34.57 -19.63
C GLY I 127 -24.50 -36.00 -19.71
N ASP I 128 -24.63 -36.68 -18.58
CA ASP I 128 -25.32 -37.96 -18.61
C ASP I 128 -26.82 -37.71 -18.78
N ILE I 129 -27.53 -38.76 -19.18
CA ILE I 129 -28.98 -38.75 -19.24
C ILE I 129 -29.52 -39.71 -18.19
N VAL I 130 -30.47 -39.25 -17.38
CA VAL I 130 -31.15 -40.10 -16.41
C VAL I 130 -32.60 -40.24 -16.86
N LEU I 131 -33.03 -41.47 -17.17
CA LEU I 131 -34.34 -41.75 -17.73
C LEU I 131 -35.16 -42.61 -16.78
N PRO I 132 -36.39 -42.22 -16.44
CA PRO I 132 -37.30 -43.14 -15.79
C PRO I 132 -37.97 -44.05 -16.82
N LYS I 133 -38.33 -45.25 -16.34
CA LYS I 133 -39.13 -46.10 -17.16
C LYS I 133 -40.16 -46.85 -16.34
N PRO I 134 -41.35 -47.09 -16.91
CA PRO I 134 -42.42 -47.75 -16.14
C PRO I 134 -42.52 -49.26 -16.26
N ARG I 135 -41.79 -49.86 -17.20
CA ARG I 135 -41.80 -51.30 -17.41
C ARG I 135 -40.39 -51.82 -17.66
N TYR I 136 -40.24 -53.15 -17.71
CA TYR I 136 -38.90 -53.71 -17.78
C TYR I 136 -38.10 -53.16 -18.97
N SER I 137 -38.69 -53.09 -20.15
CA SER I 137 -37.94 -52.67 -21.32
C SER I 137 -37.80 -51.14 -21.36
N GLY I 138 -36.57 -50.67 -21.48
CA GLY I 138 -36.35 -49.24 -21.60
C GLY I 138 -36.76 -48.65 -22.91
N PHE I 139 -37.12 -49.47 -23.91
CA PHE I 139 -37.57 -48.91 -25.17
C PHE I 139 -39.08 -48.64 -25.24
N PHE I 140 -39.88 -49.28 -24.40
CA PHE I 140 -41.32 -49.07 -24.44
C PHE I 140 -41.72 -47.92 -23.51
N ASN I 141 -42.54 -47.01 -24.00
CA ASN I 141 -43.15 -45.94 -23.21
C ASN I 141 -42.17 -44.86 -22.82
N THR I 142 -41.06 -44.78 -23.53
CA THR I 142 -40.06 -43.78 -23.20
C THR I 142 -39.51 -43.10 -24.44
N PRO I 143 -38.73 -42.03 -24.25
CA PRO I 143 -38.02 -41.42 -25.37
C PRO I 143 -36.67 -42.04 -25.71
N LEU I 144 -36.31 -43.20 -25.16
CA LEU I 144 -34.98 -43.77 -25.38
C LEU I 144 -34.63 -43.84 -26.86
N ASP I 145 -35.50 -44.46 -27.68
CA ASP I 145 -35.23 -44.58 -29.10
C ASP I 145 -34.96 -43.22 -29.73
N SER I 146 -35.80 -42.24 -29.41
CA SER I 146 -35.65 -40.88 -29.92
C SER I 146 -34.32 -40.28 -29.49
N ILE I 147 -33.97 -40.41 -28.21
CA ILE I 147 -32.68 -39.90 -27.70
C ILE I 147 -31.53 -40.45 -28.53
N LEU I 148 -31.53 -41.77 -28.76
CA LEU I 148 -30.42 -42.41 -29.46
C LEU I 148 -30.39 -42.01 -30.92
N ARG I 149 -31.54 -42.10 -31.61
CA ARG I 149 -31.59 -41.73 -33.03
C ARG I 149 -31.22 -40.26 -33.27
N SER I 150 -31.58 -39.37 -32.33
CA SER I 150 -31.24 -37.97 -32.46
C SER I 150 -29.75 -37.72 -32.43
N ARG I 151 -28.98 -38.66 -31.87
CA ARG I 151 -27.54 -38.58 -31.80
C ARG I 151 -26.85 -39.54 -32.77
N GLY I 152 -27.61 -40.23 -33.61
CA GLY I 152 -27.00 -41.15 -34.55
C GLY I 152 -26.34 -42.35 -33.90
N ILE I 153 -26.78 -42.74 -32.72
CA ILE I 153 -26.19 -43.85 -31.99
C ILE I 153 -26.83 -45.15 -32.45
N ARG I 154 -25.99 -46.15 -32.78
CA ARG I 154 -26.47 -47.46 -33.18
C ARG I 154 -25.88 -48.60 -32.35
N HIS I 155 -24.96 -48.32 -31.46
CA HIS I 155 -24.33 -49.34 -30.64
C HIS I 155 -24.60 -49.04 -29.17
N LEU I 156 -25.01 -50.04 -28.43
CA LEU I 156 -25.40 -49.90 -27.05
C LEU I 156 -24.63 -50.90 -26.23
N VAL I 157 -23.92 -50.42 -25.20
CA VAL I 157 -23.28 -51.32 -24.23
C VAL I 157 -24.10 -51.34 -22.95
N PHE I 158 -24.45 -52.53 -22.50
CA PHE I 158 -25.42 -52.71 -21.42
C PHE I 158 -24.75 -53.22 -20.14
N THR I 159 -25.16 -52.61 -19.03
CA THR I 159 -24.77 -53.02 -17.70
C THR I 159 -26.00 -52.92 -16.80
N GLY I 160 -25.97 -53.59 -15.66
CA GLY I 160 -26.94 -53.37 -14.60
C GLY I 160 -27.76 -54.63 -14.32
N ILE I 161 -28.99 -54.41 -13.82
CA ILE I 161 -29.79 -55.45 -13.17
C ILE I 161 -31.26 -55.23 -13.53
N ALA I 162 -31.99 -56.30 -13.86
CA ALA I 162 -31.53 -57.69 -13.91
C ALA I 162 -31.15 -58.14 -15.31
N THR I 163 -30.09 -58.95 -15.37
CA THR I 163 -29.59 -59.41 -16.66
C THR I 163 -30.69 -60.02 -17.49
N ASN I 164 -31.54 -60.80 -16.86
CA ASN I 164 -32.51 -61.57 -17.59
C ASN I 164 -33.84 -60.85 -17.78
N VAL I 165 -34.02 -59.68 -17.16
CA VAL I 165 -35.33 -59.02 -17.20
C VAL I 165 -35.21 -57.65 -17.84
N SER I 166 -34.93 -56.58 -17.08
CA SER I 166 -34.85 -55.26 -17.71
C SER I 166 -33.66 -55.14 -18.65
N VAL I 167 -32.53 -55.75 -18.32
CA VAL I 167 -31.38 -55.66 -19.22
C VAL I 167 -31.68 -56.40 -20.51
N GLU I 168 -31.99 -57.70 -20.39
CA GLU I 168 -32.18 -58.50 -21.59
C GLU I 168 -33.37 -57.99 -22.40
N SER I 169 -34.45 -57.59 -21.73
CA SER I 169 -35.60 -57.07 -22.47
C SER I 169 -35.24 -55.83 -23.28
N THR I 170 -34.49 -54.89 -22.68
CA THR I 170 -34.11 -53.68 -23.39
C THR I 170 -33.17 -54.01 -24.55
N LEU I 171 -32.23 -54.94 -24.33
CA LEU I 171 -31.32 -55.36 -25.41
C LEU I 171 -32.09 -56.03 -26.55
N ARG I 172 -33.03 -56.91 -26.24
CA ARG I 172 -33.80 -57.58 -27.28
C ARG I 172 -34.61 -56.58 -28.08
N ASP I 173 -35.27 -55.65 -27.41
CA ASP I 173 -36.03 -54.64 -28.14
C ASP I 173 -35.11 -53.72 -28.93
N GLY I 174 -33.93 -53.41 -28.40
CA GLY I 174 -32.98 -52.67 -29.22
C GLY I 174 -32.64 -53.40 -30.50
N PHE I 175 -32.39 -54.70 -30.41
CA PHE I 175 -32.17 -55.50 -31.61
C PHE I 175 -33.32 -55.32 -32.60
N PHE I 176 -34.57 -55.37 -32.12
CA PHE I 176 -35.69 -55.19 -33.05
C PHE I 176 -35.77 -53.78 -33.62
N LEU I 177 -35.19 -52.80 -32.95
CA LEU I 177 -35.08 -51.44 -33.45
C LEU I 177 -33.74 -51.18 -34.17
N GLU I 178 -33.04 -52.25 -34.54
CA GLU I 178 -31.82 -52.23 -35.35
C GLU I 178 -30.63 -51.60 -34.64
N TYR I 179 -30.56 -51.81 -33.31
CA TYR I 179 -29.40 -51.45 -32.51
C TYR I 179 -28.49 -52.66 -32.31
N PHE I 180 -27.21 -52.40 -32.30
CA PHE I 180 -26.21 -53.41 -31.95
C PHE I 180 -25.92 -53.32 -30.46
N GLY I 181 -26.26 -54.37 -29.73
CA GLY I 181 -26.20 -54.38 -28.29
C GLY I 181 -25.13 -55.32 -27.75
N VAL I 182 -24.26 -54.77 -26.92
CA VAL I 182 -23.23 -55.52 -26.21
C VAL I 182 -23.62 -55.53 -24.74
N VAL I 183 -23.37 -56.64 -24.04
CA VAL I 183 -23.58 -56.70 -22.59
C VAL I 183 -22.26 -57.04 -21.93
N LEU I 184 -21.93 -56.30 -20.88
CA LEU I 184 -20.72 -56.55 -20.10
C LEU I 184 -21.11 -57.48 -18.95
N GLU I 185 -20.78 -58.76 -19.09
CA GLU I 185 -21.37 -59.80 -18.26
C GLU I 185 -21.05 -59.60 -16.77
N ASP I 186 -19.83 -59.21 -16.43
CA ASP I 186 -19.50 -59.02 -15.01
C ASP I 186 -19.96 -57.66 -14.49
N ALA I 187 -20.69 -56.87 -15.28
CA ALA I 187 -21.35 -55.66 -14.83
C ALA I 187 -22.87 -55.83 -14.83
N THR I 188 -23.33 -57.06 -14.66
CA THR I 188 -24.75 -57.40 -14.59
C THR I 188 -24.91 -58.43 -13.48
N HIS I 189 -26.14 -58.57 -13.00
CA HIS I 189 -26.51 -59.60 -12.06
C HIS I 189 -27.96 -59.97 -12.35
N GLN I 190 -28.29 -61.25 -12.20
CA GLN I 190 -29.59 -61.78 -12.57
C GLN I 190 -30.60 -61.66 -11.43
N ALA I 191 -31.86 -61.84 -11.77
CA ALA I 191 -32.96 -61.98 -10.81
C ALA I 191 -33.49 -63.41 -10.92
N GLY I 192 -33.06 -64.25 -9.99
CA GLY I 192 -33.39 -65.66 -10.05
C GLY I 192 -32.17 -66.49 -9.76
N PRO I 193 -32.29 -67.80 -10.02
CA PRO I 193 -31.15 -68.70 -9.84
C PRO I 193 -30.06 -68.40 -10.85
N LYS I 194 -28.87 -68.89 -10.54
CA LYS I 194 -27.72 -68.59 -11.40
C LYS I 194 -27.96 -69.01 -12.85
N PHE I 195 -28.77 -70.05 -13.08
CA PHE I 195 -29.02 -70.42 -14.49
C PHE I 195 -29.67 -69.29 -15.27
N ALA I 196 -30.30 -68.33 -14.61
CA ALA I 196 -30.91 -67.22 -15.34
C ALA I 196 -29.87 -66.25 -15.88
N GLN I 197 -28.73 -66.13 -15.18
CA GLN I 197 -27.61 -65.35 -15.71
C GLN I 197 -27.02 -66.03 -16.93
N LYS I 198 -26.62 -67.29 -16.76
CA LYS I 198 -26.04 -68.05 -17.87
C LYS I 198 -26.96 -68.06 -19.08
N ALA I 199 -28.25 -68.31 -18.87
CA ALA I 199 -29.22 -68.40 -19.95
C ALA I 199 -29.45 -67.05 -20.65
N ALA I 200 -29.43 -65.94 -19.88
CA ALA I 200 -29.52 -64.62 -20.51
C ALA I 200 -28.35 -64.35 -21.43
N LEU I 201 -27.13 -64.67 -20.98
CA LEU I 201 -25.97 -64.37 -21.81
C LEU I 201 -25.94 -65.27 -23.05
N PHE I 202 -26.35 -66.53 -22.89
CA PHE I 202 -26.46 -67.46 -24.01
C PHE I 202 -27.44 -66.94 -25.07
N ASN I 203 -28.63 -66.51 -24.64
CA ASN I 203 -29.59 -65.92 -25.57
C ASN I 203 -29.01 -64.69 -26.25
N ILE I 204 -28.33 -63.82 -25.51
CA ILE I 204 -27.78 -62.63 -26.11
C ILE I 204 -26.68 -63.00 -27.11
N GLU I 205 -25.72 -63.84 -26.67
CA GLU I 205 -24.59 -64.17 -27.54
C GLU I 205 -25.07 -64.90 -28.77
N THR I 206 -26.01 -65.81 -28.61
CA THR I 206 -26.44 -66.70 -29.69
C THR I 206 -27.41 -66.02 -30.65
N PHE I 207 -28.28 -65.10 -30.15
CA PHE I 207 -29.33 -64.60 -31.05
C PHE I 207 -29.45 -63.08 -31.14
N PHE I 208 -29.06 -62.33 -30.11
CA PHE I 208 -29.44 -60.92 -30.04
C PHE I 208 -28.32 -59.92 -30.10
N GLY I 209 -27.15 -60.25 -29.57
CA GLY I 209 -26.10 -59.28 -29.53
C GLY I 209 -24.76 -59.89 -29.19
N TRP I 210 -23.96 -59.18 -28.41
CA TRP I 210 -22.58 -59.55 -28.13
C TRP I 210 -22.36 -59.51 -26.63
N VAL I 211 -21.42 -60.33 -26.16
CA VAL I 211 -21.06 -60.41 -24.75
C VAL I 211 -19.56 -60.16 -24.63
N SER I 212 -19.20 -59.23 -23.76
CA SER I 212 -17.79 -58.97 -23.44
C SER I 212 -17.72 -58.75 -21.92
N ASP I 213 -16.65 -58.14 -21.44
CA ASP I 213 -16.54 -57.89 -20.00
C ASP I 213 -15.81 -56.57 -19.80
N VAL I 214 -15.79 -56.11 -18.55
CA VAL I 214 -15.43 -54.73 -18.26
C VAL I 214 -13.97 -54.46 -18.60
N GLU I 215 -13.07 -55.33 -18.15
CA GLU I 215 -11.67 -55.12 -18.45
C GLU I 215 -11.44 -55.06 -19.95
N THR I 216 -11.97 -56.06 -20.68
CA THR I 216 -11.84 -56.05 -22.13
C THR I 216 -12.40 -54.76 -22.73
N PHE I 217 -13.56 -54.31 -22.24
CA PHE I 217 -14.18 -53.07 -22.69
C PHE I 217 -13.29 -51.87 -22.41
N CYS I 218 -12.75 -51.77 -21.21
CA CYS I 218 -11.93 -50.61 -20.86
C CYS I 218 -10.61 -50.62 -21.64
N ASP I 219 -9.97 -51.78 -21.75
CA ASP I 219 -8.75 -51.89 -22.54
C ASP I 219 -9.00 -51.48 -23.98
N ALA I 220 -10.14 -51.85 -24.53
CA ALA I 220 -10.42 -51.57 -25.93
C ALA I 220 -10.54 -50.07 -26.20
N LEU I 221 -10.92 -49.28 -25.19
CA LEU I 221 -11.28 -47.89 -25.42
C LEU I 221 -10.15 -46.89 -25.22
N SER I 222 -8.99 -47.33 -24.75
CA SER I 222 -7.87 -46.42 -24.46
C SER I 222 -7.62 -45.37 -25.54
N PRO I 223 -7.46 -45.73 -26.84
CA PRO I 223 -7.23 -44.70 -27.88
C PRO I 223 -8.43 -43.79 -28.13
N THR J 2 -73.49 -44.25 -24.20
CA THR J 2 -73.74 -42.92 -24.70
C THR J 2 -73.60 -42.85 -26.21
N THR J 3 -74.56 -42.20 -26.83
CA THR J 3 -74.58 -41.95 -28.27
C THR J 3 -74.33 -40.46 -28.50
N LEU J 4 -73.29 -40.17 -29.29
CA LEU J 4 -72.85 -38.80 -29.52
C LEU J 4 -73.11 -38.43 -30.96
N THR J 5 -73.98 -37.46 -31.17
CA THR J 5 -74.14 -36.91 -32.51
C THR J 5 -72.82 -36.34 -32.98
N ALA J 6 -72.44 -36.68 -34.21
CA ALA J 6 -71.13 -36.32 -34.74
C ALA J 6 -71.15 -36.35 -36.26
N ARG J 7 -70.16 -35.72 -36.83
CA ARG J 7 -69.89 -35.92 -38.25
C ARG J 7 -68.75 -36.93 -38.42
N PRO J 8 -68.82 -37.81 -39.42
CA PRO J 8 -69.85 -37.87 -40.46
C PRO J 8 -71.08 -38.66 -40.06
N GLU J 9 -71.01 -39.39 -38.95
CA GLU J 9 -72.21 -39.96 -38.36
C GLU J 9 -72.05 -40.04 -36.85
N ALA J 10 -73.18 -40.26 -36.18
CA ALA J 10 -73.21 -40.43 -34.74
C ALA J 10 -72.34 -41.60 -34.35
N ILE J 11 -71.76 -41.51 -33.17
CA ILE J 11 -70.92 -42.57 -32.65
C ILE J 11 -71.39 -42.92 -31.25
N THR J 12 -71.14 -44.15 -30.86
CA THR J 12 -71.43 -44.66 -29.53
C THR J 12 -70.13 -44.89 -28.79
N PHE J 13 -70.16 -44.67 -27.48
CA PHE J 13 -69.03 -44.90 -26.61
C PHE J 13 -69.53 -45.04 -25.18
N ASP J 14 -68.78 -45.81 -24.38
CA ASP J 14 -69.01 -45.91 -22.95
C ASP J 14 -68.10 -44.93 -22.23
N PRO J 15 -68.65 -43.93 -21.53
CA PRO J 15 -67.79 -42.95 -20.86
C PRO J 15 -66.78 -43.56 -19.91
N GLN J 16 -67.16 -44.64 -19.21
CA GLN J 16 -66.23 -45.30 -18.31
C GLN J 16 -65.13 -46.05 -19.03
N GLN J 17 -65.24 -46.25 -20.35
CA GLN J 17 -64.20 -46.84 -21.17
C GLN J 17 -63.62 -45.84 -22.15
N SER J 18 -63.68 -44.54 -21.81
CA SER J 18 -63.25 -43.47 -22.69
C SER J 18 -62.42 -42.47 -21.92
N ALA J 19 -61.63 -41.68 -22.64
CA ALA J 19 -60.86 -40.61 -22.01
C ALA J 19 -61.12 -39.29 -22.73
N LEU J 20 -61.11 -38.21 -21.96
CA LEU J 20 -61.05 -36.86 -22.52
C LEU J 20 -59.59 -36.41 -22.46
N ILE J 21 -59.03 -36.08 -23.61
CA ILE J 21 -57.66 -35.62 -23.67
C ILE J 21 -57.67 -34.13 -23.90
N VAL J 22 -56.98 -33.39 -23.03
CA VAL J 22 -56.82 -31.94 -23.17
C VAL J 22 -55.38 -31.68 -23.62
N VAL J 23 -55.23 -31.33 -24.89
CA VAL J 23 -53.93 -31.22 -25.54
C VAL J 23 -53.33 -29.85 -25.32
N ASP J 24 -52.26 -29.82 -24.55
CA ASP J 24 -51.33 -28.69 -24.46
C ASP J 24 -52.01 -27.34 -24.21
N MET J 25 -52.93 -27.26 -23.22
CA MET J 25 -53.58 -25.98 -22.90
C MET J 25 -52.71 -25.15 -21.94
N GLN J 26 -51.56 -24.78 -22.48
CA GLN J 26 -50.45 -24.14 -21.80
C GLN J 26 -50.36 -22.70 -22.30
N ASN J 27 -49.76 -21.83 -21.49
CA ASN J 27 -49.60 -20.45 -21.93
C ASN J 27 -48.89 -20.37 -23.28
N ALA J 28 -47.97 -21.29 -23.54
CA ALA J 28 -47.27 -21.37 -24.83
C ALA J 28 -48.24 -21.35 -26.02
N TYR J 29 -49.34 -22.09 -25.91
CA TYR J 29 -50.23 -22.32 -27.04
C TYR J 29 -51.51 -21.47 -27.02
N ALA J 30 -51.83 -20.84 -25.89
CA ALA J 30 -53.13 -20.19 -25.76
C ALA J 30 -53.09 -18.75 -25.29
N THR J 31 -51.96 -18.26 -24.80
CA THR J 31 -51.91 -17.00 -24.05
C THR J 31 -51.06 -15.94 -24.76
N PRO J 32 -51.57 -14.73 -24.90
CA PRO J 32 -50.72 -13.63 -25.38
C PRO J 32 -49.39 -13.57 -24.64
N GLY J 33 -48.31 -13.43 -25.40
CA GLY J 33 -47.01 -13.39 -24.81
C GLY J 33 -46.34 -14.72 -24.71
N GLY J 34 -47.07 -15.82 -25.00
CA GLY J 34 -46.52 -17.15 -25.01
C GLY J 34 -45.84 -17.48 -26.34
N TYR J 35 -45.17 -18.63 -26.37
CA TYR J 35 -44.47 -19.12 -27.57
C TYR J 35 -45.26 -18.86 -28.86
N LEU J 36 -46.48 -19.36 -29.01
CA LEU J 36 -47.11 -19.23 -30.32
C LEU J 36 -47.26 -17.77 -30.72
N ASP J 37 -47.66 -16.93 -29.76
CA ASP J 37 -47.76 -15.51 -30.05
C ASP J 37 -46.41 -14.94 -30.48
N LEU J 38 -45.35 -15.27 -29.76
CA LEU J 38 -44.03 -14.72 -30.10
C LEU J 38 -43.55 -15.20 -31.45
N ALA J 39 -43.99 -16.38 -31.85
CA ALA J 39 -43.61 -17.03 -33.09
C ALA J 39 -44.46 -16.61 -34.27
N GLY J 40 -45.41 -15.72 -34.08
CA GLY J 40 -46.17 -15.10 -35.15
C GLY J 40 -47.54 -15.69 -35.40
N PHE J 41 -47.99 -16.65 -34.60
CA PHE J 41 -49.34 -17.19 -34.71
C PHE J 41 -50.32 -16.33 -33.93
N ASP J 42 -51.58 -16.42 -34.30
CA ASP J 42 -52.65 -15.63 -33.69
C ASP J 42 -53.30 -16.43 -32.56
N VAL J 43 -53.17 -15.93 -31.34
CA VAL J 43 -53.77 -16.54 -30.16
C VAL J 43 -54.80 -15.63 -29.51
N SER J 44 -55.18 -14.54 -30.18
CA SER J 44 -56.08 -13.56 -29.57
C SER J 44 -57.51 -14.09 -29.41
N THR J 45 -57.82 -15.27 -29.94
CA THR J 45 -59.18 -15.79 -29.99
C THR J 45 -59.37 -17.06 -29.18
N THR J 46 -58.54 -17.31 -28.18
CA THR J 46 -58.58 -18.61 -27.52
C THR J 46 -59.40 -18.61 -26.24
N ARG J 47 -59.85 -17.46 -25.77
CA ARG J 47 -60.62 -17.49 -24.52
C ARG J 47 -61.81 -18.39 -24.65
N PRO J 48 -62.61 -18.36 -25.73
CA PRO J 48 -63.76 -19.26 -25.81
C PRO J 48 -63.35 -20.72 -25.78
N VAL J 49 -62.22 -21.05 -26.38
CA VAL J 49 -61.74 -22.43 -26.33
C VAL J 49 -61.47 -22.85 -24.89
N ILE J 50 -60.85 -21.96 -24.09
CA ILE J 50 -60.55 -22.30 -22.70
C ILE J 50 -61.83 -22.56 -21.93
N ALA J 51 -62.82 -21.67 -22.08
CA ALA J 51 -64.08 -21.84 -21.37
C ALA J 51 -64.79 -23.12 -21.80
N ASN J 52 -64.78 -23.41 -23.09
CA ASN J 52 -65.42 -24.64 -23.56
C ASN J 52 -64.71 -25.86 -23.03
N ILE J 53 -63.39 -25.80 -22.87
CA ILE J 53 -62.69 -26.97 -22.36
C ILE J 53 -63.01 -27.19 -20.90
N GLN J 54 -63.07 -26.10 -20.12
CA GLN J 54 -63.50 -26.20 -18.73
C GLN J 54 -64.87 -26.87 -18.65
N THR J 55 -65.80 -26.46 -19.49
CA THR J 55 -67.13 -27.05 -19.51
C THR J 55 -67.06 -28.53 -19.87
N ALA J 56 -66.27 -28.90 -20.89
CA ALA J 56 -66.19 -30.32 -21.27
C ALA J 56 -65.58 -31.15 -20.16
N VAL J 57 -64.59 -30.62 -19.47
CA VAL J 57 -63.94 -31.39 -18.41
C VAL J 57 -64.92 -31.68 -17.28
N THR J 58 -65.66 -30.66 -16.85
CA THR J 58 -66.69 -30.85 -15.84
C THR J 58 -67.63 -32.00 -16.21
N ALA J 59 -68.15 -31.98 -17.43
CA ALA J 59 -69.09 -33.00 -17.86
C ALA J 59 -68.42 -34.37 -17.93
N ALA J 60 -67.24 -34.46 -18.54
CA ALA J 60 -66.58 -35.74 -18.68
C ALA J 60 -66.26 -36.33 -17.30
N ARG J 61 -65.74 -35.49 -16.42
CA ARG J 61 -65.43 -35.92 -15.06
C ARG J 61 -66.67 -36.47 -14.38
N ALA J 62 -67.80 -35.76 -14.51
CA ALA J 62 -69.02 -36.21 -13.86
C ALA J 62 -69.52 -37.54 -14.41
N ALA J 63 -69.14 -37.88 -15.64
CA ALA J 63 -69.58 -39.12 -16.27
C ALA J 63 -68.59 -40.28 -16.10
N GLY J 64 -67.54 -40.10 -15.30
CA GLY J 64 -66.57 -41.17 -15.08
C GLY J 64 -65.51 -41.32 -16.15
N MET J 65 -65.39 -40.35 -17.05
CA MET J 65 -64.33 -40.39 -18.06
C MET J 65 -63.02 -39.94 -17.45
N LEU J 66 -61.95 -40.66 -17.77
CA LEU J 66 -60.60 -40.27 -17.39
C LEU J 66 -60.21 -38.99 -18.11
N ILE J 67 -59.67 -38.04 -17.36
CA ILE J 67 -59.18 -36.78 -17.91
C ILE J 67 -57.65 -36.87 -18.03
N ILE J 68 -57.13 -36.71 -19.24
CA ILE J 68 -55.70 -36.70 -19.48
C ILE J 68 -55.30 -35.33 -20.02
N TRP J 69 -54.36 -34.69 -19.33
CA TRP J 69 -53.82 -33.38 -19.69
C TRP J 69 -52.43 -33.60 -20.26
N PHE J 70 -52.18 -33.07 -21.44
CA PHE J 70 -50.84 -33.07 -22.00
C PHE J 70 -50.18 -31.73 -21.76
N GLN J 71 -48.90 -31.76 -21.42
CA GLN J 71 -48.04 -30.60 -21.48
C GLN J 71 -46.87 -30.91 -22.39
N ASN J 72 -46.74 -30.15 -23.45
CA ASN J 72 -45.64 -30.29 -24.41
C ASN J 72 -44.46 -29.45 -23.94
N GLY J 73 -43.29 -30.04 -23.97
CA GLY J 73 -42.09 -29.27 -23.70
C GLY J 73 -40.99 -30.11 -23.10
N TRP J 74 -39.93 -29.39 -22.70
CA TRP J 74 -38.62 -29.98 -22.50
C TRP J 74 -37.94 -29.37 -21.29
N ASP J 75 -36.86 -30.05 -20.86
CA ASP J 75 -35.90 -29.44 -19.96
C ASP J 75 -35.43 -28.11 -20.50
N GLU J 76 -35.05 -27.21 -19.59
CA GLU J 76 -34.67 -25.87 -20.01
C GLU J 76 -33.39 -25.84 -20.83
N GLN J 77 -32.55 -26.90 -20.81
CA GLN J 77 -31.41 -26.97 -21.71
C GLN J 77 -31.78 -27.60 -23.04
N TYR J 78 -33.01 -28.07 -23.19
CA TYR J 78 -33.57 -28.63 -24.42
C TYR J 78 -32.86 -29.90 -24.90
N VAL J 79 -32.20 -30.61 -23.98
CA VAL J 79 -31.72 -31.96 -24.29
C VAL J 79 -32.85 -32.79 -24.91
N GLU J 80 -34.03 -32.72 -24.28
CA GLU J 80 -35.15 -33.56 -24.67
C GLU J 80 -35.76 -33.17 -26.02
N ALA J 81 -35.40 -32.00 -26.55
CA ALA J 81 -35.90 -31.56 -27.84
C ALA J 81 -35.11 -32.14 -28.99
N GLY J 82 -34.02 -32.83 -28.69
CA GLY J 82 -33.11 -33.30 -29.73
C GLY J 82 -32.15 -32.21 -30.20
N GLY J 83 -30.93 -32.59 -30.48
CA GLY J 83 -30.01 -31.65 -31.05
C GLY J 83 -30.07 -31.69 -32.57
N PRO J 84 -29.04 -31.15 -33.22
CA PRO J 84 -29.08 -31.06 -34.68
C PRO J 84 -29.30 -32.39 -35.39
N GLY J 85 -29.05 -33.54 -34.76
CA GLY J 85 -29.39 -34.82 -35.36
C GLY J 85 -30.87 -35.16 -35.40
N SER J 86 -31.71 -34.38 -34.75
CA SER J 86 -33.16 -34.58 -34.75
C SER J 86 -33.83 -33.58 -35.67
N PRO J 87 -34.79 -34.00 -36.49
CA PRO J 87 -35.57 -32.99 -37.25
C PRO J 87 -36.33 -32.02 -36.34
N ASN J 88 -36.62 -32.40 -35.09
CA ASN J 88 -37.34 -31.47 -34.20
C ASN J 88 -36.49 -30.24 -33.90
N PHE J 89 -35.16 -30.42 -33.83
CA PHE J 89 -34.29 -29.28 -33.61
C PHE J 89 -34.48 -28.25 -34.73
N HIS J 90 -34.69 -28.73 -35.97
CA HIS J 90 -34.75 -27.87 -37.14
C HIS J 90 -36.15 -27.38 -37.42
N LYS J 91 -37.17 -28.14 -36.99
CA LYS J 91 -38.53 -27.73 -37.28
C LYS J 91 -39.17 -26.91 -36.17
N SER J 92 -38.76 -27.12 -34.92
CA SER J 92 -39.40 -26.47 -33.78
C SER J 92 -39.44 -24.95 -33.94
N ASN J 93 -40.64 -24.40 -34.02
CA ASN J 93 -40.77 -22.96 -34.06
C ASN J 93 -40.38 -22.31 -32.73
N ALA J 94 -40.51 -23.02 -31.62
CA ALA J 94 -40.05 -22.47 -30.34
C ALA J 94 -38.54 -22.33 -30.34
N LEU J 95 -37.82 -23.37 -30.77
CA LEU J 95 -36.37 -23.29 -30.89
C LEU J 95 -35.96 -22.20 -31.85
N LYS J 96 -36.63 -22.13 -33.01
CA LYS J 96 -36.36 -21.06 -33.97
C LYS J 96 -36.45 -19.70 -33.32
N THR J 97 -37.51 -19.49 -32.53
CA THR J 97 -37.76 -18.18 -31.91
C THR J 97 -36.65 -17.83 -30.90
N MET J 98 -36.20 -18.80 -30.12
CA MET J 98 -35.16 -18.56 -29.13
C MET J 98 -33.79 -18.36 -29.80
N ARG J 99 -33.53 -19.08 -30.89
CA ARG J 99 -32.32 -18.81 -31.66
C ARG J 99 -32.31 -17.36 -32.14
N LYS J 100 -33.47 -16.83 -32.54
CA LYS J 100 -33.59 -15.47 -33.05
C LYS J 100 -33.63 -14.44 -31.92
N GLN J 101 -34.14 -14.82 -30.76
CA GLN J 101 -34.37 -13.93 -29.62
C GLN J 101 -33.73 -14.57 -28.40
N PRO J 102 -32.43 -14.40 -28.22
CA PRO J 102 -31.74 -15.13 -27.14
C PRO J 102 -32.18 -14.72 -25.75
N GLN J 103 -32.78 -13.52 -25.60
CA GLN J 103 -33.40 -13.20 -24.31
C GLN J 103 -34.39 -14.27 -23.89
N LEU J 104 -35.01 -14.97 -24.84
CA LEU J 104 -36.00 -15.98 -24.51
C LEU J 104 -35.40 -17.37 -24.34
N GLN J 105 -34.09 -17.51 -24.51
CA GLN J 105 -33.45 -18.81 -24.43
C GLN J 105 -33.69 -19.47 -23.07
N GLY J 106 -34.21 -20.68 -23.11
CA GLY J 106 -34.48 -21.41 -21.89
C GLY J 106 -35.87 -21.21 -21.32
N LYS J 107 -36.65 -20.32 -21.92
CA LYS J 107 -37.98 -20.01 -21.41
C LYS J 107 -39.08 -20.70 -22.20
N LEU J 108 -38.97 -20.84 -23.52
CA LEU J 108 -40.11 -21.35 -24.29
C LEU J 108 -40.20 -22.86 -24.12
N LEU J 109 -41.41 -23.35 -23.87
CA LEU J 109 -41.70 -24.76 -23.68
C LEU J 109 -40.77 -25.40 -22.67
N ALA J 110 -40.31 -24.64 -21.67
CA ALA J 110 -39.40 -25.17 -20.68
C ALA J 110 -40.15 -25.61 -19.43
N LYS J 111 -39.99 -26.89 -19.08
CA LYS J 111 -40.54 -27.42 -17.85
C LYS J 111 -40.22 -26.51 -16.67
N GLY J 112 -41.25 -26.22 -15.88
CA GLY J 112 -41.11 -25.34 -14.75
C GLY J 112 -41.38 -23.88 -15.02
N SER J 113 -41.59 -23.49 -16.26
CA SER J 113 -41.70 -22.08 -16.64
C SER J 113 -43.15 -21.65 -16.85
N TRP J 114 -43.32 -20.33 -16.97
CA TRP J 114 -44.64 -19.76 -17.28
C TRP J 114 -45.18 -20.28 -18.62
N ASP J 115 -44.34 -20.26 -19.66
CA ASP J 115 -44.76 -20.74 -20.96
C ASP J 115 -45.32 -22.15 -20.89
N TYR J 116 -44.69 -23.00 -20.09
CA TYR J 116 -45.06 -24.42 -20.03
C TYR J 116 -46.28 -24.67 -19.19
N GLN J 117 -46.59 -23.73 -18.29
CA GLN J 117 -47.71 -23.90 -17.35
C GLN J 117 -49.03 -23.99 -18.07
N LEU J 118 -49.91 -24.83 -17.54
CA LEU J 118 -51.30 -24.80 -17.97
C LEU J 118 -51.91 -23.44 -17.66
N VAL J 119 -52.82 -23.00 -18.55
CA VAL J 119 -53.45 -21.71 -18.38
C VAL J 119 -54.17 -21.68 -17.04
N ASP J 120 -54.26 -20.47 -16.49
CA ASP J 120 -54.76 -20.28 -15.12
C ASP J 120 -56.10 -20.96 -14.89
N GLU J 121 -56.99 -20.93 -15.91
CA GLU J 121 -58.35 -21.39 -15.71
C GLU J 121 -58.47 -22.89 -15.61
N LEU J 122 -57.46 -23.64 -16.10
CA LEU J 122 -57.59 -25.08 -16.24
C LEU J 122 -56.66 -25.75 -15.25
N VAL J 123 -57.25 -26.37 -14.23
CA VAL J 123 -56.48 -26.97 -13.14
C VAL J 123 -56.77 -28.46 -13.03
N PRO J 124 -55.82 -29.34 -13.36
CA PRO J 124 -56.06 -30.77 -13.15
C PRO J 124 -56.42 -31.06 -11.69
N GLN J 125 -57.20 -32.09 -11.52
CA GLN J 125 -57.70 -32.54 -10.24
C GLN J 125 -57.05 -33.86 -9.87
N PRO J 126 -56.99 -34.18 -8.59
CA PRO J 126 -56.49 -35.50 -8.20
C PRO J 126 -57.25 -36.60 -8.93
N GLY J 127 -56.51 -37.54 -9.47
CA GLY J 127 -57.08 -38.61 -10.25
C GLY J 127 -56.94 -38.42 -11.74
N ASP J 128 -56.76 -37.19 -12.18
CA ASP J 128 -56.44 -36.98 -13.57
C ASP J 128 -55.01 -37.44 -13.84
N ILE J 129 -54.73 -37.67 -15.11
CA ILE J 129 -53.38 -37.97 -15.57
C ILE J 129 -52.81 -36.73 -16.25
N VAL J 130 -51.62 -36.32 -15.83
CA VAL J 130 -50.92 -35.22 -16.49
C VAL J 130 -49.66 -35.81 -17.10
N LEU J 131 -49.55 -35.68 -18.42
CA LEU J 131 -48.49 -36.35 -19.17
C LEU J 131 -47.63 -35.33 -19.87
N PRO J 132 -46.33 -35.26 -19.61
CA PRO J 132 -45.45 -34.49 -20.48
C PRO J 132 -45.26 -35.21 -21.80
N LYS J 133 -45.09 -34.44 -22.87
CA LYS J 133 -44.73 -35.09 -24.11
C LYS J 133 -43.64 -34.26 -24.78
N PRO J 134 -42.69 -34.93 -25.44
CA PRO J 134 -41.58 -34.21 -26.06
C PRO J 134 -41.77 -33.89 -27.54
N ARG J 135 -42.82 -34.41 -28.16
CA ARG J 135 -43.10 -34.17 -29.56
C ARG J 135 -44.59 -33.94 -29.75
N TYR J 136 -44.96 -33.50 -30.96
CA TYR J 136 -46.35 -33.13 -31.20
C TYR J 136 -47.31 -34.27 -30.86
N SER J 137 -47.01 -35.48 -31.29
CA SER J 137 -47.94 -36.58 -31.06
C SER J 137 -47.76 -37.12 -29.67
N GLY J 138 -48.85 -37.19 -28.91
CA GLY J 138 -48.80 -37.74 -27.58
C GLY J 138 -48.57 -39.23 -27.52
N PHE J 139 -48.64 -39.93 -28.65
CA PHE J 139 -48.45 -41.37 -28.63
C PHE J 139 -46.99 -41.78 -28.84
N PHE J 140 -46.14 -40.85 -29.20
CA PHE J 140 -44.73 -41.18 -29.42
C PHE J 140 -43.94 -40.76 -28.18
N ASN J 141 -43.13 -41.71 -27.69
CA ASN J 141 -42.14 -41.47 -26.66
C ASN J 141 -42.75 -41.26 -25.27
N THR J 142 -43.97 -41.71 -25.09
CA THR J 142 -44.72 -41.60 -23.84
C THR J 142 -45.39 -42.90 -23.45
N PRO J 143 -45.89 -42.98 -22.24
CA PRO J 143 -46.73 -44.12 -21.86
C PRO J 143 -48.23 -43.98 -22.19
N LEU J 144 -48.61 -43.06 -23.07
CA LEU J 144 -50.04 -42.85 -23.29
C LEU J 144 -50.76 -44.13 -23.72
N ASP J 145 -50.19 -44.87 -24.69
CA ASP J 145 -50.85 -46.06 -25.18
C ASP J 145 -51.01 -47.08 -24.04
N SER J 146 -49.96 -47.27 -23.26
CA SER J 146 -50.03 -48.17 -22.11
C SER J 146 -51.10 -47.75 -21.11
N ILE J 147 -51.18 -46.45 -20.81
CA ILE J 147 -52.17 -45.95 -19.84
C ILE J 147 -53.59 -46.28 -20.31
N LEU J 148 -53.88 -46.01 -21.58
CA LEU J 148 -55.21 -46.24 -22.10
C LEU J 148 -55.52 -47.72 -22.16
N ARG J 149 -54.57 -48.52 -22.68
CA ARG J 149 -54.78 -49.96 -22.78
C ARG J 149 -55.00 -50.58 -21.41
N SER J 150 -54.23 -50.13 -20.43
CA SER J 150 -54.32 -50.64 -19.07
C SER J 150 -55.70 -50.43 -18.50
N ARG J 151 -56.49 -49.52 -19.08
CA ARG J 151 -57.82 -49.25 -18.57
C ARG J 151 -58.93 -49.69 -19.51
N GLY J 152 -58.60 -50.50 -20.54
CA GLY J 152 -59.58 -50.89 -21.53
C GLY J 152 -60.15 -49.77 -22.38
N ILE J 153 -59.47 -48.64 -22.49
CA ILE J 153 -60.03 -47.49 -23.17
C ILE J 153 -59.78 -47.58 -24.66
N ARG J 154 -60.85 -47.43 -25.46
CA ARG J 154 -60.77 -47.41 -26.91
C ARG J 154 -61.29 -46.14 -27.55
N HIS J 155 -61.92 -45.25 -26.80
CA HIS J 155 -62.55 -44.05 -27.34
C HIS J 155 -61.90 -42.84 -26.70
N LEU J 156 -61.46 -41.91 -27.54
CA LEU J 156 -60.68 -40.76 -27.13
C LEU J 156 -61.36 -39.51 -27.63
N VAL J 157 -61.67 -38.60 -26.73
CA VAL J 157 -62.26 -37.32 -27.08
C VAL J 157 -61.21 -36.24 -26.89
N PHE J 158 -60.94 -35.50 -27.96
CA PHE J 158 -59.83 -34.57 -28.06
C PHE J 158 -60.31 -33.13 -27.98
N THR J 159 -59.58 -32.35 -27.21
CA THR J 159 -59.68 -30.92 -27.11
C THR J 159 -58.26 -30.38 -27.10
N GLY J 160 -58.15 -29.08 -27.33
CA GLY J 160 -56.89 -28.36 -27.16
C GLY J 160 -56.31 -27.71 -28.39
N ILE J 161 -55.01 -27.45 -28.35
CA ILE J 161 -54.29 -26.64 -29.31
C ILE J 161 -52.97 -27.33 -29.61
N ALA J 162 -52.55 -27.38 -30.87
CA ALA J 162 -53.26 -26.88 -32.03
C ALA J 162 -53.97 -28.04 -32.76
N THR J 163 -55.17 -27.71 -33.26
CA THR J 163 -56.04 -28.66 -33.97
C THR J 163 -55.27 -29.43 -35.01
N ASN J 164 -54.49 -28.71 -35.80
CA ASN J 164 -53.81 -29.27 -36.96
C ASN J 164 -52.46 -29.88 -36.62
N VAL J 165 -51.92 -29.68 -35.42
CA VAL J 165 -50.57 -30.17 -35.11
C VAL J 165 -50.63 -31.21 -34.01
N SER J 166 -50.58 -30.82 -32.73
CA SER J 166 -50.50 -31.83 -31.67
C SER J 166 -51.84 -32.56 -31.50
N VAL J 167 -52.95 -31.86 -31.66
CA VAL J 167 -54.25 -32.53 -31.58
C VAL J 167 -54.34 -33.55 -32.72
N GLU J 168 -54.32 -33.07 -33.96
CA GLU J 168 -54.49 -33.98 -35.09
C GLU J 168 -53.41 -35.08 -35.11
N SER J 169 -52.14 -34.72 -34.87
CA SER J 169 -51.12 -35.77 -34.90
C SER J 169 -51.45 -36.89 -33.91
N THR J 170 -51.93 -36.53 -32.72
CA THR J 170 -52.21 -37.55 -31.72
C THR J 170 -53.45 -38.35 -32.12
N LEU J 171 -54.44 -37.70 -32.71
CA LEU J 171 -55.63 -38.40 -33.16
C LEU J 171 -55.28 -39.35 -34.29
N ARG J 172 -54.44 -38.92 -35.24
CA ARG J 172 -54.08 -39.79 -36.35
C ARG J 172 -53.32 -41.01 -35.84
N ASP J 173 -52.34 -40.81 -34.97
CA ASP J 173 -51.64 -41.95 -34.40
C ASP J 173 -52.57 -42.81 -33.59
N GLY J 174 -53.55 -42.22 -32.91
CA GLY J 174 -54.56 -43.04 -32.26
C GLY J 174 -55.24 -43.97 -33.24
N PHE J 175 -55.65 -43.42 -34.38
CA PHE J 175 -56.29 -44.24 -35.40
C PHE J 175 -55.41 -45.42 -35.82
N PHE J 176 -54.09 -45.20 -35.98
CA PHE J 176 -53.22 -46.31 -36.36
C PHE J 176 -53.03 -47.30 -35.20
N LEU J 177 -53.30 -46.88 -33.97
CA LEU J 177 -53.27 -47.74 -32.81
C LEU J 177 -54.66 -48.28 -32.47
N GLU J 178 -55.58 -48.19 -33.45
CA GLU J 178 -56.94 -48.72 -33.37
C GLU J 178 -57.79 -48.06 -32.27
N TYR J 179 -57.54 -46.77 -31.99
CA TYR J 179 -58.45 -46.00 -31.17
C TYR J 179 -59.47 -45.26 -32.02
N PHE J 180 -60.66 -45.09 -31.44
CA PHE J 180 -61.74 -44.27 -31.99
C PHE J 180 -61.63 -42.87 -31.43
N GLY J 181 -61.33 -41.91 -32.29
CA GLY J 181 -61.05 -40.53 -31.88
C GLY J 181 -62.07 -39.56 -32.34
N VAL J 182 -62.58 -38.75 -31.39
CA VAL J 182 -63.56 -37.69 -31.59
C VAL J 182 -62.88 -36.37 -31.25
N VAL J 183 -63.08 -35.34 -32.07
CA VAL J 183 -62.63 -34.00 -31.73
C VAL J 183 -63.85 -33.12 -31.45
N LEU J 184 -63.78 -32.35 -30.36
CA LEU J 184 -64.81 -31.34 -30.06
C LEU J 184 -64.31 -30.04 -30.67
N GLU J 185 -64.88 -29.67 -31.82
CA GLU J 185 -64.27 -28.62 -32.65
C GLU J 185 -64.21 -27.26 -31.95
N ASP J 186 -65.21 -26.91 -31.13
CA ASP J 186 -65.19 -25.58 -30.51
C ASP J 186 -64.38 -25.56 -29.23
N ALA J 187 -63.73 -26.69 -28.92
CA ALA J 187 -62.74 -26.79 -27.86
C ALA J 187 -61.33 -26.96 -28.43
N THR J 188 -61.11 -26.50 -29.65
CA THR J 188 -59.81 -26.57 -30.31
C THR J 188 -59.50 -25.22 -30.96
N HIS J 189 -58.21 -24.99 -31.23
CA HIS J 189 -57.82 -23.83 -32.00
C HIS J 189 -56.57 -24.18 -32.78
N GLN J 190 -56.50 -23.72 -34.03
CA GLN J 190 -55.43 -24.12 -34.91
C GLN J 190 -54.23 -23.21 -34.69
N ALA J 191 -53.08 -23.64 -35.27
CA ALA J 191 -51.86 -22.87 -35.42
C ALA J 191 -51.70 -22.62 -36.91
N GLY J 192 -51.97 -21.39 -37.33
CA GLY J 192 -51.99 -21.04 -38.72
C GLY J 192 -53.25 -20.28 -39.10
N PRO J 193 -53.44 -20.05 -40.40
CA PRO J 193 -54.66 -19.38 -40.87
C PRO J 193 -55.89 -20.24 -40.63
N LYS J 194 -57.06 -19.62 -40.81
CA LYS J 194 -58.28 -20.33 -40.49
C LYS J 194 -58.42 -21.60 -41.32
N PHE J 195 -57.83 -21.65 -42.54
CA PHE J 195 -57.98 -22.86 -43.36
C PHE J 195 -57.30 -24.05 -42.70
N ALA J 196 -56.44 -23.82 -41.72
CA ALA J 196 -55.79 -24.96 -41.09
C ALA J 196 -56.72 -25.61 -40.08
N GLN J 197 -57.64 -24.81 -39.50
CA GLN J 197 -58.72 -25.37 -38.69
C GLN J 197 -59.67 -26.18 -39.56
N LYS J 198 -60.14 -25.58 -40.65
CA LYS J 198 -61.08 -26.25 -41.53
C LYS J 198 -60.49 -27.53 -42.11
N ALA J 199 -59.24 -27.48 -42.56
CA ALA J 199 -58.64 -28.67 -43.15
C ALA J 199 -58.40 -29.78 -42.13
N ALA J 200 -58.01 -29.43 -40.89
CA ALA J 200 -57.81 -30.46 -39.87
C ALA J 200 -59.13 -31.17 -39.53
N LEU J 201 -60.21 -30.40 -39.33
CA LEU J 201 -61.51 -31.04 -39.11
C LEU J 201 -61.94 -31.87 -40.32
N PHE J 202 -61.72 -31.38 -41.54
CA PHE J 202 -62.09 -32.14 -42.74
C PHE J 202 -61.30 -33.45 -42.81
N ASN J 203 -60.00 -33.40 -42.55
CA ASN J 203 -59.18 -34.61 -42.56
C ASN J 203 -59.67 -35.60 -41.52
N ILE J 204 -59.92 -35.11 -40.31
CA ILE J 204 -60.39 -35.99 -39.24
C ILE J 204 -61.72 -36.61 -39.62
N GLU J 205 -62.66 -35.78 -40.07
CA GLU J 205 -64.02 -36.25 -40.32
C GLU J 205 -64.05 -37.25 -41.46
N THR J 206 -63.23 -37.02 -42.47
CA THR J 206 -63.28 -37.81 -43.70
C THR J 206 -62.45 -39.09 -43.63
N PHE J 207 -61.35 -39.08 -42.87
CA PHE J 207 -60.43 -40.21 -42.90
C PHE J 207 -60.09 -40.84 -41.55
N PHE J 208 -60.12 -40.07 -40.46
CA PHE J 208 -59.53 -40.56 -39.22
C PHE J 208 -60.47 -40.72 -38.04
N GLY J 209 -61.52 -39.94 -37.94
CA GLY J 209 -62.36 -40.00 -36.77
C GLY J 209 -63.67 -39.28 -36.96
N TRP J 210 -64.05 -38.54 -35.92
CA TRP J 210 -65.35 -37.91 -35.79
C TRP J 210 -65.23 -36.51 -35.20
N VAL J 211 -66.13 -35.62 -35.63
CA VAL J 211 -66.19 -34.25 -35.14
C VAL J 211 -67.53 -34.04 -34.46
N SER J 212 -67.50 -33.48 -33.25
CA SER J 212 -68.70 -33.04 -32.54
C SER J 212 -68.35 -31.71 -31.85
N ASP J 213 -69.18 -31.26 -30.90
CA ASP J 213 -68.86 -30.05 -30.18
C ASP J 213 -69.21 -30.22 -28.71
N VAL J 214 -68.93 -29.18 -27.92
CA VAL J 214 -68.98 -29.33 -26.47
C VAL J 214 -70.43 -29.48 -26.00
N GLU J 215 -71.33 -28.67 -26.54
CA GLU J 215 -72.73 -28.74 -26.11
C GLU J 215 -73.31 -30.13 -26.37
N THR J 216 -73.10 -30.65 -27.58
CA THR J 216 -73.55 -31.99 -27.90
C THR J 216 -72.92 -33.03 -26.98
N PHE J 217 -71.62 -32.91 -26.73
CA PHE J 217 -70.92 -33.82 -25.82
C PHE J 217 -71.52 -33.80 -24.41
N CYS J 218 -71.70 -32.62 -23.85
CA CYS J 218 -72.23 -32.51 -22.49
C CYS J 218 -73.65 -33.05 -22.39
N ASP J 219 -74.49 -32.73 -23.39
CA ASP J 219 -75.86 -33.27 -23.39
C ASP J 219 -75.86 -34.79 -23.52
N ALA J 220 -75.00 -35.33 -24.40
CA ALA J 220 -74.89 -36.78 -24.54
C ALA J 220 -74.51 -37.46 -23.23
N LEU J 221 -73.74 -36.78 -22.39
CA LEU J 221 -73.23 -37.41 -21.18
C LEU J 221 -74.19 -37.34 -20.01
N SER J 222 -75.22 -36.50 -20.06
CA SER J 222 -76.06 -36.33 -18.87
C SER J 222 -76.54 -37.64 -18.30
N PRO J 223 -77.08 -38.61 -19.09
CA PRO J 223 -77.46 -39.88 -18.45
C PRO J 223 -76.27 -40.76 -18.04
N THR K 2 -53.62 17.28 71.85
CA THR K 2 -52.93 16.00 71.98
C THR K 2 -51.71 16.13 72.88
N THR K 3 -51.42 15.10 73.67
CA THR K 3 -50.24 15.08 74.50
C THR K 3 -49.21 14.12 73.91
N LEU K 4 -47.95 14.54 73.85
CA LEU K 4 -46.86 13.67 73.40
C LEU K 4 -45.89 13.46 74.54
N THR K 5 -45.75 12.22 75.00
CA THR K 5 -44.71 11.91 75.98
C THR K 5 -43.34 12.19 75.39
N ALA K 6 -42.48 12.85 76.15
CA ALA K 6 -41.23 13.33 75.61
C ALA K 6 -40.27 13.64 76.75
N ARG K 7 -39.00 13.70 76.40
CA ARG K 7 -37.99 14.24 77.29
C ARG K 7 -37.70 15.69 76.90
N PRO K 8 -37.53 16.59 77.88
CA PRO K 8 -37.46 16.25 79.31
C PRO K 8 -38.84 16.20 79.97
N GLU K 9 -39.89 16.58 79.25
CA GLU K 9 -41.24 16.40 79.76
C GLU K 9 -42.20 16.38 78.58
N ALA K 10 -43.40 15.89 78.86
CA ALA K 10 -44.44 15.83 77.85
C ALA K 10 -44.79 17.23 77.37
N ILE K 11 -45.21 17.30 76.11
CA ILE K 11 -45.74 18.54 75.56
C ILE K 11 -47.15 18.31 75.04
N THR K 12 -47.80 19.40 74.69
CA THR K 12 -49.11 19.35 74.09
C THR K 12 -49.02 20.05 72.74
N PHE K 13 -49.78 19.55 71.77
CA PHE K 13 -49.73 20.08 70.41
C PHE K 13 -51.00 19.67 69.68
N ASP K 14 -51.31 20.38 68.60
CA ASP K 14 -52.41 20.00 67.72
C ASP K 14 -51.83 19.39 66.45
N PRO K 15 -52.07 18.12 66.18
CA PRO K 15 -51.45 17.53 64.97
C PRO K 15 -51.83 18.25 63.70
N GLN K 16 -53.05 18.77 63.59
CA GLN K 16 -53.41 19.47 62.36
C GLN K 16 -52.79 20.85 62.26
N GLN K 17 -52.15 21.33 63.32
CA GLN K 17 -51.33 22.53 63.27
C GLN K 17 -49.85 22.22 63.47
N SER K 18 -49.39 21.03 63.01
CA SER K 18 -48.02 20.59 63.19
C SER K 18 -47.52 20.04 61.86
N ALA K 19 -46.20 19.85 61.77
CA ALA K 19 -45.59 19.28 60.58
C ALA K 19 -44.61 18.19 60.98
N LEU K 20 -44.58 17.12 60.19
CA LEU K 20 -43.54 16.11 60.25
C LEU K 20 -42.53 16.45 59.17
N ILE K 21 -41.27 16.63 59.56
CA ILE K 21 -40.20 16.99 58.64
C ILE K 21 -39.29 15.78 58.47
N VAL K 22 -39.18 15.31 57.24
CA VAL K 22 -38.27 14.21 56.91
C VAL K 22 -37.04 14.82 56.27
N VAL K 23 -35.94 14.85 57.02
CA VAL K 23 -34.73 15.56 56.60
C VAL K 23 -33.84 14.63 55.78
N ASP K 24 -33.70 14.93 54.50
CA ASP K 24 -32.59 14.46 53.66
C ASP K 24 -32.45 12.93 53.67
N MET K 25 -33.58 12.23 53.52
CA MET K 25 -33.56 10.77 53.43
C MET K 25 -33.26 10.32 52.00
N GLN K 26 -32.07 10.73 51.55
CA GLN K 26 -31.58 10.50 50.20
C GLN K 26 -30.50 9.42 50.25
N ASN K 27 -30.21 8.85 49.09
CA ASN K 27 -29.14 7.86 49.02
C ASN K 27 -27.84 8.43 49.56
N ALA K 28 -27.59 9.71 49.29
CA ALA K 28 -26.42 10.40 49.82
C ALA K 28 -26.26 10.17 51.31
N TYR K 29 -27.36 10.22 52.06
CA TYR K 29 -27.26 10.20 53.52
C TYR K 29 -27.60 8.85 54.15
N ALA K 30 -28.23 7.93 53.42
CA ALA K 30 -28.69 6.70 54.04
C ALA K 30 -28.18 5.43 53.36
N THR K 31 -27.64 5.50 52.15
CA THR K 31 -27.40 4.31 51.36
C THR K 31 -25.91 4.03 51.20
N PRO K 32 -25.50 2.76 51.38
CA PRO K 32 -24.13 2.36 51.01
C PRO K 32 -23.81 2.76 49.57
N GLY K 33 -22.61 3.29 49.37
CA GLY K 33 -22.19 3.84 48.11
C GLY K 33 -22.61 5.27 47.86
N GLY K 34 -23.41 5.86 48.76
CA GLY K 34 -23.75 7.25 48.63
C GLY K 34 -22.70 8.16 49.25
N TYR K 35 -22.92 9.46 49.08
CA TYR K 35 -21.98 10.47 49.58
C TYR K 35 -21.43 10.15 50.98
N LEU K 36 -22.29 10.10 52.00
CA LEU K 36 -21.75 9.94 53.35
C LEU K 36 -20.85 8.71 53.47
N ASP K 37 -21.28 7.58 52.89
CA ASP K 37 -20.45 6.37 52.90
C ASP K 37 -19.08 6.62 52.24
N LEU K 38 -19.10 7.17 51.03
CA LEU K 38 -17.87 7.51 50.33
C LEU K 38 -16.99 8.44 51.15
N ALA K 39 -17.60 9.31 51.96
CA ALA K 39 -16.86 10.28 52.75
C ALA K 39 -16.31 9.72 54.05
N GLY K 40 -16.63 8.47 54.38
CA GLY K 40 -16.07 7.80 55.54
C GLY K 40 -17.00 7.68 56.74
N PHE K 41 -18.21 8.19 56.66
CA PHE K 41 -19.22 7.99 57.68
C PHE K 41 -19.88 6.60 57.54
N ASP K 42 -20.49 6.16 58.63
CA ASP K 42 -21.08 4.83 58.71
C ASP K 42 -22.59 4.91 58.49
N VAL K 43 -23.05 4.40 57.37
CA VAL K 43 -24.46 4.35 57.01
C VAL K 43 -24.98 2.92 56.99
N SER K 44 -24.27 1.99 57.64
CA SER K 44 -24.64 0.59 57.58
C SER K 44 -25.91 0.28 58.36
N THR K 45 -26.28 1.12 59.31
CA THR K 45 -27.33 0.79 60.26
C THR K 45 -28.61 1.58 60.04
N THR K 46 -28.82 2.09 58.83
CA THR K 46 -29.93 3.00 58.57
C THR K 46 -31.20 2.31 58.13
N ARG K 47 -31.18 0.98 57.96
CA ARG K 47 -32.41 0.30 57.56
C ARG K 47 -33.51 0.49 58.58
N PRO K 48 -33.27 0.33 59.89
CA PRO K 48 -34.34 0.57 60.86
C PRO K 48 -34.81 2.02 60.88
N VAL K 49 -33.91 2.98 60.61
CA VAL K 49 -34.34 4.38 60.57
C VAL K 49 -35.33 4.59 59.42
N ILE K 50 -35.04 4.00 58.26
CA ILE K 50 -35.91 4.15 57.11
C ILE K 50 -37.30 3.60 57.42
N ALA K 51 -37.35 2.39 57.98
CA ALA K 51 -38.65 1.79 58.31
C ALA K 51 -39.36 2.60 59.39
N ASN K 52 -38.63 3.10 60.39
CA ASN K 52 -39.26 3.91 61.42
C ASN K 52 -39.82 5.21 60.86
N ILE K 53 -39.15 5.81 59.88
CA ILE K 53 -39.70 7.00 59.24
C ILE K 53 -40.96 6.64 58.46
N GLN K 54 -40.96 5.51 57.76
CA GLN K 54 -42.17 5.08 57.05
C GLN K 54 -43.34 5.02 58.02
N THR K 55 -43.14 4.39 59.16
CA THR K 55 -44.17 4.28 60.19
C THR K 55 -44.65 5.65 60.66
N ALA K 56 -43.71 6.56 60.94
CA ALA K 56 -44.08 7.86 61.46
C ALA K 56 -44.81 8.69 60.42
N VAL K 57 -44.39 8.60 59.15
CA VAL K 57 -45.10 9.29 58.09
C VAL K 57 -46.53 8.79 57.95
N THR K 58 -46.73 7.47 58.06
CA THR K 58 -48.07 6.92 57.94
C THR K 58 -48.98 7.44 59.04
N ALA K 59 -48.49 7.46 60.29
CA ALA K 59 -49.28 7.99 61.38
C ALA K 59 -49.54 9.47 61.19
N ALA K 60 -48.52 10.23 60.78
CA ALA K 60 -48.67 11.68 60.71
C ALA K 60 -49.70 12.04 59.65
N ARG K 61 -49.61 11.43 58.48
CA ARG K 61 -50.54 11.79 57.43
C ARG K 61 -51.98 11.50 57.83
N ALA K 62 -52.22 10.31 58.39
CA ALA K 62 -53.56 9.93 58.82
C ALA K 62 -54.10 10.87 59.90
N ALA K 63 -53.22 11.49 60.67
CA ALA K 63 -53.64 12.47 61.67
C ALA K 63 -53.86 13.87 61.10
N GLY K 64 -53.70 14.07 59.79
CA GLY K 64 -53.81 15.39 59.19
C GLY K 64 -52.60 16.28 59.37
N MET K 65 -51.46 15.72 59.73
CA MET K 65 -50.23 16.49 59.86
C MET K 65 -49.59 16.72 58.49
N LEU K 66 -49.07 17.92 58.26
CA LEU K 66 -48.33 18.18 57.02
C LEU K 66 -47.01 17.41 57.00
N ILE K 67 -46.72 16.75 55.88
CA ILE K 67 -45.45 16.07 55.68
C ILE K 67 -44.57 16.94 54.79
N ILE K 68 -43.37 17.26 55.27
CA ILE K 68 -42.40 18.00 54.48
C ILE K 68 -41.16 17.15 54.30
N TRP K 69 -40.75 16.94 53.05
CA TRP K 69 -39.55 16.18 52.73
C TRP K 69 -38.46 17.15 52.26
N PHE K 70 -37.32 17.11 52.89
CA PHE K 70 -36.20 17.88 52.39
C PHE K 70 -35.32 17.01 51.54
N GLN K 71 -34.81 17.58 50.46
CA GLN K 71 -33.70 17.04 49.71
C GLN K 71 -32.59 18.08 49.69
N ASN K 72 -31.43 17.71 50.21
CA ASN K 72 -30.27 18.60 50.24
C ASN K 72 -29.42 18.38 49.00
N GLY K 73 -29.05 19.46 48.32
CA GLY K 73 -28.10 19.37 47.23
C GLY K 73 -28.22 20.53 46.24
N TRP K 74 -27.56 20.33 45.10
CA TRP K 74 -27.24 21.44 44.23
C TRP K 74 -27.24 20.99 42.76
N ASP K 75 -27.28 21.98 41.88
CA ASP K 75 -27.00 21.73 40.47
C ASP K 75 -25.67 21.01 40.32
N GLU K 76 -25.58 20.19 39.27
CA GLU K 76 -24.41 19.33 39.06
C GLU K 76 -23.13 20.11 38.78
N GLN K 77 -23.21 21.41 38.45
CA GLN K 77 -22.01 22.22 38.39
C GLN K 77 -21.67 22.87 39.73
N TYR K 78 -22.54 22.73 40.74
CA TYR K 78 -22.33 23.19 42.12
C TYR K 78 -22.26 24.72 42.23
N VAL K 79 -22.90 25.42 41.32
CA VAL K 79 -23.08 26.87 41.49
C VAL K 79 -23.77 27.13 42.82
N GLU K 80 -24.80 26.35 43.13
CA GLU K 80 -25.62 26.58 44.31
C GLU K 80 -24.92 26.21 45.61
N ALA K 81 -23.75 25.55 45.52
CA ALA K 81 -22.98 25.26 46.72
C ALA K 81 -22.10 26.43 47.17
N GLY K 82 -22.02 27.50 46.36
CA GLY K 82 -21.16 28.64 46.64
C GLY K 82 -19.77 28.38 46.08
N GLY K 83 -19.15 29.40 45.49
CA GLY K 83 -17.79 29.27 45.04
C GLY K 83 -16.83 29.44 46.20
N PRO K 84 -15.55 29.73 45.89
CA PRO K 84 -14.55 29.85 46.96
C PRO K 84 -14.87 30.90 48.01
N GLY K 85 -15.80 31.81 47.75
CA GLY K 85 -16.14 32.86 48.67
C GLY K 85 -17.16 32.47 49.72
N SER K 86 -17.64 31.21 49.67
CA SER K 86 -18.55 30.66 50.66
C SER K 86 -17.84 29.68 51.55
N PRO K 87 -18.09 29.71 52.86
CA PRO K 87 -17.58 28.62 53.70
C PRO K 87 -18.09 27.25 53.30
N ASN K 88 -19.27 27.15 52.70
CA ASN K 88 -19.79 25.84 52.29
C ASN K 88 -18.84 25.18 51.29
N PHE K 89 -18.28 25.99 50.38
CA PHE K 89 -17.31 25.49 49.41
C PHE K 89 -16.17 24.76 50.12
N HIS K 90 -15.71 25.32 51.24
CA HIS K 90 -14.54 24.83 51.96
C HIS K 90 -14.87 23.81 53.02
N LYS K 91 -16.12 23.76 53.50
CA LYS K 91 -16.52 22.79 54.51
C LYS K 91 -17.16 21.53 53.94
N SER K 92 -17.77 21.62 52.77
CA SER K 92 -18.59 20.54 52.25
C SER K 92 -17.77 19.27 52.13
N ASN K 93 -18.19 18.23 52.85
CA ASN K 93 -17.51 16.95 52.72
C ASN K 93 -17.81 16.25 51.40
N ALA K 94 -18.94 16.57 50.76
CA ALA K 94 -19.21 16.04 49.43
C ALA K 94 -18.24 16.64 48.41
N LEU K 95 -18.07 17.95 48.43
CA LEU K 95 -17.13 18.60 47.54
C LEU K 95 -15.71 18.10 47.78
N LYS K 96 -15.30 18.02 49.04
CA LYS K 96 -13.99 17.45 49.36
C LYS K 96 -13.82 16.05 48.75
N THR K 97 -14.85 15.22 48.85
CA THR K 97 -14.77 13.88 48.31
C THR K 97 -14.57 13.89 46.79
N MET K 98 -15.34 14.73 46.08
CA MET K 98 -15.20 14.79 44.62
C MET K 98 -13.87 15.43 44.20
N ARG K 99 -13.31 16.30 45.03
CA ARG K 99 -11.98 16.82 44.70
C ARG K 99 -10.92 15.73 44.78
N LYS K 100 -11.03 14.85 45.76
CA LYS K 100 -10.09 13.76 45.93
C LYS K 100 -10.37 12.62 44.95
N GLN K 101 -11.60 12.52 44.46
CA GLN K 101 -12.04 11.42 43.60
C GLN K 101 -12.77 12.04 42.41
N PRO K 102 -12.02 12.47 41.39
CA PRO K 102 -12.65 13.18 40.26
C PRO K 102 -13.60 12.32 39.47
N GLN K 103 -13.54 11.01 39.63
CA GLN K 103 -14.52 10.14 38.98
C GLN K 103 -15.93 10.47 39.44
N LEU K 104 -16.06 10.95 40.70
CA LEU K 104 -17.36 11.29 41.28
C LEU K 104 -17.82 12.72 40.99
N GLN K 105 -16.97 13.53 40.36
CA GLN K 105 -17.30 14.92 40.11
C GLN K 105 -18.65 15.04 39.40
N GLY K 106 -19.53 15.85 39.98
CA GLY K 106 -20.86 16.06 39.44
C GLY K 106 -21.91 15.06 39.86
N LYS K 107 -21.57 14.06 40.67
CA LYS K 107 -22.58 13.09 41.09
C LYS K 107 -23.05 13.26 42.52
N LEU K 108 -22.19 13.66 43.45
CA LEU K 108 -22.63 13.73 44.84
C LEU K 108 -23.52 14.94 45.05
N LEU K 109 -24.68 14.71 45.65
CA LEU K 109 -25.63 15.75 46.04
C LEU K 109 -26.08 16.57 44.84
N ALA K 110 -26.09 15.93 43.67
CA ALA K 110 -26.41 16.60 42.42
C ALA K 110 -27.87 16.36 42.07
N LYS K 111 -28.61 17.45 41.93
CA LYS K 111 -30.00 17.34 41.51
C LYS K 111 -30.12 16.49 40.25
N GLY K 112 -31.07 15.55 40.28
CA GLY K 112 -31.30 14.64 39.18
C GLY K 112 -30.60 13.31 39.30
N SER K 113 -29.66 13.20 40.22
CA SER K 113 -28.76 12.06 40.31
C SER K 113 -29.25 11.05 41.33
N TRP K 114 -28.64 9.86 41.27
CA TRP K 114 -28.97 8.81 42.22
C TRP K 114 -28.67 9.23 43.66
N ASP K 115 -27.52 9.88 43.86
CA ASP K 115 -27.11 10.31 45.20
C ASP K 115 -28.16 11.25 45.82
N TYR K 116 -28.79 12.08 45.01
CA TYR K 116 -29.72 13.10 45.44
C TYR K 116 -31.12 12.53 45.65
N GLN K 117 -31.44 11.40 45.04
CA GLN K 117 -32.80 10.89 45.12
C GLN K 117 -33.14 10.39 46.53
N LEU K 118 -34.40 10.56 46.90
CA LEU K 118 -34.93 9.89 48.08
C LEU K 118 -34.76 8.37 47.95
N VAL K 119 -34.49 7.72 49.08
CA VAL K 119 -34.28 6.28 49.09
C VAL K 119 -35.57 5.62 48.59
N ASP K 120 -35.41 4.47 47.93
CA ASP K 120 -36.50 3.83 47.22
C ASP K 120 -37.72 3.65 48.12
N GLU K 121 -37.52 3.36 49.40
CA GLU K 121 -38.62 2.99 50.28
C GLU K 121 -39.52 4.19 50.65
N LEU K 122 -39.04 5.43 50.49
CA LEU K 122 -39.75 6.62 50.95
C LEU K 122 -40.30 7.38 49.75
N VAL K 123 -41.63 7.43 49.63
CA VAL K 123 -42.28 7.98 48.46
C VAL K 123 -43.25 9.09 48.87
N PRO K 124 -42.92 10.35 48.61
CA PRO K 124 -43.86 11.43 48.93
C PRO K 124 -45.18 11.28 48.17
N GLN K 125 -46.26 11.63 48.87
CA GLN K 125 -47.63 11.50 48.38
C GLN K 125 -48.23 12.86 48.05
N PRO K 126 -49.25 12.89 47.19
CA PRO K 126 -49.92 14.16 46.90
C PRO K 126 -50.33 14.86 48.19
N GLY K 127 -50.10 16.16 48.23
CA GLY K 127 -50.38 16.93 49.42
C GLY K 127 -49.21 17.05 50.35
N ASP K 128 -48.20 16.21 50.19
CA ASP K 128 -46.92 16.46 50.84
C ASP K 128 -46.20 17.62 50.18
N ILE K 129 -45.23 18.18 50.89
CA ILE K 129 -44.33 19.19 50.32
C ILE K 129 -42.94 18.59 50.21
N VAL K 130 -42.33 18.72 49.04
CA VAL K 130 -40.94 18.33 48.82
C VAL K 130 -40.16 19.60 48.61
N LEU K 131 -39.19 19.87 49.48
CA LEU K 131 -38.42 21.09 49.45
C LEU K 131 -36.94 20.82 49.18
N PRO K 132 -36.33 21.48 48.21
CA PRO K 132 -34.87 21.43 48.12
C PRO K 132 -34.26 22.42 49.12
N LYS K 133 -33.07 22.10 49.61
CA LYS K 133 -32.33 23.10 50.35
C LYS K 133 -30.87 23.07 49.97
N PRO K 134 -30.20 24.22 49.98
CA PRO K 134 -28.78 24.30 49.57
C PRO K 134 -27.78 24.23 50.72
N ARG K 135 -28.23 24.25 51.97
CA ARG K 135 -27.35 24.25 53.13
C ARG K 135 -27.96 23.37 54.21
N TYR K 136 -27.21 23.13 55.29
CA TYR K 136 -27.68 22.15 56.27
C TYR K 136 -29.04 22.55 56.83
N SER K 137 -29.18 23.80 57.28
CA SER K 137 -30.42 24.20 57.91
C SER K 137 -31.51 24.44 56.88
N GLY K 138 -32.65 23.79 57.06
CA GLY K 138 -33.79 24.01 56.18
C GLY K 138 -34.42 25.38 56.28
N PHE K 139 -34.05 26.17 57.28
CA PHE K 139 -34.64 27.49 57.39
C PHE K 139 -33.88 28.57 56.64
N PHE K 140 -32.63 28.36 56.28
CA PHE K 140 -31.93 29.38 55.53
C PHE K 140 -32.08 29.13 54.05
N ASN K 141 -32.42 30.20 53.32
CA ASN K 141 -32.41 30.29 51.87
C ASN K 141 -33.59 29.56 51.25
N THR K 142 -34.65 29.36 52.01
CA THR K 142 -35.78 28.58 51.55
C THR K 142 -37.10 29.17 52.02
N PRO K 143 -38.19 28.70 51.47
CA PRO K 143 -39.51 29.17 51.94
C PRO K 143 -40.09 28.41 53.10
N LEU K 144 -39.29 27.62 53.82
CA LEU K 144 -39.84 26.76 54.87
C LEU K 144 -40.63 27.57 55.90
N ASP K 145 -40.01 28.63 56.41
CA ASP K 145 -40.68 29.48 57.40
C ASP K 145 -42.01 30.00 56.88
N SER K 146 -42.00 30.56 55.68
CA SER K 146 -43.24 31.03 55.06
C SER K 146 -44.27 29.91 54.91
N ILE K 147 -43.83 28.70 54.54
CA ILE K 147 -44.77 27.59 54.40
C ILE K 147 -45.47 27.32 55.73
N LEU K 148 -44.68 27.25 56.79
CA LEU K 148 -45.21 26.86 58.08
C LEU K 148 -46.15 27.95 58.61
N ARG K 149 -45.72 29.21 58.48
CA ARG K 149 -46.51 30.33 59.00
C ARG K 149 -47.82 30.45 58.27
N SER K 150 -47.78 30.27 56.95
CA SER K 150 -48.98 30.30 56.13
C SER K 150 -50.02 29.30 56.60
N ARG K 151 -49.61 28.25 57.29
CA ARG K 151 -50.55 27.25 57.76
C ARG K 151 -50.72 27.26 59.28
N GLY K 152 -50.22 28.31 59.95
CA GLY K 152 -50.36 28.41 61.38
C GLY K 152 -49.68 27.28 62.14
N ILE K 153 -48.59 26.73 61.61
CA ILE K 153 -47.92 25.59 62.22
C ILE K 153 -46.89 26.09 63.22
N ARG K 154 -46.94 25.56 64.45
CA ARG K 154 -46.03 25.95 65.51
C ARG K 154 -45.21 24.78 66.06
N HIS K 155 -45.52 23.56 65.68
CA HIS K 155 -44.87 22.39 66.23
C HIS K 155 -44.31 21.60 65.06
N LEU K 156 -43.04 21.26 65.16
CA LEU K 156 -42.29 20.54 64.14
C LEU K 156 -41.81 19.23 64.73
N VAL K 157 -42.09 18.12 64.06
CA VAL K 157 -41.58 16.81 64.46
C VAL K 157 -40.53 16.38 63.45
N PHE K 158 -39.31 16.15 63.92
CA PHE K 158 -38.15 15.98 63.08
C PHE K 158 -37.72 14.52 63.02
N THR K 159 -37.39 14.09 61.79
CA THR K 159 -36.77 12.80 61.52
C THR K 159 -35.71 13.03 60.45
N GLY K 160 -34.83 12.05 60.29
CA GLY K 160 -33.91 12.04 59.18
C GLY K 160 -32.45 12.02 59.57
N ILE K 161 -31.60 12.45 58.63
CA ILE K 161 -30.15 12.33 58.73
C ILE K 161 -29.52 13.61 58.18
N ALA K 162 -28.49 14.15 58.86
CA ALA K 162 -27.91 13.61 60.08
C ALA K 162 -28.46 14.34 61.31
N THR K 163 -28.68 13.56 62.38
CA THR K 163 -29.17 14.10 63.65
C THR K 163 -28.43 15.37 64.05
N ASN K 164 -27.10 15.33 63.98
CA ASN K 164 -26.24 16.38 64.50
C ASN K 164 -26.00 17.53 63.53
N VAL K 165 -26.39 17.41 62.25
CA VAL K 165 -26.05 18.45 61.26
C VAL K 165 -27.32 19.04 60.66
N SER K 166 -27.88 18.44 59.60
CA SER K 166 -29.06 19.06 58.99
C SER K 166 -30.28 18.98 59.91
N VAL K 167 -30.47 17.87 60.61
CA VAL K 167 -31.61 17.77 61.52
C VAL K 167 -31.47 18.80 62.64
N GLU K 168 -30.36 18.74 63.36
CA GLU K 168 -30.21 19.60 64.53
C GLU K 168 -30.15 21.08 64.13
N SER K 169 -29.46 21.42 63.05
CA SER K 169 -29.40 22.80 62.62
C SER K 169 -30.79 23.35 62.34
N THR K 170 -31.61 22.57 61.62
CA THR K 170 -32.96 23.03 61.31
C THR K 170 -33.78 23.16 62.58
N LEU K 171 -33.63 22.21 63.51
CA LEU K 171 -34.36 22.29 64.77
C LEU K 171 -33.91 23.50 65.60
N ARG K 172 -32.60 23.77 65.67
CA ARG K 172 -32.16 24.94 66.44
C ARG K 172 -32.67 26.24 65.80
N ASP K 173 -32.51 26.38 64.51
CA ASP K 173 -33.02 27.58 63.85
C ASP K 173 -34.52 27.71 64.04
N GLY K 174 -35.23 26.59 64.00
CA GLY K 174 -36.66 26.62 64.30
C GLY K 174 -36.95 27.19 65.69
N PHE K 175 -36.19 26.75 66.69
CA PHE K 175 -36.32 27.32 68.02
C PHE K 175 -36.12 28.83 68.01
N PHE K 176 -35.15 29.34 67.23
CA PHE K 176 -34.92 30.79 67.17
C PHE K 176 -36.02 31.51 66.40
N LEU K 177 -36.81 30.79 65.62
CA LEU K 177 -38.00 31.32 64.94
C LEU K 177 -39.28 30.96 65.69
N GLU K 178 -39.16 30.53 66.95
CA GLU K 178 -40.25 30.33 67.92
C GLU K 178 -41.10 29.09 67.60
N TYR K 179 -40.49 28.12 66.90
CA TYR K 179 -41.12 26.82 66.67
C TYR K 179 -40.78 25.86 67.80
N PHE K 180 -41.75 25.03 68.17
CA PHE K 180 -41.56 23.95 69.13
C PHE K 180 -41.12 22.70 68.37
N GLY K 181 -39.90 22.24 68.66
CA GLY K 181 -39.28 21.16 67.89
C GLY K 181 -39.12 19.89 68.71
N VAL K 182 -39.64 18.80 68.15
CA VAL K 182 -39.46 17.47 68.70
C VAL K 182 -38.67 16.63 67.70
N VAL K 183 -37.78 15.79 68.19
CA VAL K 183 -37.06 14.86 67.32
C VAL K 183 -37.44 13.45 67.75
N LEU K 184 -37.72 12.58 66.77
CA LEU K 184 -38.02 11.18 67.03
C LEU K 184 -36.70 10.42 66.89
N GLU K 185 -36.12 10.03 68.03
CA GLU K 185 -34.71 9.64 68.07
C GLU K 185 -34.44 8.38 67.26
N ASP K 186 -35.37 7.41 67.30
CA ASP K 186 -35.19 6.17 66.55
C ASP K 186 -35.51 6.31 65.06
N ALA K 187 -35.86 7.53 64.61
CA ALA K 187 -36.04 7.85 63.21
C ALA K 187 -35.01 8.85 62.73
N THR K 188 -33.81 8.82 63.35
CA THR K 188 -32.66 9.64 62.96
C THR K 188 -31.39 8.81 63.00
N HIS K 189 -30.36 9.32 62.35
CA HIS K 189 -29.04 8.72 62.40
C HIS K 189 -28.01 9.85 62.29
N GLN K 190 -26.95 9.75 63.09
CA GLN K 190 -25.93 10.78 63.08
C GLN K 190 -24.92 10.56 61.96
N ALA K 191 -24.18 11.63 61.65
CA ALA K 191 -23.00 11.59 60.79
C ALA K 191 -21.80 11.84 61.69
N GLY K 192 -21.07 10.78 61.98
CA GLY K 192 -19.96 10.81 62.91
C GLY K 192 -19.99 9.60 63.80
N PRO K 193 -19.13 9.60 64.82
CA PRO K 193 -19.17 8.53 65.82
C PRO K 193 -20.47 8.56 66.62
N LYS K 194 -20.69 7.47 67.36
CA LYS K 194 -21.95 7.34 68.09
C LYS K 194 -22.20 8.53 69.01
N PHE K 195 -21.12 9.12 69.57
CA PHE K 195 -21.32 10.20 70.53
C PHE K 195 -21.98 11.41 69.88
N ALA K 196 -21.85 11.56 68.56
CA ALA K 196 -22.53 12.66 67.89
C ALA K 196 -24.04 12.48 67.95
N GLN K 197 -24.53 11.23 67.97
CA GLN K 197 -25.95 11.01 68.17
C GLN K 197 -26.37 11.42 69.59
N LYS K 198 -25.71 10.85 70.59
CA LYS K 198 -26.04 11.13 71.98
C LYS K 198 -25.94 12.61 72.28
N ALA K 199 -24.90 13.27 71.77
CA ALA K 199 -24.72 14.69 72.08
C ALA K 199 -25.80 15.54 71.41
N ALA K 200 -26.19 15.20 70.18
CA ALA K 200 -27.21 15.97 69.49
C ALA K 200 -28.54 15.89 70.23
N LEU K 201 -28.90 14.70 70.69
CA LEU K 201 -30.13 14.53 71.45
C LEU K 201 -30.04 15.19 72.83
N PHE K 202 -28.87 15.13 73.46
CA PHE K 202 -28.67 15.84 74.74
C PHE K 202 -28.88 17.35 74.56
N ASN K 203 -28.26 17.92 73.52
CA ASN K 203 -28.41 19.35 73.25
C ASN K 203 -29.87 19.70 72.97
N ILE K 204 -30.55 18.90 72.14
CA ILE K 204 -31.95 19.16 71.82
C ILE K 204 -32.79 19.10 73.10
N GLU K 205 -32.64 18.02 73.88
CA GLU K 205 -33.45 17.82 75.06
C GLU K 205 -33.22 18.92 76.10
N THR K 206 -31.96 19.32 76.26
CA THR K 206 -31.58 20.20 77.36
C THR K 206 -31.78 21.68 77.02
N PHE K 207 -31.66 22.07 75.74
CA PHE K 207 -31.64 23.49 75.38
C PHE K 207 -32.63 23.93 74.30
N PHE K 208 -33.00 23.05 73.37
CA PHE K 208 -33.68 23.52 72.17
C PHE K 208 -35.06 22.95 71.94
N GLY K 209 -35.33 21.72 72.36
CA GLY K 209 -36.57 21.08 72.04
C GLY K 209 -36.84 19.83 72.86
N TRP K 210 -37.45 18.85 72.21
CA TRP K 210 -37.94 17.68 72.91
C TRP K 210 -37.55 16.44 72.13
N VAL K 211 -37.36 15.33 72.85
CA VAL K 211 -37.03 14.06 72.23
C VAL K 211 -38.10 13.04 72.61
N SER K 212 -38.60 12.32 71.60
CA SER K 212 -39.49 11.19 71.80
C SER K 212 -39.13 10.14 70.75
N ASP K 213 -40.00 9.17 70.53
CA ASP K 213 -39.72 8.09 69.59
C ASP K 213 -40.94 7.82 68.73
N VAL K 214 -40.75 6.96 67.71
CA VAL K 214 -41.79 6.78 66.71
C VAL K 214 -43.02 6.10 67.32
N GLU K 215 -42.81 5.12 68.19
CA GLU K 215 -43.95 4.41 68.75
C GLU K 215 -44.77 5.33 69.67
N THR K 216 -44.09 6.07 70.55
CA THR K 216 -44.80 7.06 71.37
C THR K 216 -45.54 8.05 70.50
N PHE K 217 -44.88 8.55 69.44
CA PHE K 217 -45.52 9.45 68.48
C PHE K 217 -46.78 8.83 67.89
N CYS K 218 -46.64 7.66 67.27
CA CYS K 218 -47.79 7.05 66.63
C CYS K 218 -48.91 6.78 67.63
N ASP K 219 -48.55 6.38 68.85
CA ASP K 219 -49.57 6.12 69.85
C ASP K 219 -50.30 7.39 70.24
N ALA K 220 -49.56 8.48 70.38
CA ALA K 220 -50.18 9.75 70.76
C ALA K 220 -51.14 10.24 69.69
N LEU K 221 -50.88 9.86 68.43
CA LEU K 221 -51.68 10.40 67.34
C LEU K 221 -52.99 9.64 67.11
N SER K 222 -53.12 8.42 67.62
CA SER K 222 -54.18 7.55 67.12
C SER K 222 -55.60 8.05 67.39
N PRO K 223 -55.87 8.85 68.45
CA PRO K 223 -57.24 9.40 68.45
C PRO K 223 -57.51 10.50 67.40
N THR L 2 -5.56 30.25 47.50
CA THR L 2 -4.85 29.06 47.92
C THR L 2 -3.91 29.32 49.11
N THR L 3 -3.79 28.31 49.98
CA THR L 3 -2.84 28.30 51.10
C THR L 3 -1.88 27.15 50.88
N LEU L 4 -0.58 27.45 50.83
CA LEU L 4 0.46 26.45 50.54
C LEU L 4 1.32 26.24 51.77
N THR L 5 1.29 25.03 52.31
CA THR L 5 2.24 24.67 53.34
C THR L 5 3.66 24.83 52.83
N ALA L 6 4.52 25.40 53.68
CA ALA L 6 5.84 25.78 53.22
C ALA L 6 6.71 26.15 54.41
N ARG L 7 8.01 26.11 54.20
CA ARG L 7 8.99 26.65 55.13
C ARG L 7 9.33 28.09 54.74
N PRO L 8 9.50 29.02 55.71
CA PRO L 8 9.45 28.76 57.16
C PRO L 8 8.04 28.79 57.73
N GLU L 9 7.08 29.29 56.95
CA GLU L 9 5.67 29.15 57.26
C GLU L 9 4.87 29.06 55.96
N ALA L 10 3.61 28.65 56.09
CA ALA L 10 2.72 28.56 54.95
C ALA L 10 2.55 29.93 54.30
N ILE L 11 2.28 29.92 52.99
CA ILE L 11 2.05 31.13 52.22
C ILE L 11 0.70 31.03 51.54
N THR L 12 0.06 32.18 51.32
CA THR L 12 -1.21 32.27 50.62
C THR L 12 -1.00 32.99 49.29
N PHE L 13 -1.65 32.47 48.25
CA PHE L 13 -1.63 33.13 46.96
C PHE L 13 -2.88 32.75 46.18
N ASP L 14 -3.25 33.63 45.25
CA ASP L 14 -4.32 33.36 44.31
C ASP L 14 -3.69 32.80 43.04
N PRO L 15 -3.96 31.56 42.67
CA PRO L 15 -3.30 30.99 41.48
C PRO L 15 -3.50 31.80 40.22
N GLN L 16 -4.65 32.44 40.05
CA GLN L 16 -4.93 33.24 38.86
C GLN L 16 -4.14 34.52 38.80
N GLN L 17 -3.42 34.88 39.86
CA GLN L 17 -2.48 35.99 39.84
C GLN L 17 -1.10 35.53 40.28
N SER L 18 -0.73 34.30 39.94
CA SER L 18 0.61 33.75 40.18
C SER L 18 1.14 33.15 38.89
N ALA L 19 2.43 32.91 38.87
CA ALA L 19 3.08 32.25 37.74
C ALA L 19 3.92 31.09 38.25
N LEU L 20 3.93 30.01 37.48
CA LEU L 20 4.89 28.94 37.66
C LEU L 20 6.01 29.16 36.65
N ILE L 21 7.23 29.27 37.16
CA ILE L 21 8.39 29.52 36.30
C ILE L 21 9.19 28.23 36.25
N VAL L 22 9.47 27.79 35.02
CA VAL L 22 10.27 26.60 34.76
C VAL L 22 11.62 27.10 34.22
N VAL L 23 12.63 27.07 35.08
CA VAL L 23 13.93 27.64 34.76
C VAL L 23 14.78 26.64 33.99
N ASP L 24 14.98 26.92 32.72
CA ASP L 24 16.10 26.34 31.95
C ASP L 24 16.11 24.82 31.94
N MET L 25 14.95 24.20 31.70
CA MET L 25 14.87 22.73 31.59
C MET L 25 15.24 22.25 30.17
N GLN L 26 16.48 22.61 29.83
CA GLN L 26 17.17 22.33 28.59
C GLN L 26 18.14 21.17 28.73
N ASN L 27 18.46 20.56 27.58
CA ASN L 27 19.41 19.46 27.60
C ASN L 27 20.74 19.89 28.22
N ALA L 28 21.13 21.15 27.97
CA ALA L 28 22.33 21.74 28.57
C ALA L 28 22.38 21.52 30.07
N TYR L 29 21.25 21.69 30.76
CA TYR L 29 21.26 21.68 32.22
C TYR L 29 20.74 20.37 32.82
N ALA L 30 20.12 19.49 32.01
CA ALA L 30 19.45 18.34 32.58
C ALA L 30 19.86 17.02 31.97
N THR L 31 20.58 17.01 30.85
CA THR L 31 20.69 15.77 30.07
C THR L 31 22.15 15.33 29.93
N PRO L 32 22.43 14.04 30.12
CA PRO L 32 23.79 13.56 29.83
C PRO L 32 24.22 13.99 28.44
N GLY L 33 25.47 14.48 28.36
CA GLY L 33 26.05 14.93 27.11
C GLY L 33 25.83 16.39 26.85
N GLY L 34 25.03 17.05 27.68
CA GLY L 34 24.80 18.47 27.56
C GLY L 34 25.89 19.26 28.26
N TYR L 35 25.79 20.59 28.13
CA TYR L 35 26.75 21.53 28.69
C TYR L 35 27.17 21.18 30.13
N LEU L 36 26.23 21.12 31.09
CA LEU L 36 26.67 20.95 32.48
C LEU L 36 27.48 19.67 32.63
N ASP L 37 27.02 18.59 31.98
CA ASP L 37 27.70 17.31 32.05
C ASP L 37 29.11 17.45 31.48
N LEU L 38 29.24 18.09 30.31
CA LEU L 38 30.54 18.30 29.68
C LEU L 38 31.46 19.15 30.56
N ALA L 39 30.91 20.06 31.32
CA ALA L 39 31.68 20.97 32.17
C ALA L 39 31.99 20.39 33.54
N GLY L 40 31.56 19.17 33.82
CA GLY L 40 32.00 18.45 35.01
C GLY L 40 30.99 18.37 36.13
N PHE L 41 29.78 18.86 35.93
CA PHE L 41 28.71 18.80 36.91
C PHE L 41 27.95 17.48 36.77
N ASP L 42 27.27 17.11 37.83
CA ASP L 42 26.56 15.84 37.88
C ASP L 42 25.12 16.10 37.48
N VAL L 43 24.69 15.49 36.37
CA VAL L 43 23.29 15.55 35.96
C VAL L 43 22.67 14.17 35.93
N SER L 44 23.32 13.18 36.56
CA SER L 44 22.83 11.80 36.55
C SER L 44 21.53 11.61 37.33
N THR L 45 21.11 12.62 38.11
CA THR L 45 19.94 12.48 38.98
C THR L 45 18.78 13.39 38.60
N THR L 46 18.70 13.81 37.34
CA THR L 46 17.69 14.80 36.97
C THR L 46 16.36 14.18 36.54
N ARG L 47 16.31 12.87 36.32
CA ARG L 47 15.05 12.24 35.90
C ARG L 47 13.90 12.55 36.84
N PRO L 48 14.04 12.41 38.15
CA PRO L 48 12.91 12.74 39.04
C PRO L 48 12.52 14.20 38.99
N VAL L 49 13.49 15.10 38.79
CA VAL L 49 13.16 16.52 38.70
C VAL L 49 12.30 16.79 37.47
N ILE L 50 12.64 16.16 36.34
CA ILE L 50 11.88 16.36 35.10
C ILE L 50 10.43 15.91 35.28
N ALA L 51 10.26 14.73 35.88
CA ALA L 51 8.90 14.20 36.11
C ALA L 51 8.14 15.09 37.07
N ASN L 52 8.80 15.54 38.14
CA ASN L 52 8.14 16.39 39.11
C ASN L 52 7.77 17.73 38.52
N ILE L 53 8.54 18.23 37.55
CA ILE L 53 8.15 19.48 36.88
C ILE L 53 6.93 19.24 36.01
N GLN L 54 6.91 18.16 35.24
CA GLN L 54 5.73 17.85 34.45
C GLN L 54 4.49 17.82 35.34
N THR L 55 4.60 17.20 36.51
CA THR L 55 3.47 17.09 37.43
C THR L 55 3.03 18.46 37.95
N ALA L 56 4.00 19.33 38.23
CA ALA L 56 3.66 20.65 38.72
C ALA L 56 3.03 21.51 37.63
N VAL L 57 3.57 21.44 36.40
CA VAL L 57 2.98 22.18 35.28
C VAL L 57 1.53 21.78 35.07
N THR L 58 1.23 20.48 35.12
CA THR L 58 -0.14 20.01 34.94
C THR L 58 -1.07 20.67 35.96
N ALA L 59 -0.67 20.66 37.23
CA ALA L 59 -1.53 21.21 38.28
C ALA L 59 -1.66 22.71 38.15
N ALA L 60 -0.54 23.40 37.92
CA ALA L 60 -0.56 24.86 37.80
C ALA L 60 -1.43 25.32 36.64
N ARG L 61 -1.29 24.68 35.48
CA ARG L 61 -2.10 25.01 34.32
C ARG L 61 -3.58 24.79 34.56
N ALA L 62 -3.93 23.72 35.27
CA ALA L 62 -5.34 23.46 35.55
C ALA L 62 -5.90 24.46 36.54
N ALA L 63 -5.06 25.03 37.40
CA ALA L 63 -5.52 26.04 38.36
C ALA L 63 -5.54 27.46 37.77
N GLY L 64 -5.18 27.62 36.50
CA GLY L 64 -5.16 28.93 35.87
C GLY L 64 -3.90 29.74 36.10
N MET L 65 -2.85 29.12 36.63
CA MET L 65 -1.57 29.82 36.80
C MET L 65 -0.90 29.95 35.45
N LEU L 66 -0.24 31.08 35.24
CA LEU L 66 0.57 31.31 34.04
C LEU L 66 1.83 30.45 34.08
N ILE L 67 2.11 29.77 32.98
CA ILE L 67 3.33 28.97 32.88
C ILE L 67 4.37 29.74 32.08
N ILE L 68 5.52 30.02 32.71
CA ILE L 68 6.62 30.69 32.02
C ILE L 68 7.82 29.74 31.96
N TRP L 69 8.31 29.52 30.74
CA TRP L 69 9.48 28.67 30.47
C TRP L 69 10.67 29.55 30.12
N PHE L 70 11.77 29.39 30.83
CA PHE L 70 12.99 30.03 30.40
C PHE L 70 13.89 29.09 29.62
N GLN L 71 14.52 29.63 28.59
CA GLN L 71 15.65 29.00 27.93
C GLN L 71 16.83 29.96 27.99
N ASN L 72 17.90 29.52 28.63
CA ASN L 72 19.13 30.29 28.72
C ASN L 72 20.01 30.00 27.52
N GLY L 73 20.45 31.05 26.86
CA GLY L 73 21.55 30.95 25.92
C GLY L 73 21.53 32.04 24.87
N TRP L 74 22.32 31.80 23.82
CA TRP L 74 22.82 32.86 22.97
C TRP L 74 22.82 32.43 21.51
N ASP L 75 22.97 33.44 20.67
CA ASP L 75 23.32 33.21 19.26
C ASP L 75 24.55 32.33 19.16
N GLU L 76 24.62 31.58 18.06
CA GLU L 76 25.71 30.64 17.80
C GLU L 76 27.08 31.31 17.81
N GLN L 77 27.16 32.59 17.45
CA GLN L 77 28.42 33.32 17.48
C GLN L 77 28.70 33.92 18.87
N TYR L 78 27.77 33.78 19.81
CA TYR L 78 27.92 34.23 21.20
C TYR L 78 28.09 35.75 21.29
N VAL L 79 27.59 36.50 20.31
CA VAL L 79 27.56 37.95 20.47
C VAL L 79 26.80 38.33 21.74
N GLU L 80 25.72 37.60 22.02
CA GLU L 80 24.82 37.90 23.12
C GLU L 80 25.37 37.47 24.47
N ALA L 81 26.48 36.74 24.51
CA ALA L 81 27.10 36.33 25.76
C ALA L 81 28.07 37.38 26.27
N GLY L 82 28.33 38.43 25.52
CA GLY L 82 29.32 39.41 25.92
C GLY L 82 30.70 38.94 25.47
N GLY L 83 31.50 39.86 24.97
CA GLY L 83 32.89 39.57 24.69
C GLY L 83 33.76 39.74 25.92
N PRO L 84 35.09 39.85 25.72
CA PRO L 84 35.98 39.98 26.88
C PRO L 84 35.67 41.16 27.82
N GLY L 85 34.95 42.17 27.35
CA GLY L 85 34.59 43.24 28.26
C GLY L 85 33.46 42.92 29.21
N SER L 86 32.86 41.72 29.10
CA SER L 86 31.82 41.28 30.00
C SER L 86 32.34 40.23 30.97
N PRO L 87 31.98 40.32 32.26
CA PRO L 87 32.34 39.23 33.17
C PRO L 87 31.72 37.89 32.74
N ASN L 88 30.60 37.93 32.02
CA ASN L 88 29.99 36.67 31.59
C ASN L 88 30.93 35.88 30.66
N PHE L 89 31.68 36.61 29.83
CA PHE L 89 32.65 35.98 28.93
C PHE L 89 33.69 35.18 29.73
N HIS L 90 34.07 35.69 30.91
CA HIS L 90 35.11 35.06 31.71
C HIS L 90 34.59 34.07 32.71
N LYS L 91 33.31 34.18 33.11
CA LYS L 91 32.75 33.28 34.10
C LYS L 91 32.00 32.11 33.48
N SER L 92 31.47 32.28 32.29
CA SER L 92 30.61 31.26 31.69
C SER L 92 31.37 29.94 31.57
N ASN L 93 30.87 28.93 32.28
CA ASN L 93 31.46 27.60 32.15
C ASN L 93 31.18 26.95 30.79
N ALA L 94 30.11 27.36 30.11
CA ALA L 94 29.91 26.89 28.76
C ALA L 94 30.97 27.47 27.82
N LEU L 95 31.22 28.79 27.91
CA LEU L 95 32.28 29.39 27.09
C LEU L 95 33.63 28.76 27.40
N LYS L 96 33.88 28.51 28.70
CA LYS L 96 35.14 27.89 29.11
C LYS L 96 35.30 26.50 28.49
N THR L 97 34.22 25.71 28.47
CA THR L 97 34.30 24.37 27.91
C THR L 97 34.61 24.41 26.42
N MET L 98 34.00 25.33 25.69
CA MET L 98 34.22 25.41 24.25
C MET L 98 35.60 25.96 23.90
N ARG L 99 36.14 26.86 24.73
CA ARG L 99 37.50 27.32 24.52
C ARG L 99 38.49 26.16 24.70
N LYS L 100 38.19 25.25 25.62
CA LYS L 100 39.03 24.08 25.82
C LYS L 100 38.72 22.95 24.86
N GLN L 101 37.52 22.87 24.31
CA GLN L 101 37.13 21.83 23.35
C GLN L 101 36.55 22.50 22.11
N PRO L 102 37.40 22.92 21.16
CA PRO L 102 36.89 23.69 20.01
C PRO L 102 35.94 22.88 19.12
N GLN L 103 35.95 21.55 19.22
CA GLN L 103 34.94 20.75 18.53
C GLN L 103 33.53 21.18 18.94
N LEU L 104 33.36 21.65 20.17
CA LEU L 104 32.05 22.04 20.68
C LEU L 104 31.70 23.48 20.40
N GLN L 105 32.60 24.27 19.84
CA GLN L 105 32.37 25.68 19.64
C GLN L 105 31.11 25.90 18.81
N GLY L 106 30.24 26.78 19.30
CA GLY L 106 29.00 27.07 18.62
C GLY L 106 27.84 26.15 18.96
N LYS L 107 28.05 25.12 19.77
CA LYS L 107 26.97 24.22 20.12
C LYS L 107 26.43 24.44 21.52
N LEU L 108 27.24 24.84 22.51
CA LEU L 108 26.69 24.87 23.86
C LEU L 108 25.87 26.13 24.03
N LEU L 109 24.69 25.97 24.62
CA LEU L 109 23.77 27.07 24.89
C LEU L 109 23.48 27.89 23.63
N ALA L 110 23.55 27.27 22.45
CA ALA L 110 23.33 28.00 21.21
C ALA L 110 21.88 27.88 20.75
N LYS L 111 21.24 29.03 20.52
CA LYS L 111 19.85 29.01 20.07
C LYS L 111 19.71 28.13 18.83
N GLY L 112 18.69 27.29 18.83
CA GLY L 112 18.46 26.37 17.71
C GLY L 112 19.15 25.03 17.82
N SER L 113 19.98 24.83 18.82
CA SER L 113 20.78 23.63 18.96
C SER L 113 20.12 22.63 19.91
N TRP L 114 20.68 21.41 19.93
CA TRP L 114 20.20 20.38 20.83
C TRP L 114 20.41 20.78 22.29
N ASP L 115 21.59 21.33 22.60
CA ASP L 115 21.90 21.72 23.96
C ASP L 115 20.87 22.72 24.48
N TYR L 116 20.45 23.65 23.63
CA TYR L 116 19.55 24.72 24.01
C TYR L 116 18.11 24.26 24.12
N GLN L 117 17.76 23.15 23.48
CA GLN L 117 16.38 22.69 23.43
C GLN L 117 15.88 22.23 24.80
N LEU L 118 14.60 22.49 25.07
CA LEU L 118 13.95 21.91 26.23
C LEU L 118 13.98 20.39 26.12
N VAL L 119 14.13 19.72 27.26
CA VAL L 119 14.18 18.26 27.33
C VAL L 119 12.91 17.68 26.72
N ASP L 120 13.03 16.48 26.17
CA ASP L 120 11.95 15.86 25.41
C ASP L 120 10.64 15.83 26.19
N GLU L 121 10.71 15.59 27.48
CA GLU L 121 9.51 15.36 28.27
C GLU L 121 8.69 16.62 28.47
N LEU L 122 9.30 17.81 28.35
CA LEU L 122 8.67 19.07 28.76
C LEU L 122 8.36 19.93 27.54
N VAL L 123 7.06 20.05 27.23
CA VAL L 123 6.65 20.72 26.01
C VAL L 123 5.71 21.88 26.35
N PRO L 124 6.10 23.12 26.08
CA PRO L 124 5.18 24.23 26.32
C PRO L 124 3.93 24.11 25.47
N GLN L 125 2.84 24.61 26.02
CA GLN L 125 1.56 24.63 25.35
C GLN L 125 1.21 26.05 24.90
N PRO L 126 0.32 26.17 23.92
CA PRO L 126 -0.15 27.50 23.51
C PRO L 126 -0.70 28.25 24.71
N GLY L 127 -0.31 29.50 24.84
CA GLY L 127 -0.71 30.28 25.98
C GLY L 127 0.37 30.39 27.04
N ASP L 128 1.29 29.43 27.07
CA ASP L 128 2.46 29.58 27.90
C ASP L 128 3.33 30.68 27.31
N ILE L 129 4.22 31.20 28.13
CA ILE L 129 5.21 32.17 27.70
C ILE L 129 6.56 31.47 27.73
N VAL L 130 7.30 31.59 26.63
CA VAL L 130 8.62 30.98 26.50
C VAL L 130 9.60 32.12 26.33
N LEU L 131 10.46 32.34 27.34
CA LEU L 131 11.32 33.51 27.40
C LEU L 131 12.76 33.09 27.24
N PRO L 132 13.50 33.59 26.26
CA PRO L 132 14.95 33.43 26.27
C PRO L 132 15.56 34.37 27.31
N LYS L 133 16.68 33.97 27.85
CA LYS L 133 17.43 34.88 28.70
C LYS L 133 18.92 34.74 28.46
N PRO L 134 19.67 35.87 28.55
CA PRO L 134 21.11 35.80 28.25
C PRO L 134 22.05 35.70 29.44
N ARG L 135 21.50 35.85 30.65
CA ARG L 135 22.27 35.69 31.87
C ARG L 135 21.47 34.89 32.90
N TYR L 136 22.14 34.59 34.02
CA TYR L 136 21.56 33.64 34.95
C TYR L 136 20.20 34.12 35.45
N SER L 137 20.07 35.39 35.80
CA SER L 137 18.84 35.92 36.37
C SER L 137 17.85 36.23 35.27
N GLY L 138 16.64 35.68 35.40
CA GLY L 138 15.61 35.97 34.40
C GLY L 138 15.08 37.38 34.44
N PHE L 139 15.42 38.17 35.47
CA PHE L 139 14.93 39.53 35.63
C PHE L 139 15.87 40.59 35.05
N PHE L 140 17.02 40.21 34.55
CA PHE L 140 17.93 41.15 33.90
C PHE L 140 17.88 40.93 32.40
N ASN L 141 17.74 42.04 31.65
CA ASN L 141 17.83 42.08 30.19
C ASN L 141 16.68 41.39 29.48
N THR L 142 15.56 41.20 30.16
CA THR L 142 14.36 40.57 29.63
C THR L 142 13.10 41.34 29.96
N PRO L 143 11.98 40.95 29.36
CA PRO L 143 10.70 41.55 29.73
C PRO L 143 9.93 40.80 30.82
N LEU L 144 10.62 39.96 31.61
CA LEU L 144 9.93 39.18 32.65
C LEU L 144 9.12 40.05 33.62
N ASP L 145 9.75 41.07 34.20
CA ASP L 145 9.08 41.98 35.12
C ASP L 145 7.85 42.64 34.47
N SER L 146 8.01 43.14 33.25
CA SER L 146 6.90 43.73 32.54
C SER L 146 5.78 42.71 32.35
N ILE L 147 6.11 41.48 31.94
CA ILE L 147 5.11 40.44 31.69
C ILE L 147 4.30 40.15 32.95
N LEU L 148 4.98 40.08 34.08
CA LEU L 148 4.33 39.78 35.35
C LEU L 148 3.50 40.96 35.82
N ARG L 149 4.08 42.17 35.77
CA ARG L 149 3.34 43.36 36.22
C ARG L 149 2.10 43.59 35.36
N SER L 150 2.21 43.39 34.04
CA SER L 150 1.06 43.58 33.17
C SER L 150 -0.11 42.68 33.55
N ARG L 151 0.15 41.59 34.29
CA ARG L 151 -0.90 40.65 34.68
C ARG L 151 -1.17 40.71 36.18
N GLY L 152 -0.68 41.73 36.86
CA GLY L 152 -0.85 41.84 38.30
C GLY L 152 -0.32 40.67 39.09
N ILE L 153 0.69 39.96 38.58
CA ILE L 153 1.21 38.80 39.27
C ILE L 153 2.23 39.27 40.30
N ARG L 154 2.10 38.78 41.53
CA ARG L 154 3.06 39.06 42.59
C ARG L 154 3.66 37.82 43.23
N HIS L 155 3.13 36.63 42.93
CA HIS L 155 3.61 35.39 43.52
C HIS L 155 4.20 34.53 42.42
N LEU L 156 5.41 34.04 42.65
CA LEU L 156 6.19 33.28 41.68
C LEU L 156 6.55 31.94 42.29
N VAL L 157 6.20 30.86 41.58
CA VAL L 157 6.57 29.52 42.01
C VAL L 157 7.65 29.01 41.07
N PHE L 158 8.79 28.61 41.64
CA PHE L 158 10.00 28.33 40.87
C PHE L 158 10.31 26.85 40.84
N THR L 159 10.68 26.39 39.64
CA THR L 159 11.22 25.08 39.42
C THR L 159 12.39 25.24 38.46
N GLY L 160 13.18 24.17 38.36
CA GLY L 160 14.20 24.09 37.34
C GLY L 160 15.62 23.93 37.83
N ILE L 161 16.56 24.27 36.94
CA ILE L 161 17.99 24.04 37.14
C ILE L 161 18.75 25.27 36.67
N ALA L 162 19.76 25.70 37.42
CA ALA L 162 20.25 25.15 38.69
C ALA L 162 19.71 25.94 39.88
N THR L 163 19.40 25.20 40.96
CA THR L 163 18.79 25.79 42.16
C THR L 163 19.57 26.97 42.67
N ASN L 164 20.90 26.85 42.69
CA ASN L 164 21.79 27.83 43.29
C ASN L 164 22.23 28.92 42.34
N VAL L 165 21.90 28.82 41.05
CA VAL L 165 22.43 29.77 40.07
C VAL L 165 21.25 30.49 39.43
N SER L 166 20.71 29.94 38.34
CA SER L 166 19.65 30.67 37.63
C SER L 166 18.33 30.66 38.40
N VAL L 167 18.04 29.61 39.15
CA VAL L 167 16.83 29.60 39.96
C VAL L 167 16.93 30.62 41.08
N GLU L 168 17.93 30.44 41.97
CA GLU L 168 18.07 31.36 43.09
C GLU L 168 18.29 32.81 42.63
N SER L 169 19.15 33.05 41.64
CA SER L 169 19.36 34.42 41.19
C SER L 169 18.04 35.08 40.77
N THR L 170 17.21 34.35 40.03
CA THR L 170 15.96 34.93 39.58
C THR L 170 15.04 35.17 40.78
N LEU L 171 15.07 34.26 41.74
CA LEU L 171 14.24 34.41 42.92
C LEU L 171 14.70 35.58 43.77
N ARG L 172 16.02 35.69 44.00
CA ARG L 172 16.53 36.81 44.78
C ARG L 172 16.18 38.13 44.12
N ASP L 173 16.37 38.23 42.80
CA ASP L 173 16.04 39.48 42.11
C ASP L 173 14.54 39.77 42.17
N GLY L 174 13.72 38.73 42.08
CA GLY L 174 12.29 38.91 42.28
C GLY L 174 11.98 39.53 43.63
N PHE L 175 12.65 39.04 44.69
CA PHE L 175 12.47 39.64 46.02
C PHE L 175 12.80 41.11 46.01
N PHE L 176 13.87 41.52 45.30
CA PHE L 176 14.19 42.94 45.25
C PHE L 176 13.21 43.71 44.39
N LEU L 177 12.43 43.03 43.55
CA LEU L 177 11.36 43.65 42.78
C LEU L 177 9.99 43.45 43.42
N GLU L 178 9.99 43.04 44.69
CA GLU L 178 8.81 42.94 45.56
C GLU L 178 7.91 41.77 45.14
N TYR L 179 8.50 40.72 44.56
CA TYR L 179 7.78 39.49 44.31
C TYR L 179 7.95 38.52 45.47
N PHE L 180 6.87 37.78 45.75
CA PHE L 180 6.86 36.65 46.69
C PHE L 180 7.21 35.38 45.94
N GLY L 181 8.37 34.81 46.25
CA GLY L 181 8.90 33.67 45.54
C GLY L 181 8.89 32.39 46.39
N VAL L 182 8.35 31.33 45.80
CA VAL L 182 8.30 29.98 46.39
C VAL L 182 9.12 29.06 45.50
N VAL L 183 9.97 28.22 46.09
CA VAL L 183 10.68 27.21 45.31
C VAL L 183 10.14 25.84 45.69
N LEU L 184 9.92 24.99 44.69
CA LEU L 184 9.52 23.60 44.88
C LEU L 184 10.78 22.73 44.86
N GLU L 185 11.21 22.30 46.06
CA GLU L 185 12.58 21.78 46.20
C GLU L 185 12.81 20.50 45.39
N ASP L 186 11.81 19.63 45.28
CA ASP L 186 12.02 18.38 44.56
C ASP L 186 11.75 18.52 43.06
N ALA L 187 11.47 19.75 42.61
CA ALA L 187 11.48 20.12 41.20
C ALA L 187 12.67 21.02 40.86
N THR L 188 13.75 20.94 41.63
CA THR L 188 14.97 21.65 41.33
C THR L 188 16.17 20.72 41.40
N HIS L 189 17.26 21.18 40.81
CA HIS L 189 18.52 20.47 40.93
C HIS L 189 19.66 21.47 40.85
N GLN L 190 20.67 21.26 41.68
CA GLN L 190 21.76 22.20 41.82
C GLN L 190 22.86 21.92 40.79
N ALA L 191 23.71 22.91 40.60
CA ALA L 191 24.95 22.77 39.85
C ALA L 191 26.11 22.88 40.84
N GLY L 192 26.76 21.76 41.10
CA GLY L 192 27.75 21.66 42.14
C GLY L 192 27.47 20.48 43.03
N PRO L 193 28.23 20.34 44.10
CA PRO L 193 27.97 19.27 45.07
C PRO L 193 26.65 19.48 45.81
N LYS L 194 26.23 18.40 46.47
CA LYS L 194 24.94 18.40 47.17
C LYS L 194 24.81 19.58 48.12
N PHE L 195 25.91 20.06 48.70
CA PHE L 195 25.80 21.17 49.65
C PHE L 195 25.25 22.43 48.97
N ALA L 196 25.37 22.53 47.64
CA ALA L 196 24.91 23.74 46.97
C ALA L 196 23.39 23.76 46.89
N GLN L 197 22.76 22.58 46.82
CA GLN L 197 21.31 22.48 46.90
C GLN L 197 20.84 22.90 48.28
N LYS L 198 21.46 22.32 49.30
CA LYS L 198 21.17 22.63 50.69
C LYS L 198 21.29 24.11 50.98
N ALA L 199 22.42 24.72 50.60
CA ALA L 199 22.65 26.12 50.92
C ALA L 199 21.66 27.03 50.19
N ALA L 200 21.32 26.68 48.94
CA ALA L 200 20.38 27.48 48.18
C ALA L 200 19.03 27.52 48.88
N LEU L 201 18.49 26.33 49.20
CA LEU L 201 17.22 26.28 49.89
C LEU L 201 17.27 27.01 51.22
N PHE L 202 18.36 26.82 51.98
CA PHE L 202 18.50 27.53 53.25
C PHE L 202 18.49 29.03 53.04
N ASN L 203 19.21 29.52 52.03
CA ASN L 203 19.23 30.96 51.79
C ASN L 203 17.86 31.46 51.39
N ILE L 204 17.15 30.71 50.56
CA ILE L 204 15.81 31.13 50.17
C ILE L 204 14.88 31.14 51.38
N GLU L 205 14.84 30.04 52.11
CA GLU L 205 13.92 29.93 53.24
C GLU L 205 14.18 31.00 54.29
N THR L 206 15.45 31.24 54.59
CA THR L 206 15.81 32.09 55.71
C THR L 206 15.73 33.56 55.36
N PHE L 207 15.99 33.92 54.10
CA PHE L 207 16.09 35.35 53.75
C PHE L 207 15.23 35.85 52.61
N PHE L 208 14.87 35.02 51.63
CA PHE L 208 14.32 35.55 50.37
C PHE L 208 12.91 35.10 50.04
N GLY L 209 12.48 33.92 50.48
CA GLY L 209 11.20 33.40 50.06
C GLY L 209 10.78 32.18 50.85
N TRP L 210 10.17 31.22 50.15
CA TRP L 210 9.51 30.07 50.76
C TRP L 210 9.85 28.81 49.99
N VAL L 211 9.92 27.70 50.72
CA VAL L 211 10.23 26.40 50.16
C VAL L 211 9.05 25.46 50.39
N SER L 212 8.65 24.76 49.34
CA SER L 212 7.61 23.73 49.44
C SER L 212 8.00 22.60 48.48
N ASP L 213 7.07 21.73 48.16
CA ASP L 213 7.38 20.62 47.25
C ASP L 213 6.20 20.42 46.31
N VAL L 214 6.41 19.56 45.31
CA VAL L 214 5.43 19.42 44.26
C VAL L 214 4.13 18.83 44.79
N GLU L 215 4.21 17.81 45.63
CA GLU L 215 3.00 17.15 46.14
C GLU L 215 2.15 18.13 46.95
N THR L 216 2.78 18.86 47.87
CA THR L 216 2.07 19.89 48.62
C THR L 216 1.45 20.92 47.68
N PHE L 217 2.20 21.35 46.67
CA PHE L 217 1.72 22.32 45.69
C PHE L 217 0.53 21.80 44.89
N CYS L 218 0.58 20.54 44.44
CA CYS L 218 -0.55 20.01 43.65
C CYS L 218 -1.81 19.86 44.50
N ASP L 219 -1.66 19.36 45.74
CA ASP L 219 -2.80 19.24 46.64
C ASP L 219 -3.42 20.61 46.95
N ALA L 220 -2.58 21.63 47.16
CA ALA L 220 -3.11 22.94 47.49
C ALA L 220 -3.95 23.49 46.35
N LEU L 221 -3.61 23.16 45.12
CA LEU L 221 -4.29 23.75 43.97
C LEU L 221 -5.61 23.08 43.66
N SER L 222 -5.85 21.88 44.20
CA SER L 222 -7.01 21.09 43.78
C SER L 222 -8.33 21.87 43.75
N PRO L 223 -8.71 22.61 44.79
CA PRO L 223 -10.04 23.25 44.76
C PRO L 223 -10.28 24.27 43.62
N THR M 2 37.28 -39.54 -53.08
CA THR M 2 37.66 -40.34 -51.92
C THR M 2 36.99 -41.71 -52.03
N THR M 3 37.69 -42.75 -51.56
CA THR M 3 37.14 -44.11 -51.53
C THR M 3 36.73 -44.42 -50.10
N LEU M 4 35.51 -44.95 -49.92
CA LEU M 4 35.09 -45.47 -48.63
C LEU M 4 34.94 -46.98 -48.74
N THR M 5 35.74 -47.72 -47.97
CA THR M 5 35.57 -49.16 -47.88
C THR M 5 34.24 -49.47 -47.23
N ALA M 6 33.44 -50.33 -47.87
CA ALA M 6 32.07 -50.56 -47.43
C ALA M 6 31.65 -51.93 -47.94
N ARG M 7 30.60 -52.46 -47.31
CA ARG M 7 29.88 -53.61 -47.82
C ARG M 7 28.69 -53.15 -48.66
N PRO M 8 28.37 -53.82 -49.77
CA PRO M 8 29.06 -55.02 -50.27
C PRO M 8 30.35 -54.75 -51.04
N GLU M 9 30.59 -53.51 -51.43
CA GLU M 9 31.84 -53.12 -52.09
C GLU M 9 32.12 -51.66 -51.78
N ALA M 10 33.38 -51.29 -51.97
CA ALA M 10 33.76 -49.92 -51.71
C ALA M 10 33.03 -48.97 -52.65
N ILE M 11 32.88 -47.73 -52.20
CA ILE M 11 32.26 -46.69 -53.00
C ILE M 11 33.19 -45.49 -53.04
N THR M 12 32.90 -44.60 -53.99
CA THR M 12 33.62 -43.35 -54.16
C THR M 12 32.63 -42.22 -53.95
N PHE M 13 33.08 -41.15 -53.29
CA PHE M 13 32.20 -40.03 -53.00
C PHE M 13 33.08 -38.81 -52.83
N ASP M 14 32.47 -37.65 -52.89
CA ASP M 14 33.17 -36.42 -52.59
C ASP M 14 32.59 -35.92 -51.29
N PRO M 15 33.35 -35.89 -50.19
CA PRO M 15 32.75 -35.51 -48.90
C PRO M 15 32.10 -34.15 -48.94
N GLN M 16 32.58 -33.23 -49.80
CA GLN M 16 31.95 -31.91 -49.81
C GLN M 16 30.60 -31.95 -50.49
N GLN M 17 30.33 -32.92 -51.37
CA GLN M 17 29.01 -33.11 -51.96
C GLN M 17 28.22 -34.20 -51.24
N SER M 18 28.43 -34.32 -49.93
CA SER M 18 27.86 -35.35 -49.11
C SER M 18 27.30 -34.73 -47.84
N ALA M 19 26.53 -35.50 -47.11
CA ALA M 19 25.94 -35.06 -45.86
C ALA M 19 26.00 -36.18 -44.84
N LEU M 20 26.31 -35.82 -43.60
CA LEU M 20 26.22 -36.74 -42.48
C LEU M 20 24.90 -36.46 -41.80
N ILE M 21 24.04 -37.47 -41.72
CA ILE M 21 22.72 -37.35 -41.13
C ILE M 21 22.74 -38.07 -39.80
N VAL M 22 22.39 -37.34 -38.73
CA VAL M 22 22.32 -37.88 -37.38
C VAL M 22 20.85 -38.01 -37.04
N VAL M 23 20.32 -39.24 -37.11
CA VAL M 23 18.90 -39.49 -36.98
C VAL M 23 18.50 -39.61 -35.52
N ASP M 24 17.75 -38.62 -35.03
CA ASP M 24 16.95 -38.74 -33.82
C ASP M 24 17.77 -39.17 -32.60
N MET M 25 18.91 -38.52 -32.39
CA MET M 25 19.72 -38.80 -31.22
C MET M 25 19.22 -37.98 -30.02
N GLN M 26 17.95 -38.24 -29.70
CA GLN M 26 17.21 -37.57 -28.64
C GLN M 26 17.15 -38.46 -27.41
N ASN M 27 16.85 -37.85 -26.26
CA ASN M 27 16.66 -38.67 -25.08
C ASN M 27 15.63 -39.78 -25.33
N ALA M 28 14.60 -39.48 -26.12
CA ALA M 28 13.56 -40.46 -26.44
C ALA M 28 14.15 -41.79 -26.92
N TYR M 29 15.21 -41.73 -27.73
CA TYR M 29 15.71 -42.93 -28.41
C TYR M 29 17.03 -43.45 -27.86
N ALA M 30 17.73 -42.66 -27.06
CA ALA M 30 19.06 -43.04 -26.62
C ALA M 30 19.22 -43.15 -25.10
N THR M 31 18.42 -42.45 -24.33
CA THR M 31 18.66 -42.19 -22.91
C THR M 31 17.75 -43.03 -22.02
N PRO M 32 18.29 -43.61 -20.95
CA PRO M 32 17.42 -44.28 -19.98
C PRO M 32 16.34 -43.36 -19.45
N GLY M 33 15.13 -43.91 -19.33
CA GLY M 33 13.97 -43.14 -18.96
C GLY M 33 13.30 -42.43 -20.11
N GLY M 34 13.93 -42.38 -21.29
CA GLY M 34 13.30 -41.81 -22.45
C GLY M 34 12.21 -42.72 -23.00
N TYR M 35 11.49 -42.19 -24.01
CA TYR M 35 10.40 -42.91 -24.64
C TYR M 35 10.73 -44.39 -24.90
N LEU M 36 11.82 -44.68 -25.60
CA LEU M 36 12.06 -46.06 -26.01
C LEU M 36 12.20 -46.98 -24.79
N ASP M 37 12.96 -46.56 -23.79
CA ASP M 37 13.07 -47.32 -22.56
C ASP M 37 11.70 -47.54 -21.93
N LEU M 38 10.93 -46.46 -21.79
CA LEU M 38 9.62 -46.55 -21.15
C LEU M 38 8.68 -47.46 -21.94
N ALA M 39 8.85 -47.54 -23.25
CA ALA M 39 8.00 -48.38 -24.10
C ALA M 39 8.41 -49.84 -24.06
N GLY M 40 9.57 -50.16 -23.51
CA GLY M 40 10.00 -51.55 -23.37
C GLY M 40 11.21 -51.94 -24.19
N PHE M 41 11.76 -51.04 -24.99
CA PHE M 41 12.94 -51.34 -25.80
C PHE M 41 14.21 -51.15 -24.98
N ASP M 42 15.24 -51.90 -25.36
CA ASP M 42 16.54 -51.88 -24.68
C ASP M 42 17.36 -50.71 -25.19
N VAL M 43 17.68 -49.76 -24.30
CA VAL M 43 18.56 -48.65 -24.62
C VAL M 43 19.81 -48.64 -23.74
N SER M 44 20.06 -49.71 -23.00
CA SER M 44 21.18 -49.79 -22.07
C SER M 44 22.54 -49.78 -22.75
N THR M 45 22.60 -49.92 -24.08
CA THR M 45 23.85 -50.10 -24.78
C THR M 45 24.15 -48.96 -25.76
N THR M 46 23.45 -47.84 -25.64
CA THR M 46 23.62 -46.74 -26.59
C THR M 46 24.79 -45.82 -26.25
N ARG M 47 25.53 -46.07 -25.17
CA ARG M 47 26.61 -45.15 -24.80
C ARG M 47 27.73 -45.13 -25.86
N PRO M 48 28.20 -46.29 -26.34
CA PRO M 48 29.18 -46.24 -27.45
C PRO M 48 28.64 -45.54 -28.68
N VAL M 49 27.34 -45.70 -28.98
CA VAL M 49 26.79 -45.09 -30.19
C VAL M 49 26.96 -43.58 -30.13
N ILE M 50 26.62 -42.97 -28.98
CA ILE M 50 26.74 -41.52 -28.84
C ILE M 50 28.17 -41.09 -29.09
N ALA M 51 29.13 -41.81 -28.52
CA ALA M 51 30.53 -41.42 -28.69
C ALA M 51 30.98 -41.62 -30.12
N ASN M 52 30.54 -42.72 -30.75
CA ASN M 52 30.91 -42.99 -32.14
C ASN M 52 30.36 -41.91 -33.07
N ILE M 53 29.14 -41.44 -32.81
CA ILE M 53 28.59 -40.33 -33.59
C ILE M 53 29.42 -39.05 -33.38
N GLN M 54 29.79 -38.74 -32.14
CA GLN M 54 30.64 -37.58 -31.92
C GLN M 54 31.90 -37.66 -32.78
N THR M 55 32.51 -38.85 -32.83
CA THR M 55 33.72 -39.03 -33.63
C THR M 55 33.43 -38.83 -35.11
N ALA M 56 32.32 -39.40 -35.60
CA ALA M 56 31.96 -39.25 -36.99
C ALA M 56 31.64 -37.80 -37.33
N VAL M 57 30.93 -37.12 -36.42
CA VAL M 57 30.56 -35.73 -36.67
C VAL M 57 31.79 -34.83 -36.76
N THR M 58 32.76 -35.05 -35.88
CA THR M 58 33.97 -34.25 -35.90
C THR M 58 34.71 -34.40 -37.21
N ALA M 59 34.85 -35.64 -37.69
CA ALA M 59 35.54 -35.88 -38.95
C ALA M 59 34.77 -35.29 -40.12
N ALA M 60 33.45 -35.49 -40.14
CA ALA M 60 32.64 -34.96 -41.23
C ALA M 60 32.78 -33.45 -41.33
N ARG M 61 32.60 -32.76 -40.21
CA ARG M 61 32.60 -31.30 -40.28
C ARG M 61 33.97 -30.78 -40.74
N ALA M 62 35.04 -31.42 -40.30
CA ALA M 62 36.37 -31.00 -40.74
C ALA M 62 36.64 -31.31 -42.20
N ALA M 63 35.93 -32.27 -42.80
CA ALA M 63 36.09 -32.56 -44.22
C ALA M 63 35.21 -31.68 -45.11
N GLY M 64 34.41 -30.78 -44.52
CA GLY M 64 33.47 -29.99 -45.31
C GLY M 64 32.16 -30.68 -45.60
N MET M 65 31.84 -31.72 -44.86
CA MET M 65 30.60 -32.46 -45.02
C MET M 65 29.50 -31.80 -44.20
N LEU M 66 28.40 -31.42 -44.86
CA LEU M 66 27.23 -30.91 -44.16
C LEU M 66 26.76 -31.91 -43.10
N ILE M 67 26.41 -31.37 -41.93
CA ILE M 67 25.81 -32.12 -40.84
C ILE M 67 24.34 -31.74 -40.74
N ILE M 68 23.48 -32.74 -40.81
CA ILE M 68 22.04 -32.56 -40.63
C ILE M 68 21.64 -33.42 -39.43
N TRP M 69 21.04 -32.78 -38.42
CA TRP M 69 20.49 -33.44 -37.25
C TRP M 69 18.97 -33.51 -37.40
N PHE M 70 18.39 -34.66 -37.09
CA PHE M 70 16.94 -34.78 -37.07
C PHE M 70 16.45 -34.86 -35.63
N GLN M 71 15.31 -34.22 -35.37
CA GLN M 71 14.55 -34.45 -34.16
C GLN M 71 13.16 -34.91 -34.55
N ASN M 72 12.76 -36.08 -34.05
CA ASN M 72 11.46 -36.65 -34.34
C ASN M 72 10.48 -36.27 -33.24
N GLY M 73 9.33 -35.75 -33.62
CA GLY M 73 8.29 -35.48 -32.65
C GLY M 73 7.31 -34.42 -33.11
N TRP M 74 6.52 -33.98 -32.13
CA TRP M 74 5.32 -33.22 -32.42
C TRP M 74 5.05 -32.19 -31.32
N ASP M 75 4.08 -31.34 -31.60
CA ASP M 75 3.52 -30.46 -30.59
C ASP M 75 3.06 -31.25 -29.37
N GLU M 76 3.02 -30.60 -28.21
CA GLU M 76 2.66 -31.30 -26.99
C GLU M 76 1.20 -31.81 -27.00
N GLN M 77 0.34 -31.25 -27.85
CA GLN M 77 -1.01 -31.76 -28.06
C GLN M 77 -1.05 -32.91 -29.07
N TYR M 78 0.06 -33.20 -29.75
CA TYR M 78 0.17 -34.30 -30.71
C TYR M 78 -0.78 -34.16 -31.88
N VAL M 79 -1.17 -32.93 -32.21
CA VAL M 79 -1.86 -32.66 -33.46
C VAL M 79 -1.01 -33.18 -34.62
N GLU M 80 0.28 -32.92 -34.58
CA GLU M 80 1.18 -33.27 -35.67
C GLU M 80 1.43 -34.76 -35.77
N ALA M 81 1.04 -35.55 -34.76
CA ALA M 81 1.13 -37.00 -34.87
C ALA M 81 -0.01 -37.58 -35.69
N GLY M 82 -1.03 -36.78 -35.99
CA GLY M 82 -2.22 -37.25 -36.66
C GLY M 82 -3.22 -37.86 -35.70
N GLY M 83 -4.48 -37.67 -35.99
CA GLY M 83 -5.50 -38.21 -35.15
C GLY M 83 -5.85 -39.61 -35.60
N PRO M 84 -7.01 -40.12 -35.17
CA PRO M 84 -7.38 -41.51 -35.52
C PRO M 84 -7.47 -41.79 -37.01
N GLY M 85 -7.56 -40.75 -37.85
CA GLY M 85 -7.54 -40.94 -39.27
C GLY M 85 -6.17 -41.25 -39.85
N SER M 86 -5.13 -41.23 -39.04
CA SER M 86 -3.78 -41.50 -39.51
C SER M 86 -3.31 -42.83 -38.95
N PRO M 87 -2.65 -43.68 -39.76
CA PRO M 87 -2.05 -44.89 -39.18
C PRO M 87 -1.03 -44.57 -38.10
N ASN M 88 -0.40 -43.41 -38.14
CA ASN M 88 0.63 -43.10 -37.14
C ASN M 88 -0.01 -43.03 -35.75
N PHE M 89 -1.23 -42.52 -35.67
CA PHE M 89 -1.95 -42.46 -34.40
C PHE M 89 -2.11 -43.85 -33.79
N HIS M 90 -2.33 -44.86 -34.64
CA HIS M 90 -2.55 -46.24 -34.21
C HIS M 90 -1.28 -47.06 -34.09
N LYS M 91 -0.20 -46.70 -34.80
CA LYS M 91 1.03 -47.45 -34.72
C LYS M 91 2.04 -46.85 -33.72
N SER M 92 1.89 -45.58 -33.38
CA SER M 92 2.89 -44.90 -32.57
C SER M 92 3.07 -45.61 -31.22
N ASN M 93 4.27 -46.14 -30.99
CA ASN M 93 4.54 -46.72 -29.69
C ASN M 93 4.68 -45.66 -28.59
N ALA M 94 5.05 -44.43 -28.93
CA ALA M 94 5.06 -43.37 -27.92
C ALA M 94 3.65 -43.07 -27.44
N LEU M 95 2.72 -42.86 -28.39
CA LEU M 95 1.33 -42.69 -28.03
C LEU M 95 0.81 -43.87 -27.22
N LYS M 96 1.05 -45.09 -27.71
CA LYS M 96 0.63 -46.28 -26.98
C LYS M 96 1.11 -46.25 -25.53
N THR M 97 2.34 -45.80 -25.32
CA THR M 97 2.89 -45.76 -23.96
C THR M 97 2.16 -44.75 -23.10
N MET M 98 1.92 -43.55 -23.66
CA MET M 98 1.23 -42.50 -22.92
C MET M 98 -0.23 -42.80 -22.70
N ARG M 99 -0.82 -43.71 -23.50
CA ARG M 99 -2.19 -44.14 -23.26
C ARG M 99 -2.28 -45.17 -22.15
N LYS M 100 -1.29 -46.06 -21.98
CA LYS M 100 -1.31 -46.92 -20.81
C LYS M 100 -0.95 -46.13 -19.54
N GLN M 101 0.00 -45.20 -19.66
CA GLN M 101 0.53 -44.47 -18.53
C GLN M 101 0.16 -42.99 -18.62
N PRO M 102 -1.05 -42.61 -18.21
CA PRO M 102 -1.47 -41.20 -18.39
C PRO M 102 -0.54 -40.21 -17.74
N GLN M 103 0.29 -40.66 -16.78
CA GLN M 103 1.27 -39.79 -16.14
C GLN M 103 2.28 -39.25 -17.16
N LEU M 104 2.52 -39.98 -18.23
CA LEU M 104 3.47 -39.57 -19.25
C LEU M 104 2.85 -38.69 -20.33
N GLN M 105 1.53 -38.49 -20.33
CA GLN M 105 0.87 -37.74 -21.40
C GLN M 105 1.57 -36.42 -21.61
N GLY M 106 1.81 -36.09 -22.89
CA GLY M 106 2.40 -34.85 -23.27
C GLY M 106 3.88 -34.75 -23.01
N LYS M 107 4.49 -35.79 -22.45
CA LYS M 107 5.90 -35.75 -22.11
C LYS M 107 6.80 -36.51 -23.09
N LEU M 108 6.26 -37.42 -23.88
CA LEU M 108 7.06 -38.18 -24.83
C LEU M 108 7.01 -37.52 -26.21
N LEU M 109 8.17 -37.39 -26.83
CA LEU M 109 8.26 -36.90 -28.20
C LEU M 109 7.56 -35.58 -28.38
N ALA M 110 7.59 -34.74 -27.33
CA ALA M 110 6.88 -33.47 -27.34
C ALA M 110 7.87 -32.31 -27.43
N LYS M 111 7.68 -31.47 -28.44
CA LYS M 111 8.51 -30.29 -28.59
C LYS M 111 8.54 -29.50 -27.28
N GLY M 112 9.75 -29.17 -26.82
CA GLY M 112 9.97 -28.49 -25.56
C GLY M 112 10.30 -29.42 -24.40
N SER M 113 10.13 -30.72 -24.58
CA SER M 113 10.26 -31.68 -23.50
C SER M 113 11.68 -32.24 -23.45
N TRP M 114 12.05 -32.74 -22.27
CA TRP M 114 13.34 -33.42 -22.14
C TRP M 114 13.45 -34.58 -23.12
N ASP M 115 12.37 -35.36 -23.25
CA ASP M 115 12.36 -36.52 -24.14
C ASP M 115 12.78 -36.13 -25.55
N TYR M 116 12.31 -34.98 -26.03
CA TYR M 116 12.52 -34.51 -27.39
C TYR M 116 13.92 -33.95 -27.61
N GLN M 117 14.57 -33.47 -26.56
CA GLN M 117 15.86 -32.83 -26.72
C GLN M 117 16.89 -33.83 -27.23
N LEU M 118 17.89 -33.30 -27.96
CA LEU M 118 19.07 -34.07 -28.28
C LEU M 118 19.82 -34.42 -26.99
N VAL M 119 20.41 -35.61 -26.94
CA VAL M 119 21.16 -36.00 -25.76
C VAL M 119 22.17 -34.90 -25.45
N ASP M 120 22.47 -34.72 -24.15
CA ASP M 120 23.33 -33.60 -23.77
C ASP M 120 24.69 -33.68 -24.44
N GLU M 121 25.18 -34.89 -24.71
CA GLU M 121 26.52 -35.03 -25.31
C GLU M 121 26.60 -34.52 -26.74
N LEU M 122 25.48 -34.36 -27.44
CA LEU M 122 25.55 -34.03 -28.87
C LEU M 122 25.02 -32.62 -29.09
N VAL M 123 25.87 -31.74 -29.57
CA VAL M 123 25.55 -30.34 -29.67
C VAL M 123 25.67 -29.83 -31.09
N PRO M 124 24.55 -29.54 -31.79
CA PRO M 124 24.66 -28.93 -33.11
C PRO M 124 25.50 -27.67 -33.06
N GLN M 125 26.20 -27.41 -34.15
CA GLN M 125 27.11 -26.27 -34.27
C GLN M 125 26.65 -25.34 -35.38
N PRO M 126 27.04 -24.07 -35.33
CA PRO M 126 26.69 -23.16 -36.44
C PRO M 126 27.14 -23.74 -37.77
N GLY M 127 26.30 -23.59 -38.77
CA GLY M 127 26.50 -24.23 -40.05
C GLY M 127 25.81 -25.58 -40.20
N ASP M 128 25.52 -26.25 -39.10
CA ASP M 128 24.70 -27.45 -39.19
C ASP M 128 23.25 -27.07 -39.46
N ILE M 129 22.49 -28.03 -39.99
CA ILE M 129 21.04 -27.93 -40.09
C ILE M 129 20.39 -28.87 -39.08
N VAL M 130 19.44 -28.36 -38.31
CA VAL M 130 18.63 -29.18 -37.41
C VAL M 130 17.21 -29.19 -37.95
N LEU M 131 16.70 -30.38 -38.27
CA LEU M 131 15.38 -30.47 -38.86
C LEU M 131 14.44 -31.32 -38.00
N PRO M 132 13.24 -30.83 -37.70
CA PRO M 132 12.23 -31.70 -37.11
C PRO M 132 11.55 -32.54 -38.18
N LYS M 133 11.04 -33.69 -37.76
CA LYS M 133 10.30 -34.56 -38.66
C LYS M 133 9.15 -35.19 -37.90
N PRO M 134 7.98 -35.29 -38.54
CA PRO M 134 6.81 -35.84 -37.85
C PRO M 134 6.57 -37.34 -38.02
N ARG M 135 7.32 -38.01 -38.89
CA ARG M 135 7.18 -39.45 -39.13
C ARG M 135 8.56 -40.08 -39.22
N TYR M 136 8.62 -41.40 -39.27
CA TYR M 136 9.92 -42.07 -39.22
C TYR M 136 10.85 -41.59 -40.32
N SER M 137 10.35 -41.51 -41.57
CA SER M 137 11.21 -41.14 -42.69
C SER M 137 11.45 -39.63 -42.74
N GLY M 138 12.73 -39.25 -42.80
CA GLY M 138 13.11 -37.86 -42.91
C GLY M 138 12.73 -37.23 -44.22
N PHE M 139 12.43 -38.03 -45.24
CA PHE M 139 12.11 -37.46 -46.54
C PHE M 139 10.64 -37.12 -46.71
N PHE M 140 9.73 -37.68 -45.90
CA PHE M 140 8.33 -37.28 -46.00
C PHE M 140 8.02 -36.08 -45.10
N ASN M 141 7.30 -35.13 -45.67
CA ASN M 141 6.70 -34.01 -44.95
C ASN M 141 7.72 -32.99 -44.49
N THR M 142 8.91 -32.99 -45.07
CA THR M 142 9.99 -32.10 -44.65
C THR M 142 10.65 -31.48 -45.88
N PRO M 143 11.53 -30.50 -45.65
CA PRO M 143 12.34 -29.95 -46.75
C PRO M 143 13.67 -30.66 -46.99
N LEU M 144 13.83 -31.90 -46.50
CA LEU M 144 15.14 -32.55 -46.58
C LEU M 144 15.60 -32.68 -48.02
N ASP M 145 14.72 -33.17 -48.91
CA ASP M 145 15.12 -33.37 -50.30
C ASP M 145 15.53 -32.05 -50.94
N SER M 146 14.75 -30.99 -50.71
CA SER M 146 15.09 -29.67 -51.20
C SER M 146 16.44 -29.20 -50.69
N ILE M 147 16.71 -29.40 -49.40
CA ILE M 147 17.96 -28.94 -48.80
C ILE M 147 19.14 -29.62 -49.47
N LEU M 148 19.05 -30.94 -49.60
CA LEU M 148 20.13 -31.71 -50.22
C LEU M 148 20.31 -31.32 -51.68
N ARG M 149 19.19 -31.25 -52.42
CA ARG M 149 19.26 -30.91 -53.85
C ARG M 149 19.84 -29.53 -54.07
N SER M 150 19.43 -28.56 -53.22
CA SER M 150 19.95 -27.20 -53.32
C SER M 150 21.46 -27.12 -53.17
N ARG M 151 22.08 -28.10 -52.54
CA ARG M 151 23.52 -28.12 -52.34
C ARG M 151 24.23 -29.15 -53.22
N GLY M 152 23.53 -29.77 -54.16
CA GLY M 152 24.14 -30.75 -55.06
C GLY M 152 24.64 -32.00 -54.37
N ILE M 153 24.02 -32.39 -53.29
CA ILE M 153 24.45 -33.50 -52.47
C ILE M 153 23.80 -34.76 -53.01
N ARG M 154 24.62 -35.79 -53.24
CA ARG M 154 24.13 -37.07 -53.72
C ARG M 154 24.48 -38.23 -52.81
N HIS M 155 25.37 -38.05 -51.85
CA HIS M 155 25.76 -39.11 -50.92
C HIS M 155 25.36 -38.70 -49.51
N LEU M 156 24.74 -39.65 -48.79
CA LEU M 156 24.20 -39.50 -47.45
C LEU M 156 24.83 -40.57 -46.58
N VAL M 157 25.45 -40.15 -45.47
CA VAL M 157 26.05 -41.06 -44.50
C VAL M 157 25.16 -41.01 -43.26
N PHE M 158 24.55 -42.13 -42.92
CA PHE M 158 23.53 -42.18 -41.88
C PHE M 158 24.10 -42.71 -40.57
N THR M 159 23.67 -42.07 -39.48
CA THR M 159 23.89 -42.52 -38.11
C THR M 159 22.59 -42.31 -37.34
N GLY M 160 22.49 -42.96 -36.19
CA GLY M 160 21.43 -42.68 -35.24
C GLY M 160 20.55 -43.88 -34.93
N ILE M 161 19.35 -43.58 -34.45
CA ILE M 161 18.43 -44.53 -33.85
C ILE M 161 17.02 -44.23 -34.35
N ALA M 162 16.24 -45.26 -34.69
CA ALA M 162 16.62 -46.68 -34.69
C ALA M 162 17.09 -47.16 -36.09
N THR M 163 18.06 -48.08 -36.10
CA THR M 163 18.61 -48.59 -37.37
C THR M 163 17.51 -49.03 -38.30
N ASN M 164 16.53 -49.77 -37.77
CA ASN M 164 15.53 -50.46 -38.57
C ASN M 164 14.29 -49.62 -38.84
N VAL M 165 14.19 -48.40 -38.28
CA VAL M 165 12.96 -47.64 -38.40
C VAL M 165 13.22 -46.28 -39.02
N SER M 166 13.50 -45.25 -38.21
CA SER M 166 13.76 -43.93 -38.81
C SER M 166 15.03 -43.94 -39.68
N VAL M 167 16.06 -44.64 -39.24
CA VAL M 167 17.29 -44.67 -40.04
C VAL M 167 17.03 -45.38 -41.37
N GLU M 168 16.62 -46.66 -41.31
CA GLU M 168 16.43 -47.41 -42.53
C GLU M 168 15.34 -46.80 -43.41
N SER M 169 14.24 -46.32 -42.82
CA SER M 169 13.18 -45.72 -43.63
C SER M 169 13.71 -44.53 -44.40
N THR M 170 14.55 -43.70 -43.77
CA THR M 170 15.06 -42.51 -44.43
C THR M 170 16.03 -42.91 -45.54
N LEU M 171 16.82 -43.96 -45.30
CA LEU M 171 17.79 -44.41 -46.29
C LEU M 171 17.08 -45.06 -47.48
N ARG M 172 16.07 -45.89 -47.23
CA ARG M 172 15.32 -46.49 -48.34
C ARG M 172 14.66 -45.41 -49.20
N ASP M 173 14.02 -44.42 -48.56
CA ASP M 173 13.44 -43.35 -49.35
C ASP M 173 14.50 -42.52 -50.07
N GLY M 174 15.66 -42.30 -49.43
CA GLY M 174 16.75 -41.64 -50.13
C GLY M 174 17.10 -42.38 -51.40
N PHE M 175 17.21 -43.71 -51.32
CA PHE M 175 17.47 -44.52 -52.51
C PHE M 175 16.41 -44.28 -53.57
N PHE M 176 15.13 -44.21 -53.17
CA PHE M 176 14.10 -43.96 -54.16
C PHE M 176 14.16 -42.55 -54.72
N LEU M 177 14.82 -41.62 -54.03
CA LEU M 177 15.06 -40.29 -54.57
C LEU M 177 16.47 -40.17 -55.20
N GLU M 178 17.13 -41.31 -55.47
CA GLU M 178 18.39 -41.40 -56.23
C GLU M 178 19.58 -40.85 -55.43
N TYR M 179 19.47 -40.95 -54.10
CA TYR M 179 20.60 -40.70 -53.21
C TYR M 179 21.36 -41.99 -52.92
N PHE M 180 22.68 -41.88 -52.80
CA PHE M 180 23.55 -42.98 -52.43
C PHE M 180 23.70 -42.96 -50.91
N GLY M 181 23.23 -44.00 -50.24
CA GLY M 181 23.14 -44.02 -48.78
C GLY M 181 24.11 -45.03 -48.15
N VAL M 182 24.90 -44.53 -47.21
CA VAL M 182 25.78 -45.33 -46.37
C VAL M 182 25.27 -45.27 -44.94
N VAL M 183 25.39 -46.37 -44.22
CA VAL M 183 25.08 -46.41 -42.79
C VAL M 183 26.35 -46.82 -42.07
N LEU M 184 26.72 -46.06 -41.04
CA LEU M 184 27.85 -46.43 -40.20
C LEU M 184 27.31 -47.30 -39.07
N GLU M 185 27.58 -48.60 -39.15
CA GLU M 185 26.80 -49.57 -38.35
C GLU M 185 27.04 -49.42 -36.85
N ASP M 186 28.26 -49.08 -36.45
CA ASP M 186 28.54 -48.88 -35.03
C ASP M 186 28.12 -47.51 -34.53
N ALA M 187 27.55 -46.66 -35.39
CA ALA M 187 26.93 -45.42 -35.00
C ALA M 187 25.41 -45.49 -35.09
N THR M 188 24.85 -46.70 -35.01
CA THR M 188 23.41 -46.89 -34.96
C THR M 188 23.07 -47.87 -33.85
N HIS M 189 21.80 -47.87 -33.46
CA HIS M 189 21.26 -48.90 -32.60
C HIS M 189 19.81 -49.16 -32.99
N GLN M 190 19.39 -50.40 -32.84
CA GLN M 190 18.08 -50.82 -33.32
C GLN M 190 17.01 -50.65 -32.26
N ALA M 191 15.77 -50.69 -32.69
CA ALA M 191 14.61 -50.77 -31.79
C ALA M 191 13.98 -52.13 -31.99
N GLY M 192 14.18 -53.03 -31.02
CA GLY M 192 13.77 -54.40 -31.15
C GLY M 192 14.87 -55.36 -30.71
N PRO M 193 14.65 -56.66 -30.91
CA PRO M 193 15.70 -57.63 -30.60
C PRO M 193 16.91 -57.44 -31.49
N LYS M 194 17.98 -58.22 -31.25
CA LYS M 194 19.23 -57.99 -31.95
C LYS M 194 19.12 -58.31 -33.43
N PHE M 195 18.24 -59.24 -33.82
CA PHE M 195 18.15 -59.55 -35.25
C PHE M 195 17.61 -58.36 -36.05
N ALA M 196 16.87 -57.45 -35.41
CA ALA M 196 16.41 -56.27 -36.13
C ALA M 196 17.57 -55.41 -36.58
N GLN M 197 18.65 -55.37 -35.80
CA GLN M 197 19.84 -54.66 -36.24
C GLN M 197 20.46 -55.34 -37.45
N LYS M 198 20.73 -56.63 -37.33
CA LYS M 198 21.41 -57.35 -38.39
C LYS M 198 20.55 -57.45 -39.64
N ALA M 199 19.23 -57.49 -39.48
CA ALA M 199 18.35 -57.52 -40.66
C ALA M 199 18.30 -56.16 -41.33
N ALA M 200 18.32 -55.09 -40.55
CA ALA M 200 18.38 -53.77 -41.17
C ALA M 200 19.67 -53.58 -41.97
N LEU M 201 20.80 -54.00 -41.41
CA LEU M 201 22.06 -53.90 -42.12
C LEU M 201 22.08 -54.81 -43.35
N PHE M 202 21.58 -56.04 -43.21
CA PHE M 202 21.49 -56.95 -44.36
C PHE M 202 20.64 -56.34 -45.48
N ASN M 203 19.47 -55.78 -45.12
CA ASN M 203 18.64 -55.13 -46.15
C ASN M 203 19.37 -53.98 -46.83
N ILE M 204 20.05 -53.14 -46.04
CA ILE M 204 20.73 -51.99 -46.61
C ILE M 204 21.87 -52.42 -47.53
N GLU M 205 22.73 -53.33 -47.04
CA GLU M 205 23.86 -53.79 -47.81
C GLU M 205 23.41 -54.44 -49.10
N THR M 206 22.35 -55.23 -49.04
CA THR M 206 21.97 -56.08 -50.16
C THR M 206 21.11 -55.37 -51.21
N PHE M 207 20.25 -54.45 -50.80
CA PHE M 207 19.30 -53.86 -51.72
C PHE M 207 19.33 -52.34 -51.83
N PHE M 208 19.74 -51.60 -50.78
CA PHE M 208 19.44 -50.17 -50.74
C PHE M 208 20.67 -49.28 -50.70
N GLY M 209 21.75 -49.72 -50.08
CA GLY M 209 22.91 -48.85 -49.96
C GLY M 209 24.15 -49.59 -49.49
N TRP M 210 24.93 -48.95 -48.62
CA TRP M 210 26.24 -49.44 -48.20
C TRP M 210 26.36 -49.37 -46.69
N VAL M 211 27.12 -50.32 -46.15
CA VAL M 211 27.40 -50.41 -44.72
C VAL M 211 28.88 -50.22 -44.50
N SER M 212 29.24 -49.23 -43.70
CA SER M 212 30.61 -49.03 -43.26
C SER M 212 30.60 -48.87 -41.74
N ASP M 213 31.66 -48.27 -41.18
CA ASP M 213 31.76 -48.03 -39.74
C ASP M 213 32.50 -46.73 -39.50
N VAL M 214 32.47 -46.23 -38.26
CA VAL M 214 32.95 -44.87 -37.98
C VAL M 214 34.44 -44.77 -38.24
N GLU M 215 35.21 -45.74 -37.77
CA GLU M 215 36.68 -45.70 -37.98
C GLU M 215 37.00 -45.69 -39.48
N THR M 216 36.36 -46.54 -40.25
CA THR M 216 36.67 -46.56 -41.67
C THR M 216 36.29 -45.23 -42.31
N PHE M 217 35.17 -44.67 -41.91
CA PHE M 217 34.72 -43.36 -42.38
C PHE M 217 35.75 -42.28 -42.06
N CYS M 218 36.15 -42.19 -40.80
CA CYS M 218 37.08 -41.14 -40.41
C CYS M 218 38.41 -41.25 -41.17
N ASP M 219 38.96 -42.47 -41.29
CA ASP M 219 40.21 -42.65 -42.03
C ASP M 219 40.06 -42.21 -43.48
N ALA M 220 38.92 -42.54 -44.10
CA ALA M 220 38.69 -42.13 -45.48
C ALA M 220 38.71 -40.62 -45.63
N LEU M 221 38.24 -39.90 -44.61
CA LEU M 221 38.15 -38.45 -44.68
C LEU M 221 39.48 -37.73 -44.42
N SER M 222 40.45 -38.42 -43.80
CA SER M 222 41.61 -37.70 -43.27
C SER M 222 42.38 -36.90 -44.31
N PRO M 223 42.65 -37.40 -45.54
CA PRO M 223 43.38 -36.54 -46.49
C PRO M 223 42.53 -35.47 -47.20
N THR N 2 -23.49 -30.74 -48.93
CA THR N 2 -23.68 -29.34 -49.30
C THR N 2 -23.35 -29.12 -50.77
N THR N 3 -24.07 -28.20 -51.41
CA THR N 3 -23.79 -27.79 -52.78
C THR N 3 -23.20 -26.40 -52.76
N LEU N 4 -22.15 -26.19 -53.55
CA LEU N 4 -21.53 -24.87 -53.70
C LEU N 4 -21.63 -24.44 -55.15
N THR N 5 -22.34 -23.34 -55.39
CA THR N 5 -22.39 -22.78 -56.74
C THR N 5 -21.02 -22.27 -57.14
N ALA N 6 -20.58 -22.64 -58.34
CA ALA N 6 -19.23 -22.34 -58.78
C ALA N 6 -19.19 -22.41 -60.29
N ARG N 7 -18.11 -21.84 -60.85
CA ARG N 7 -17.69 -21.99 -62.23
C ARG N 7 -16.62 -23.06 -62.34
N PRO N 8 -16.66 -23.93 -63.36
CA PRO N 8 -17.58 -23.94 -64.49
C PRO N 8 -18.97 -24.52 -64.19
N GLU N 9 -19.07 -25.27 -63.10
CA GLU N 9 -20.37 -25.71 -62.61
C GLU N 9 -20.32 -25.88 -61.10
N ALA N 10 -21.48 -26.10 -60.53
CA ALA N 10 -21.57 -26.33 -59.11
C ALA N 10 -20.96 -27.68 -58.74
N ILE N 11 -20.47 -27.76 -57.50
CA ILE N 11 -19.94 -28.99 -56.95
C ILE N 11 -20.66 -29.32 -55.65
N THR N 12 -20.45 -30.55 -55.17
CA THR N 12 -20.94 -30.98 -53.88
C THR N 12 -19.74 -31.29 -53.00
N PHE N 13 -19.88 -31.07 -51.69
CA PHE N 13 -18.81 -31.31 -50.76
C PHE N 13 -19.38 -31.35 -49.35
N ASP N 14 -18.62 -31.98 -48.43
CA ASP N 14 -18.97 -31.96 -47.02
C ASP N 14 -18.06 -30.97 -46.29
N PRO N 15 -18.61 -29.90 -45.70
CA PRO N 15 -17.74 -28.92 -45.03
C PRO N 15 -16.87 -29.53 -43.96
N GLN N 16 -17.36 -30.53 -43.23
CA GLN N 16 -16.55 -31.15 -42.20
C GLN N 16 -15.49 -32.08 -42.77
N GLN N 17 -15.56 -32.40 -44.06
CA GLN N 17 -14.49 -33.09 -44.78
C GLN N 17 -13.71 -32.14 -45.68
N SER N 18 -13.64 -30.86 -45.32
CA SER N 18 -13.06 -29.84 -46.17
C SER N 18 -12.18 -28.93 -45.34
N ALA N 19 -11.35 -28.15 -46.04
CA ALA N 19 -10.49 -27.17 -45.39
C ALA N 19 -10.52 -25.85 -46.14
N LEU N 20 -10.51 -24.75 -45.37
CA LEU N 20 -10.28 -23.42 -45.90
C LEU N 20 -8.81 -23.09 -45.69
N ILE N 21 -8.12 -22.79 -46.78
CA ILE N 21 -6.69 -22.48 -46.74
C ILE N 21 -6.52 -20.98 -46.96
N VAL N 22 -5.88 -20.32 -46.02
CA VAL N 22 -5.61 -18.90 -46.16
C VAL N 22 -4.13 -18.76 -46.48
N VAL N 23 -3.84 -18.43 -47.72
CA VAL N 23 -2.48 -18.47 -48.25
C VAL N 23 -1.82 -17.12 -47.98
N ASP N 24 -0.85 -17.13 -47.08
CA ASP N 24 0.18 -16.10 -47.02
C ASP N 24 -0.37 -14.68 -46.86
N MET N 25 -1.40 -14.54 -46.02
CA MET N 25 -1.94 -13.20 -45.73
C MET N 25 -1.07 -12.49 -44.68
N GLN N 26 0.17 -12.22 -45.10
CA GLN N 26 1.20 -11.58 -44.29
C GLN N 26 1.43 -10.15 -44.80
N ASN N 27 2.11 -9.33 -43.99
CA ASN N 27 2.41 -7.96 -44.44
C ASN N 27 3.22 -7.97 -45.74
N ALA N 28 4.13 -8.94 -45.89
CA ALA N 28 4.88 -9.12 -47.14
C ALA N 28 3.98 -9.12 -48.37
N TYR N 29 2.82 -9.75 -48.31
CA TYR N 29 2.02 -9.92 -49.51
C TYR N 29 0.80 -9.01 -49.60
N ALA N 30 0.38 -8.38 -48.50
CA ALA N 30 -0.83 -7.56 -48.53
C ALA N 30 -0.66 -6.11 -48.08
N THR N 31 0.43 -5.76 -47.44
CA THR N 31 0.47 -4.48 -46.74
C THR N 31 1.41 -3.49 -47.44
N PRO N 32 1.02 -2.24 -47.61
CA PRO N 32 1.98 -1.26 -48.14
C PRO N 32 3.25 -1.24 -47.31
N GLY N 33 4.40 -1.16 -48.00
CA GLY N 33 5.69 -1.24 -47.37
C GLY N 33 6.24 -2.63 -47.18
N GLY N 34 5.43 -3.68 -47.39
CA GLY N 34 5.91 -5.04 -47.34
C GLY N 34 6.66 -5.43 -48.60
N TYR N 35 7.22 -6.64 -48.54
CA TYR N 35 7.95 -7.23 -49.67
C TYR N 35 7.35 -6.90 -51.03
N LEU N 36 6.15 -7.40 -51.33
CA LEU N 36 5.61 -7.21 -52.67
C LEU N 36 5.61 -5.74 -53.07
N ASP N 37 5.15 -4.85 -52.18
CA ASP N 37 5.19 -3.42 -52.46
C ASP N 37 6.61 -2.97 -52.82
N LEU N 38 7.60 -3.37 -52.02
CA LEU N 38 8.98 -2.96 -52.28
C LEU N 38 9.48 -3.52 -53.61
N ALA N 39 8.99 -4.69 -54.00
CA ALA N 39 9.45 -5.33 -55.22
C ALA N 39 8.72 -4.83 -56.44
N GLY N 40 7.85 -3.83 -56.30
CA GLY N 40 7.23 -3.19 -57.43
C GLY N 40 5.85 -3.69 -57.78
N PHE N 41 5.34 -4.66 -57.04
CA PHE N 41 3.97 -5.13 -57.21
C PHE N 41 3.00 -4.24 -56.46
N ASP N 42 1.78 -4.16 -56.97
CA ASP N 42 0.76 -3.27 -56.40
C ASP N 42 -0.08 -4.04 -55.39
N VAL N 43 -0.08 -3.55 -54.16
CA VAL N 43 -0.84 -4.11 -53.04
C VAL N 43 -1.82 -3.09 -52.46
N SER N 44 -2.08 -1.99 -53.15
CA SER N 44 -2.97 -0.97 -52.62
C SER N 44 -4.41 -1.42 -52.60
N THR N 45 -4.73 -2.54 -53.23
CA THR N 45 -6.07 -3.04 -53.48
C THR N 45 -6.56 -4.05 -52.43
N THR N 46 -5.77 -4.34 -51.40
CA THR N 46 -5.97 -5.59 -50.68
C THR N 46 -6.89 -5.45 -49.47
N ARG N 47 -7.35 -4.25 -49.11
CA ARG N 47 -8.23 -4.12 -47.95
C ARG N 47 -9.51 -4.93 -48.10
N PRO N 48 -10.22 -4.86 -49.22
CA PRO N 48 -11.41 -5.72 -49.38
C PRO N 48 -11.07 -7.20 -49.33
N VAL N 49 -9.89 -7.59 -49.82
CA VAL N 49 -9.49 -8.99 -49.76
C VAL N 49 -9.42 -9.47 -48.32
N ILE N 50 -8.86 -8.64 -47.44
CA ILE N 50 -8.70 -9.05 -46.05
C ILE N 50 -10.07 -9.20 -45.37
N ALA N 51 -10.99 -8.28 -45.65
CA ALA N 51 -12.29 -8.35 -45.01
C ALA N 51 -13.09 -9.54 -45.52
N ASN N 52 -12.95 -9.84 -46.82
CA ASN N 52 -13.64 -11.00 -47.37
C ASN N 52 -13.08 -12.30 -46.81
N ILE N 53 -11.76 -12.37 -46.59
CA ILE N 53 -11.18 -13.53 -45.93
C ILE N 53 -11.72 -13.68 -44.53
N GLN N 54 -11.78 -12.55 -43.79
CA GLN N 54 -12.34 -12.62 -42.43
C GLN N 54 -13.72 -13.25 -42.48
N THR N 55 -14.53 -12.82 -43.43
CA THR N 55 -15.90 -13.32 -43.55
C THR N 55 -15.93 -14.80 -43.89
N ALA N 56 -15.11 -15.23 -44.84
CA ALA N 56 -15.06 -16.64 -45.20
C ALA N 56 -14.61 -17.50 -44.03
N VAL N 57 -13.62 -17.01 -43.29
CA VAL N 57 -13.10 -17.78 -42.16
C VAL N 57 -14.19 -17.99 -41.12
N THR N 58 -14.95 -16.93 -40.84
CA THR N 58 -16.00 -17.04 -39.82
C THR N 58 -17.02 -18.10 -40.22
N ALA N 59 -17.43 -18.09 -41.49
CA ALA N 59 -18.39 -19.09 -41.94
C ALA N 59 -17.80 -20.48 -41.88
N ALA N 60 -16.58 -20.64 -42.41
CA ALA N 60 -15.96 -21.96 -42.45
C ALA N 60 -15.81 -22.52 -41.04
N ARG N 61 -15.29 -21.72 -40.11
CA ARG N 61 -15.16 -22.24 -38.75
C ARG N 61 -16.52 -22.61 -38.16
N ALA N 62 -17.53 -21.78 -38.41
CA ALA N 62 -18.86 -22.08 -37.88
C ALA N 62 -19.41 -23.40 -38.42
N ALA N 63 -19.01 -23.80 -39.63
CA ALA N 63 -19.50 -25.04 -40.22
C ALA N 63 -18.66 -26.25 -39.84
N GLY N 64 -17.62 -26.08 -39.03
CA GLY N 64 -16.74 -27.18 -38.70
C GLY N 64 -15.69 -27.49 -39.77
N MET N 65 -15.38 -26.53 -40.63
CA MET N 65 -14.31 -26.68 -41.60
C MET N 65 -12.99 -26.32 -40.95
N LEU N 66 -11.96 -27.13 -41.22
CA LEU N 66 -10.60 -26.83 -40.79
C LEU N 66 -10.07 -25.57 -41.47
N ILE N 67 -9.52 -24.66 -40.68
CA ILE N 67 -8.83 -23.48 -41.18
C ILE N 67 -7.32 -23.75 -41.14
N ILE N 68 -6.65 -23.66 -42.30
CA ILE N 68 -5.21 -23.77 -42.36
C ILE N 68 -4.66 -22.43 -42.82
N TRP N 69 -3.75 -21.85 -42.03
CA TRP N 69 -3.07 -20.59 -42.38
C TRP N 69 -1.64 -20.88 -42.80
N PHE N 70 -1.26 -20.39 -43.96
CA PHE N 70 0.11 -20.50 -44.43
C PHE N 70 0.85 -19.21 -44.17
N GLN N 71 2.09 -19.33 -43.71
CA GLN N 71 3.06 -18.24 -43.72
C GLN N 71 4.25 -18.69 -44.57
N ASN N 72 4.55 -17.93 -45.61
CA ASN N 72 5.69 -18.15 -46.47
C ASN N 72 6.88 -17.36 -45.96
N GLY N 73 8.00 -18.03 -45.80
CA GLY N 73 9.25 -17.35 -45.51
C GLY N 73 10.28 -18.26 -44.88
N TRP N 74 11.32 -17.64 -44.35
CA TRP N 74 12.59 -18.33 -44.11
C TRP N 74 13.25 -17.76 -42.87
N ASP N 75 14.23 -18.52 -42.34
CA ASP N 75 15.12 -17.97 -41.34
C ASP N 75 15.72 -16.66 -41.85
N GLU N 76 16.11 -15.79 -40.92
CA GLU N 76 16.64 -14.48 -41.28
C GLU N 76 17.96 -14.54 -42.05
N GLN N 77 18.72 -15.62 -41.94
CA GLN N 77 19.90 -15.80 -42.79
C GLN N 77 19.58 -16.42 -44.17
N TYR N 78 18.33 -16.85 -44.37
CA TYR N 78 17.83 -17.38 -45.63
C TYR N 78 18.46 -18.71 -46.01
N VAL N 79 18.98 -19.47 -45.04
CA VAL N 79 19.41 -20.83 -45.34
C VAL N 79 18.28 -21.60 -45.99
N GLU N 80 17.07 -21.42 -45.47
CA GLU N 80 15.87 -22.15 -45.89
C GLU N 80 15.39 -21.76 -47.28
N ALA N 81 15.92 -20.67 -47.84
CA ALA N 81 15.59 -20.26 -49.19
C ALA N 81 16.40 -20.99 -50.24
N GLY N 82 17.44 -21.72 -49.84
CA GLY N 82 18.29 -22.38 -50.81
C GLY N 82 19.46 -21.49 -51.14
N GLY N 83 20.63 -22.07 -51.27
CA GLY N 83 21.77 -21.30 -51.68
C GLY N 83 21.78 -21.10 -53.17
N PRO N 84 22.93 -20.71 -53.71
CA PRO N 84 23.02 -20.49 -55.16
C PRO N 84 22.70 -21.74 -55.98
N GLY N 85 22.69 -22.92 -55.38
CA GLY N 85 22.35 -24.13 -56.09
C GLY N 85 20.86 -24.38 -56.26
N SER N 86 20.04 -23.50 -55.75
CA SER N 86 18.59 -23.64 -55.81
C SER N 86 18.01 -22.61 -56.77
N PRO N 87 17.09 -22.99 -57.65
CA PRO N 87 16.44 -21.97 -58.48
C PRO N 87 15.76 -20.90 -57.65
N ASN N 88 15.33 -21.22 -56.42
CA ASN N 88 14.62 -20.24 -55.63
C ASN N 88 15.53 -19.08 -55.27
N PHE N 89 16.80 -19.38 -55.00
CA PHE N 89 17.79 -18.34 -54.71
C PHE N 89 17.87 -17.34 -55.85
N HIS N 90 17.67 -17.78 -57.10
CA HIS N 90 17.78 -16.91 -58.26
C HIS N 90 16.46 -16.35 -58.77
N LYS N 91 15.32 -16.93 -58.38
CA LYS N 91 14.01 -16.39 -58.77
C LYS N 91 13.40 -15.47 -57.72
N SER N 92 13.72 -15.69 -56.45
CA SER N 92 13.04 -14.99 -55.38
C SER N 92 13.12 -13.48 -55.57
N ASN N 93 11.97 -12.85 -55.72
CA ASN N 93 11.99 -11.41 -55.85
C ASN N 93 12.30 -10.75 -54.52
N ALA N 94 12.01 -11.42 -53.41
CA ALA N 94 12.42 -10.91 -52.11
C ALA N 94 13.94 -10.89 -51.98
N LEU N 95 14.61 -11.99 -52.35
CA LEU N 95 16.07 -11.98 -52.31
C LEU N 95 16.63 -10.92 -53.26
N LYS N 96 16.06 -10.80 -54.47
CA LYS N 96 16.55 -9.79 -55.39
C LYS N 96 16.39 -8.38 -54.82
N THR N 97 15.26 -8.10 -54.17
CA THR N 97 15.03 -6.78 -53.61
C THR N 97 16.07 -6.47 -52.54
N MET N 98 16.37 -7.45 -51.69
CA MET N 98 17.34 -7.20 -50.62
C MET N 98 18.76 -7.11 -51.17
N ARG N 99 19.02 -7.77 -52.30
CA ARG N 99 20.33 -7.61 -52.93
C ARG N 99 20.55 -6.19 -53.43
N LYS N 100 19.51 -5.58 -54.03
CA LYS N 100 19.59 -4.22 -54.50
C LYS N 100 19.47 -3.20 -53.39
N GLN N 101 18.85 -3.59 -52.28
CA GLN N 101 18.61 -2.71 -51.14
C GLN N 101 19.11 -3.38 -49.87
N PRO N 102 20.42 -3.35 -49.62
CA PRO N 102 20.95 -4.08 -48.45
C PRO N 102 20.42 -3.56 -47.12
N GLN N 103 19.87 -2.35 -47.09
CA GLN N 103 19.21 -1.88 -45.88
C GLN N 103 18.11 -2.84 -45.45
N LEU N 104 17.50 -3.56 -46.41
CA LEU N 104 16.42 -4.47 -46.09
C LEU N 104 16.88 -5.90 -45.83
N GLN N 105 18.17 -6.19 -45.94
CA GLN N 105 18.65 -7.56 -45.83
C GLN N 105 18.31 -8.18 -44.48
N GLY N 106 17.74 -9.38 -44.52
CA GLY N 106 17.32 -10.06 -43.32
C GLY N 106 15.94 -9.72 -42.82
N LYS N 107 15.23 -8.81 -43.47
CA LYS N 107 13.88 -8.48 -43.04
C LYS N 107 12.77 -9.01 -43.93
N LEU N 108 12.99 -9.21 -45.25
CA LEU N 108 11.90 -9.64 -46.10
C LEU N 108 11.72 -11.14 -45.92
N LEU N 109 10.47 -11.54 -45.67
CA LEU N 109 10.08 -12.93 -45.53
C LEU N 109 10.90 -13.62 -44.44
N ALA N 110 11.30 -12.86 -43.43
CA ALA N 110 12.12 -13.39 -42.35
C ALA N 110 11.21 -13.82 -41.20
N LYS N 111 11.26 -15.09 -40.85
CA LYS N 111 10.57 -15.56 -39.66
C LYS N 111 10.88 -14.65 -38.47
N GLY N 112 9.82 -14.22 -37.78
CA GLY N 112 9.94 -13.39 -36.60
C GLY N 112 9.78 -11.91 -36.85
N SER N 113 9.73 -11.50 -38.11
CA SER N 113 9.75 -10.10 -38.52
C SER N 113 8.37 -9.59 -38.89
N TRP N 114 8.28 -8.26 -39.03
CA TRP N 114 7.02 -7.64 -39.43
C TRP N 114 6.57 -8.10 -40.81
N ASP N 115 7.51 -8.25 -41.75
CA ASP N 115 7.15 -8.68 -43.10
C ASP N 115 6.45 -10.03 -43.10
N TYR N 116 6.87 -10.92 -42.20
CA TYR N 116 6.41 -12.29 -42.13
C TYR N 116 5.14 -12.43 -41.31
N GLN N 117 4.78 -11.42 -40.53
CA GLN N 117 3.61 -11.51 -39.67
C GLN N 117 2.34 -11.57 -40.51
N LEU N 118 1.36 -12.33 -40.03
CA LEU N 118 0.02 -12.20 -40.56
C LEU N 118 -0.48 -10.78 -40.34
N VAL N 119 -1.30 -10.29 -41.26
CA VAL N 119 -1.83 -8.94 -41.11
C VAL N 119 -2.63 -8.87 -39.82
N ASP N 120 -2.64 -7.67 -39.22
CA ASP N 120 -3.23 -7.46 -37.91
C ASP N 120 -4.66 -7.98 -37.82
N GLU N 121 -5.44 -7.81 -38.88
CA GLU N 121 -6.85 -8.16 -38.86
C GLU N 121 -7.11 -9.67 -38.81
N LEU N 122 -6.15 -10.49 -39.22
CA LEU N 122 -6.34 -11.92 -39.36
C LEU N 122 -5.61 -12.64 -38.24
N VAL N 123 -6.37 -13.19 -37.29
CA VAL N 123 -5.79 -13.79 -36.11
C VAL N 123 -6.18 -15.26 -36.02
N PRO N 124 -5.22 -16.19 -36.18
CA PRO N 124 -5.57 -17.61 -36.06
C PRO N 124 -6.15 -17.93 -34.67
N GLN N 125 -7.10 -18.88 -34.66
CA GLN N 125 -7.84 -19.29 -33.48
C GLN N 125 -7.48 -20.72 -33.07
N PRO N 126 -7.73 -21.09 -31.81
CA PRO N 126 -7.40 -22.46 -31.39
C PRO N 126 -8.14 -23.47 -32.24
N GLY N 127 -7.45 -24.54 -32.61
CA GLY N 127 -7.96 -25.49 -33.55
C GLY N 127 -7.59 -25.22 -34.99
N ASP N 128 -7.25 -23.98 -35.31
CA ASP N 128 -6.69 -23.76 -36.63
C ASP N 128 -5.27 -24.31 -36.69
N ILE N 129 -4.80 -24.55 -37.91
CA ILE N 129 -3.43 -24.98 -38.13
C ILE N 129 -2.71 -23.84 -38.83
N VAL N 130 -1.53 -23.50 -38.33
CA VAL N 130 -0.70 -22.45 -38.92
C VAL N 130 0.56 -23.14 -39.42
N LEU N 131 0.79 -23.03 -40.73
CA LEU N 131 1.86 -23.80 -41.36
C LEU N 131 2.85 -22.88 -42.03
N PRO N 132 4.15 -22.96 -41.71
CA PRO N 132 5.16 -22.29 -42.53
C PRO N 132 5.37 -23.07 -43.82
N LYS N 133 5.81 -22.38 -44.87
CA LYS N 133 6.23 -23.05 -46.09
C LYS N 133 7.43 -22.30 -46.67
N PRO N 134 8.39 -23.05 -47.25
CA PRO N 134 9.58 -22.43 -47.83
C PRO N 134 9.53 -22.10 -49.31
N ARG N 135 8.49 -22.57 -50.02
CA ARG N 135 8.36 -22.30 -51.44
C ARG N 135 6.90 -21.98 -51.76
N TYR N 136 6.66 -21.57 -53.00
CA TYR N 136 5.33 -21.06 -53.33
C TYR N 136 4.24 -22.10 -53.04
N SER N 137 4.46 -23.34 -53.43
CA SER N 137 3.45 -24.38 -53.30
C SER N 137 3.43 -24.96 -51.89
N GLY N 138 2.28 -24.88 -51.21
CA GLY N 138 2.13 -25.45 -49.89
C GLY N 138 2.26 -26.93 -49.82
N PHE N 139 2.21 -27.62 -50.95
CA PHE N 139 2.31 -29.06 -50.94
C PHE N 139 3.74 -29.57 -51.05
N PHE N 140 4.73 -28.74 -51.35
CA PHE N 140 6.12 -29.20 -51.34
C PHE N 140 6.82 -28.82 -50.06
N ASN N 141 7.52 -29.80 -49.48
CA ASN N 141 8.44 -29.65 -48.35
C ASN N 141 7.71 -29.42 -47.03
N THR N 142 6.44 -29.82 -46.94
CA THR N 142 5.61 -29.62 -45.76
C THR N 142 4.74 -30.82 -45.46
N PRO N 143 4.09 -30.82 -44.30
CA PRO N 143 3.17 -31.91 -43.96
C PRO N 143 1.73 -31.66 -44.36
N LEU N 144 1.47 -30.70 -45.25
CA LEU N 144 0.10 -30.37 -45.66
C LEU N 144 -0.66 -31.59 -46.12
N ASP N 145 -0.09 -32.34 -47.07
CA ASP N 145 -0.76 -33.49 -47.60
C ASP N 145 -1.11 -34.46 -46.49
N SER N 146 -0.13 -34.74 -45.63
CA SER N 146 -0.34 -35.64 -44.51
C SER N 146 -1.44 -35.12 -43.57
N ILE N 147 -1.42 -33.82 -43.29
CA ILE N 147 -2.44 -33.23 -42.44
C ILE N 147 -3.83 -33.50 -43.01
N LEU N 148 -4.02 -33.17 -44.30
CA LEU N 148 -5.33 -33.32 -44.90
C LEU N 148 -5.77 -34.78 -44.95
N ARG N 149 -4.85 -35.66 -45.34
CA ARG N 149 -5.23 -37.06 -45.49
C ARG N 149 -5.62 -37.66 -44.15
N SER N 150 -4.88 -37.31 -43.10
CA SER N 150 -5.16 -37.80 -41.75
C SER N 150 -6.57 -37.47 -41.34
N ARG N 151 -7.16 -36.42 -41.91
CA ARG N 151 -8.49 -36.00 -41.56
C ARG N 151 -9.50 -36.39 -42.63
N GLY N 152 -9.09 -37.14 -43.66
CA GLY N 152 -10.04 -37.52 -44.69
C GLY N 152 -10.52 -36.37 -45.54
N ILE N 153 -9.76 -35.30 -45.61
CA ILE N 153 -10.16 -34.11 -46.34
C ILE N 153 -9.86 -34.25 -47.82
N ARG N 154 -10.87 -33.97 -48.65
CA ARG N 154 -10.71 -34.04 -50.10
C ARG N 154 -11.03 -32.75 -50.81
N HIS N 155 -11.62 -31.76 -50.12
CA HIS N 155 -12.03 -30.51 -50.76
C HIS N 155 -11.31 -29.35 -50.08
N LEU N 156 -10.72 -28.48 -50.88
CA LEU N 156 -9.92 -27.38 -50.37
C LEU N 156 -10.48 -26.10 -50.96
N VAL N 157 -10.77 -25.14 -50.10
CA VAL N 157 -11.23 -23.84 -50.53
C VAL N 157 -10.10 -22.86 -50.25
N PHE N 158 -9.62 -22.20 -51.31
CA PHE N 158 -8.42 -21.39 -51.26
C PHE N 158 -8.73 -19.91 -51.23
N THR N 159 -7.99 -19.17 -50.40
CA THR N 159 -7.99 -17.72 -50.39
C THR N 159 -6.54 -17.27 -50.22
N GLY N 160 -6.31 -15.97 -50.41
CA GLY N 160 -5.01 -15.40 -50.13
C GLY N 160 -4.28 -14.84 -51.33
N ILE N 161 -2.97 -14.67 -51.19
CA ILE N 161 -2.12 -13.95 -52.12
C ILE N 161 -0.83 -14.75 -52.27
N ALA N 162 -0.32 -14.88 -53.49
CA ALA N 162 -0.89 -14.32 -54.70
C ALA N 162 -1.67 -15.38 -55.52
N THR N 163 -2.78 -14.94 -56.09
CA THR N 163 -3.66 -15.83 -56.83
C THR N 163 -2.88 -16.70 -57.81
N ASN N 164 -1.92 -16.10 -58.53
CA ASN N 164 -1.21 -16.75 -59.63
C ASN N 164 0.09 -17.43 -59.24
N VAL N 165 0.57 -17.28 -57.99
CA VAL N 165 1.85 -17.87 -57.57
C VAL N 165 1.57 -18.86 -56.47
N SER N 166 1.57 -18.43 -55.21
CA SER N 166 1.42 -19.39 -54.13
C SER N 166 0.02 -20.03 -54.13
N VAL N 167 -1.03 -19.22 -54.37
CA VAL N 167 -2.37 -19.78 -54.37
C VAL N 167 -2.51 -20.82 -55.49
N GLU N 168 -2.27 -20.40 -56.72
CA GLU N 168 -2.49 -21.28 -57.86
C GLU N 168 -1.53 -22.46 -57.84
N SER N 169 -0.28 -22.24 -57.44
CA SER N 169 0.67 -23.34 -57.35
C SER N 169 0.15 -24.40 -56.42
N THR N 170 -0.40 -23.97 -55.27
CA THR N 170 -0.88 -24.92 -54.29
C THR N 170 -2.13 -25.65 -54.78
N LEU N 171 -3.02 -24.92 -55.47
CA LEU N 171 -4.21 -25.57 -56.00
C LEU N 171 -3.84 -26.57 -57.08
N ARG N 172 -2.90 -26.22 -57.96
CA ARG N 172 -2.54 -27.15 -59.04
C ARG N 172 -1.91 -28.41 -58.48
N ASP N 173 -1.02 -28.28 -57.49
CA ASP N 173 -0.44 -29.46 -56.86
C ASP N 173 -1.49 -30.24 -56.09
N GLY N 174 -2.45 -29.54 -55.48
CA GLY N 174 -3.60 -30.22 -54.88
C GLY N 174 -4.32 -31.10 -55.89
N PHE N 175 -4.59 -30.56 -57.09
CA PHE N 175 -5.21 -31.34 -58.17
C PHE N 175 -4.39 -32.59 -58.49
N PHE N 176 -3.06 -32.48 -58.54
CA PHE N 176 -2.22 -33.65 -58.86
C PHE N 176 -2.17 -34.64 -57.70
N LEU N 177 -2.51 -34.20 -56.49
CA LEU N 177 -2.70 -35.07 -55.35
C LEU N 177 -4.17 -35.45 -55.14
N GLU N 178 -4.99 -35.22 -56.17
CA GLU N 178 -6.38 -35.67 -56.24
C GLU N 178 -7.28 -34.93 -55.25
N TYR N 179 -6.91 -33.69 -54.88
CA TYR N 179 -7.78 -32.81 -54.10
C TYR N 179 -8.68 -32.03 -55.05
N PHE N 180 -9.92 -31.80 -54.62
CA PHE N 180 -10.87 -30.90 -55.28
C PHE N 180 -10.67 -29.48 -54.73
N GLY N 181 -10.19 -28.58 -55.58
CA GLY N 181 -9.81 -27.23 -55.18
C GLY N 181 -10.73 -26.17 -55.70
N VAL N 182 -11.20 -25.31 -54.80
CA VAL N 182 -12.00 -24.14 -55.11
C VAL N 182 -11.22 -22.89 -54.72
N VAL N 183 -11.33 -21.83 -55.53
CA VAL N 183 -10.76 -20.53 -55.18
C VAL N 183 -11.91 -19.54 -55.04
N LEU N 184 -11.94 -18.79 -53.94
CA LEU N 184 -12.91 -17.71 -53.76
C LEU N 184 -12.29 -16.44 -54.32
N GLU N 185 -12.72 -16.05 -55.53
CA GLU N 185 -12.00 -15.05 -56.31
C GLU N 185 -11.88 -13.70 -55.61
N ASP N 186 -12.94 -13.25 -54.92
CA ASP N 186 -12.93 -11.95 -54.27
C ASP N 186 -12.17 -11.96 -52.94
N ALA N 187 -11.58 -13.10 -52.56
CA ALA N 187 -10.72 -13.23 -51.40
C ALA N 187 -9.30 -13.60 -51.82
N THR N 188 -8.90 -13.16 -53.01
CA THR N 188 -7.54 -13.36 -53.48
C THR N 188 -7.07 -12.08 -54.13
N HIS N 189 -5.76 -11.97 -54.31
CA HIS N 189 -5.18 -10.87 -55.07
C HIS N 189 -3.92 -11.38 -55.75
N GLN N 190 -3.70 -10.92 -56.98
CA GLN N 190 -2.59 -11.37 -57.78
C GLN N 190 -1.33 -10.55 -57.50
N ALA N 191 -0.21 -11.10 -57.95
CA ALA N 191 1.10 -10.48 -57.88
C ALA N 191 1.50 -10.26 -59.33
N GLY N 192 1.32 -9.03 -59.79
CA GLY N 192 1.55 -8.73 -61.17
C GLY N 192 0.46 -7.85 -61.70
N PRO N 193 0.44 -7.62 -63.02
CA PRO N 193 -0.61 -6.85 -63.63
C PRO N 193 -1.97 -7.55 -63.46
N LYS N 194 -3.06 -6.88 -63.79
CA LYS N 194 -4.42 -7.42 -63.57
C LYS N 194 -4.71 -8.63 -64.47
N PHE N 195 -4.06 -8.80 -65.62
CA PHE N 195 -4.33 -9.99 -66.42
C PHE N 195 -3.80 -11.24 -65.72
N ALA N 196 -2.93 -11.08 -64.73
CA ALA N 196 -2.47 -12.24 -63.98
C ALA N 196 -3.57 -12.78 -63.07
N GLN N 197 -4.46 -11.92 -62.57
CA GLN N 197 -5.62 -12.40 -61.83
C GLN N 197 -6.56 -13.15 -62.75
N LYS N 198 -7.05 -12.48 -63.80
CA LYS N 198 -7.94 -13.10 -64.77
C LYS N 198 -7.39 -14.43 -65.27
N ALA N 199 -6.11 -14.47 -65.61
CA ALA N 199 -5.54 -15.68 -66.22
C ALA N 199 -5.46 -16.82 -65.22
N ALA N 200 -5.13 -16.53 -63.96
CA ALA N 200 -5.08 -17.58 -62.95
C ALA N 200 -6.48 -18.13 -62.67
N LEU N 201 -7.49 -17.26 -62.61
CA LEU N 201 -8.84 -17.77 -62.44
C LEU N 201 -9.29 -18.56 -63.66
N PHE N 202 -8.92 -18.11 -64.85
CA PHE N 202 -9.24 -18.86 -66.06
C PHE N 202 -8.60 -20.25 -66.03
N ASN N 203 -7.32 -20.32 -65.66
CA ASN N 203 -6.64 -21.61 -65.64
C ASN N 203 -7.27 -22.52 -64.60
N ILE N 204 -7.63 -21.98 -63.44
CA ILE N 204 -8.26 -22.81 -62.42
C ILE N 204 -9.60 -23.32 -62.91
N GLU N 205 -10.47 -22.41 -63.35
CA GLU N 205 -11.81 -22.77 -63.78
C GLU N 205 -11.76 -23.80 -64.91
N THR N 206 -10.83 -23.64 -65.84
CA THR N 206 -10.86 -24.43 -67.05
C THR N 206 -10.13 -25.76 -66.94
N PHE N 207 -9.08 -25.85 -66.12
CA PHE N 207 -8.27 -27.06 -66.06
C PHE N 207 -8.12 -27.69 -64.70
N PHE N 208 -8.19 -26.92 -63.61
CA PHE N 208 -7.67 -27.44 -62.35
C PHE N 208 -8.70 -27.56 -61.23
N GLY N 209 -9.69 -26.70 -61.21
CA GLY N 209 -10.59 -26.62 -60.06
C GLY N 209 -11.82 -25.79 -60.35
N TRP N 210 -12.26 -25.04 -59.34
CA TRP N 210 -13.51 -24.30 -59.41
C TRP N 210 -13.27 -22.90 -58.86
N VAL N 211 -14.09 -21.98 -59.34
CA VAL N 211 -14.04 -20.60 -58.88
C VAL N 211 -15.40 -20.24 -58.30
N SER N 212 -15.40 -19.69 -57.09
CA SER N 212 -16.59 -19.19 -56.44
C SER N 212 -16.20 -17.88 -55.75
N ASP N 213 -17.05 -17.42 -54.83
CA ASP N 213 -16.83 -16.15 -54.14
C ASP N 213 -17.33 -16.24 -52.70
N VAL N 214 -16.96 -15.24 -51.89
CA VAL N 214 -17.14 -15.40 -50.46
C VAL N 214 -18.62 -15.44 -50.10
N GLU N 215 -19.45 -14.66 -50.77
CA GLU N 215 -20.87 -14.60 -50.46
C GLU N 215 -21.57 -15.91 -50.86
N THR N 216 -21.25 -16.45 -52.03
CA THR N 216 -21.77 -17.75 -52.41
C THR N 216 -21.34 -18.82 -51.41
N PHE N 217 -20.07 -18.74 -50.97
CA PHE N 217 -19.53 -19.74 -50.04
C PHE N 217 -20.26 -19.70 -48.69
N CYS N 218 -20.40 -18.51 -48.11
CA CYS N 218 -21.03 -18.46 -46.79
C CYS N 218 -22.48 -18.88 -46.88
N ASP N 219 -23.18 -18.52 -47.96
CA ASP N 219 -24.57 -18.93 -48.08
C ASP N 219 -24.68 -20.44 -48.28
N ALA N 220 -23.68 -21.07 -48.89
CA ALA N 220 -23.69 -22.52 -48.99
C ALA N 220 -23.53 -23.16 -47.63
N LEU N 221 -22.80 -22.50 -46.73
CA LEU N 221 -22.53 -23.07 -45.42
C LEU N 221 -23.63 -22.81 -44.41
N SER N 222 -24.56 -21.90 -44.69
CA SER N 222 -25.48 -21.46 -43.64
C SER N 222 -26.33 -22.58 -43.06
N PRO N 223 -26.89 -23.54 -43.84
CA PRO N 223 -27.65 -24.63 -43.22
C PRO N 223 -26.83 -25.52 -42.27
N THR O 2 33.18 8.81 64.35
CA THR O 2 32.31 9.45 63.37
C THR O 2 31.33 10.42 64.04
N THR O 3 31.03 11.52 63.38
CA THR O 3 30.06 12.50 63.87
C THR O 3 28.78 12.39 63.07
N LEU O 4 27.64 12.32 63.76
CA LEU O 4 26.33 12.34 63.12
C LEU O 4 25.60 13.61 63.51
N THR O 5 25.42 14.51 62.55
CA THR O 5 24.59 15.68 62.79
C THR O 5 23.16 15.25 63.12
N ALA O 6 22.62 15.81 64.18
CA ALA O 6 21.33 15.37 64.69
C ALA O 6 20.75 16.48 65.56
N ARG O 7 19.45 16.36 65.85
CA ARG O 7 18.80 17.15 66.89
C ARG O 7 18.71 16.34 68.18
N PRO O 8 18.88 16.94 69.36
CA PRO O 8 19.07 18.39 69.53
C PRO O 8 20.52 18.86 69.37
N GLU O 9 21.46 17.92 69.26
CA GLU O 9 22.84 18.24 68.96
C GLU O 9 23.49 17.01 68.31
N ALA O 10 24.61 17.25 67.64
CA ALA O 10 25.32 16.16 67.01
C ALA O 10 25.89 15.20 68.03
N ILE O 11 25.97 13.93 67.63
CA ILE O 11 26.56 12.87 68.43
C ILE O 11 27.77 12.29 67.71
N THR O 12 28.58 11.55 68.46
CA THR O 12 29.66 10.75 67.90
C THR O 12 29.33 9.28 68.12
N PHE O 13 29.67 8.45 67.14
CA PHE O 13 29.50 7.01 67.31
C PHE O 13 30.52 6.29 66.43
N ASP O 14 30.67 5.00 66.67
CA ASP O 14 31.48 4.15 65.82
C ASP O 14 30.56 3.22 65.05
N PRO O 15 30.46 3.35 63.73
CA PRO O 15 29.53 2.48 62.98
C PRO O 15 29.71 1.00 63.24
N GLN O 16 30.94 0.55 63.49
CA GLN O 16 31.14 -0.87 63.72
C GLN O 16 30.61 -1.32 65.07
N GLN O 17 30.39 -0.38 66.00
CA GLN O 17 29.83 -0.69 67.31
C GLN O 17 28.38 -0.23 67.40
N SER O 18 27.69 -0.20 66.26
CA SER O 18 26.35 0.35 66.14
C SER O 18 25.48 -0.65 65.39
N ALA O 19 24.17 -0.42 65.45
CA ALA O 19 23.20 -1.27 64.77
C ALA O 19 22.14 -0.38 64.11
N LEU O 20 21.80 -0.70 62.87
CA LEU O 20 20.61 -0.15 62.23
C LEU O 20 19.46 -1.12 62.47
N ILE O 21 18.40 -0.65 63.11
CA ILE O 21 17.25 -1.46 63.42
C ILE O 21 16.13 -1.01 62.48
N VAL O 22 15.62 -1.96 61.70
CA VAL O 22 14.50 -1.74 60.80
C VAL O 22 13.29 -2.37 61.48
N VAL O 23 12.40 -1.53 62.02
CA VAL O 23 11.28 -2.00 62.83
C VAL O 23 10.06 -2.29 61.94
N ASP O 24 9.70 -3.57 61.87
CA ASP O 24 8.38 -4.01 61.42
C ASP O 24 8.01 -3.51 60.02
N MET O 25 8.95 -3.56 59.08
CA MET O 25 8.67 -3.17 57.71
C MET O 25 7.98 -4.34 56.98
N GLN O 26 6.78 -4.63 57.45
CA GLN O 26 5.96 -5.72 56.95
C GLN O 26 4.77 -5.14 56.19
N ASN O 27 4.12 -5.99 55.39
CA ASN O 27 2.90 -5.55 54.72
C ASN O 27 1.89 -5.02 55.72
N ALA O 28 1.79 -5.68 56.87
CA ALA O 28 0.88 -5.21 57.92
C ALA O 28 1.02 -3.71 58.19
N TYR O 29 2.25 -3.20 58.19
CA TYR O 29 2.50 -1.84 58.63
C TYR O 29 2.78 -0.88 57.48
N ALA O 30 3.11 -1.36 56.29
CA ALA O 30 3.51 -0.46 55.22
C ALA O 30 2.67 -0.55 53.96
N THR O 31 1.97 -1.62 53.73
CA THR O 31 1.38 -1.91 52.43
C THR O 31 -0.14 -1.72 52.44
N PRO O 32 -0.72 -1.13 51.39
CA PRO O 32 -2.18 -1.11 51.31
C PRO O 32 -2.72 -2.53 51.45
N GLY O 33 -3.86 -2.66 52.12
CA GLY O 33 -4.45 -3.94 52.39
C GLY O 33 -3.83 -4.71 53.54
N GLY O 34 -2.71 -4.24 54.11
CA GLY O 34 -2.21 -4.81 55.33
C GLY O 34 -3.00 -4.35 56.55
N TYR O 35 -2.71 -4.98 57.70
CA TYR O 35 -3.38 -4.70 58.96
C TYR O 35 -3.66 -3.21 59.18
N LEU O 36 -2.64 -2.34 59.15
CA LEU O 36 -2.87 -0.97 59.54
C LEU O 36 -3.89 -0.31 58.61
N ASP O 37 -3.73 -0.55 57.30
CA ASP O 37 -4.70 -0.04 56.33
C ASP O 37 -6.10 -0.57 56.64
N LEU O 38 -6.21 -1.86 56.96
CA LEU O 38 -7.52 -2.44 57.21
C LEU O 38 -8.13 -1.89 58.49
N ALA O 39 -7.28 -1.47 59.43
CA ALA O 39 -7.74 -0.94 60.70
C ALA O 39 -8.09 0.55 60.64
N GLY O 40 -7.91 1.20 59.50
CA GLY O 40 -8.31 2.58 59.34
C GLY O 40 -7.19 3.58 59.50
N PHE O 41 -5.94 3.11 59.68
CA PHE O 41 -4.80 4.02 59.66
C PHE O 41 -4.41 4.33 58.22
N ASP O 42 -3.80 5.50 58.03
CA ASP O 42 -3.38 5.96 56.70
C ASP O 42 -1.97 5.48 56.42
N VAL O 43 -1.83 4.58 55.44
CA VAL O 43 -0.54 4.06 55.01
C VAL O 43 -0.22 4.47 53.57
N SER O 44 -0.98 5.40 53.01
CA SER O 44 -0.82 5.73 51.59
C SER O 44 0.48 6.46 51.28
N THR O 45 1.22 6.90 52.30
CA THR O 45 2.44 7.67 52.09
C THR O 45 3.70 6.93 52.49
N THR O 46 3.63 5.60 52.62
CA THR O 46 4.77 4.83 53.11
C THR O 46 5.70 4.40 51.99
N ARG O 47 5.47 4.86 50.75
CA ARG O 47 6.36 4.51 49.66
C ARG O 47 7.72 5.13 49.82
N PRO O 48 7.86 6.44 50.02
CA PRO O 48 9.18 7.04 50.21
C PRO O 48 9.90 6.45 51.41
N VAL O 49 9.16 5.97 52.41
CA VAL O 49 9.81 5.42 53.60
C VAL O 49 10.51 4.12 53.27
N ILE O 50 9.90 3.28 52.43
CA ILE O 50 10.57 2.04 52.03
C ILE O 50 11.86 2.37 51.28
N ALA O 51 11.81 3.33 50.37
CA ALA O 51 13.00 3.68 49.60
C ALA O 51 14.09 4.22 50.51
N ASN O 52 13.71 5.08 51.47
CA ASN O 52 14.70 5.69 52.35
C ASN O 52 15.35 4.65 53.24
N ILE O 53 14.59 3.64 53.65
CA ILE O 53 15.14 2.55 54.44
C ILE O 53 16.12 1.71 53.59
N GLN O 54 15.79 1.49 52.32
CA GLN O 54 16.73 0.81 51.44
C GLN O 54 18.04 1.58 51.37
N THR O 55 17.95 2.90 51.15
CA THR O 55 19.14 3.74 51.11
C THR O 55 19.93 3.63 52.40
N ALA O 56 19.26 3.80 53.54
CA ALA O 56 19.95 3.73 54.83
C ALA O 56 20.57 2.37 55.08
N VAL O 57 19.85 1.30 54.74
CA VAL O 57 20.36 -0.05 54.94
C VAL O 57 21.64 -0.27 54.12
N THR O 58 21.61 0.14 52.84
CA THR O 58 22.78 -0.04 51.97
C THR O 58 24.00 0.64 52.58
N ALA O 59 23.82 1.87 53.06
CA ALA O 59 24.93 2.61 53.64
C ALA O 59 25.44 1.93 54.91
N ALA O 60 24.51 1.51 55.77
CA ALA O 60 24.90 0.88 57.04
C ALA O 60 25.70 -0.39 56.81
N ARG O 61 25.22 -1.27 55.92
CA ARG O 61 25.95 -2.52 55.71
C ARG O 61 27.36 -2.25 55.24
N ALA O 62 27.51 -1.37 54.26
CA ALA O 62 28.83 -1.02 53.73
C ALA O 62 29.75 -0.44 54.78
N ALA O 63 29.20 0.11 55.87
CA ALA O 63 30.02 0.67 56.94
C ALA O 63 30.35 -0.33 58.04
N GLY O 64 29.87 -1.57 57.95
CA GLY O 64 30.08 -2.53 59.02
C GLY O 64 29.09 -2.42 60.15
N MET O 65 27.99 -1.71 59.94
CA MET O 65 26.89 -1.65 60.90
C MET O 65 26.02 -2.89 60.79
N LEU O 66 25.85 -3.59 61.91
CA LEU O 66 24.91 -4.69 61.96
C LEU O 66 23.52 -4.17 61.60
N ILE O 67 22.78 -5.00 60.88
CA ILE O 67 21.41 -4.72 60.49
C ILE O 67 20.52 -5.71 61.23
N ILE O 68 19.56 -5.19 61.97
CA ILE O 68 18.58 -6.03 62.66
C ILE O 68 17.20 -5.69 62.11
N TRP O 69 16.50 -6.72 61.63
CA TRP O 69 15.14 -6.59 61.12
C TRP O 69 14.16 -7.17 62.14
N PHE O 70 13.13 -6.40 62.49
CA PHE O 70 12.09 -6.95 63.35
C PHE O 70 10.87 -7.33 62.52
N GLN O 71 10.26 -8.44 62.89
CA GLN O 71 8.92 -8.79 62.44
C GLN O 71 8.03 -8.95 63.67
N ASN O 72 6.98 -8.15 63.73
CA ASN O 72 6.02 -8.22 64.81
C ASN O 72 4.91 -9.20 64.48
N GLY O 73 4.59 -10.10 65.40
CA GLY O 73 3.44 -10.95 65.20
C GLY O 73 3.52 -12.25 66.00
N TRP O 74 2.59 -13.15 65.65
CA TRP O 74 2.26 -14.28 66.51
C TRP O 74 1.93 -15.50 65.66
N ASP O 75 1.82 -16.64 66.32
CA ASP O 75 1.23 -17.83 65.70
C ASP O 75 -0.17 -17.51 65.18
N GLU O 76 -0.64 -18.28 64.20
CA GLU O 76 -1.92 -17.89 63.60
C GLU O 76 -3.13 -18.23 64.48
N GLN O 77 -2.95 -19.03 65.53
CA GLN O 77 -3.97 -19.13 66.58
C GLN O 77 -3.81 -18.05 67.65
N TYR O 78 -2.81 -17.18 67.52
CA TYR O 78 -2.66 -15.99 68.37
C TYR O 78 -2.45 -16.32 69.84
N VAL O 79 -1.93 -17.51 70.13
CA VAL O 79 -1.56 -17.83 71.50
C VAL O 79 -0.52 -16.85 72.01
N GLU O 80 0.40 -16.45 71.15
CA GLU O 80 1.52 -15.60 71.54
C GLU O 80 1.09 -14.16 71.78
N ALA O 81 -0.12 -13.78 71.38
CA ALA O 81 -0.63 -12.43 71.65
C ALA O 81 -1.18 -12.26 73.06
N GLY O 82 -1.29 -13.35 73.82
CA GLY O 82 -1.85 -13.32 75.15
C GLY O 82 -3.35 -13.52 75.05
N GLY O 83 -3.90 -14.28 75.97
CA GLY O 83 -5.32 -14.41 76.03
C GLY O 83 -5.92 -13.23 76.74
N PRO O 84 -7.17 -13.37 77.21
CA PRO O 84 -7.86 -12.24 77.85
C PRO O 84 -7.15 -11.69 79.08
N GLY O 85 -6.25 -12.47 79.69
CA GLY O 85 -5.53 -12.00 80.87
C GLY O 85 -4.39 -11.04 80.56
N SER O 86 -4.10 -10.84 79.29
CA SER O 86 -3.08 -9.90 78.86
C SER O 86 -3.71 -8.62 78.37
N PRO O 87 -3.17 -7.43 78.69
CA PRO O 87 -3.69 -6.21 78.07
C PRO O 87 -3.56 -6.21 76.56
N ASN O 88 -2.55 -6.93 76.03
CA ASN O 88 -2.35 -6.94 74.59
C ASN O 88 -3.58 -7.50 73.86
N PHE O 89 -4.23 -8.48 74.46
CA PHE O 89 -5.47 -9.04 73.89
C PHE O 89 -6.53 -7.98 73.75
N HIS O 90 -6.57 -6.99 74.66
CA HIS O 90 -7.60 -5.96 74.64
C HIS O 90 -7.19 -4.69 73.90
N LYS O 91 -5.88 -4.41 73.77
CA LYS O 91 -5.46 -3.21 73.06
C LYS O 91 -5.12 -3.47 71.59
N SER O 92 -4.78 -4.70 71.24
CA SER O 92 -4.35 -5.00 69.87
C SER O 92 -5.39 -4.58 68.85
N ASN O 93 -5.02 -3.62 68.02
CA ASN O 93 -5.86 -3.18 66.92
C ASN O 93 -5.98 -4.23 65.82
N ALA O 94 -5.01 -5.13 65.70
CA ALA O 94 -5.16 -6.24 64.76
C ALA O 94 -6.25 -7.20 65.24
N LEU O 95 -6.25 -7.53 66.53
CA LEU O 95 -7.26 -8.44 67.03
C LEU O 95 -8.63 -7.77 67.02
N LYS O 96 -8.70 -6.49 67.35
CA LYS O 96 -9.94 -5.73 67.17
C LYS O 96 -10.45 -5.84 65.74
N THR O 97 -9.56 -5.61 64.77
CA THR O 97 -9.98 -5.63 63.37
C THR O 97 -10.55 -7.00 62.98
N MET O 98 -9.92 -8.08 63.44
CA MET O 98 -10.35 -9.43 63.09
C MET O 98 -11.57 -9.87 63.87
N ARG O 99 -11.87 -9.23 65.01
CA ARG O 99 -13.15 -9.46 65.65
C ARG O 99 -14.28 -8.75 64.90
N LYS O 100 -13.97 -7.64 64.26
CA LYS O 100 -14.99 -6.89 63.53
C LYS O 100 -15.17 -7.41 62.11
N GLN O 101 -14.16 -8.08 61.56
CA GLN O 101 -14.18 -8.62 60.21
C GLN O 101 -13.74 -10.07 60.27
N PRO O 102 -14.66 -10.98 60.60
CA PRO O 102 -14.24 -12.37 60.87
C PRO O 102 -13.50 -13.04 59.73
N GLN O 103 -13.67 -12.58 58.48
CA GLN O 103 -12.95 -13.23 57.39
C GLN O 103 -11.45 -12.93 57.43
N LEU O 104 -11.03 -11.92 58.19
CA LEU O 104 -9.62 -11.67 58.38
C LEU O 104 -9.01 -12.56 59.46
N GLN O 105 -9.84 -13.26 60.23
CA GLN O 105 -9.38 -14.11 61.31
C GLN O 105 -8.19 -14.95 60.86
N GLY O 106 -7.09 -14.84 61.60
CA GLY O 106 -5.90 -15.59 61.29
C GLY O 106 -5.05 -15.01 60.19
N LYS O 107 -5.47 -13.90 59.59
CA LYS O 107 -4.74 -13.32 58.48
C LYS O 107 -3.86 -12.13 58.84
N LEU O 108 -4.07 -11.50 59.99
CA LEU O 108 -3.30 -10.34 60.39
C LEU O 108 -2.17 -10.74 61.31
N LEU O 109 -0.96 -10.25 61.03
CA LEU O 109 0.17 -10.41 61.95
C LEU O 109 0.36 -11.86 62.33
N ALA O 110 0.06 -12.78 61.41
CA ALA O 110 0.21 -14.20 61.64
C ALA O 110 1.42 -14.74 60.90
N LYS O 111 2.29 -15.44 61.62
CA LYS O 111 3.47 -16.02 61.01
C LYS O 111 3.06 -16.91 59.85
N GLY O 112 3.68 -16.70 58.70
CA GLY O 112 3.34 -17.42 57.48
C GLY O 112 2.32 -16.74 56.60
N SER O 113 1.77 -15.62 57.03
CA SER O 113 0.78 -14.88 56.27
C SER O 113 1.46 -13.80 55.44
N TRP O 114 0.77 -13.39 54.38
CA TRP O 114 1.28 -12.27 53.60
C TRP O 114 1.41 -11.02 54.46
N ASP O 115 0.46 -10.82 55.39
CA ASP O 115 0.47 -9.64 56.24
C ASP O 115 1.75 -9.54 57.05
N TYR O 116 2.26 -10.69 57.51
CA TYR O 116 3.41 -10.75 58.40
C TYR O 116 4.73 -10.63 57.68
N GLN O 117 4.75 -10.89 56.36
CA GLN O 117 5.98 -10.80 55.59
C GLN O 117 6.53 -9.38 55.52
N LEU O 118 7.86 -9.29 55.47
CA LEU O 118 8.54 -8.06 55.08
C LEU O 118 8.12 -7.67 53.67
N VAL O 119 8.00 -6.37 53.45
CA VAL O 119 7.57 -5.90 52.14
C VAL O 119 8.55 -6.42 51.08
N ASP O 120 8.02 -6.63 49.87
CA ASP O 120 8.82 -7.32 48.85
C ASP O 120 10.13 -6.60 48.59
N GLU O 121 10.16 -5.28 48.76
CA GLU O 121 11.34 -4.50 48.42
C GLU O 121 12.49 -4.69 49.40
N LEU O 122 12.24 -5.18 50.61
CA LEU O 122 13.24 -5.18 51.68
C LEU O 122 13.63 -6.62 51.96
N VAL O 123 14.84 -6.98 51.56
CA VAL O 123 15.28 -8.36 51.59
C VAL O 123 16.49 -8.47 52.52
N PRO O 124 16.33 -9.12 53.69
CA PRO O 124 17.49 -9.36 54.55
C PRO O 124 18.59 -10.17 53.85
N GLN O 125 19.82 -9.85 54.20
CA GLN O 125 21.03 -10.38 53.58
C GLN O 125 21.82 -11.20 54.57
N PRO O 126 22.60 -12.17 54.08
CA PRO O 126 23.45 -12.95 55.00
C PRO O 126 24.24 -12.03 55.92
N GLY O 127 24.26 -12.36 57.20
CA GLY O 127 24.89 -11.54 58.20
C GLY O 127 23.92 -10.64 58.95
N ASP O 128 22.81 -10.29 58.33
CA ASP O 128 21.78 -9.57 59.06
C ASP O 128 21.12 -10.48 60.09
N ILE O 129 20.54 -9.88 61.11
CA ILE O 129 19.71 -10.62 62.07
C ILE O 129 18.24 -10.27 61.82
N VAL O 130 17.40 -11.29 61.79
CA VAL O 130 15.96 -11.09 61.65
C VAL O 130 15.35 -11.57 62.95
N LEU O 131 14.62 -10.70 63.63
CA LEU O 131 14.09 -11.10 64.91
C LEU O 131 12.58 -10.98 64.92
N PRO O 132 11.85 -11.99 65.37
CA PRO O 132 10.42 -11.81 65.64
C PRO O 132 10.24 -11.19 67.02
N LYS O 133 9.12 -10.46 67.18
CA LYS O 133 8.76 -9.94 68.48
C LYS O 133 7.26 -10.02 68.70
N PRO O 134 6.82 -10.30 69.93
CA PRO O 134 5.39 -10.43 70.21
C PRO O 134 4.68 -9.17 70.72
N ARG O 135 5.40 -8.11 71.08
CA ARG O 135 4.80 -6.88 71.59
C ARG O 135 5.51 -5.69 70.95
N TYR O 136 4.99 -4.49 71.19
CA TYR O 136 5.49 -3.33 70.47
C TYR O 136 7.00 -3.15 70.67
N SER O 137 7.48 -3.28 71.92
CA SER O 137 8.87 -3.00 72.19
C SER O 137 9.73 -4.21 71.86
N GLY O 138 10.75 -4.00 71.03
CA GLY O 138 11.64 -5.08 70.66
C GLY O 138 12.51 -5.57 71.79
N PHE O 139 12.59 -4.83 72.90
CA PHE O 139 13.42 -5.26 74.01
C PHE O 139 12.71 -6.20 74.98
N PHE O 140 11.38 -6.24 75.01
CA PHE O 140 10.71 -7.17 75.90
C PHE O 140 10.47 -8.53 75.22
N ASN O 141 10.77 -9.59 75.97
CA ASN O 141 10.47 -10.97 75.59
C ASN O 141 11.34 -11.51 74.44
N THR O 142 12.45 -10.87 74.17
CA THR O 142 13.33 -11.19 73.04
C THR O 142 14.77 -11.27 73.50
N PRO O 143 15.67 -11.75 72.61
CA PRO O 143 17.10 -11.67 72.89
C PRO O 143 17.76 -10.39 72.41
N LEU O 144 17.01 -9.34 72.08
CA LEU O 144 17.65 -8.16 71.48
C LEU O 144 18.78 -7.60 72.34
N ASP O 145 18.52 -7.40 73.64
CA ASP O 145 19.54 -6.83 74.51
C ASP O 145 20.79 -7.72 74.54
N SER O 146 20.60 -9.04 74.68
CA SER O 146 21.71 -9.98 74.64
C SER O 146 22.51 -9.86 73.35
N ILE O 147 21.83 -9.82 72.21
CA ILE O 147 22.51 -9.76 70.92
C ILE O 147 23.44 -8.55 70.87
N LEU O 148 22.89 -7.40 71.23
CA LEU O 148 23.61 -6.14 71.21
C LEU O 148 24.76 -6.16 72.22
N ARG O 149 24.49 -6.59 73.45
CA ARG O 149 25.54 -6.67 74.47
C ARG O 149 26.67 -7.56 74.00
N SER O 150 26.34 -8.73 73.46
CA SER O 150 27.34 -9.70 73.00
C SER O 150 28.27 -9.12 71.96
N ARG O 151 27.84 -8.12 71.20
CA ARG O 151 28.69 -7.50 70.20
C ARG O 151 29.23 -6.14 70.63
N GLY O 152 28.99 -5.75 71.89
CA GLY O 152 29.52 -4.49 72.37
C GLY O 152 28.85 -3.26 71.79
N ILE O 153 27.61 -3.37 71.37
CA ILE O 153 26.93 -2.31 70.63
C ILE O 153 26.24 -1.41 71.63
N ARG O 154 26.45 -0.12 71.49
CA ARG O 154 25.82 0.87 72.37
C ARG O 154 25.00 1.92 71.62
N HIS O 155 25.09 1.98 70.30
CA HIS O 155 24.40 2.97 69.48
C HIS O 155 23.43 2.26 68.55
N LEU O 156 22.18 2.72 68.55
CA LEU O 156 21.11 2.13 67.77
C LEU O 156 20.52 3.20 66.87
N VAL O 157 20.41 2.89 65.58
CA VAL O 157 19.81 3.79 64.59
C VAL O 157 18.51 3.14 64.15
N PHE O 158 17.39 3.81 64.42
CA PHE O 158 16.06 3.25 64.28
C PHE O 158 15.38 3.74 63.02
N THR O 159 14.73 2.81 62.31
CA THR O 159 13.86 3.13 61.19
C THR O 159 12.60 2.29 61.33
N GLY O 160 11.58 2.65 60.55
CA GLY O 160 10.44 1.77 60.47
C GLY O 160 9.13 2.37 60.89
N ILE O 161 8.20 1.50 61.26
CA ILE O 161 6.80 1.84 61.52
C ILE O 161 6.32 1.00 62.69
N ALA O 162 5.56 1.59 63.61
CA ALA O 162 5.15 2.99 63.62
C ALA O 162 6.07 3.82 64.53
N THR O 163 6.35 5.03 64.08
CA THR O 163 7.24 5.95 64.82
C THR O 163 6.88 6.02 66.29
N ASN O 164 5.58 6.14 66.57
CA ASN O 164 5.09 6.45 67.92
C ASN O 164 4.79 5.21 68.73
N VAL O 165 4.90 4.00 68.14
CA VAL O 165 4.52 2.80 68.86
C VAL O 165 5.71 1.86 68.92
N SER O 166 5.87 0.95 67.95
CA SER O 166 6.95 -0.02 68.04
C SER O 166 8.31 0.65 67.97
N VAL O 167 8.46 1.66 67.11
CA VAL O 167 9.75 2.35 67.03
C VAL O 167 10.05 3.08 68.35
N GLU O 168 9.17 4.02 68.73
CA GLU O 168 9.45 4.81 69.94
C GLU O 168 9.53 3.92 71.18
N SER O 169 8.67 2.93 71.28
CA SER O 169 8.72 2.05 72.44
C SER O 169 10.07 1.38 72.57
N THR O 170 10.60 0.89 71.45
CA THR O 170 11.89 0.21 71.46
C THR O 170 13.00 1.20 71.76
N LEU O 171 12.93 2.40 71.19
CA LEU O 171 13.95 3.40 71.47
C LEU O 171 13.94 3.82 72.95
N ARG O 172 12.74 4.04 73.51
CA ARG O 172 12.65 4.43 74.92
C ARG O 172 13.23 3.36 75.82
N ASP O 173 12.87 2.09 75.57
CA ASP O 173 13.41 1.00 76.37
C ASP O 173 14.91 0.85 76.17
N GLY O 174 15.41 1.05 74.94
CA GLY O 174 16.85 1.09 74.75
C GLY O 174 17.52 2.13 75.64
N PHE O 175 16.93 3.32 75.74
CA PHE O 175 17.43 4.35 76.66
C PHE O 175 17.49 3.83 78.10
N PHE O 176 16.41 3.19 78.57
CA PHE O 176 16.43 2.64 79.92
C PHE O 176 17.46 1.51 80.07
N LEU O 177 17.92 0.90 78.98
CA LEU O 177 18.99 -0.09 79.00
C LEU O 177 20.34 0.50 78.60
N GLU O 178 20.46 1.83 78.63
CA GLU O 178 21.70 2.58 78.48
C GLU O 178 22.21 2.55 77.03
N TYR O 179 21.30 2.39 76.08
CA TYR O 179 21.63 2.51 74.66
C TYR O 179 21.38 3.94 74.18
N PHE O 180 22.24 4.39 73.27
CA PHE O 180 22.12 5.70 72.63
C PHE O 180 21.32 5.51 71.35
N GLY O 181 20.10 6.05 71.32
CA GLY O 181 19.16 5.80 70.26
C GLY O 181 18.93 7.02 69.36
N VAL O 182 19.07 6.77 68.06
CA VAL O 182 18.84 7.75 67.01
C VAL O 182 17.66 7.27 66.16
N VAL O 183 16.83 8.19 65.70
CA VAL O 183 15.78 7.85 64.74
C VAL O 183 16.00 8.66 63.46
N LEU O 184 15.89 7.99 62.31
CA LEU O 184 15.99 8.69 61.02
C LEU O 184 14.58 9.04 60.60
N GLU O 185 14.23 10.33 60.73
CA GLU O 185 12.83 10.74 60.71
C GLU O 185 12.16 10.46 59.35
N ASP O 186 12.88 10.61 58.23
CA ASP O 186 12.26 10.35 56.93
C ASP O 186 12.25 8.86 56.54
N ALA O 187 12.68 7.98 57.45
CA ALA O 187 12.59 6.54 57.32
C ALA O 187 11.64 5.93 58.36
N THR O 188 10.69 6.73 58.87
CA THR O 188 9.65 6.26 59.76
C THR O 188 8.31 6.76 59.25
N HIS O 189 7.25 6.14 59.74
CA HIS O 189 5.89 6.62 59.53
C HIS O 189 5.05 6.28 60.76
N GLN O 190 4.17 7.20 61.14
CA GLN O 190 3.38 7.03 62.35
C GLN O 190 2.12 6.22 62.08
N ALA O 191 1.53 5.72 63.15
CA ALA O 191 0.20 5.12 63.16
C ALA O 191 -0.69 6.09 63.93
N GLY O 192 -1.50 6.87 63.20
CA GLY O 192 -2.37 7.84 63.79
C GLY O 192 -2.30 9.12 62.99
N PRO O 193 -2.89 10.19 63.52
CA PRO O 193 -2.79 11.48 62.84
C PRO O 193 -1.35 11.93 62.69
N LYS O 194 -1.17 12.92 61.81
CA LYS O 194 0.13 13.54 61.60
C LYS O 194 0.76 14.01 62.91
N PHE O 195 -0.03 14.55 63.84
CA PHE O 195 0.61 15.06 65.04
C PHE O 195 1.31 13.94 65.82
N ALA O 196 0.92 12.68 65.60
CA ALA O 196 1.58 11.57 66.30
C ALA O 196 3.02 11.43 65.83
N GLN O 197 3.31 11.79 64.59
CA GLN O 197 4.67 11.72 64.10
C GLN O 197 5.50 12.82 64.74
N LYS O 198 5.02 14.06 64.64
CA LYS O 198 5.68 15.19 65.27
C LYS O 198 5.91 14.97 66.76
N ALA O 199 4.89 14.50 67.46
CA ALA O 199 5.03 14.31 68.91
C ALA O 199 6.07 13.23 69.23
N ALA O 200 6.11 12.14 68.46
CA ALA O 200 7.08 11.09 68.76
C ALA O 200 8.51 11.58 68.54
N LEU O 201 8.74 12.35 67.49
CA LEU O 201 10.06 12.90 67.26
C LEU O 201 10.38 13.95 68.31
N PHE O 202 9.38 14.75 68.72
CA PHE O 202 9.62 15.73 69.79
C PHE O 202 10.03 15.02 71.08
N ASN O 203 9.31 13.95 71.44
CA ASN O 203 9.64 13.21 72.65
C ASN O 203 11.03 12.60 72.54
N ILE O 204 11.36 12.03 71.37
CA ILE O 204 12.68 11.44 71.19
C ILE O 204 13.77 12.50 71.34
N GLU O 205 13.63 13.62 70.62
CA GLU O 205 14.66 14.64 70.59
C GLU O 205 14.84 15.25 71.97
N THR O 206 13.73 15.45 72.68
CA THR O 206 13.80 16.24 73.89
C THR O 206 14.21 15.40 75.08
N PHE O 207 13.87 14.10 75.08
CA PHE O 207 14.05 13.30 76.28
C PHE O 207 14.82 12.00 76.17
N PHE O 208 14.74 11.30 75.02
CA PHE O 208 15.20 9.91 74.96
C PHE O 208 16.39 9.65 74.06
N GLY O 209 16.60 10.46 73.04
CA GLY O 209 17.57 10.13 72.02
C GLY O 209 17.81 11.26 71.04
N TRP O 210 18.06 10.90 69.79
CA TRP O 210 18.40 11.89 68.78
C TRP O 210 17.62 11.63 67.50
N VAL O 211 17.37 12.72 66.77
CA VAL O 211 16.68 12.67 65.49
C VAL O 211 17.66 13.10 64.41
N SER O 212 17.74 12.29 63.36
CA SER O 212 18.49 12.67 62.17
C SER O 212 17.63 12.30 60.96
N ASP O 213 18.24 12.27 59.77
CA ASP O 213 17.55 11.84 58.55
C ASP O 213 18.50 10.98 57.71
N VAL O 214 17.97 10.37 56.66
CA VAL O 214 18.71 9.32 55.97
C VAL O 214 19.94 9.89 55.26
N GLU O 215 19.80 11.02 54.61
CA GLU O 215 20.94 11.50 53.85
C GLU O 215 22.01 12.11 54.75
N THR O 216 21.65 12.58 55.95
CA THR O 216 22.67 12.94 56.91
C THR O 216 23.39 11.68 57.39
N PHE O 217 22.63 10.62 57.64
CA PHE O 217 23.19 9.34 58.05
C PHE O 217 24.15 8.81 57.00
N CYS O 218 23.69 8.70 55.76
CA CYS O 218 24.52 8.14 54.70
C CYS O 218 25.80 8.95 54.53
N ASP O 219 25.69 10.28 54.52
CA ASP O 219 26.87 11.12 54.34
C ASP O 219 27.88 10.91 55.46
N ALA O 220 27.40 10.74 56.70
CA ALA O 220 28.33 10.53 57.81
C ALA O 220 29.07 9.21 57.69
N LEU O 221 28.43 8.19 57.12
CA LEU O 221 29.07 6.87 57.02
C LEU O 221 30.07 6.80 55.86
N SER O 222 30.04 7.74 54.92
CA SER O 222 30.84 7.64 53.70
C SER O 222 32.32 7.39 53.94
N PRO O 223 33.02 8.15 54.81
CA PRO O 223 34.48 7.95 54.91
C PRO O 223 34.91 6.64 55.63
N THR P 2 37.72 61.96 18.72
CA THR P 2 36.91 62.77 17.83
C THR P 2 36.15 63.88 18.56
N THR P 3 36.32 65.11 18.08
CA THR P 3 35.58 66.25 18.61
C THR P 3 34.47 66.56 17.63
N LEU P 4 33.24 66.52 18.10
CA LEU P 4 32.05 66.71 17.26
C LEU P 4 31.38 68.01 17.68
N THR P 5 31.36 68.98 16.77
CA THR P 5 30.55 70.17 16.93
C THR P 5 29.10 69.79 17.18
N ALA P 6 28.49 70.43 18.17
CA ALA P 6 27.16 70.07 18.64
C ALA P 6 26.65 71.21 19.51
N ARG P 7 25.33 71.22 19.72
CA ARG P 7 24.70 72.06 20.72
C ARG P 7 24.42 71.26 21.98
N PRO P 8 24.58 71.85 23.18
CA PRO P 8 24.98 73.25 23.35
C PRO P 8 26.50 73.48 23.29
N GLU P 9 27.31 72.43 23.16
CA GLU P 9 28.74 72.59 22.96
C GLU P 9 29.34 71.31 22.41
N ALA P 10 30.54 71.45 21.85
CA ALA P 10 31.22 70.32 21.21
C ALA P 10 31.49 69.19 22.20
N ILE P 11 31.44 67.96 21.67
CA ILE P 11 31.51 66.72 22.42
C ILE P 11 32.77 65.98 21.98
N THR P 12 33.39 65.26 22.91
CA THR P 12 34.51 64.39 22.58
C THR P 12 34.08 62.96 22.75
N PHE P 13 34.33 62.13 21.74
CA PHE P 13 34.06 60.71 21.88
C PHE P 13 35.04 59.94 21.00
N ASP P 14 35.36 58.74 21.44
CA ASP P 14 36.12 57.80 20.66
C ASP P 14 35.16 56.91 19.86
N PRO P 15 35.16 56.97 18.53
CA PRO P 15 34.23 56.11 17.77
C PRO P 15 34.31 54.63 18.14
N GLN P 16 35.45 54.15 18.64
CA GLN P 16 35.57 52.75 19.01
C GLN P 16 34.88 52.41 20.32
N GLN P 17 34.52 53.40 21.13
CA GLN P 17 33.70 53.17 22.31
C GLN P 17 32.35 53.85 22.18
N SER P 18 31.83 53.93 20.96
CA SER P 18 30.59 54.61 20.66
C SER P 18 29.73 53.68 19.83
N ALA P 19 28.43 53.94 19.86
CA ALA P 19 27.47 53.18 19.08
C ALA P 19 26.54 54.15 18.38
N LEU P 20 26.19 53.82 17.14
CA LEU P 20 25.15 54.53 16.42
C LEU P 20 23.89 53.67 16.53
N ILE P 21 22.81 54.25 17.02
CA ILE P 21 21.54 53.55 17.17
C ILE P 21 20.58 54.06 16.13
N VAL P 22 19.99 53.16 15.37
CA VAL P 22 18.97 53.50 14.39
C VAL P 22 17.63 53.04 14.97
N VAL P 23 16.82 53.98 15.42
CA VAL P 23 15.62 53.67 16.16
C VAL P 23 14.48 53.42 15.18
N ASP P 24 14.03 52.17 15.13
CA ASP P 24 12.72 51.86 14.59
C ASP P 24 12.49 52.38 13.15
N MET P 25 13.47 52.21 12.29
CA MET P 25 13.30 52.61 10.89
C MET P 25 12.59 51.49 10.12
N GLN P 26 11.35 51.26 10.55
CA GLN P 26 10.47 50.23 10.02
C GLN P 26 9.40 50.91 9.18
N ASN P 27 8.79 50.13 8.29
CA ASN P 27 7.68 50.69 7.52
C ASN P 27 6.62 51.31 8.43
N ALA P 28 6.42 50.75 9.62
CA ALA P 28 5.41 51.28 10.52
C ALA P 28 5.59 52.78 10.84
N TYR P 29 6.83 53.25 10.87
CA TYR P 29 7.14 54.59 11.34
C TYR P 29 7.61 55.54 10.25
N ALA P 30 8.01 55.00 9.08
CA ALA P 30 8.67 55.77 8.03
C ALA P 30 7.97 55.72 6.68
N THR P 31 7.09 54.76 6.42
CA THR P 31 6.60 54.52 5.07
C THR P 31 5.10 54.76 4.96
N PRO P 32 4.63 55.39 3.88
CA PRO P 32 3.18 55.53 3.72
C PRO P 32 2.51 54.15 3.70
N GLY P 33 1.32 54.08 4.28
CA GLY P 33 0.65 52.83 4.53
C GLY P 33 1.09 52.07 5.76
N GLY P 34 2.16 52.49 6.42
CA GLY P 34 2.52 51.94 7.71
C GLY P 34 1.64 52.42 8.84
N TYR P 35 1.88 51.84 10.01
CA TYR P 35 1.10 52.15 11.21
C TYR P 35 0.91 53.65 11.42
N LEU P 36 2.00 54.41 11.48
CA LEU P 36 1.86 55.81 11.88
C LEU P 36 0.96 56.56 10.89
N ASP P 37 1.18 56.34 9.59
CA ASP P 37 0.32 56.89 8.55
C ASP P 37 -1.14 56.47 8.75
N LEU P 38 -1.37 55.16 8.97
CA LEU P 38 -2.72 54.66 9.17
C LEU P 38 -3.36 55.24 10.42
N ALA P 39 -2.55 55.56 11.43
CA ALA P 39 -3.04 56.18 12.65
C ALA P 39 -3.32 57.66 12.50
N GLY P 40 -2.87 58.28 11.43
CA GLY P 40 -3.09 59.70 11.20
C GLY P 40 -1.88 60.58 11.41
N PHE P 41 -0.69 60.03 11.55
CA PHE P 41 0.52 60.83 11.60
C PHE P 41 1.05 61.09 10.20
N ASP P 42 1.74 62.22 10.03
CA ASP P 42 2.31 62.58 8.74
C ASP P 42 3.65 61.88 8.58
N VAL P 43 3.72 60.94 7.63
CA VAL P 43 4.95 60.27 7.26
C VAL P 43 5.49 60.77 5.93
N SER P 44 4.85 61.79 5.34
CA SER P 44 5.16 62.24 3.99
C SER P 44 6.54 62.86 3.85
N THR P 45 7.21 63.13 4.96
CA THR P 45 8.44 63.90 5.00
C THR P 45 9.68 63.04 5.26
N THR P 46 9.53 61.73 5.33
CA THR P 46 10.53 60.88 5.97
C THR P 46 11.63 60.37 5.01
N ARG P 47 11.55 60.63 3.70
CA ARG P 47 12.55 60.01 2.85
C ARG P 47 13.93 60.65 3.03
N PRO P 48 14.06 62.01 3.07
CA PRO P 48 15.39 62.55 3.38
C PRO P 48 15.96 61.98 4.67
N VAL P 49 15.11 61.65 5.64
CA VAL P 49 15.57 61.03 6.88
C VAL P 49 16.22 59.70 6.57
N ILE P 50 15.56 58.87 5.75
CA ILE P 50 16.12 57.57 5.40
C ILE P 50 17.50 57.73 4.76
N ALA P 51 17.61 58.60 3.76
CA ALA P 51 18.90 58.78 3.08
C ALA P 51 19.95 59.34 4.02
N ASN P 52 19.55 60.21 4.95
CA ASN P 52 20.51 60.76 5.91
C ASN P 52 20.99 59.69 6.88
N ILE P 53 20.11 58.77 7.25
CA ILE P 53 20.51 57.64 8.08
C ILE P 53 21.47 56.73 7.32
N GLN P 54 21.20 56.48 6.03
CA GLN P 54 22.15 55.70 5.24
C GLN P 54 23.54 56.34 5.28
N THR P 55 23.61 57.65 5.12
CA THR P 55 24.90 58.32 5.11
C THR P 55 25.58 58.26 6.47
N ALA P 56 24.83 58.50 7.55
CA ALA P 56 25.44 58.45 8.87
C ALA P 56 25.90 57.04 9.21
N VAL P 57 25.11 56.03 8.83
CA VAL P 57 25.50 54.64 9.10
C VAL P 57 26.80 54.30 8.38
N THR P 58 26.90 54.69 7.11
CA THR P 58 28.12 54.42 6.34
C THR P 58 29.35 54.96 7.06
N ALA P 59 29.32 56.24 7.45
CA ALA P 59 30.46 56.85 8.14
C ALA P 59 30.69 56.19 9.49
N ALA P 60 29.61 55.92 10.23
CA ALA P 60 29.75 55.30 11.55
C ALA P 60 30.46 53.95 11.45
N ARG P 61 29.99 53.09 10.55
CA ARG P 61 30.58 51.76 10.45
C ARG P 61 32.07 51.84 10.13
N ALA P 62 32.43 52.70 9.17
CA ALA P 62 33.82 52.81 8.75
C ALA P 62 34.71 53.32 9.89
N ALA P 63 34.17 54.16 10.76
CA ALA P 63 34.94 54.68 11.89
C ALA P 63 35.08 53.68 13.03
N GLY P 64 34.53 52.47 12.87
CA GLY P 64 34.60 51.48 13.92
C GLY P 64 33.54 51.60 14.99
N MET P 65 32.46 52.33 14.72
CA MET P 65 31.35 52.40 15.65
C MET P 65 30.44 51.19 15.46
N LEU P 66 30.00 50.62 16.58
CA LEU P 66 28.98 49.58 16.57
C LEU P 66 27.64 50.16 16.14
N ILE P 67 26.97 49.50 15.20
CA ILE P 67 25.67 49.95 14.73
C ILE P 67 24.60 49.02 15.31
N ILE P 68 23.62 49.62 15.99
CA ILE P 68 22.50 48.92 16.59
C ILE P 68 21.23 49.37 15.87
N TRP P 69 20.45 48.39 15.39
CA TRP P 69 19.17 48.64 14.75
C TRP P 69 18.05 48.18 15.69
N PHE P 70 17.12 49.06 15.99
CA PHE P 70 15.96 48.64 16.77
C PHE P 70 14.78 48.34 15.86
N GLN P 71 14.02 47.32 16.21
CA GLN P 71 12.71 47.09 15.62
C GLN P 71 11.70 47.00 16.75
N ASN P 72 10.76 47.93 16.77
CA ASN P 72 9.72 47.99 17.79
C ASN P 72 8.56 47.10 17.35
N GLY P 73 8.09 46.23 18.23
CA GLY P 73 6.89 45.47 17.93
C GLY P 73 6.79 44.17 18.70
N TRP P 74 5.75 43.39 18.34
CA TRP P 74 5.31 42.29 19.17
C TRP P 74 4.96 41.09 18.30
N ASP P 75 4.71 39.96 18.98
CA ASP P 75 4.05 38.81 18.35
C ASP P 75 2.73 39.23 17.73
N GLU P 76 2.33 38.52 16.67
CA GLU P 76 1.11 38.90 15.94
C GLU P 76 -0.17 38.76 16.77
N GLN P 77 -0.14 38.02 17.88
CA GLN P 77 -1.28 38.00 18.81
C GLN P 77 -1.17 39.10 19.87
N TYR P 78 -0.04 39.80 19.94
CA TYR P 78 0.19 40.97 20.80
C TYR P 78 0.24 40.64 22.28
N VAL P 79 0.60 39.40 22.61
CA VAL P 79 0.89 39.04 24.00
C VAL P 79 1.93 39.98 24.58
N GLU P 80 2.94 40.30 23.76
CA GLU P 80 4.09 41.08 24.22
C GLU P 80 3.77 42.55 24.35
N ALA P 81 2.63 43.00 23.85
CA ALA P 81 2.21 44.37 24.01
C ALA P 81 1.57 44.58 25.37
N GLY P 82 1.33 43.51 26.12
CA GLY P 82 0.62 43.65 27.38
C GLY P 82 -0.88 43.62 27.18
N GLY P 83 -1.58 42.99 28.10
CA GLY P 83 -3.02 43.05 28.08
C GLY P 83 -3.55 44.25 28.85
N PRO P 84 -4.84 44.24 29.17
CA PRO P 84 -5.46 45.42 29.82
C PRO P 84 -4.81 45.83 31.14
N GLY P 85 -4.09 44.94 31.80
CA GLY P 85 -3.34 45.30 32.98
C GLY P 85 -2.09 46.13 32.70
N SER P 86 -1.72 46.33 31.43
CA SER P 86 -0.58 47.17 31.09
C SER P 86 -1.03 48.50 30.52
N PRO P 87 -0.44 49.64 30.93
CA PRO P 87 -0.79 50.89 30.25
C PRO P 87 -0.49 50.91 28.75
N ASN P 88 0.49 50.13 28.29
CA ASN P 88 0.76 50.07 26.86
C ASN P 88 -0.47 49.62 26.07
N PHE P 89 -1.24 48.68 26.63
CA PHE P 89 -2.46 48.23 25.97
C PHE P 89 -3.38 49.42 25.69
N HIS P 90 -3.50 50.34 26.64
CA HIS P 90 -4.40 51.46 26.50
C HIS P 90 -3.81 52.65 25.77
N LYS P 91 -2.48 52.76 25.73
CA LYS P 91 -1.80 53.88 25.12
C LYS P 91 -1.37 53.63 23.69
N SER P 92 -1.11 52.39 23.34
CA SER P 92 -0.60 52.08 22.00
C SER P 92 -1.53 52.61 20.91
N ASN P 93 -1.00 53.48 20.07
CA ASN P 93 -1.79 53.92 18.94
C ASN P 93 -1.87 52.88 17.84
N ALA P 94 -0.92 51.94 17.79
CA ALA P 94 -1.06 50.79 16.90
C ALA P 94 -2.25 49.93 17.31
N LEU P 95 -2.37 49.64 18.61
CA LEU P 95 -3.47 48.81 19.07
C LEU P 95 -4.79 49.56 19.00
N LYS P 96 -4.76 50.87 19.31
CA LYS P 96 -5.94 51.69 19.11
C LYS P 96 -6.42 51.59 17.67
N THR P 97 -5.49 51.71 16.72
CA THR P 97 -5.85 51.73 15.31
C THR P 97 -6.51 50.41 14.89
N MET P 98 -6.02 49.29 15.42
CA MET P 98 -6.56 48.00 15.02
C MET P 98 -7.90 47.71 15.70
N ARG P 99 -8.20 48.36 16.82
CA ARG P 99 -9.52 48.24 17.42
C ARG P 99 -10.55 49.02 16.60
N LYS P 100 -10.13 50.13 15.99
CA LYS P 100 -11.03 50.96 15.20
C LYS P 100 -11.22 50.42 13.79
N GLN P 101 -10.22 49.72 13.25
CA GLN P 101 -10.28 49.13 11.90
C GLN P 101 -9.87 47.67 11.97
N PRO P 102 -10.79 46.79 12.36
CA PRO P 102 -10.42 45.37 12.55
C PRO P 102 -9.78 44.73 11.33
N GLN P 103 -9.91 45.33 10.14
CA GLN P 103 -9.19 44.79 8.99
C GLN P 103 -7.68 44.74 9.23
N LEU P 104 -7.16 45.64 10.07
CA LEU P 104 -5.72 45.72 10.31
C LEU P 104 -5.24 44.82 11.45
N GLN P 105 -6.15 44.13 12.14
CA GLN P 105 -5.76 43.30 13.27
C GLN P 105 -4.68 42.32 12.88
N GLY P 106 -3.58 42.34 13.62
CA GLY P 106 -2.47 41.46 13.39
C GLY P 106 -1.48 41.94 12.37
N LYS P 107 -1.73 43.11 11.75
CA LYS P 107 -0.90 43.62 10.66
C LYS P 107 0.05 44.73 11.11
N LEU P 108 -0.22 45.37 12.24
CA LEU P 108 0.60 46.50 12.68
C LEU P 108 1.61 46.02 13.71
N LEU P 109 2.87 46.39 13.51
CA LEU P 109 3.93 46.15 14.47
C LEU P 109 3.99 44.69 14.87
N ALA P 110 3.75 43.81 13.91
CA ALA P 110 3.68 42.38 14.19
C ALA P 110 4.89 41.73 13.55
N LYS P 111 5.63 40.97 14.36
CA LYS P 111 6.76 40.21 13.85
C LYS P 111 6.31 39.34 12.69
N GLY P 112 7.03 39.42 11.59
CA GLY P 112 6.69 38.71 10.37
C GLY P 112 5.94 39.53 9.35
N SER P 113 5.48 40.73 9.72
CA SER P 113 4.64 41.55 8.85
C SER P 113 5.47 42.60 8.12
N TRP P 114 4.91 43.10 7.02
CA TRP P 114 5.53 44.20 6.30
C TRP P 114 5.73 45.41 7.19
N ASP P 115 4.71 45.73 7.99
CA ASP P 115 4.76 46.94 8.83
C ASP P 115 5.98 46.92 9.74
N TYR P 116 6.30 45.74 10.30
CA TYR P 116 7.39 45.54 11.25
C TYR P 116 8.76 45.53 10.59
N GLN P 117 8.84 45.31 9.28
CA GLN P 117 10.13 45.18 8.63
C GLN P 117 10.85 46.53 8.62
N LEU P 118 12.19 46.46 8.69
CA LEU P 118 13.03 47.59 8.33
C LEU P 118 12.71 48.04 6.91
N VAL P 119 12.72 49.35 6.67
CA VAL P 119 12.47 49.86 5.34
C VAL P 119 13.47 49.23 4.36
N ASP P 120 13.02 49.01 3.13
CA ASP P 120 13.83 48.27 2.16
C ASP P 120 15.20 48.91 1.95
N GLU P 121 15.31 50.23 2.14
CA GLU P 121 16.57 50.92 1.88
C GLU P 121 17.63 50.68 2.95
N LEU P 122 17.23 50.31 4.15
CA LEU P 122 18.16 50.16 5.28
C LEU P 122 18.37 48.68 5.55
N VAL P 123 19.58 48.21 5.32
CA VAL P 123 19.90 46.79 5.38
C VAL P 123 21.04 46.58 6.36
N PRO P 124 20.76 46.07 7.55
CA PRO P 124 21.84 45.78 8.51
C PRO P 124 22.91 44.89 7.89
N GLN P 125 24.15 45.15 8.26
CA GLN P 125 25.30 44.45 7.73
C GLN P 125 25.91 43.55 8.78
N PRO P 126 26.72 42.58 8.37
CA PRO P 126 27.30 41.64 9.35
C PRO P 126 28.21 42.39 10.30
N GLY P 127 28.08 42.08 11.60
CA GLY P 127 28.71 42.84 12.66
C GLY P 127 27.78 43.82 13.34
N ASP P 128 26.78 44.31 12.63
CA ASP P 128 25.74 45.09 13.29
C ASP P 128 24.96 44.22 14.27
N ILE P 129 24.24 44.90 15.17
CA ILE P 129 23.32 44.25 16.08
C ILE P 129 21.92 44.75 15.76
N VAL P 130 20.98 43.80 15.62
CA VAL P 130 19.56 44.09 15.43
C VAL P 130 18.83 43.63 16.68
N LEU P 131 18.15 44.56 17.36
CA LEU P 131 17.45 44.28 18.61
C LEU P 131 15.97 44.59 18.50
N PRO P 132 15.10 43.64 18.87
CA PRO P 132 13.69 43.96 19.04
C PRO P 132 13.48 44.61 20.39
N LYS P 133 12.43 45.41 20.48
CA LYS P 133 12.02 45.96 21.76
C LYS P 133 10.49 46.07 21.85
N PRO P 134 9.94 45.84 23.03
CA PRO P 134 8.48 45.82 23.17
C PRO P 134 7.83 47.11 23.65
N ARG P 135 8.63 48.14 23.99
CA ARG P 135 8.12 49.42 24.45
C ARG P 135 8.95 50.53 23.83
N TYR P 136 8.52 51.78 24.01
CA TYR P 136 9.19 52.86 23.30
C TYR P 136 10.69 52.94 23.63
N SER P 137 11.07 52.80 24.92
CA SER P 137 12.48 52.95 25.26
C SER P 137 13.26 51.65 25.04
N GLY P 138 14.36 51.75 24.31
CA GLY P 138 15.20 50.62 24.05
C GLY P 138 15.93 50.10 25.26
N PHE P 139 15.97 50.86 26.36
CA PHE P 139 16.70 50.43 27.55
C PHE P 139 15.84 49.63 28.52
N PHE P 140 14.53 49.57 28.35
CA PHE P 140 13.66 48.76 29.20
C PHE P 140 13.34 47.43 28.50
N ASN P 141 13.44 46.33 29.27
CA ASN P 141 13.04 44.99 28.85
C ASN P 141 13.95 44.40 27.79
N THR P 142 15.18 44.94 27.66
CA THR P 142 16.09 44.52 26.59
C THR P 142 17.50 44.31 27.12
N PRO P 143 18.37 43.68 26.32
CA PRO P 143 19.81 43.63 26.66
C PRO P 143 20.62 44.84 26.23
N LEU P 144 19.98 45.96 25.88
CA LEU P 144 20.73 47.08 25.32
C LEU P 144 21.84 47.56 26.25
N ASP P 145 21.50 47.86 27.52
CA ASP P 145 22.50 48.28 28.50
C ASP P 145 23.68 47.30 28.60
N SER P 146 23.37 46.00 28.73
CA SER P 146 24.37 44.95 28.83
C SER P 146 25.27 44.91 27.60
N ILE P 147 24.68 45.06 26.42
CA ILE P 147 25.45 45.05 25.17
C ILE P 147 26.47 46.18 25.17
N LEU P 148 26.02 47.39 25.53
CA LEU P 148 26.88 48.56 25.50
C LEU P 148 27.96 48.45 26.56
N ARG P 149 27.57 48.09 27.78
CA ARG P 149 28.51 47.91 28.91
C ARG P 149 29.61 46.87 28.57
N SER P 150 29.20 45.77 27.96
CA SER P 150 30.14 44.69 27.64
C SER P 150 31.20 45.16 26.66
N ARG P 151 30.96 46.23 25.91
CA ARG P 151 31.94 46.79 24.99
C ARG P 151 32.54 48.12 25.45
N GLY P 152 32.31 48.51 26.71
CA GLY P 152 32.81 49.79 27.24
C GLY P 152 32.29 51.02 26.53
N ILE P 153 31.11 50.92 25.97
CA ILE P 153 30.56 52.03 25.19
C ILE P 153 29.87 53.01 26.13
N ARG P 154 30.25 54.28 26.02
CA ARG P 154 29.66 55.33 26.83
C ARG P 154 29.00 56.43 26.00
N HIS P 155 29.20 56.46 24.69
CA HIS P 155 28.61 57.48 23.84
C HIS P 155 27.70 56.85 22.81
N LEU P 156 26.50 57.40 22.68
CA LEU P 156 25.48 56.88 21.77
C LEU P 156 25.05 57.99 20.83
N VAL P 157 25.06 57.70 19.53
CA VAL P 157 24.59 58.63 18.52
C VAL P 157 23.27 58.09 17.99
N PHE P 158 22.22 58.91 18.12
CA PHE P 158 20.86 58.46 17.91
C PHE P 158 20.32 58.98 16.59
N THR P 159 19.62 58.11 15.88
CA THR P 159 18.86 58.45 14.70
C THR P 159 17.56 57.66 14.77
N GLY P 160 16.63 58.03 13.90
CA GLY P 160 15.39 57.28 13.69
C GLY P 160 14.15 58.03 14.14
N ILE P 161 13.12 57.26 14.46
CA ILE P 161 11.74 57.73 14.54
C ILE P 161 11.02 56.99 15.68
N ALA P 162 10.22 57.70 16.50
CA ALA P 162 9.97 59.15 16.46
C ALA P 162 10.90 59.91 17.40
N THR P 163 11.38 61.07 16.96
CA THR P 163 12.26 61.91 17.77
C THR P 163 11.74 62.03 19.20
N ASN P 164 10.44 62.28 19.34
CA ASN P 164 9.88 62.64 20.64
C ASN P 164 9.41 61.45 21.47
N VAL P 165 9.43 60.23 20.93
CA VAL P 165 8.90 59.07 21.64
C VAL P 165 10.00 58.02 21.81
N SER P 166 10.17 57.12 20.85
CA SER P 166 11.16 56.06 21.01
C SER P 166 12.59 56.63 21.07
N VAL P 167 12.88 57.65 20.26
CA VAL P 167 14.22 58.21 20.27
C VAL P 167 14.48 58.92 21.60
N GLU P 168 13.62 59.88 21.94
CA GLU P 168 13.88 60.68 23.12
C GLU P 168 13.85 59.81 24.38
N SER P 169 12.89 58.89 24.46
CA SER P 169 12.79 57.99 25.61
C SER P 169 14.07 57.19 25.78
N THR P 170 14.61 56.66 24.69
CA THR P 170 15.83 55.88 24.80
C THR P 170 17.00 56.80 25.18
N LEU P 171 17.03 58.01 24.62
CA LEU P 171 18.12 58.93 24.96
C LEU P 171 18.03 59.35 26.42
N ARG P 172 16.82 59.65 26.88
CA ARG P 172 16.66 60.07 28.27
C ARG P 172 17.06 58.96 29.22
N ASP P 173 16.60 57.72 28.95
CA ASP P 173 16.97 56.62 29.83
C ASP P 173 18.46 56.32 29.77
N GLY P 174 19.07 56.51 28.60
CA GLY P 174 20.51 56.40 28.54
C GLY P 174 21.19 57.38 29.47
N PHE P 175 20.74 58.62 29.46
CA PHE P 175 21.27 59.59 30.40
C PHE P 175 21.15 59.08 31.84
N PHE P 176 20.01 58.49 32.20
CA PHE P 176 19.92 57.99 33.57
C PHE P 176 20.84 56.79 33.82
N LEU P 177 21.28 56.11 32.77
CA LEU P 177 22.27 55.04 32.89
C LEU P 177 23.70 55.54 32.59
N GLU P 178 23.89 56.87 32.62
CA GLU P 178 25.18 57.55 32.54
C GLU P 178 25.83 57.44 31.16
N TYR P 179 24.98 57.33 30.15
CA TYR P 179 25.43 57.42 28.76
C TYR P 179 25.34 58.86 28.25
N PHE P 180 26.33 59.24 27.44
CA PHE P 180 26.35 60.52 26.72
C PHE P 180 25.65 60.32 25.38
N GLY P 181 24.52 60.97 25.16
CA GLY P 181 23.72 60.76 23.97
C GLY P 181 23.72 61.99 23.07
N VAL P 182 24.03 61.74 21.79
CA VAL P 182 23.97 62.74 20.73
C VAL P 182 22.84 62.34 19.79
N VAL P 183 21.97 63.28 19.45
CA VAL P 183 20.97 63.05 18.41
C VAL P 183 21.38 63.83 17.16
N LEU P 184 21.26 63.19 16.01
CA LEU P 184 21.54 63.82 14.73
C LEU P 184 20.19 64.26 14.17
N GLU P 185 19.93 65.57 14.21
CA GLU P 185 18.56 66.06 14.09
C GLU P 185 17.97 65.80 12.71
N ASP P 186 18.78 65.92 11.66
CA ASP P 186 18.32 65.67 10.30
C ASP P 186 18.25 64.19 9.96
N ALA P 187 18.50 63.30 10.93
CA ALA P 187 18.31 61.86 10.78
C ALA P 187 17.20 61.35 11.68
N THR P 188 16.28 62.24 12.05
CA THR P 188 15.14 61.91 12.89
C THR P 188 13.91 62.55 12.30
N HIS P 189 12.76 62.07 12.77
CA HIS P 189 11.47 62.66 12.44
C HIS P 189 10.55 62.39 13.61
N GLN P 190 9.73 63.39 13.93
CA GLN P 190 8.82 63.32 15.07
C GLN P 190 7.53 62.62 14.68
N ALA P 191 6.74 62.27 15.70
CA ALA P 191 5.39 61.75 15.54
C ALA P 191 4.49 62.76 16.23
N GLY P 192 3.80 63.58 15.43
CA GLY P 192 2.98 64.67 15.91
C GLY P 192 3.25 65.95 15.15
N PRO P 193 2.67 67.05 15.62
CA PRO P 193 2.93 68.36 15.02
C PRO P 193 4.42 68.68 15.01
N LYS P 194 4.78 69.71 14.26
CA LYS P 194 6.19 70.08 14.15
C LYS P 194 6.76 70.60 15.46
N PHE P 195 5.94 71.11 16.36
CA PHE P 195 6.48 71.50 17.66
C PHE P 195 7.01 70.29 18.43
N ALA P 196 6.48 69.09 18.15
CA ALA P 196 7.02 67.93 18.84
C ALA P 196 8.48 67.70 18.45
N GLN P 197 8.85 67.99 17.20
CA GLN P 197 10.25 67.89 16.82
C GLN P 197 11.06 68.96 17.54
N LYS P 198 10.60 70.21 17.45
CA LYS P 198 11.31 71.32 18.07
C LYS P 198 11.50 71.08 19.56
N ALA P 199 10.43 70.65 20.23
CA ALA P 199 10.48 70.49 21.69
C ALA P 199 11.38 69.33 22.07
N ALA P 200 11.37 68.24 21.31
CA ALA P 200 12.24 67.12 21.65
C ALA P 200 13.72 67.52 21.57
N LEU P 201 14.10 68.22 20.50
CA LEU P 201 15.48 68.68 20.37
C LEU P 201 15.84 69.71 21.46
N PHE P 202 14.88 70.57 21.82
CA PHE P 202 15.14 71.52 22.90
C PHE P 202 15.37 70.80 24.21
N ASN P 203 14.58 69.76 24.49
CA ASN P 203 14.75 69.02 25.72
C ASN P 203 16.08 68.26 25.75
N ILE P 204 16.47 67.67 24.63
CA ILE P 204 17.74 66.96 24.57
C ILE P 204 18.90 67.94 24.77
N GLU P 205 18.95 68.98 23.94
CA GLU P 205 20.01 69.98 24.02
C GLU P 205 20.14 70.59 25.42
N THR P 206 19.02 70.90 26.05
CA THR P 206 19.04 71.69 27.29
C THR P 206 19.26 70.82 28.52
N PHE P 207 18.72 69.57 28.54
CA PHE P 207 18.73 68.77 29.77
C PHE P 207 19.40 67.41 29.65
N PHE P 208 19.43 66.79 28.47
CA PHE P 208 19.76 65.36 28.42
C PHE P 208 20.98 64.98 27.59
N GLY P 209 21.27 65.70 26.52
CA GLY P 209 22.34 65.26 25.66
C GLY P 209 22.82 66.36 24.73
N TRP P 210 23.18 66.00 23.51
CA TRP P 210 23.72 66.92 22.53
C TRP P 210 23.01 66.72 21.20
N VAL P 211 23.02 67.77 20.40
CA VAL P 211 22.40 67.79 19.08
C VAL P 211 23.46 68.18 18.06
N SER P 212 23.71 67.32 17.09
CA SER P 212 24.50 67.65 15.91
C SER P 212 23.66 67.26 14.70
N ASP P 213 24.30 67.09 13.55
CA ASP P 213 23.63 66.70 12.31
C ASP P 213 24.58 65.78 11.56
N VAL P 214 24.10 65.22 10.44
CA VAL P 214 24.83 64.10 9.85
C VAL P 214 26.06 64.59 9.12
N GLU P 215 26.00 65.77 8.49
CA GLU P 215 27.20 66.27 7.79
C GLU P 215 28.34 66.49 8.79
N THR P 216 28.07 67.26 9.85
CA THR P 216 29.06 67.43 10.91
C THR P 216 29.56 66.09 11.42
N PHE P 217 28.63 65.14 11.62
CA PHE P 217 28.98 63.84 12.17
C PHE P 217 29.99 63.11 11.29
N CYS P 218 29.72 63.02 9.99
CA CYS P 218 30.66 62.29 9.14
C CYS P 218 31.96 63.05 8.96
N ASP P 219 31.89 64.37 8.73
CA ASP P 219 33.09 65.18 8.69
C ASP P 219 33.97 64.89 9.91
N ALA P 220 33.35 64.88 11.10
CA ALA P 220 34.09 64.67 12.34
C ALA P 220 34.76 63.30 12.38
N LEU P 221 34.24 62.33 11.63
CA LEU P 221 34.71 60.95 11.73
C LEU P 221 35.86 60.61 10.78
N SER P 222 36.18 61.49 9.83
CA SER P 222 37.13 61.14 8.77
C SER P 222 38.43 60.52 9.28
N PRO P 223 39.18 61.12 10.22
CA PRO P 223 40.40 60.47 10.72
C PRO P 223 40.15 59.16 11.46
C ACT Q . -10.59 -1.57 25.03
O ACT Q . -10.91 -2.04 26.19
OXT ACT Q . -9.55 -1.71 24.33
CH3 ACT Q . -11.57 -0.75 24.43
H1 ACT Q . -12.16 -0.41 25.12
H2 ACT Q . -12.09 -1.25 23.79
H3 ACT Q . -11.14 0.00 23.98
C ACT R . -16.74 -0.58 26.85
O ACT R . -17.54 -0.43 27.79
OXT ACT R . -15.54 -0.99 26.91
CH3 ACT R . -17.29 -0.37 25.47
H1 ACT R . -16.58 -0.05 24.89
H2 ACT R . -18.00 0.28 25.51
H3 ACT R . -17.64 -1.22 25.14
C ACT S . 32.49 10.24 6.19
O ACT S . 31.65 10.47 7.10
OXT ACT S . 33.65 9.78 6.29
CH3 ACT S . 32.01 10.52 4.77
H1 ACT S . 32.78 10.71 4.20
H2 ACT S . 31.43 11.31 4.78
H3 ACT S . 31.53 9.76 4.44
C ACT T . 38.68 8.76 5.00
O ACT T . 38.26 8.42 6.18
OXT ACT T . 39.72 8.46 4.40
CH3 ACT T . 37.82 9.68 4.24
H1 ACT T . 37.27 10.20 4.85
H2 ACT T . 37.23 9.17 3.66
H3 ACT T . 38.37 10.27 3.71
C ACT U . -8.17 -18.27 9.22
O ACT U . -9.09 -18.33 10.08
OXT ACT U . -7.00 -18.78 9.27
CH3 ACT U . -8.45 -17.53 8.09
H1 ACT U . -9.16 -17.96 7.58
H2 ACT U . -7.65 -17.47 7.54
H3 ACT U . -8.73 -16.64 8.34
C ACT V . -4.11 -17.02 4.76
O ACT V . -4.55 -17.49 5.87
OXT ACT V . -3.13 -17.38 4.05
CH3 ACT V . -4.87 -15.80 4.19
H1 ACT V . -5.00 -15.15 4.90
H2 ACT V . -5.74 -16.09 3.86
H3 ACT V . -4.36 -15.41 3.47
C ACT W . 20.31 8.55 -33.41
O ACT W . 20.88 9.43 -34.14
OXT ACT W . 19.23 7.91 -33.63
CH3 ACT W . 20.95 8.21 -32.06
H1 ACT W . 21.21 9.04 -31.61
H2 ACT W . 21.74 7.67 -32.20
H3 ACT W . 20.32 7.74 -31.51
C ACT X . 25.06 12.30 -35.41
O ACT X . 26.00 13.08 -35.61
OXT ACT X . 24.98 11.33 -34.55
CH3 ACT X . 23.86 12.49 -36.34
H1 ACT X . 23.20 13.07 -35.91
H2 ACT X . 23.45 11.63 -36.53
H3 ACT X . 24.15 12.90 -37.16
C ACT Y . 28.63 30.78 -22.10
O ACT Y . 29.45 30.34 -21.26
OXT ACT Y . 27.46 30.40 -22.33
CH3 ACT Y . 29.19 31.88 -23.02
H1 ACT Y . 29.55 32.59 -22.46
H2 ACT Y . 28.47 32.23 -23.56
H3 ACT Y . 29.88 31.52 -23.58
C ACT Z . 34.74 32.26 -21.27
O ACT Z . 35.62 33.14 -21.13
OXT ACT Z . 33.59 32.35 -21.77
CH3 ACT Z . 35.11 30.92 -20.67
H1 ACT Z . 36.06 30.78 -20.75
H2 ACT Z . 34.64 30.21 -21.15
H3 ACT Z . 34.86 30.90 -19.73
C ACT AA . 45.42 -7.51 -14.64
O ACT AA . 44.83 -7.97 -13.61
OXT ACT AA . 46.40 -8.00 -15.30
CH3 ACT AA . 44.84 -6.18 -15.16
H1 ACT AA . 44.80 -5.55 -14.43
H2 ACT AA . 43.96 -6.33 -15.51
H3 ACT AA . 45.43 -5.83 -15.85
C ACT BA . 40.76 -8.32 -10.36
O ACT BA . 39.84 -8.27 -9.49
OXT ACT BA . 40.78 -7.75 -11.50
CH3 ACT BA . 41.97 -9.17 -10.03
H1 ACT BA . 42.29 -8.95 -9.14
H2 ACT BA . 42.68 -9.01 -10.67
H3 ACT BA . 41.72 -10.11 -10.05
C ACT CA . -27.98 1.22 -13.85
O ACT CA . -27.19 2.09 -14.23
OXT ACT CA . -27.74 0.21 -13.13
CH3 ACT CA . -29.42 1.39 -14.42
H1 ACT CA . -30.03 1.62 -13.70
H2 ACT CA . -29.71 0.57 -14.83
H3 ACT CA . -29.43 2.11 -15.08
C ACT DA . -32.18 -2.95 -11.53
O ACT DA . -31.72 -2.06 -12.31
OXT ACT DA . -33.15 -3.74 -11.72
CH3 ACT DA . -31.40 -3.13 -10.26
H1 ACT DA . -31.62 -3.99 -9.86
H2 ACT DA . -31.65 -2.42 -9.64
H3 ACT DA . -30.46 -3.08 -10.45
C ACT EA . -18.69 21.58 -0.12
O ACT EA . -17.96 22.66 -0.25
OXT ACT EA . -18.32 20.40 0.38
CH3 ACT EA . -20.05 21.65 -0.65
H1 ACT EA . -20.55 22.34 -0.18
H2 ACT EA . -20.50 20.79 -0.53
H3 ACT EA . -20.03 21.86 -1.60
C ACT FA . -24.77 19.72 -0.51
O ACT FA . -23.78 19.43 0.23
OXT ACT FA . -25.89 19.14 -0.59
CH3 ACT FA . -24.52 20.88 -1.49
H1 ACT FA . -24.37 21.70 -0.99
H2 ACT FA . -25.30 20.99 -2.07
H3 ACT FA . -23.73 20.69 -2.03
C ACT GA . -35.79 -56.25 -13.57
O ACT GA . -36.67 -55.33 -13.73
OXT ACT GA . -34.72 -56.42 -14.24
CH3 ACT GA . -36.09 -57.23 -12.44
H1 ACT GA . -35.66 -56.94 -11.63
H2 ACT GA . -35.75 -58.11 -12.69
H3 ACT GA . -37.04 -57.28 -12.31
C ACT HA . -41.43 -55.31 -10.89
O ACT HA . -42.13 -55.40 -9.82
OXT ACT HA . -40.26 -55.69 -11.08
CH3 ACT HA . -42.09 -54.63 -12.12
H1 ACT HA . -42.54 -53.83 -11.84
H2 ACT HA . -42.71 -55.25 -12.53
H3 ACT HA . -41.40 -54.40 -12.77
C ACT IA . -48.75 -27.85 -31.63
O ACT IA . -47.77 -28.41 -31.15
OXT ACT IA . -49.96 -28.22 -31.71
CH3 ACT IA . -48.43 -26.51 -32.22
H1 ACT IA . -48.02 -25.95 -31.54
H2 ACT IA . -49.25 -26.10 -32.53
H3 ACT IA . -47.82 -26.62 -32.96
C ACT JA . -42.50 -26.69 -31.32
O ACT JA . -41.61 -25.83 -31.16
OXT ACT JA . -43.74 -26.51 -31.62
CH3 ACT JA . -42.06 -28.14 -31.22
H1 ACT JA . -42.35 -28.50 -30.37
H2 ACT JA . -41.09 -28.18 -31.27
H3 ACT JA . -42.44 -28.65 -31.95
C ACT KA . -22.05 18.65 52.57
O ACT KA . -22.49 17.94 53.52
OXT ACT KA . -21.21 18.34 51.65
CH3 ACT KA . -22.61 20.06 52.44
H1 ACT KA . -22.51 20.51 53.29
H2 ACT KA . -23.55 20.00 52.20
H3 ACT KA . -22.13 20.53 51.75
C ACT LA . -26.16 16.58 57.06
O ACT LA . -26.95 16.27 57.95
OXT ACT LA . -26.30 17.44 56.16
CH3 ACT LA . -24.89 15.71 57.01
H1 ACT LA . -24.15 16.18 57.43
H2 ACT LA . -24.67 15.52 56.08
H3 ACT LA . -25.04 14.87 57.48
C ACT MA . 27.05 29.65 31.63
O ACT MA . 26.51 28.96 32.53
OXT ACT MA . 27.94 29.29 30.87
CH3 ACT MA . 26.57 31.05 31.46
H1 ACT MA . 26.70 31.54 32.29
H2 ACT MA . 25.63 31.05 31.24
H3 ACT MA . 27.08 31.49 30.75
C ACT NA . 22.47 27.96 35.83
O ACT NA . 21.54 27.80 36.69
OXT ACT NA . 22.55 28.82 34.94
CH3 ACT NA . 23.62 26.95 35.89
H1 ACT NA . 23.82 26.74 36.82
H2 ACT NA . 24.40 27.33 35.46
H3 ACT NA . 23.35 26.14 35.42
C ACT OA . 12.40 -44.78 -34.78
O ACT OA . 11.59 -43.83 -35.02
OXT ACT OA . 13.45 -45.11 -35.36
CH3 ACT OA . 12.04 -45.74 -33.67
H1 ACT OA . 11.09 -45.66 -33.47
H2 ACT OA . 12.56 -45.53 -32.88
H3 ACT OA . 12.24 -46.65 -33.94
C ACT PA . 6.45 -43.32 -32.63
O ACT PA . 5.81 -43.30 -31.54
OXT ACT PA . 6.17 -42.78 -33.75
CH3 ACT PA . 7.75 -44.09 -32.56
H1 ACT PA . 8.48 -43.47 -32.38
H2 ACT PA . 7.91 -44.54 -33.40
H3 ACT PA . 7.70 -44.75 -31.85
C ACT QA . 3.41 -15.68 -53.92
O ACT QA . 4.26 -16.32 -53.24
OXT ACT QA . 2.18 -15.90 -54.07
CH3 ACT QA . 4.00 -14.44 -54.63
H1 ACT QA . 4.46 -13.89 -53.99
H2 ACT QA . 3.27 -13.93 -55.03
H3 ACT QA . 4.61 -14.73 -55.32
C ACT RA . 9.79 -14.91 -53.24
O ACT RA . 10.74 -14.10 -53.03
OXT ACT RA . 8.59 -14.68 -53.53
CH3 ACT RA . 10.18 -16.40 -53.23
H1 ACT RA . 9.85 -16.81 -52.42
H2 ACT RA . 11.15 -16.48 -53.26
H3 ACT RA . 9.79 -16.83 -54.01
C ACT SA . -1.23 -4.74 67.39
O ACT SA . -0.72 -3.68 66.93
OXT ACT SA . -2.33 -5.31 67.12
CH3 ACT SA . -0.40 -5.38 68.48
H1 ACT SA . 0.37 -5.83 68.09
H2 ACT SA . -0.94 -6.03 68.96
H3 ACT SA . -0.08 -4.70 69.10
C ACT TA . 3.30 -0.47 65.87
O ACT TA . 4.26 0.33 65.74
OXT ACT TA . 3.31 -1.58 66.35
CH3 ACT TA . 1.93 0.03 65.34
H1 ACT TA . 1.58 0.69 65.95
H2 ACT TA . 1.33 -0.72 65.27
H3 ACT TA . 2.06 0.43 64.47
C ACT UA . 2.67 52.04 19.73
O ACT UA . 3.39 52.95 19.20
OXT ACT UA . 1.51 51.64 19.41
CH3 ACT UA . 3.28 51.39 20.99
H1 ACT UA . 4.24 51.33 20.90
H2 ACT UA . 2.91 50.51 21.12
H3 ACT UA . 3.08 51.95 21.77
C ACT VA . 7.67 55.92 18.53
O ACT VA . 8.70 56.62 18.48
OXT ACT VA . 7.50 54.77 19.06
CH3 ACT VA . 6.47 56.51 17.81
H1 ACT VA . 6.01 57.14 18.40
H2 ACT VA . 5.85 55.79 17.57
H3 ACT VA . 6.76 56.97 17.02
#